data_9DQV
#
_entry.id   9DQV
#
_cell.length_a   1.00
_cell.length_b   1.00
_cell.length_c   1.00
_cell.angle_alpha   90.00
_cell.angle_beta   90.00
_cell.angle_gamma   90.00
#
_symmetry.space_group_name_H-M   'P 1'
#
loop_
_entity.id
_entity.type
_entity.pdbx_description
1 polymer 'Structural polyprotein'
2 polymer 'Structural polyprotein'
3 polymer 'Capsid protein'
4 polymer Protocadherin-10
5 non-polymer 2-acetamido-2-deoxy-beta-D-glucopyranose
#
loop_
_entity_poly.entity_id
_entity_poly.type
_entity_poly.pdbx_seq_one_letter_code
_entity_poly.pdbx_strand_id
1 'polypeptide(L)'
;FEHATTVPNVPGIPYKALVERAGYAPLNLEITVVSSELTPSTNKEYVTCKFHTVVPSPQVKCCGSLECKASSKADYTCRV
FGGVYPFMWGGAQCFCDSENTQLSEAYVEFAPDCTIDHAVALKVHTAALKVGLRIVYGNTTARLDTFVNGVTPGSSRDLK
VIAGPISAAFSPFDHKVVIRKGLVYNYDFPEYGAMNPGAFGDIQASSLDATDIVARTDIRLLKPSVKNIHVPYTQAVSGY
EMWKNNSGRPLQETAPFGCKIEVEPLRATNCAYGHIPISIDIPDAAFVRSSESPTILEVSCTVADCIYSADFGGSLTLQY
KANREGHCPVHSHSTTAVLKEATTHVTATGSITLHFSTSSPQANFIVSLCGKKTTCNAECKPPADHIIGEPHKVDQEFQA
AVSKTSWNWLLALFGGASSLIVVGLIVLVCSSML
;
D,G,J,A
2 'polypeptide(L)'
;SITDDFTLTSPYLGFCPYCRHSAPCFSPIKIENVWDESDDGSIRIQVSAQFGYNQAGTADVTKFRYMSYDHDHDIKEDSM
EKLAISTSGPCRRLGHKGYFLLAQCPPGDSVTVSITSGASENSCTVEKKIRRKFVGREEYLFPPVHGKLVKCHVYDHLKE
TSAGYITMHRPGPHAYKSYLEEASGEVYIKPPSGKNVTYECKCGDYSTGIVSTRTKMNGCTKAKQCIAYKRDQTKWVFNS
PDLIRHTDHSVQGKLHIPFRLTPTVCPVPLAHTPTVTKWFKGITLHLTATRPTLLTTRKLGLRADATAEWITGTTSRNFS
VGREGLEYVWGNHEPVRVWAQESAPGDPHGWPHEIIIHYYHRHPVYTVIVLCGVALAILVGTASSAACIAKARRDCLTPY
ALA
;
E,H,K,B
3 'polypeptide(L)'
;GKRQRMCMKLESDKTFPIMLNGQVNGYACVVGGRLMKPLHVEGKIDNEQLAAVKLKKASMYDLEYGDVPQNMKSDTLQYT
SDKPPGFYNWHHGAVQYENGRFTVPRGVGGKGDSGRPILDNRGRVVAIVLGGANEGTRTALSVVTWNQKGVTIKDTPEGS
EPW
;
F,I,L,C
4 'polypeptide(L)'
;QLHYTVQEEQEHGTFVGNIAEDLGLDITKLSARGFQTVPNSRTPYLDLNLETGVLYVNEKIDREQICKQSPSCVLHLEVF
LENPLELFQVEIEVLDINDNPPS
;
M,N,O,P
#
loop_
_chem_comp.id
_chem_comp.type
_chem_comp.name
_chem_comp.formula
NAG D-saccharide, beta linking 2-acetamido-2-deoxy-beta-D-glucopyranose 'C8 H15 N O6'
#
# COMPACT_ATOMS: atom_id res chain seq x y z
N PHE A 1 19.40 29.32 -45.98
CA PHE A 1 20.64 28.68 -45.55
C PHE A 1 20.36 27.65 -44.47
N GLU A 2 20.77 26.40 -44.72
CA GLU A 2 20.50 25.32 -43.78
C GLU A 2 21.46 25.39 -42.61
N HIS A 3 20.91 25.67 -41.43
CA HIS A 3 21.66 25.65 -40.17
C HIS A 3 21.07 24.56 -39.29
N ALA A 4 21.94 23.65 -38.84
CA ALA A 4 21.55 22.55 -37.98
C ALA A 4 22.02 22.84 -36.56
N THR A 5 21.11 22.72 -35.60
CA THR A 5 21.40 22.96 -34.20
C THR A 5 20.57 21.99 -33.36
N THR A 6 20.78 22.04 -32.05
CA THR A 6 20.06 21.18 -31.12
C THR A 6 19.66 22.01 -29.91
N VAL A 7 18.38 22.35 -29.80
CA VAL A 7 17.91 23.26 -28.76
C VAL A 7 17.35 22.44 -27.60
N PRO A 8 17.34 22.97 -26.37
CA PRO A 8 16.64 22.29 -25.29
C PRO A 8 15.13 22.34 -25.48
N ASN A 9 14.47 21.33 -24.91
CA ASN A 9 13.02 21.22 -24.98
C ASN A 9 12.29 22.04 -23.92
N VAL A 10 13.03 22.72 -23.04
CA VAL A 10 12.43 23.43 -21.92
C VAL A 10 11.67 24.65 -22.42
N PRO A 11 10.39 24.79 -22.09
CA PRO A 11 9.67 26.04 -22.40
C PRO A 11 10.30 27.22 -21.67
N GLY A 12 10.33 28.36 -22.36
CA GLY A 12 11.11 29.46 -21.84
C GLY A 12 12.59 29.20 -22.04
N ILE A 13 13.40 29.95 -21.30
CA ILE A 13 14.87 29.96 -21.31
C ILE A 13 15.43 29.85 -22.74
N PRO A 14 15.28 30.90 -23.54
CA PRO A 14 15.50 30.78 -24.98
C PRO A 14 16.95 30.50 -25.35
N TYR A 15 17.13 29.93 -26.54
CA TYR A 15 18.43 29.45 -27.00
C TYR A 15 19.03 30.45 -27.99
N LYS A 16 20.30 30.76 -27.78
CA LYS A 16 21.06 31.68 -28.62
C LYS A 16 21.87 30.91 -29.66
N ALA A 17 21.99 31.50 -30.84
CA ALA A 17 22.86 30.94 -31.86
C ALA A 17 23.34 32.04 -32.79
N LEU A 18 24.49 31.80 -33.42
CA LEU A 18 25.02 32.68 -34.45
C LEU A 18 25.15 31.86 -35.73
N VAL A 19 24.51 32.31 -36.79
CA VAL A 19 24.64 31.69 -38.11
C VAL A 19 25.61 32.53 -38.93
N GLU A 20 26.65 31.88 -39.45
CA GLU A 20 27.71 32.56 -40.18
C GLU A 20 27.91 31.87 -41.52
N ARG A 21 27.65 32.61 -42.60
CA ARG A 21 27.91 32.11 -43.95
C ARG A 21 29.39 32.38 -44.25
N ALA A 22 29.89 31.87 -45.38
CA ALA A 22 31.23 32.23 -45.82
C ALA A 22 31.35 33.72 -46.09
N GLY A 23 30.30 34.35 -46.62
CA GLY A 23 30.42 35.74 -47.00
C GLY A 23 29.26 36.71 -46.77
N TYR A 24 28.14 36.25 -46.19
CA TYR A 24 27.02 37.15 -45.92
C TYR A 24 26.87 37.48 -44.44
N ALA A 25 28.00 37.63 -43.72
CA ALA A 25 28.11 38.19 -42.37
C ALA A 25 27.46 37.33 -41.30
N PRO A 26 27.86 37.46 -40.02
CA PRO A 26 27.13 36.77 -38.96
C PRO A 26 25.74 37.34 -38.76
N LEU A 27 24.83 36.47 -38.31
CA LEU A 27 23.45 36.84 -38.06
C LEU A 27 22.97 36.12 -36.81
N ASN A 28 22.11 36.80 -36.04
CA ASN A 28 21.58 36.23 -34.81
C ASN A 28 20.54 35.15 -35.14
N LEU A 29 20.36 34.23 -34.20
CA LEU A 29 19.33 33.20 -34.32
C LEU A 29 18.81 32.95 -32.91
N GLU A 30 17.57 33.39 -32.66
CA GLU A 30 16.96 33.35 -31.34
C GLU A 30 15.84 32.32 -31.39
N ILE A 31 16.07 31.15 -30.80
CA ILE A 31 15.13 30.03 -30.89
C ILE A 31 14.45 29.88 -29.53
N THR A 32 13.15 30.12 -29.47
CA THR A 32 12.41 30.06 -28.23
C THR A 32 11.32 29.00 -28.33
N VAL A 33 11.30 28.08 -27.36
CA VAL A 33 10.17 27.15 -27.24
C VAL A 33 9.14 27.83 -26.35
N VAL A 34 8.09 28.38 -26.95
CA VAL A 34 7.07 29.06 -26.18
C VAL A 34 6.01 28.09 -25.65
N SER A 35 5.86 26.93 -26.29
CA SER A 35 4.89 25.93 -25.86
C SER A 35 5.28 24.60 -26.48
N SER A 36 4.78 23.53 -25.85
CA SER A 36 4.92 22.18 -26.38
C SER A 36 3.72 21.38 -25.92
N GLU A 37 3.44 20.28 -26.63
CA GLU A 37 2.33 19.41 -26.26
C GLU A 37 2.60 18.01 -26.77
N LEU A 38 2.29 17.01 -25.93
CA LEU A 38 2.32 15.61 -26.34
C LEU A 38 0.89 15.12 -26.48
N THR A 39 0.46 14.80 -27.70
CA THR A 39 -0.89 14.35 -27.96
C THR A 39 -0.86 12.90 -28.42
N PRO A 40 -0.97 11.93 -27.51
CA PRO A 40 -0.91 10.53 -27.92
C PRO A 40 -2.19 10.07 -28.58
N SER A 41 -2.09 8.99 -29.33
CA SER A 41 -3.24 8.38 -29.98
C SER A 41 -3.96 7.46 -29.01
N THR A 42 -5.25 7.72 -28.80
CA THR A 42 -6.05 6.99 -27.84
C THR A 42 -7.32 6.44 -28.50
N ASN A 43 -7.85 5.37 -27.94
CA ASN A 43 -9.12 4.81 -28.37
C ASN A 43 -9.96 4.46 -27.16
N LYS A 44 -11.27 4.71 -27.27
CA LYS A 44 -12.21 4.46 -26.17
C LYS A 44 -12.38 2.96 -26.01
N GLU A 45 -11.89 2.42 -24.89
CA GLU A 45 -11.93 0.97 -24.74
C GLU A 45 -13.17 0.57 -23.93
N TYR A 46 -13.57 1.39 -22.95
CA TYR A 46 -14.98 1.43 -22.53
C TYR A 46 -15.27 2.75 -21.81
N VAL A 47 -16.50 2.86 -21.32
CA VAL A 47 -16.90 3.91 -20.39
C VAL A 47 -17.67 3.25 -19.26
N THR A 48 -17.50 3.75 -18.04
CA THR A 48 -18.13 3.16 -16.86
C THR A 48 -18.62 4.26 -15.92
N CYS A 49 -19.52 3.89 -15.03
CA CYS A 49 -20.12 4.79 -14.04
C CYS A 49 -20.83 3.93 -13.01
N LYS A 50 -21.63 4.56 -12.16
CA LYS A 50 -22.47 3.83 -11.23
C LYS A 50 -23.58 3.10 -11.97
N PHE A 51 -24.09 2.03 -11.36
CA PHE A 51 -25.25 1.33 -11.88
C PHE A 51 -26.49 1.73 -11.09
N HIS A 52 -27.65 1.60 -11.74
CA HIS A 52 -28.91 1.93 -11.12
C HIS A 52 -29.59 0.73 -10.47
N THR A 53 -29.19 -0.48 -10.85
CA THR A 53 -29.76 -1.77 -10.45
C THR A 53 -31.29 -1.72 -10.29
N VAL A 54 -31.94 -1.33 -11.39
CA VAL A 54 -33.40 -1.28 -11.41
C VAL A 54 -33.96 -2.69 -11.30
N VAL A 55 -34.92 -2.87 -10.39
CA VAL A 55 -35.54 -4.16 -10.13
C VAL A 55 -36.97 -4.09 -10.66
N PRO A 56 -37.33 -4.85 -11.69
CA PRO A 56 -38.68 -4.77 -12.25
C PRO A 56 -39.73 -5.37 -11.33
N SER A 57 -40.99 -5.27 -11.74
CA SER A 57 -42.09 -5.77 -10.95
C SER A 57 -42.04 -7.31 -10.89
N PRO A 58 -42.29 -7.90 -9.72
CA PRO A 58 -42.36 -9.37 -9.64
C PRO A 58 -43.52 -9.92 -10.45
N GLN A 59 -43.34 -11.13 -10.97
CA GLN A 59 -44.37 -11.80 -11.76
C GLN A 59 -44.88 -12.98 -10.95
N VAL A 60 -46.05 -12.82 -10.35
CA VAL A 60 -46.63 -13.84 -9.48
C VAL A 60 -47.69 -14.61 -10.25
N LYS A 61 -47.48 -15.92 -10.39
CA LYS A 61 -48.47 -16.79 -11.00
C LYS A 61 -48.72 -17.95 -10.04
N CYS A 62 -49.97 -18.40 -9.97
CA CYS A 62 -50.36 -19.32 -8.92
C CYS A 62 -51.16 -20.51 -9.46
N CYS A 63 -51.20 -21.56 -8.64
CA CYS A 63 -51.57 -22.93 -9.03
C CYS A 63 -50.69 -23.40 -10.18
N GLY A 64 -49.40 -23.18 -10.05
CA GLY A 64 -48.46 -23.57 -11.08
C GLY A 64 -47.12 -22.92 -10.86
N SER A 65 -46.18 -23.26 -11.75
CA SER A 65 -44.82 -22.73 -11.73
C SER A 65 -44.44 -22.23 -13.11
N LEU A 66 -43.59 -21.21 -13.14
CA LEU A 66 -43.09 -20.67 -14.40
C LEU A 66 -41.59 -20.42 -14.28
N GLU A 67 -40.91 -20.49 -15.42
CA GLU A 67 -39.49 -20.19 -15.52
C GLU A 67 -39.28 -18.99 -16.46
N CYS A 68 -38.24 -18.23 -16.18
CA CYS A 68 -37.92 -17.02 -16.94
C CYS A 68 -36.76 -17.28 -17.88
N LYS A 69 -36.88 -16.75 -19.09
CA LYS A 69 -35.82 -16.89 -20.10
C LYS A 69 -34.73 -15.84 -19.87
N ALA A 70 -33.52 -16.18 -20.28
CA ALA A 70 -32.40 -15.26 -20.18
C ALA A 70 -32.58 -14.08 -21.15
N SER A 71 -32.17 -12.90 -20.70
CA SER A 71 -32.30 -11.68 -21.48
C SER A 71 -30.91 -11.11 -21.77
N SER A 72 -30.89 -10.11 -22.65
CA SER A 72 -29.65 -9.44 -23.04
C SER A 72 -29.33 -8.23 -22.18
N LYS A 73 -30.13 -7.97 -21.15
CA LYS A 73 -29.89 -6.83 -20.28
C LYS A 73 -28.64 -7.03 -19.44
N ALA A 74 -28.08 -5.91 -18.97
CA ALA A 74 -26.80 -5.94 -18.27
C ALA A 74 -26.94 -6.59 -16.91
N ASP A 75 -26.13 -7.63 -16.67
CA ASP A 75 -26.09 -8.36 -15.39
C ASP A 75 -27.47 -8.89 -15.01
N TYR A 76 -28.06 -9.66 -15.91
CA TYR A 76 -29.41 -10.17 -15.69
C TYR A 76 -29.37 -11.35 -14.71
N THR A 77 -30.14 -11.23 -13.64
CA THR A 77 -30.27 -12.28 -12.63
C THR A 77 -31.73 -12.45 -12.30
N CYS A 78 -32.24 -13.67 -12.48
CA CYS A 78 -33.65 -13.99 -12.33
C CYS A 78 -33.80 -15.26 -11.53
N ARG A 79 -34.77 -15.27 -10.63
CA ARG A 79 -34.98 -16.46 -9.81
C ARG A 79 -36.47 -16.74 -9.61
N VAL A 80 -36.75 -17.99 -9.28
CA VAL A 80 -38.09 -18.53 -9.14
C VAL A 80 -38.29 -18.92 -7.68
N PHE A 81 -39.33 -18.38 -7.05
CA PHE A 81 -39.60 -18.59 -5.64
C PHE A 81 -40.89 -19.38 -5.50
N GLY A 82 -40.81 -20.52 -4.83
CA GLY A 82 -41.96 -21.36 -4.59
C GLY A 82 -42.53 -21.20 -3.19
N GLY A 83 -43.82 -21.45 -3.06
CA GLY A 83 -44.50 -21.36 -1.78
C GLY A 83 -44.59 -19.97 -1.20
N VAL A 84 -44.91 -18.98 -2.02
CA VAL A 84 -45.12 -17.61 -1.55
C VAL A 84 -46.60 -17.38 -1.35
N TYR A 85 -46.94 -16.22 -0.79
CA TYR A 85 -48.34 -15.81 -0.62
C TYR A 85 -48.37 -14.30 -0.42
N PRO A 86 -48.35 -13.52 -1.50
CA PRO A 86 -48.18 -12.06 -1.37
C PRO A 86 -49.38 -11.37 -0.75
N PHE A 87 -49.09 -10.32 0.01
CA PHE A 87 -50.09 -9.42 0.59
C PHE A 87 -49.66 -7.99 0.25
N MET A 88 -50.19 -7.45 -0.84
CA MET A 88 -50.16 -6.02 -1.03
C MET A 88 -51.49 -5.47 -0.53
N TRP A 89 -51.78 -4.19 -0.75
CA TRP A 89 -52.90 -3.55 -0.06
C TRP A 89 -54.22 -4.09 -0.59
N GLY A 90 -54.98 -4.75 0.27
CA GLY A 90 -56.24 -5.38 -0.09
C GLY A 90 -56.35 -6.83 0.31
N GLY A 91 -55.26 -7.47 0.70
CA GLY A 91 -55.32 -8.84 1.18
C GLY A 91 -54.47 -9.75 0.33
N ALA A 92 -54.82 -11.03 0.35
CA ALA A 92 -54.09 -12.03 -0.43
C ALA A 92 -54.31 -11.81 -1.92
N GLN A 93 -53.31 -12.20 -2.71
CA GLN A 93 -53.37 -11.87 -4.13
C GLN A 93 -54.02 -12.95 -4.98
N CYS A 94 -53.72 -14.24 -4.77
CA CYS A 94 -54.53 -15.25 -5.45
C CYS A 94 -54.50 -16.57 -4.68
N PHE A 95 -55.37 -17.46 -5.16
CA PHE A 95 -55.63 -18.86 -4.85
C PHE A 95 -54.43 -19.80 -5.02
N CYS A 96 -54.61 -21.05 -4.58
CA CYS A 96 -53.53 -21.98 -4.18
C CYS A 96 -52.55 -21.32 -3.22
N ASP A 97 -53.07 -21.09 -2.00
CA ASP A 97 -52.29 -20.49 -0.92
C ASP A 97 -51.02 -21.27 -0.60
N SER A 98 -51.00 -22.57 -0.88
CA SER A 98 -49.81 -23.38 -0.64
C SER A 98 -48.95 -23.59 -1.88
N GLU A 99 -49.50 -23.37 -3.07
CA GLU A 99 -48.77 -23.60 -4.32
C GLU A 99 -48.78 -22.31 -5.13
N ASN A 100 -47.74 -21.51 -4.97
CA ASN A 100 -47.63 -20.23 -5.68
C ASN A 100 -46.27 -20.18 -6.35
N THR A 101 -46.06 -19.13 -7.15
CA THR A 101 -44.76 -18.92 -7.77
C THR A 101 -44.53 -17.43 -7.96
N GLN A 102 -43.39 -16.94 -7.49
CA GLN A 102 -42.98 -15.56 -7.69
C GLN A 102 -41.75 -15.54 -8.58
N LEU A 103 -41.78 -14.69 -9.60
CA LEU A 103 -40.66 -14.52 -10.52
C LEU A 103 -39.99 -13.19 -10.22
N SER A 104 -38.73 -13.25 -9.81
CA SER A 104 -37.97 -12.05 -9.44
C SER A 104 -36.90 -11.80 -10.48
N GLU A 105 -36.81 -10.56 -10.94
CA GLU A 105 -35.85 -10.12 -11.95
C GLU A 105 -35.00 -9.00 -11.38
N ALA A 106 -33.75 -8.92 -11.84
CA ALA A 106 -32.86 -7.84 -11.44
C ALA A 106 -31.79 -7.66 -12.51
N TYR A 107 -31.59 -6.41 -12.93
CA TYR A 107 -30.55 -6.09 -13.89
C TYR A 107 -30.09 -4.66 -13.64
N VAL A 108 -28.89 -4.35 -14.11
CA VAL A 108 -28.27 -3.07 -13.85
C VAL A 108 -28.35 -2.21 -15.10
N GLU A 109 -28.12 -0.91 -14.92
CA GLU A 109 -28.26 0.10 -15.95
C GLU A 109 -27.57 1.36 -15.43
N PHE A 110 -27.01 2.15 -16.35
CA PHE A 110 -26.33 3.38 -15.96
C PHE A 110 -27.25 4.32 -15.19
N ALA A 111 -26.70 4.98 -14.19
CA ALA A 111 -27.44 5.93 -13.37
C ALA A 111 -27.85 7.14 -14.22
N PRO A 112 -28.92 7.84 -13.83
CA PRO A 112 -29.32 9.04 -14.58
C PRO A 112 -28.26 10.12 -14.64
N ASP A 113 -27.39 10.21 -13.64
CA ASP A 113 -26.32 11.20 -13.61
C ASP A 113 -25.00 10.65 -14.12
N CYS A 114 -25.04 9.61 -14.96
CA CYS A 114 -23.83 9.06 -15.55
C CYS A 114 -23.28 9.91 -16.69
N THR A 115 -24.02 10.93 -17.15
CA THR A 115 -23.53 11.76 -18.24
C THR A 115 -22.33 12.61 -17.84
N ILE A 116 -22.14 12.86 -16.55
CA ILE A 116 -21.02 13.66 -16.05
C ILE A 116 -20.09 12.82 -15.19
N ASP A 117 -20.65 12.05 -14.26
CA ASP A 117 -19.84 11.20 -13.37
C ASP A 117 -19.58 9.85 -14.04
N HIS A 118 -18.79 9.90 -15.10
CA HIS A 118 -18.38 8.71 -15.82
C HIS A 118 -16.87 8.73 -16.05
N ALA A 119 -16.28 7.54 -16.02
CA ALA A 119 -14.86 7.35 -16.25
C ALA A 119 -14.67 6.64 -17.59
N VAL A 120 -13.89 7.25 -18.47
CA VAL A 120 -13.59 6.68 -19.77
C VAL A 120 -12.27 5.92 -19.67
N ALA A 121 -12.32 4.62 -19.97
CA ALA A 121 -11.14 3.76 -19.93
C ALA A 121 -10.57 3.68 -21.34
N LEU A 122 -9.35 4.21 -21.50
CA LEU A 122 -8.68 4.39 -22.79
C LEU A 122 -7.39 3.59 -22.83
N LYS A 123 -7.01 3.15 -24.02
CA LYS A 123 -5.69 2.61 -24.29
C LYS A 123 -4.87 3.68 -25.01
N VAL A 124 -3.63 3.88 -24.54
CA VAL A 124 -2.78 4.97 -25.00
C VAL A 124 -1.55 4.38 -25.68
N HIS A 125 -1.18 4.97 -26.81
CA HIS A 125 -0.03 4.58 -27.61
C HIS A 125 0.98 5.72 -27.63
N THR A 126 1.98 5.61 -28.52
CA THR A 126 3.05 6.59 -28.58
C THR A 126 2.53 7.96 -28.98
N ALA A 127 3.26 8.99 -28.54
CA ALA A 127 2.84 10.38 -28.69
C ALA A 127 3.81 11.13 -29.61
N ALA A 128 3.28 12.16 -30.25
CA ALA A 128 4.06 13.04 -31.12
C ALA A 128 4.08 14.43 -30.51
N LEU A 129 5.26 15.00 -30.37
CA LEU A 129 5.40 16.31 -29.74
C LEU A 129 5.20 17.40 -30.79
N LYS A 130 4.61 18.51 -30.35
CA LYS A 130 4.35 19.66 -31.22
C LYS A 130 4.78 20.93 -30.51
N VAL A 131 5.67 21.69 -31.14
CA VAL A 131 6.31 22.85 -30.52
C VAL A 131 5.75 24.12 -31.12
N GLY A 132 5.46 25.09 -30.26
CA GLY A 132 5.35 26.48 -30.68
C GLY A 132 6.71 27.14 -30.54
N LEU A 133 7.19 27.70 -31.64
CA LEU A 133 8.54 28.25 -31.73
C LEU A 133 8.47 29.73 -32.08
N ARG A 134 9.22 30.53 -31.34
CA ARG A 134 9.45 31.93 -31.64
C ARG A 134 10.89 32.04 -32.16
N ILE A 135 11.02 32.36 -33.45
CA ILE A 135 12.31 32.42 -34.11
C ILE A 135 12.57 33.88 -34.47
N VAL A 136 13.66 34.44 -33.96
CA VAL A 136 14.04 35.81 -34.25
C VAL A 136 15.35 35.79 -35.03
N TYR A 137 15.33 36.35 -36.23
CA TYR A 137 16.54 36.53 -37.02
C TYR A 137 16.53 37.94 -37.58
N GLY A 138 17.66 38.64 -37.42
CA GLY A 138 17.69 40.05 -37.76
C GLY A 138 16.74 40.84 -36.89
N ASN A 139 15.86 41.60 -37.53
CA ASN A 139 14.78 42.27 -36.81
C ASN A 139 13.46 41.52 -36.91
N THR A 140 13.44 40.36 -37.55
CA THR A 140 12.20 39.64 -37.78
C THR A 140 11.94 38.61 -36.69
N THR A 141 10.72 38.59 -36.19
CA THR A 141 10.27 37.64 -35.18
C THR A 141 9.07 36.88 -35.72
N ALA A 142 9.16 35.55 -35.73
CA ALA A 142 8.13 34.70 -36.33
C ALA A 142 7.67 33.66 -35.33
N ARG A 143 6.35 33.50 -35.20
CA ARG A 143 5.76 32.48 -34.36
C ARG A 143 5.18 31.39 -35.24
N LEU A 144 5.50 30.13 -34.93
CA LEU A 144 5.22 29.04 -35.85
C LEU A 144 5.15 27.71 -35.11
N ASP A 145 4.26 26.83 -35.57
CA ASP A 145 4.04 25.53 -34.93
C ASP A 145 4.62 24.42 -35.80
N THR A 146 5.40 23.53 -35.17
CA THR A 146 6.02 22.40 -35.87
C THR A 146 5.75 21.09 -35.14
N PHE A 147 5.44 20.04 -35.90
CA PHE A 147 5.45 18.69 -35.37
C PHE A 147 6.89 18.22 -35.21
N VAL A 148 7.09 17.31 -34.25
CA VAL A 148 8.43 16.79 -34.00
C VAL A 148 8.50 15.38 -34.60
N ASN A 149 8.79 15.30 -35.89
CA ASN A 149 9.09 14.02 -36.52
C ASN A 149 10.24 14.09 -37.52
N GLY A 150 10.89 15.24 -37.70
CA GLY A 150 11.97 15.35 -38.66
C GLY A 150 11.54 15.40 -40.11
N VAL A 151 10.24 15.35 -40.39
CA VAL A 151 9.74 15.24 -41.76
C VAL A 151 8.73 16.33 -42.10
N THR A 152 8.24 17.05 -41.09
CA THR A 152 7.12 17.98 -41.30
C THR A 152 7.61 19.41 -41.51
N PRO A 153 7.35 20.01 -42.68
CA PRO A 153 7.77 21.41 -42.93
C PRO A 153 6.91 22.45 -42.21
N GLY A 154 7.22 22.70 -40.94
CA GLY A 154 6.63 23.82 -40.23
C GLY A 154 7.13 25.11 -40.83
N SER A 155 6.22 26.02 -41.19
CA SER A 155 6.58 27.20 -41.95
C SER A 155 5.94 28.45 -41.35
N SER A 156 6.70 29.54 -41.37
CA SER A 156 6.19 30.87 -41.07
C SER A 156 5.74 31.52 -42.38
N ARG A 157 5.54 32.85 -42.36
CA ARG A 157 5.23 33.57 -43.60
C ARG A 157 6.37 33.43 -44.61
N ASP A 158 7.61 33.50 -44.14
CA ASP A 158 8.76 33.18 -45.01
C ASP A 158 9.85 32.57 -44.13
N LEU A 159 9.79 31.25 -43.95
CA LEU A 159 10.79 30.46 -43.24
C LEU A 159 10.44 29.00 -43.43
N LYS A 160 11.47 28.16 -43.50
CA LYS A 160 11.29 26.72 -43.67
C LYS A 160 12.17 26.02 -42.64
N VAL A 161 11.54 25.45 -41.62
CA VAL A 161 12.26 24.86 -40.48
C VAL A 161 11.75 23.45 -40.27
N ILE A 162 12.65 22.54 -39.90
CA ILE A 162 12.33 21.15 -39.62
C ILE A 162 12.77 20.84 -38.20
N ALA A 163 11.85 20.31 -37.39
CA ALA A 163 12.17 19.86 -36.04
C ALA A 163 12.48 18.38 -36.10
N GLY A 164 13.73 18.02 -35.83
CA GLY A 164 14.18 16.65 -35.94
C GLY A 164 13.59 15.75 -34.86
N PRO A 165 13.89 14.45 -34.94
CA PRO A 165 13.31 13.50 -33.99
C PRO A 165 13.79 13.75 -32.57
N ILE A 166 12.88 13.58 -31.61
CA ILE A 166 13.17 13.88 -30.21
C ILE A 166 14.19 12.86 -29.70
N SER A 167 14.95 13.27 -28.68
CA SER A 167 16.00 12.42 -28.11
C SER A 167 15.43 11.12 -27.57
N ALA A 168 14.53 11.21 -26.59
CA ALA A 168 13.87 10.01 -26.04
C ALA A 168 12.57 10.43 -25.40
N ALA A 169 11.45 10.15 -26.07
CA ALA A 169 10.14 10.45 -25.50
C ALA A 169 9.88 9.57 -24.30
N PHE A 170 9.39 10.16 -23.20
CA PHE A 170 9.26 9.41 -21.97
C PHE A 170 7.87 8.85 -21.76
N SER A 171 6.86 9.37 -22.49
CA SER A 171 5.48 8.89 -22.49
C SER A 171 4.88 8.83 -21.09
N PRO A 172 4.47 9.98 -20.54
CA PRO A 172 3.93 9.99 -19.16
C PRO A 172 2.69 9.13 -18.99
N PHE A 173 1.96 8.87 -20.07
CA PHE A 173 0.77 8.04 -20.00
C PHE A 173 1.16 6.59 -20.20
N ASP A 174 0.63 5.71 -19.35
CA ASP A 174 0.89 4.28 -19.47
C ASP A 174 0.04 3.71 -20.61
N HIS A 175 0.05 2.38 -20.76
CA HIS A 175 -0.72 1.76 -21.82
C HIS A 175 -2.22 1.87 -21.59
N LYS A 176 -2.63 2.04 -20.33
CA LYS A 176 -4.04 2.13 -19.97
C LYS A 176 -4.26 3.32 -19.06
N VAL A 177 -5.21 4.20 -19.41
CA VAL A 177 -5.53 5.35 -18.58
C VAL A 177 -7.04 5.43 -18.38
N VAL A 178 -7.44 6.20 -17.37
CA VAL A 178 -8.84 6.43 -17.02
C VAL A 178 -9.04 7.93 -16.85
N ILE A 179 -10.00 8.49 -17.57
CA ILE A 179 -10.31 9.92 -17.50
C ILE A 179 -11.66 10.10 -16.81
N ARG A 180 -11.66 10.89 -15.74
CA ARG A 180 -12.87 11.23 -15.00
C ARG A 180 -12.88 12.72 -14.71
N LYS A 181 -13.83 13.45 -15.33
CA LYS A 181 -14.15 14.83 -14.98
C LYS A 181 -12.94 15.77 -15.14
N GLY A 182 -12.09 15.47 -16.12
CA GLY A 182 -10.89 16.24 -16.35
C GLY A 182 -9.66 15.76 -15.61
N LEU A 183 -9.78 14.74 -14.77
CA LEU A 183 -8.66 14.17 -14.03
C LEU A 183 -8.30 12.82 -14.63
N VAL A 184 -7.04 12.64 -14.96
CA VAL A 184 -6.60 11.39 -15.60
C VAL A 184 -5.80 10.57 -14.60
N TYR A 185 -5.83 9.25 -14.80
CA TYR A 185 -5.19 8.31 -13.88
C TYR A 185 -4.56 7.19 -14.69
N ASN A 186 -3.36 6.78 -14.31
CA ASN A 186 -2.70 5.63 -14.91
C ASN A 186 -3.17 4.38 -14.17
N TYR A 187 -4.28 3.83 -14.62
CA TYR A 187 -4.92 2.69 -13.98
C TYR A 187 -4.99 1.51 -14.93
N ASP A 188 -4.72 0.32 -14.40
CA ASP A 188 -4.76 -0.91 -15.18
C ASP A 188 -6.16 -1.50 -15.03
N PHE A 189 -7.11 -0.91 -15.75
CA PHE A 189 -8.48 -1.40 -15.73
C PHE A 189 -8.57 -2.74 -16.46
N PRO A 190 -9.58 -3.56 -16.11
CA PRO A 190 -9.79 -4.80 -16.86
C PRO A 190 -10.27 -4.54 -18.27
N GLU A 191 -10.09 -5.54 -19.13
CA GLU A 191 -10.44 -5.43 -20.53
C GLU A 191 -11.96 -5.49 -20.71
N TYR A 192 -12.39 -5.40 -21.97
CA TYR A 192 -13.81 -5.50 -22.28
C TYR A 192 -14.29 -6.91 -22.05
N GLY A 193 -15.36 -7.05 -21.27
CA GLY A 193 -15.90 -8.36 -20.91
C GLY A 193 -15.27 -8.99 -19.69
N ALA A 194 -14.18 -8.44 -19.17
CA ALA A 194 -13.49 -9.01 -18.01
C ALA A 194 -13.96 -8.35 -16.71
N MET A 195 -15.27 -8.35 -16.47
CA MET A 195 -15.82 -7.71 -15.29
C MET A 195 -15.58 -8.56 -14.05
N ASN A 196 -15.32 -7.90 -12.93
CA ASN A 196 -15.35 -8.53 -11.62
C ASN A 196 -16.08 -7.62 -10.63
N PRO A 197 -16.77 -8.19 -9.66
CA PRO A 197 -17.57 -7.35 -8.74
C PRO A 197 -16.71 -6.62 -7.74
N GLY A 198 -17.20 -5.45 -7.33
CA GLY A 198 -16.53 -4.64 -6.33
C GLY A 198 -15.20 -4.06 -6.78
N ALA A 199 -15.09 -3.71 -8.06
CA ALA A 199 -13.87 -3.13 -8.59
C ALA A 199 -14.21 -2.33 -9.85
N PHE A 200 -13.22 -1.55 -10.30
CA PHE A 200 -13.42 -0.65 -11.43
C PHE A 200 -13.74 -1.42 -12.69
N GLY A 201 -14.72 -0.92 -13.44
CA GLY A 201 -15.12 -1.56 -14.68
C GLY A 201 -16.10 -2.70 -14.53
N ASP A 202 -16.83 -2.78 -13.41
CA ASP A 202 -17.81 -3.84 -13.24
C ASP A 202 -19.03 -3.68 -14.14
N ILE A 203 -19.29 -2.48 -14.63
CA ILE A 203 -20.29 -2.23 -15.67
C ILE A 203 -19.59 -1.52 -16.82
N GLN A 204 -19.87 -1.96 -18.05
CA GLN A 204 -19.13 -1.51 -19.22
C GLN A 204 -20.06 -1.29 -20.40
N ALA A 205 -19.71 -0.30 -21.22
CA ALA A 205 -20.38 -0.05 -22.48
C ALA A 205 -19.45 0.77 -23.37
N SER A 206 -19.73 0.77 -24.67
CA SER A 206 -18.98 1.57 -25.62
C SER A 206 -19.39 3.04 -25.61
N SER A 207 -20.57 3.34 -25.06
CA SER A 207 -21.04 4.71 -24.97
C SER A 207 -22.08 4.78 -23.86
N LEU A 208 -22.39 6.01 -23.44
CA LEU A 208 -23.39 6.20 -22.40
C LEU A 208 -24.79 5.83 -22.89
N ASP A 209 -25.08 6.02 -24.17
CA ASP A 209 -26.37 5.70 -24.74
C ASP A 209 -26.37 4.36 -25.46
N ALA A 210 -25.29 3.59 -25.36
CA ALA A 210 -25.21 2.30 -26.04
C ALA A 210 -26.15 1.29 -25.38
N THR A 211 -26.90 0.56 -26.21
CA THR A 211 -27.80 -0.46 -25.69
C THR A 211 -27.05 -1.69 -25.20
N ASP A 212 -25.89 -2.00 -25.79
CA ASP A 212 -25.11 -3.18 -25.42
C ASP A 212 -24.29 -2.86 -24.18
N ILE A 213 -24.96 -2.88 -23.03
CA ILE A 213 -24.31 -2.74 -21.73
C ILE A 213 -24.13 -4.14 -21.15
N VAL A 214 -22.93 -4.42 -20.66
CA VAL A 214 -22.61 -5.71 -20.07
C VAL A 214 -21.97 -5.47 -18.71
N ALA A 215 -22.32 -6.33 -17.74
CA ALA A 215 -21.88 -6.15 -16.36
C ALA A 215 -21.96 -7.48 -15.62
N ARG A 216 -21.12 -7.62 -14.60
CA ARG A 216 -21.07 -8.83 -13.79
C ARG A 216 -20.94 -8.50 -12.31
N THR A 217 -21.78 -7.58 -11.83
CA THR A 217 -21.82 -7.32 -10.40
C THR A 217 -22.43 -8.51 -9.66
N ASP A 218 -21.91 -8.78 -8.46
CA ASP A 218 -22.31 -9.96 -7.70
C ASP A 218 -23.66 -9.68 -7.05
N ILE A 219 -24.73 -9.93 -7.79
CA ILE A 219 -26.09 -9.70 -7.34
C ILE A 219 -26.77 -11.05 -7.15
N ARG A 220 -27.54 -11.16 -6.06
CA ARG A 220 -28.30 -12.37 -5.78
C ARG A 220 -29.68 -12.02 -5.26
N LEU A 221 -30.66 -12.82 -5.66
CA LEU A 221 -32.06 -12.66 -5.26
C LEU A 221 -32.37 -13.63 -4.14
N LEU A 222 -33.06 -13.14 -3.12
CA LEU A 222 -33.31 -13.89 -1.91
C LEU A 222 -34.81 -14.13 -1.73
N LYS A 223 -35.15 -15.20 -1.02
CA LYS A 223 -36.54 -15.54 -0.77
C LYS A 223 -37.16 -14.53 0.19
N PRO A 224 -38.32 -13.96 -0.12
CA PRO A 224 -38.91 -12.95 0.76
C PRO A 224 -39.43 -13.58 2.05
N SER A 225 -39.08 -12.96 3.17
CA SER A 225 -39.47 -13.46 4.49
C SER A 225 -40.85 -12.96 4.91
N VAL A 226 -41.02 -11.65 5.04
CA VAL A 226 -42.33 -11.10 5.34
C VAL A 226 -43.20 -11.22 4.08
N LYS A 227 -44.50 -11.46 4.28
CA LYS A 227 -45.36 -11.98 3.22
C LYS A 227 -45.91 -10.83 2.40
N ASN A 228 -45.00 -10.12 1.72
CA ASN A 228 -45.37 -8.98 0.90
C ASN A 228 -44.80 -9.20 -0.50
N ILE A 229 -44.82 -8.16 -1.32
CA ILE A 229 -44.58 -8.27 -2.75
C ILE A 229 -43.25 -7.62 -3.14
N HIS A 230 -42.40 -7.35 -2.15
CA HIS A 230 -41.10 -6.74 -2.43
C HIS A 230 -40.15 -7.77 -3.05
N VAL A 231 -39.04 -7.28 -3.60
CA VAL A 231 -38.01 -8.14 -4.16
C VAL A 231 -36.75 -7.99 -3.34
N PRO A 232 -36.47 -8.89 -2.39
CA PRO A 232 -35.25 -8.77 -1.58
C PRO A 232 -34.03 -9.22 -2.39
N TYR A 233 -33.11 -8.29 -2.61
CA TYR A 233 -31.91 -8.58 -3.38
C TYR A 233 -30.71 -8.01 -2.64
N THR A 234 -29.55 -8.63 -2.86
CA THR A 234 -28.31 -8.15 -2.29
C THR A 234 -27.23 -8.17 -3.35
N GLN A 235 -26.52 -7.07 -3.49
CA GLN A 235 -25.58 -6.88 -4.58
C GLN A 235 -24.25 -6.40 -4.03
N ALA A 236 -23.17 -6.75 -4.72
CA ALA A 236 -21.86 -6.24 -4.39
C ALA A 236 -21.81 -4.73 -4.61
N VAL A 237 -20.94 -4.07 -3.83
CA VAL A 237 -20.85 -2.62 -3.86
C VAL A 237 -20.28 -2.16 -5.20
N SER A 238 -20.58 -0.91 -5.57
CA SER A 238 -20.17 -0.38 -6.85
C SER A 238 -18.67 -0.13 -6.87
N GLY A 239 -17.97 -0.80 -7.80
CA GLY A 239 -16.54 -0.61 -7.91
C GLY A 239 -16.14 0.72 -8.49
N TYR A 240 -17.08 1.43 -9.12
CA TYR A 240 -16.83 2.82 -9.49
C TYR A 240 -16.60 3.68 -8.26
N GLU A 241 -17.52 3.63 -7.29
CA GLU A 241 -17.37 4.40 -6.06
C GLU A 241 -16.21 3.90 -5.22
N MET A 242 -15.95 2.58 -5.26
CA MET A 242 -14.76 2.05 -4.60
C MET A 242 -13.48 2.58 -5.24
N TRP A 243 -13.47 2.73 -6.56
CA TRP A 243 -12.31 3.29 -7.23
C TRP A 243 -12.12 4.75 -6.88
N LYS A 244 -13.22 5.53 -6.86
CA LYS A 244 -13.12 6.92 -6.39
C LYS A 244 -12.72 7.02 -4.93
N ASN A 245 -12.97 5.97 -4.14
CA ASN A 245 -12.56 5.98 -2.74
C ASN A 245 -11.04 5.96 -2.60
N ASN A 246 -10.35 5.17 -3.43
CA ASN A 246 -8.90 5.02 -3.34
C ASN A 246 -8.26 5.09 -4.72
N SER A 247 -8.61 6.12 -5.51
CA SER A 247 -8.00 6.29 -6.82
C SER A 247 -6.55 6.74 -6.75
N GLY A 248 -6.13 7.28 -5.61
CA GLY A 248 -4.82 7.89 -5.53
C GLY A 248 -4.83 9.25 -6.18
N ARG A 249 -3.62 9.78 -6.36
CA ARG A 249 -3.54 11.09 -6.98
C ARG A 249 -3.62 10.97 -8.51
N PRO A 250 -4.20 11.97 -9.17
CA PRO A 250 -4.24 11.96 -10.64
C PRO A 250 -2.87 12.24 -11.23
N LEU A 251 -2.78 12.04 -12.54
CA LEU A 251 -1.53 12.29 -13.26
C LEU A 251 -1.22 13.78 -13.37
N GLN A 252 -2.20 14.65 -13.11
CA GLN A 252 -1.94 16.09 -13.08
C GLN A 252 -1.01 16.48 -11.94
N GLU A 253 -0.89 15.63 -10.92
CA GLU A 253 -0.05 15.90 -9.77
C GLU A 253 1.15 14.96 -9.66
N THR A 254 1.06 13.78 -10.27
CA THR A 254 2.14 12.79 -10.26
C THR A 254 2.57 12.56 -11.70
N ALA A 255 3.49 13.40 -12.19
CA ALA A 255 3.93 13.27 -13.57
C ALA A 255 5.40 13.66 -13.67
N PRO A 256 6.22 12.86 -14.33
CA PRO A 256 7.63 13.23 -14.52
C PRO A 256 7.77 14.47 -15.39
N PHE A 257 8.85 15.22 -15.12
CA PHE A 257 9.24 16.45 -15.81
C PHE A 257 8.22 17.58 -15.63
N GLY A 258 7.26 17.41 -14.71
CA GLY A 258 6.34 18.43 -14.26
C GLY A 258 5.61 19.23 -15.33
N CYS A 259 4.70 18.58 -16.05
CA CYS A 259 4.01 19.24 -17.14
C CYS A 259 2.51 19.01 -17.09
N LYS A 260 1.77 20.01 -17.58
CA LYS A 260 0.35 20.13 -17.28
C LYS A 260 -0.48 19.23 -18.18
N ILE A 261 -1.35 18.43 -17.57
CA ILE A 261 -2.11 17.42 -18.30
C ILE A 261 -3.51 17.96 -18.53
N GLU A 262 -3.98 17.93 -19.78
CA GLU A 262 -5.32 18.37 -20.11
C GLU A 262 -6.07 17.29 -20.87
N VAL A 263 -7.39 17.45 -20.91
CA VAL A 263 -8.29 16.50 -21.56
C VAL A 263 -9.01 17.23 -22.69
N GLU A 264 -9.61 16.42 -23.58
CA GLU A 264 -10.37 16.85 -24.76
C GLU A 264 -9.60 17.81 -25.65
N PRO A 265 -8.57 17.36 -26.39
CA PRO A 265 -8.01 16.00 -26.43
C PRO A 265 -7.07 15.72 -25.26
N LEU A 266 -6.74 14.46 -24.99
CA LEU A 266 -5.85 14.10 -23.90
C LEU A 266 -4.41 14.48 -24.29
N ARG A 267 -3.86 15.49 -23.63
CA ARG A 267 -2.56 16.02 -24.02
C ARG A 267 -1.72 16.36 -22.80
N ALA A 268 -0.41 16.42 -23.01
CA ALA A 268 0.58 16.76 -22.00
C ALA A 268 1.37 17.96 -22.49
N THR A 269 1.15 19.14 -21.89
CA THR A 269 1.73 20.38 -22.37
C THR A 269 2.88 20.85 -21.50
N ASN A 270 3.91 21.40 -22.16
CA ASN A 270 5.09 22.03 -21.55
C ASN A 270 5.95 21.00 -20.81
N CYS A 271 6.29 19.91 -21.48
CA CYS A 271 7.09 18.84 -20.89
C CYS A 271 8.55 19.04 -21.25
N ALA A 272 9.35 19.46 -20.27
CA ALA A 272 10.77 19.76 -20.46
C ALA A 272 11.58 18.51 -20.13
N TYR A 273 11.93 17.74 -21.17
CA TYR A 273 12.61 16.48 -20.92
C TYR A 273 13.74 16.15 -21.89
N GLY A 274 14.07 17.03 -22.83
CA GLY A 274 15.09 16.64 -23.79
C GLY A 274 15.62 17.72 -24.70
N HIS A 275 15.96 17.32 -25.93
CA HIS A 275 16.57 18.19 -26.91
C HIS A 275 15.94 17.95 -28.27
N ILE A 276 15.61 19.03 -28.97
CA ILE A 276 15.01 18.98 -30.29
C ILE A 276 16.08 19.37 -31.31
N PRO A 277 16.42 18.51 -32.27
CA PRO A 277 17.24 18.95 -33.40
C PRO A 277 16.43 19.85 -34.33
N ILE A 278 17.00 21.01 -34.65
CA ILE A 278 16.34 22.02 -35.46
C ILE A 278 17.21 22.32 -36.67
N SER A 279 16.68 22.07 -37.87
CA SER A 279 17.34 22.44 -39.11
C SER A 279 16.52 23.54 -39.76
N ILE A 280 17.06 24.75 -39.77
CA ILE A 280 16.32 25.94 -40.17
C ILE A 280 16.93 26.46 -41.47
N ASP A 281 16.07 26.88 -42.41
CA ASP A 281 16.51 27.44 -43.68
C ASP A 281 16.25 28.94 -43.64
N ILE A 282 17.27 29.70 -43.26
CA ILE A 282 17.13 31.16 -43.13
C ILE A 282 17.00 31.77 -44.52
N PRO A 283 15.99 32.61 -44.77
CA PRO A 283 15.91 33.31 -46.06
C PRO A 283 17.04 34.29 -46.24
N ASP A 284 17.41 34.52 -47.49
CA ASP A 284 18.53 35.39 -47.82
C ASP A 284 18.18 36.86 -47.79
N ALA A 285 16.92 37.21 -47.53
CA ALA A 285 16.53 38.61 -47.43
C ALA A 285 17.09 39.30 -46.20
N ALA A 286 17.53 38.54 -45.19
CA ALA A 286 18.13 39.11 -44.00
C ALA A 286 19.65 38.97 -43.96
N PHE A 287 20.24 38.18 -44.86
CA PHE A 287 21.69 38.01 -44.90
C PHE A 287 22.34 39.21 -45.56
N VAL A 288 22.85 40.14 -44.76
CA VAL A 288 23.44 41.36 -45.28
C VAL A 288 24.87 41.06 -45.79
N ARG A 289 25.30 41.86 -46.77
CA ARG A 289 26.69 41.79 -47.25
C ARG A 289 27.67 42.09 -46.13
N SER A 290 28.83 41.42 -46.19
CA SER A 290 29.88 41.64 -45.20
C SER A 290 30.47 43.04 -45.29
N SER A 291 30.50 43.61 -46.49
CA SER A 291 31.01 44.98 -46.66
C SER A 291 30.09 45.99 -45.99
N GLU A 292 28.77 45.81 -46.13
CA GLU A 292 27.83 46.72 -45.47
C GLU A 292 27.78 46.49 -43.97
N SER A 293 28.11 45.28 -43.52
CA SER A 293 28.14 45.00 -42.09
C SER A 293 29.33 45.68 -41.46
N PRO A 294 29.14 46.51 -40.43
CA PRO A 294 30.28 47.21 -39.80
C PRO A 294 31.15 46.27 -38.99
N THR A 295 32.33 45.95 -39.52
CA THR A 295 33.26 45.08 -38.84
C THR A 295 34.11 45.87 -37.84
N ILE A 296 34.78 45.13 -36.96
CA ILE A 296 35.62 45.71 -35.92
C ILE A 296 37.04 45.22 -36.19
N LEU A 297 38.03 45.98 -35.71
CA LEU A 297 39.43 45.63 -35.88
C LEU A 297 40.03 44.93 -34.66
N GLU A 298 39.97 45.56 -33.49
CA GLU A 298 40.58 45.01 -32.28
C GLU A 298 39.52 44.85 -31.20
N VAL A 299 39.48 43.67 -30.59
CA VAL A 299 38.49 43.33 -29.57
C VAL A 299 39.22 42.82 -28.33
N SER A 300 38.89 43.38 -27.18
CA SER A 300 39.36 42.87 -25.89
C SER A 300 38.19 42.79 -24.92
N CYS A 301 38.29 41.89 -23.95
CA CYS A 301 37.21 41.67 -23.02
C CYS A 301 37.72 41.62 -21.59
N THR A 302 36.82 41.96 -20.67
CA THR A 302 37.04 41.81 -19.24
C THR A 302 35.68 41.48 -18.61
N VAL A 303 35.69 41.20 -17.31
CA VAL A 303 34.46 40.83 -16.62
C VAL A 303 34.58 41.22 -15.16
N ALA A 304 33.50 41.75 -14.59
CA ALA A 304 33.48 42.20 -13.21
C ALA A 304 32.36 41.49 -12.45
N ASP A 305 32.72 40.84 -11.34
CA ASP A 305 31.79 40.20 -10.41
C ASP A 305 30.94 39.14 -11.10
N CYS A 306 31.61 38.10 -11.59
CA CYS A 306 30.88 36.95 -12.12
C CYS A 306 30.30 36.13 -10.99
N ILE A 307 28.98 35.93 -11.02
CA ILE A 307 28.28 35.09 -10.05
C ILE A 307 27.58 34.00 -10.86
N TYR A 308 27.89 32.74 -10.58
CA TYR A 308 27.30 31.66 -11.36
C TYR A 308 25.99 31.23 -10.72
N SER A 309 24.94 31.16 -11.52
CA SER A 309 23.57 30.99 -11.03
C SER A 309 22.66 30.74 -12.21
N ALA A 310 21.39 30.45 -11.91
CA ALA A 310 20.38 30.40 -12.95
C ALA A 310 20.07 31.78 -13.50
N ASP A 311 20.16 32.81 -12.66
CA ASP A 311 19.96 34.18 -13.08
C ASP A 311 21.12 34.64 -13.96
N PHE A 312 20.85 35.63 -14.81
CA PHE A 312 21.90 36.22 -15.65
C PHE A 312 22.84 37.05 -14.80
N GLY A 313 23.71 36.39 -14.05
CA GLY A 313 24.63 37.08 -13.15
C GLY A 313 26.04 37.18 -13.71
N GLY A 314 26.53 38.40 -13.85
CA GLY A 314 27.87 38.62 -14.37
C GLY A 314 27.87 39.65 -15.47
N SER A 315 28.68 40.70 -15.32
CA SER A 315 28.74 41.79 -16.28
C SER A 315 30.11 41.77 -16.95
N LEU A 316 30.12 41.53 -18.26
CA LEU A 316 31.35 41.44 -19.03
C LEU A 316 31.44 42.58 -20.03
N THR A 317 32.56 43.28 -20.01
CA THR A 317 32.74 44.55 -20.72
C THR A 317 33.76 44.39 -21.84
N LEU A 318 33.43 44.91 -23.02
CA LEU A 318 34.26 44.75 -24.20
C LEU A 318 34.75 46.10 -24.68
N GLN A 319 36.05 46.15 -24.99
CA GLN A 319 36.70 47.31 -25.62
C GLN A 319 36.88 46.97 -27.10
N TYR A 320 36.22 47.74 -27.96
CA TYR A 320 36.23 47.52 -29.40
C TYR A 320 36.85 48.71 -30.13
N LYS A 321 37.28 48.43 -31.36
CA LYS A 321 37.95 49.39 -32.25
C LYS A 321 37.29 49.36 -33.62
N ALA A 322 35.97 49.55 -33.65
CA ALA A 322 35.20 49.48 -34.88
C ALA A 322 35.56 50.63 -35.83
N ASN A 323 35.21 50.43 -37.11
CA ASN A 323 35.50 51.41 -38.15
C ASN A 323 34.27 52.12 -38.68
N ARG A 324 33.07 51.70 -38.28
CA ARG A 324 31.85 52.23 -38.88
C ARG A 324 30.69 52.08 -37.90
N GLU A 325 29.79 53.05 -37.91
CA GLU A 325 28.58 52.98 -37.11
C GLU A 325 27.65 51.89 -37.63
N GLY A 326 26.89 51.31 -36.72
CA GLY A 326 25.93 50.28 -37.09
C GLY A 326 25.60 49.41 -35.90
N HIS A 327 25.18 48.19 -36.18
CA HIS A 327 24.98 47.19 -35.14
C HIS A 327 25.30 45.82 -35.72
N CYS A 328 25.75 44.92 -34.85
CA CYS A 328 26.08 43.56 -35.29
C CYS A 328 25.98 42.62 -34.10
N PRO A 329 25.75 41.32 -34.33
CA PRO A 329 25.44 40.41 -33.22
C PRO A 329 26.65 40.05 -32.36
N VAL A 330 26.33 39.50 -31.19
CA VAL A 330 27.31 38.89 -30.29
C VAL A 330 26.82 37.49 -29.96
N HIS A 331 27.75 36.64 -29.52
CA HIS A 331 27.41 35.26 -29.21
C HIS A 331 28.51 34.67 -28.32
N SER A 332 28.12 33.72 -27.49
CA SER A 332 29.04 32.96 -26.64
C SER A 332 29.17 31.55 -27.21
N HIS A 333 30.39 31.18 -27.58
CA HIS A 333 30.66 29.89 -28.21
C HIS A 333 30.97 28.79 -27.19
N SER A 334 30.48 28.92 -25.96
CA SER A 334 30.64 27.88 -24.95
C SER A 334 29.27 27.37 -24.55
N THR A 335 29.17 26.06 -24.36
CA THR A 335 27.94 25.46 -23.83
C THR A 335 27.75 25.73 -22.34
N THR A 336 28.75 26.29 -21.68
CA THR A 336 28.70 26.53 -20.24
C THR A 336 28.12 27.90 -19.89
N ALA A 337 28.37 28.91 -20.72
CA ALA A 337 27.89 30.26 -20.46
C ALA A 337 27.05 30.75 -21.63
N VAL A 338 25.96 31.45 -21.33
CA VAL A 338 25.08 32.01 -22.35
C VAL A 338 24.85 33.49 -22.06
N LEU A 339 24.87 34.30 -23.12
CA LEU A 339 24.73 35.75 -23.00
C LEU A 339 23.27 36.16 -22.94
N LYS A 340 23.00 37.28 -22.28
CA LYS A 340 21.64 37.81 -22.22
C LYS A 340 21.19 38.36 -23.57
N GLU A 341 22.02 39.19 -24.19
CA GLU A 341 21.66 39.89 -25.41
C GLU A 341 22.26 39.18 -26.64
N ALA A 342 21.72 39.54 -27.80
CA ALA A 342 22.11 38.91 -29.06
C ALA A 342 22.86 39.86 -29.99
N THR A 343 22.34 41.07 -30.19
CA THR A 343 22.96 42.05 -31.07
C THR A 343 23.31 43.30 -30.28
N THR A 344 24.40 43.97 -30.67
CA THR A 344 24.85 45.17 -30.00
C THR A 344 25.10 46.27 -31.03
N HIS A 345 24.66 47.48 -30.70
CA HIS A 345 24.99 48.65 -31.50
C HIS A 345 26.45 49.03 -31.27
N VAL A 346 27.18 49.22 -32.37
CA VAL A 346 28.61 49.44 -32.35
C VAL A 346 28.92 50.70 -33.16
N THR A 347 29.66 51.64 -32.55
CA THR A 347 29.99 52.85 -33.29
C THR A 347 31.44 52.89 -33.74
N ALA A 348 32.37 53.03 -32.78
CA ALA A 348 33.81 53.08 -33.01
C ALA A 348 34.55 53.14 -31.68
N THR A 349 35.68 52.40 -31.58
CA THR A 349 36.69 52.42 -30.51
C THR A 349 36.10 52.66 -29.11
N GLY A 350 35.05 51.92 -28.79
CA GLY A 350 34.30 52.18 -27.57
C GLY A 350 34.20 51.02 -26.61
N SER A 351 33.31 51.13 -25.63
CA SER A 351 33.12 50.09 -24.63
C SER A 351 31.65 49.72 -24.55
N ILE A 352 31.38 48.41 -24.53
CA ILE A 352 30.03 47.88 -24.40
C ILE A 352 30.01 46.91 -23.22
N THR A 353 28.81 46.56 -22.77
CA THR A 353 28.65 45.61 -21.68
C THR A 353 27.58 44.59 -22.04
N LEU A 354 27.78 43.37 -21.55
CA LEU A 354 26.87 42.25 -21.78
C LEU A 354 26.67 41.51 -20.46
N HIS A 355 25.55 40.79 -20.37
CA HIS A 355 25.22 39.98 -19.20
C HIS A 355 25.15 38.52 -19.63
N PHE A 356 25.52 37.63 -18.72
CA PHE A 356 25.60 36.21 -19.05
C PHE A 356 25.31 35.38 -17.80
N SER A 357 24.97 34.12 -18.04
CA SER A 357 24.76 33.15 -16.96
C SER A 357 25.57 31.89 -17.26
N THR A 358 26.09 31.29 -16.19
CA THR A 358 26.96 30.13 -16.30
C THR A 358 26.76 29.25 -15.07
N SER A 359 27.17 27.99 -15.20
CA SER A 359 27.09 27.04 -14.10
C SER A 359 28.44 26.60 -13.57
N SER A 360 29.51 27.16 -14.06
CA SER A 360 30.84 26.73 -13.63
C SER A 360 31.50 27.79 -12.76
N PRO A 361 32.31 27.37 -11.79
CA PRO A 361 33.09 28.35 -11.02
C PRO A 361 34.09 29.12 -11.86
N GLN A 362 34.59 28.52 -12.93
CA GLN A 362 35.49 29.18 -13.86
C GLN A 362 34.70 29.61 -15.10
N ALA A 363 34.98 30.81 -15.59
CA ALA A 363 34.35 31.31 -16.80
C ALA A 363 35.44 31.53 -17.84
N ASN A 364 35.80 30.46 -18.54
CA ASN A 364 36.78 30.47 -19.61
C ASN A 364 36.02 30.19 -20.90
N PHE A 365 35.69 31.23 -21.66
CA PHE A 365 34.75 31.07 -22.76
C PHE A 365 35.09 32.05 -23.87
N ILE A 366 34.30 32.01 -24.94
CA ILE A 366 34.60 32.72 -26.17
C ILE A 366 33.43 33.63 -26.52
N VAL A 367 33.67 34.93 -26.56
CA VAL A 367 32.71 35.91 -27.04
C VAL A 367 33.06 36.21 -28.49
N SER A 368 32.10 36.03 -29.38
CA SER A 368 32.29 36.38 -30.79
C SER A 368 31.66 37.76 -31.00
N LEU A 369 32.42 38.79 -30.63
CA LEU A 369 31.97 40.16 -30.87
C LEU A 369 32.04 40.43 -32.35
N CYS A 370 30.89 40.29 -33.02
CA CYS A 370 30.66 40.84 -34.36
C CYS A 370 31.62 40.21 -35.37
N GLY A 371 31.47 38.90 -35.56
CA GLY A 371 32.36 38.11 -36.39
C GLY A 371 33.47 37.34 -35.70
N LYS A 372 34.51 38.02 -35.22
CA LYS A 372 35.68 37.29 -34.73
C LYS A 372 35.55 36.94 -33.26
N LYS A 373 36.38 36.00 -32.83
CA LYS A 373 36.34 35.43 -31.50
C LYS A 373 37.31 36.14 -30.55
N THR A 374 37.00 36.07 -29.26
CA THR A 374 37.87 36.61 -28.22
C THR A 374 37.60 35.85 -26.93
N THR A 375 38.65 35.30 -26.33
CA THR A 375 38.50 34.51 -25.12
C THR A 375 38.43 35.39 -23.88
N CYS A 376 37.77 34.88 -22.85
CA CYS A 376 37.55 35.58 -21.60
C CYS A 376 37.74 34.62 -20.44
N ASN A 377 38.38 35.13 -19.38
CA ASN A 377 38.75 34.37 -18.19
C ASN A 377 38.15 35.03 -16.96
N ALA A 378 37.73 34.22 -15.99
CA ALA A 378 37.13 34.72 -14.76
C ALA A 378 37.23 33.66 -13.68
N GLU A 379 36.83 34.05 -12.46
CA GLU A 379 36.71 33.15 -11.31
C GLU A 379 35.42 33.52 -10.59
N CYS A 380 34.37 32.76 -10.85
CA CYS A 380 33.04 33.08 -10.35
C CYS A 380 32.78 32.45 -8.98
N LYS A 381 31.94 33.12 -8.20
CA LYS A 381 31.58 32.78 -6.83
C LYS A 381 30.27 32.00 -6.79
N PRO A 382 30.04 31.22 -5.73
CA PRO A 382 28.72 30.60 -5.54
C PRO A 382 27.68 31.64 -5.18
N PRO A 383 26.43 31.46 -5.60
CA PRO A 383 25.39 32.45 -5.28
C PRO A 383 24.97 32.38 -3.82
N ALA A 384 24.51 33.52 -3.31
CA ALA A 384 24.04 33.58 -1.93
C ALA A 384 22.68 32.91 -1.77
N ASP A 385 21.80 33.08 -2.75
CA ASP A 385 20.45 32.51 -2.67
C ASP A 385 20.48 31.02 -2.94
N HIS A 386 19.88 30.24 -2.04
CA HIS A 386 19.83 28.79 -2.23
C HIS A 386 18.81 28.37 -3.27
N ILE A 387 17.67 29.06 -3.33
CA ILE A 387 16.53 28.67 -4.16
C ILE A 387 16.15 29.85 -5.03
N ILE A 388 16.04 29.63 -6.34
CA ILE A 388 15.63 30.65 -7.28
C ILE A 388 14.39 30.15 -8.01
N GLY A 389 13.51 31.09 -8.37
CA GLY A 389 12.24 30.77 -8.99
C GLY A 389 12.26 30.56 -10.48
N GLU A 390 13.42 30.55 -11.11
CA GLU A 390 13.53 30.36 -12.55
C GLU A 390 14.55 29.27 -12.86
N PRO A 391 14.34 28.51 -13.93
CA PRO A 391 15.24 27.39 -14.22
C PRO A 391 16.60 27.84 -14.74
N HIS A 392 17.54 26.91 -14.68
CA HIS A 392 18.90 27.17 -15.17
C HIS A 392 18.92 27.27 -16.68
N LYS A 393 19.73 28.19 -17.21
CA LYS A 393 19.84 28.35 -18.65
C LYS A 393 20.89 27.46 -19.27
N VAL A 394 21.78 26.86 -18.46
CA VAL A 394 22.81 25.96 -18.96
C VAL A 394 22.84 24.70 -18.10
N ASP A 395 23.44 23.65 -18.65
CA ASP A 395 23.62 22.40 -17.95
C ASP A 395 24.96 22.41 -17.21
N GLN A 396 25.36 21.26 -16.68
CA GLN A 396 26.63 21.12 -15.98
C GLN A 396 27.42 20.00 -16.62
N GLU A 397 28.69 20.27 -16.93
CA GLU A 397 29.61 19.28 -17.48
C GLU A 397 30.76 19.09 -16.50
N PHE A 398 31.34 17.88 -16.53
CA PHE A 398 32.34 17.50 -15.52
C PHE A 398 33.62 18.31 -15.66
N GLN A 399 33.98 18.71 -16.89
CA GLN A 399 35.20 19.48 -17.09
C GLN A 399 35.06 20.90 -16.53
N ALA A 400 33.90 21.52 -16.70
CA ALA A 400 33.74 22.88 -16.22
C ALA A 400 33.34 22.95 -14.75
N ALA A 401 32.72 21.90 -14.22
CA ALA A 401 32.28 21.92 -12.82
C ALA A 401 33.43 21.96 -11.84
N VAL A 402 34.62 21.53 -12.26
CA VAL A 402 35.81 21.62 -11.42
C VAL A 402 36.43 23.00 -11.64
N SER A 403 36.68 23.71 -10.54
CA SER A 403 37.20 25.07 -10.63
C SER A 403 38.67 25.05 -11.02
N LYS A 404 39.14 26.20 -11.53
CA LYS A 404 40.53 26.32 -11.99
C LYS A 404 41.52 26.12 -10.85
N THR A 405 41.24 26.70 -9.68
CA THR A 405 42.12 26.50 -8.52
C THR A 405 42.15 25.02 -8.13
N SER A 406 40.98 24.40 -8.07
CA SER A 406 40.91 22.98 -7.75
C SER A 406 41.48 22.13 -8.88
N TRP A 407 41.32 22.55 -10.14
CA TRP A 407 41.95 21.86 -11.25
C TRP A 407 43.46 21.84 -11.04
N ASN A 408 44.01 22.99 -10.63
CA ASN A 408 45.43 23.13 -10.38
C ASN A 408 45.90 22.20 -9.27
N TRP A 409 45.20 22.22 -8.12
CA TRP A 409 45.63 21.36 -7.01
C TRP A 409 45.54 19.89 -7.36
N LEU A 410 44.45 19.47 -8.02
CA LEU A 410 44.29 18.07 -8.38
C LEU A 410 45.33 17.60 -9.39
N LEU A 411 45.59 18.38 -10.45
CA LEU A 411 46.68 17.97 -11.33
C LEU A 411 48.05 18.19 -10.70
N ALA A 412 48.19 19.10 -9.75
CA ALA A 412 49.49 19.22 -9.07
C ALA A 412 49.80 17.94 -8.33
N LEU A 413 48.80 17.40 -7.63
CA LEU A 413 49.00 16.16 -6.91
C LEU A 413 49.16 14.96 -7.85
N PHE A 414 48.31 14.88 -8.89
CA PHE A 414 48.39 13.77 -9.82
C PHE A 414 49.70 13.77 -10.61
N GLY A 415 50.10 14.93 -11.13
CA GLY A 415 51.35 15.05 -11.83
C GLY A 415 52.56 14.85 -10.93
N GLY A 416 52.46 15.28 -9.67
CA GLY A 416 53.54 15.00 -8.73
C GLY A 416 53.71 13.52 -8.48
N ALA A 417 52.60 12.81 -8.26
CA ALA A 417 52.67 11.36 -8.06
C ALA A 417 53.18 10.65 -9.32
N SER A 418 52.71 11.08 -10.50
CA SER A 418 53.13 10.46 -11.74
C SER A 418 54.61 10.71 -12.02
N SER A 419 55.07 11.95 -11.85
CA SER A 419 56.48 12.26 -12.08
C SER A 419 57.37 11.63 -11.02
N LEU A 420 56.86 11.46 -9.81
CA LEU A 420 57.59 10.74 -8.77
C LEU A 420 57.74 9.26 -9.15
N ILE A 421 56.69 8.66 -9.71
CA ILE A 421 56.79 7.29 -10.21
C ILE A 421 57.79 7.21 -11.37
N VAL A 422 57.72 8.16 -12.30
CA VAL A 422 58.60 8.15 -13.46
C VAL A 422 60.06 8.36 -13.05
N VAL A 423 60.30 9.23 -12.06
CA VAL A 423 61.68 9.43 -11.61
C VAL A 423 62.17 8.20 -10.87
N GLY A 424 61.28 7.47 -10.17
CA GLY A 424 61.68 6.19 -9.60
C GLY A 424 62.07 5.18 -10.65
N LEU A 425 61.29 5.10 -11.73
CA LEU A 425 61.62 4.16 -12.81
C LEU A 425 62.90 4.57 -13.54
N ILE A 426 63.19 5.86 -13.68
CA ILE A 426 64.42 6.19 -14.38
C ILE A 426 65.64 6.01 -13.47
N VAL A 427 65.47 6.17 -12.14
CA VAL A 427 66.53 5.76 -11.23
C VAL A 427 66.75 4.25 -11.32
N LEU A 428 65.67 3.48 -11.48
CA LEU A 428 65.82 2.05 -11.76
C LEU A 428 66.58 1.80 -13.06
N VAL A 429 66.33 2.59 -14.10
CA VAL A 429 67.01 2.40 -15.38
C VAL A 429 68.51 2.67 -15.23
N CYS A 430 68.86 3.80 -14.60
CA CYS A 430 70.27 4.11 -14.39
C CYS A 430 70.95 3.17 -13.41
N SER A 431 70.20 2.54 -12.49
CA SER A 431 70.79 1.52 -11.63
C SER A 431 70.95 0.20 -12.36
N SER A 432 70.03 -0.11 -13.29
CA SER A 432 70.10 -1.36 -14.02
C SER A 432 71.22 -1.34 -15.05
N MET A 433 71.49 -0.18 -15.67
CA MET A 433 72.65 -0.10 -16.54
C MET A 433 73.96 -0.10 -15.77
N LEU A 434 73.93 0.15 -14.47
CA LEU A 434 75.11 0.09 -13.62
C LEU A 434 75.44 -1.36 -13.29
N SER B 1 -39.79 8.81 -27.08
CA SER B 1 -41.21 9.00 -26.79
C SER B 1 -41.43 9.21 -25.29
N ILE B 2 -41.05 10.38 -24.80
CA ILE B 2 -41.16 10.72 -23.39
C ILE B 2 -42.25 11.77 -23.24
N THR B 3 -43.23 11.50 -22.38
CA THR B 3 -44.38 12.36 -22.21
C THR B 3 -44.27 13.20 -20.94
N ASP B 4 -45.03 14.31 -20.92
CA ASP B 4 -45.15 15.14 -19.74
C ASP B 4 -46.59 15.32 -19.29
N ASP B 5 -47.56 14.86 -20.07
CA ASP B 5 -48.96 14.88 -19.68
C ASP B 5 -49.18 13.81 -18.63
N PHE B 6 -49.61 14.21 -17.43
CA PHE B 6 -49.74 13.29 -16.32
C PHE B 6 -51.12 12.67 -16.22
N THR B 7 -52.01 12.96 -17.17
CA THR B 7 -53.16 12.11 -17.40
C THR B 7 -52.66 10.79 -18.00
N LEU B 8 -53.45 9.72 -17.80
CA LEU B 8 -53.06 8.34 -18.12
C LEU B 8 -51.81 7.95 -17.32
N THR B 9 -51.73 8.44 -16.09
CA THR B 9 -50.55 8.31 -15.24
C THR B 9 -50.99 8.47 -13.79
N SER B 10 -50.76 7.45 -12.97
CA SER B 10 -51.29 7.46 -11.61
C SER B 10 -50.22 7.07 -10.60
N PRO B 11 -50.33 7.58 -9.36
CA PRO B 11 -49.43 7.11 -8.29
C PRO B 11 -49.83 5.74 -7.75
N TYR B 12 -49.14 5.28 -6.71
CA TYR B 12 -49.37 3.95 -6.17
C TYR B 12 -48.92 3.89 -4.72
N LEU B 13 -49.52 2.98 -3.96
CA LEU B 13 -49.05 2.70 -2.61
C LEU B 13 -47.73 1.94 -2.66
N GLY B 14 -46.83 2.27 -1.73
CA GLY B 14 -45.52 1.67 -1.68
C GLY B 14 -45.24 1.02 -0.34
N PHE B 15 -44.54 -0.10 -0.38
CA PHE B 15 -44.09 -0.83 0.80
C PHE B 15 -42.67 -0.40 1.11
N CYS B 16 -42.51 0.36 2.20
CA CYS B 16 -41.21 0.83 2.65
C CYS B 16 -41.05 0.51 4.13
N PRO B 17 -39.83 0.25 4.59
CA PRO B 17 -39.65 -0.42 5.89
C PRO B 17 -39.85 0.45 7.11
N TYR B 18 -40.07 1.76 6.99
CA TYR B 18 -40.14 2.59 8.19
C TYR B 18 -41.03 3.79 7.93
N CYS B 19 -42.30 3.69 8.33
CA CYS B 19 -43.11 4.87 8.59
C CYS B 19 -42.98 5.27 10.06
N ARG B 20 -43.88 6.15 10.52
CA ARG B 20 -43.73 6.78 11.82
C ARG B 20 -43.90 5.80 12.97
N HIS B 21 -44.67 4.72 12.78
CA HIS B 21 -44.89 3.73 13.83
C HIS B 21 -43.79 2.66 13.87
N SER B 22 -42.70 2.86 13.14
CA SER B 22 -41.49 2.03 13.19
C SER B 22 -41.78 0.57 12.84
N ALA B 23 -42.21 0.36 11.59
CA ALA B 23 -42.50 -0.98 11.08
C ALA B 23 -42.46 -0.94 9.57
N PRO B 24 -42.23 -2.09 8.92
CA PRO B 24 -42.50 -2.17 7.47
C PRO B 24 -43.95 -1.84 7.18
N CYS B 25 -44.18 -1.15 6.07
CA CYS B 25 -45.32 -0.25 6.03
C CYS B 25 -45.77 0.03 4.60
N PHE B 26 -47.09 0.18 4.45
CA PHE B 26 -47.69 0.65 3.21
C PHE B 26 -48.02 2.13 3.35
N SER B 27 -47.51 2.95 2.43
CA SER B 27 -47.64 4.39 2.51
C SER B 27 -47.97 4.95 1.14
N PRO B 28 -48.70 6.06 1.07
CA PRO B 28 -48.89 6.72 -0.25
C PRO B 28 -47.61 7.29 -0.84
N ILE B 29 -46.58 7.52 -0.03
CA ILE B 29 -45.28 7.99 -0.50
C ILE B 29 -44.24 6.91 -0.17
N LYS B 30 -43.40 6.59 -1.14
CA LYS B 30 -42.39 5.55 -0.98
C LYS B 30 -41.16 5.98 -1.76
N ILE B 31 -40.03 6.12 -1.06
CA ILE B 31 -38.79 6.53 -1.68
C ILE B 31 -38.21 5.32 -2.42
N GLU B 32 -38.22 5.38 -3.75
CA GLU B 32 -37.64 4.31 -4.55
C GLU B 32 -36.12 4.44 -4.62
N ASN B 33 -35.63 5.61 -5.01
CA ASN B 33 -34.20 5.87 -5.10
C ASN B 33 -33.91 7.31 -4.71
N VAL B 34 -32.79 7.52 -4.02
CA VAL B 34 -32.27 8.85 -3.73
C VAL B 34 -30.92 8.97 -4.42
N TRP B 35 -30.77 10.00 -5.24
CA TRP B 35 -29.53 10.28 -5.96
C TRP B 35 -28.88 11.51 -5.36
N ASP B 36 -27.63 11.36 -4.91
CA ASP B 36 -26.81 12.51 -4.51
C ASP B 36 -25.50 12.45 -5.29
N GLU B 37 -25.36 13.38 -6.24
CA GLU B 37 -24.14 13.57 -7.00
C GLU B 37 -23.80 15.03 -7.23
N SER B 38 -24.66 15.95 -6.79
CA SER B 38 -24.44 17.37 -6.99
C SER B 38 -23.37 17.87 -6.03
N ASP B 39 -22.84 19.06 -6.34
CA ASP B 39 -21.75 19.64 -5.57
C ASP B 39 -22.22 20.70 -4.59
N ASP B 40 -23.54 20.85 -4.40
CA ASP B 40 -24.07 21.75 -3.39
C ASP B 40 -24.85 21.02 -2.31
N GLY B 41 -24.81 19.69 -2.30
CA GLY B 41 -25.53 18.89 -1.33
C GLY B 41 -26.98 18.60 -1.67
N SER B 42 -27.46 19.05 -2.83
CA SER B 42 -28.84 18.80 -3.21
C SER B 42 -29.03 17.34 -3.62
N ILE B 43 -30.13 16.76 -3.16
CA ILE B 43 -30.46 15.37 -3.46
C ILE B 43 -31.77 15.33 -4.23
N ARG B 44 -31.89 14.29 -5.06
CA ARG B 44 -33.09 14.03 -5.85
C ARG B 44 -33.71 12.73 -5.38
N ILE B 45 -34.99 12.79 -5.05
CA ILE B 45 -35.73 11.69 -4.45
C ILE B 45 -36.83 11.26 -5.43
N GLN B 46 -36.95 9.96 -5.66
CA GLN B 46 -38.04 9.42 -6.44
C GLN B 46 -39.11 8.90 -5.48
N VAL B 47 -40.32 9.43 -5.60
CA VAL B 47 -41.41 9.14 -4.67
C VAL B 47 -42.58 8.59 -5.47
N SER B 48 -43.26 7.58 -4.91
CA SER B 48 -44.43 6.99 -5.55
C SER B 48 -45.56 8.00 -5.76
N ALA B 49 -45.62 9.05 -4.95
CA ALA B 49 -46.60 10.11 -5.13
C ALA B 49 -46.19 11.03 -6.29
N GLN B 50 -47.15 11.82 -6.75
CA GLN B 50 -46.94 12.75 -7.86
C GLN B 50 -47.11 14.17 -7.34
N PHE B 51 -46.11 15.02 -7.60
CA PHE B 51 -46.08 16.37 -7.06
C PHE B 51 -46.28 17.39 -8.17
N GLY B 52 -47.08 18.41 -7.88
CA GLY B 52 -47.36 19.45 -8.85
C GLY B 52 -48.58 19.24 -9.71
N TYR B 53 -49.47 18.33 -9.32
CA TYR B 53 -50.63 17.98 -10.14
C TYR B 53 -51.85 17.79 -9.26
N ASN B 54 -53.01 18.15 -9.79
CA ASN B 54 -54.28 17.98 -9.10
C ASN B 54 -54.78 16.55 -9.33
N GLN B 55 -56.01 16.27 -8.88
CA GLN B 55 -56.53 14.90 -8.88
C GLN B 55 -56.63 14.33 -10.28
N ALA B 56 -57.07 15.14 -11.25
CA ALA B 56 -57.14 14.68 -12.63
C ALA B 56 -55.75 14.47 -13.23
N GLY B 57 -54.85 15.43 -13.00
CA GLY B 57 -53.50 15.33 -13.52
C GLY B 57 -53.03 16.58 -14.23
N THR B 58 -53.83 17.64 -14.15
CA THR B 58 -53.46 18.91 -14.76
C THR B 58 -52.31 19.54 -13.98
N ALA B 59 -51.40 20.18 -14.72
CA ALA B 59 -50.21 20.80 -14.12
C ALA B 59 -50.64 22.00 -13.28
N ASP B 60 -50.65 21.81 -11.96
CA ASP B 60 -51.03 22.85 -11.02
C ASP B 60 -50.17 22.71 -9.77
N VAL B 61 -49.31 23.70 -9.51
CA VAL B 61 -48.39 23.67 -8.39
C VAL B 61 -49.15 23.87 -7.07
N THR B 62 -48.45 23.63 -5.95
CA THR B 62 -48.99 23.67 -4.58
C THR B 62 -50.10 22.64 -4.37
N LYS B 63 -50.14 21.62 -5.21
CA LYS B 63 -51.02 20.46 -5.03
C LYS B 63 -50.24 19.22 -5.46
N PHE B 64 -50.59 18.08 -4.87
CA PHE B 64 -49.90 16.85 -5.22
C PHE B 64 -50.86 15.66 -5.10
N ARG B 65 -50.55 14.62 -5.85
CA ARG B 65 -51.34 13.41 -5.98
C ARG B 65 -50.78 12.31 -5.07
N TYR B 66 -51.68 11.48 -4.57
CA TYR B 66 -51.24 10.26 -3.90
C TYR B 66 -52.34 9.21 -3.98
N MET B 67 -51.93 7.95 -4.06
CA MET B 67 -52.87 6.84 -3.94
C MET B 67 -53.21 6.67 -2.47
N SER B 68 -54.50 6.71 -2.16
CA SER B 68 -54.93 6.76 -0.77
C SER B 68 -55.00 5.35 -0.17
N TYR B 69 -54.50 5.22 1.07
CA TYR B 69 -54.42 3.94 1.73
C TYR B 69 -55.71 3.52 2.43
N ASP B 70 -56.73 4.39 2.44
CA ASP B 70 -57.99 4.08 3.09
C ASP B 70 -58.93 3.38 2.10
N HIS B 71 -60.22 3.29 2.46
CA HIS B 71 -61.15 2.42 1.75
C HIS B 71 -61.41 2.89 0.31
N ASP B 72 -61.45 4.20 0.09
CA ASP B 72 -61.63 4.73 -1.27
C ASP B 72 -60.28 4.77 -2.00
N HIS B 73 -59.88 3.59 -2.47
CA HIS B 73 -58.58 3.37 -3.10
C HIS B 73 -58.57 4.05 -4.48
N ASP B 74 -58.34 5.36 -4.46
CA ASP B 74 -58.21 6.12 -5.69
C ASP B 74 -57.22 7.27 -5.46
N ILE B 75 -56.96 8.02 -6.53
CA ILE B 75 -56.05 9.15 -6.45
C ILE B 75 -56.72 10.27 -5.67
N LYS B 76 -56.00 10.81 -4.67
CA LYS B 76 -56.48 11.93 -3.88
C LYS B 76 -55.43 13.03 -3.89
N GLU B 77 -55.91 14.27 -3.91
CA GLU B 77 -55.06 15.44 -3.97
C GLU B 77 -54.92 16.08 -2.59
N ASP B 78 -53.78 16.72 -2.36
CA ASP B 78 -53.54 17.44 -1.13
C ASP B 78 -52.63 18.62 -1.40
N SER B 79 -52.65 19.59 -0.49
CA SER B 79 -51.81 20.77 -0.65
C SER B 79 -50.34 20.41 -0.45
N MET B 80 -49.47 21.04 -1.25
CA MET B 80 -48.05 20.75 -1.18
C MET B 80 -47.35 21.49 -0.06
N GLU B 81 -48.03 22.42 0.62
CA GLU B 81 -47.47 23.07 1.79
C GLU B 81 -47.28 22.08 2.95
N LYS B 82 -48.07 21.02 3.00
CA LYS B 82 -48.00 20.02 4.05
C LYS B 82 -47.14 18.82 3.65
N LEU B 83 -46.11 19.04 2.84
CA LEU B 83 -45.16 18.00 2.48
C LEU B 83 -43.81 18.40 3.06
N ALA B 84 -43.21 17.50 3.83
CA ALA B 84 -41.96 17.77 4.53
C ALA B 84 -40.90 16.75 4.14
N ILE B 85 -39.67 17.23 3.96
CA ILE B 85 -38.51 16.38 3.72
C ILE B 85 -37.52 16.65 4.85
N SER B 86 -36.90 15.59 5.36
CA SER B 86 -35.89 15.77 6.39
C SER B 86 -34.92 14.59 6.41
N THR B 87 -33.67 14.89 6.77
CA THR B 87 -32.67 13.84 6.96
C THR B 87 -32.20 13.77 8.41
N SER B 88 -31.69 14.86 8.96
CA SER B 88 -31.46 15.00 10.40
C SER B 88 -32.19 16.18 10.98
N GLY B 89 -32.15 17.33 10.30
CA GLY B 89 -33.05 18.42 10.56
C GLY B 89 -33.97 18.60 9.38
N PRO B 90 -34.81 19.63 9.41
CA PRO B 90 -35.71 19.88 8.28
C PRO B 90 -34.95 20.24 7.02
N CYS B 91 -35.47 19.78 5.89
CA CYS B 91 -34.85 20.03 4.59
C CYS B 91 -35.68 21.03 3.80
N ARG B 92 -35.04 21.65 2.81
CA ARG B 92 -35.70 22.62 1.95
C ARG B 92 -36.53 21.88 0.89
N ARG B 93 -37.15 22.66 0.00
CA ARG B 93 -37.84 22.10 -1.16
C ARG B 93 -37.45 22.94 -2.37
N LEU B 94 -36.35 22.55 -3.01
CA LEU B 94 -35.81 23.30 -4.15
C LEU B 94 -36.60 23.04 -5.42
N GLY B 95 -37.20 21.87 -5.57
CA GLY B 95 -38.01 21.61 -6.75
C GLY B 95 -38.88 20.40 -6.57
N HIS B 96 -39.96 20.36 -7.35
CA HIS B 96 -40.85 19.21 -7.32
C HIS B 96 -41.42 18.97 -8.71
N LYS B 97 -41.69 17.70 -8.99
CA LYS B 97 -42.26 17.26 -10.25
C LYS B 97 -42.92 15.92 -9.95
N GLY B 98 -43.75 15.44 -10.88
CA GLY B 98 -44.36 14.14 -10.70
C GLY B 98 -43.35 13.03 -10.54
N TYR B 99 -43.50 12.25 -9.47
CA TYR B 99 -42.58 11.21 -8.98
C TYR B 99 -41.22 11.73 -8.53
N PHE B 100 -40.97 13.03 -8.49
CA PHE B 100 -39.60 13.49 -8.24
C PHE B 100 -39.55 14.72 -7.36
N LEU B 101 -38.53 14.78 -6.51
CA LEU B 101 -38.34 15.84 -5.54
C LEU B 101 -36.86 16.22 -5.53
N LEU B 102 -36.58 17.49 -5.27
CA LEU B 102 -35.21 17.98 -5.21
C LEU B 102 -35.07 18.87 -3.97
N ALA B 103 -34.21 18.47 -3.04
CA ALA B 103 -34.12 19.12 -1.74
C ALA B 103 -32.67 19.23 -1.28
N GLN B 104 -32.37 20.31 -0.55
CA GLN B 104 -31.07 20.48 0.08
C GLN B 104 -31.18 20.02 1.53
N CYS B 105 -30.23 19.21 1.96
CA CYS B 105 -30.36 18.58 3.26
C CYS B 105 -29.07 18.68 4.06
N PRO B 106 -29.17 18.82 5.38
CA PRO B 106 -28.00 18.70 6.24
C PRO B 106 -27.51 17.26 6.26
N PRO B 107 -26.23 17.03 6.58
CA PRO B 107 -25.70 15.67 6.57
C PRO B 107 -26.41 14.77 7.56
N GLY B 108 -26.61 13.52 7.15
CA GLY B 108 -27.34 12.58 7.98
C GLY B 108 -27.14 11.16 7.49
N ASP B 109 -27.94 10.25 8.05
CA ASP B 109 -27.82 8.84 7.75
C ASP B 109 -29.03 8.24 7.04
N SER B 110 -30.15 8.96 6.98
CA SER B 110 -31.33 8.47 6.29
C SER B 110 -32.14 9.67 5.81
N VAL B 111 -32.98 9.43 4.80
CA VAL B 111 -33.81 10.47 4.19
C VAL B 111 -35.26 10.07 4.34
N THR B 112 -36.10 10.99 4.82
CA THR B 112 -37.51 10.70 5.00
C THR B 112 -38.38 11.82 4.42
N VAL B 113 -39.55 11.42 3.94
CA VAL B 113 -40.59 12.31 3.44
C VAL B 113 -41.85 12.07 4.25
N SER B 114 -42.64 13.11 4.44
CA SER B 114 -43.85 13.01 5.26
C SER B 114 -44.92 13.96 4.73
N ILE B 115 -46.17 13.63 5.02
CA ILE B 115 -47.32 14.50 4.76
C ILE B 115 -47.81 14.97 6.12
N THR B 116 -47.41 16.18 6.52
CA THR B 116 -47.77 16.70 7.83
C THR B 116 -49.26 16.97 7.91
N SER B 117 -49.87 16.55 9.03
CA SER B 117 -51.31 16.67 9.29
C SER B 117 -52.16 16.05 8.18
N GLU B 121 -49.59 11.13 9.67
CA GLU B 121 -48.40 11.74 9.07
C GLU B 121 -47.98 10.97 7.83
N ASN B 122 -47.97 9.64 7.95
CA ASN B 122 -47.66 8.71 6.85
C ASN B 122 -46.29 9.01 6.24
N SER B 123 -45.28 9.10 7.10
CA SER B 123 -43.92 9.34 6.65
C SER B 123 -43.32 8.06 6.07
N CYS B 124 -42.11 8.19 5.53
CA CYS B 124 -41.37 7.04 5.02
C CYS B 124 -39.90 7.43 4.94
N THR B 125 -39.03 6.52 5.41
CA THR B 125 -37.60 6.77 5.54
C THR B 125 -36.82 5.66 4.85
N VAL B 126 -35.76 6.04 4.15
CA VAL B 126 -34.84 5.10 3.50
C VAL B 126 -33.43 5.46 3.92
N GLU B 127 -32.64 4.44 4.28
CA GLU B 127 -31.24 4.62 4.64
C GLU B 127 -30.45 5.18 3.46
N LYS B 128 -29.72 6.27 3.72
CA LYS B 128 -28.92 6.91 2.67
C LYS B 128 -27.85 7.74 3.34
N LYS B 129 -26.59 7.39 3.10
CA LYS B 129 -25.45 8.10 3.69
C LYS B 129 -25.17 9.33 2.85
N ILE B 130 -25.65 10.48 3.30
CA ILE B 130 -25.40 11.76 2.65
C ILE B 130 -24.42 12.55 3.52
N ARG B 131 -23.40 13.11 2.88
CA ARG B 131 -22.36 13.85 3.59
C ARG B 131 -22.07 15.15 2.85
N ARG B 132 -21.50 16.10 3.57
CA ARG B 132 -21.16 17.40 3.01
C ARG B 132 -19.99 17.26 2.03
N LYS B 133 -20.14 17.85 0.86
CA LYS B 133 -19.19 17.70 -0.23
C LYS B 133 -18.42 19.00 -0.46
N PHE B 134 -17.31 18.87 -1.17
CA PHE B 134 -16.45 19.99 -1.54
C PHE B 134 -16.38 20.04 -3.07
N VAL B 135 -15.66 21.04 -3.58
CA VAL B 135 -15.49 21.16 -5.02
C VAL B 135 -14.00 21.20 -5.35
N GLY B 136 -13.21 21.73 -4.43
CA GLY B 136 -11.80 21.90 -4.68
C GLY B 136 -10.91 21.13 -3.72
N ARG B 137 -9.85 21.79 -3.26
CA ARG B 137 -8.84 21.18 -2.40
C ARG B 137 -8.77 21.84 -1.02
N GLU B 138 -9.84 22.51 -0.60
CA GLU B 138 -9.92 23.08 0.73
C GLU B 138 -11.31 22.79 1.29
N GLU B 139 -11.35 22.25 2.51
CA GLU B 139 -12.64 22.01 3.16
C GLU B 139 -13.29 23.33 3.54
N TYR B 140 -14.60 23.42 3.35
CA TYR B 140 -15.35 24.60 3.74
C TYR B 140 -16.75 24.17 4.14
N LEU B 141 -17.30 24.85 5.16
CA LEU B 141 -18.70 24.66 5.49
C LEU B 141 -19.58 25.24 4.38
N PHE B 142 -19.30 26.47 3.98
CA PHE B 142 -19.97 27.15 2.90
C PHE B 142 -18.96 28.05 2.18
N PRO B 143 -19.17 28.32 0.89
CA PRO B 143 -18.19 29.10 0.11
C PRO B 143 -18.02 30.51 0.64
N PRO B 144 -16.80 31.04 0.59
CA PRO B 144 -16.55 32.39 1.09
C PRO B 144 -16.70 33.45 0.00
N VAL B 145 -16.68 34.71 0.44
CA VAL B 145 -16.78 35.83 -0.49
C VAL B 145 -15.53 35.96 -1.35
N HIS B 146 -14.35 35.58 -0.82
CA HIS B 146 -13.11 35.60 -1.58
C HIS B 146 -12.83 34.17 -2.05
N GLY B 147 -12.74 33.99 -3.36
CA GLY B 147 -12.63 32.65 -3.88
C GLY B 147 -11.99 32.59 -5.25
N LYS B 148 -12.05 31.39 -5.83
CA LYS B 148 -11.44 31.12 -7.14
C LYS B 148 -12.45 30.79 -8.23
N LEU B 149 -13.70 30.45 -7.87
CA LEU B 149 -14.80 30.19 -8.80
C LEU B 149 -14.45 29.04 -9.76
N VAL B 150 -14.29 27.87 -9.18
CA VAL B 150 -14.00 26.66 -9.95
C VAL B 150 -15.28 26.13 -10.57
N LYS B 151 -15.17 25.63 -11.79
CA LYS B 151 -16.30 24.97 -12.45
C LYS B 151 -16.64 23.67 -11.74
N CYS B 152 -17.91 23.51 -11.39
CA CYS B 152 -18.41 22.32 -10.73
C CYS B 152 -19.69 21.87 -11.45
N HIS B 153 -20.32 20.82 -10.94
CA HIS B 153 -21.49 20.24 -11.57
C HIS B 153 -22.60 20.07 -10.54
N VAL B 154 -23.74 20.72 -10.77
CA VAL B 154 -24.79 20.88 -9.78
C VAL B 154 -26.12 20.55 -10.44
N TYR B 155 -27.03 19.93 -9.68
CA TYR B 155 -28.40 19.73 -10.14
C TYR B 155 -29.07 21.07 -10.45
N ASP B 156 -29.79 21.12 -11.57
CA ASP B 156 -30.50 22.33 -11.96
C ASP B 156 -31.86 22.36 -11.27
N HIS B 157 -32.26 23.55 -10.83
CA HIS B 157 -33.52 23.70 -10.10
C HIS B 157 -34.73 23.71 -11.00
N LEU B 158 -34.55 23.94 -12.30
CA LEU B 158 -35.67 24.00 -13.24
C LEU B 158 -36.19 22.59 -13.52
N LYS B 159 -37.52 22.45 -13.51
CA LYS B 159 -38.15 21.16 -13.74
C LYS B 159 -38.25 20.79 -15.21
N GLU B 160 -37.97 21.73 -16.12
CA GLU B 160 -38.05 21.42 -17.54
C GLU B 160 -36.86 20.58 -18.00
N THR B 161 -35.76 20.62 -17.27
CA THR B 161 -34.57 19.86 -17.65
C THR B 161 -34.79 18.36 -17.42
N SER B 162 -33.93 17.56 -18.05
CA SER B 162 -34.04 16.11 -17.97
C SER B 162 -32.66 15.48 -17.86
N ALA B 163 -32.57 14.42 -17.05
CA ALA B 163 -31.35 13.66 -16.90
C ALA B 163 -31.57 12.17 -17.14
N GLY B 164 -32.54 11.82 -17.97
CA GLY B 164 -32.85 10.43 -18.24
C GLY B 164 -34.36 10.25 -18.33
N TYR B 165 -34.79 9.00 -18.22
CA TYR B 165 -36.21 8.70 -18.25
C TYR B 165 -36.49 7.48 -17.40
N ILE B 166 -37.74 7.39 -16.95
CA ILE B 166 -38.25 6.19 -16.28
C ILE B 166 -39.32 5.57 -17.17
N THR B 167 -39.37 4.24 -17.14
CA THR B 167 -40.31 3.44 -17.92
C THR B 167 -41.55 3.18 -17.09
N MET B 168 -42.70 3.08 -17.77
CA MET B 168 -43.97 2.91 -17.10
C MET B 168 -44.82 1.89 -17.85
N HIS B 169 -45.56 1.10 -17.08
CA HIS B 169 -46.23 -0.10 -17.56
C HIS B 169 -47.69 -0.07 -17.09
N ARG B 170 -48.48 -1.01 -17.61
CA ARG B 170 -49.84 -1.17 -17.13
C ARG B 170 -49.84 -1.74 -15.71
N PRO B 171 -50.78 -1.34 -14.87
CA PRO B 171 -50.87 -1.90 -13.53
C PRO B 171 -51.50 -3.29 -13.56
N GLY B 172 -50.97 -4.17 -12.71
CA GLY B 172 -51.44 -5.54 -12.66
C GLY B 172 -52.68 -5.69 -11.81
N PRO B 173 -53.09 -6.93 -11.56
CA PRO B 173 -54.27 -7.17 -10.73
C PRO B 173 -54.03 -6.75 -9.29
N HIS B 174 -55.09 -6.27 -8.65
CA HIS B 174 -55.06 -5.84 -7.25
C HIS B 174 -56.29 -6.41 -6.55
N ALA B 175 -56.16 -7.61 -6.01
CA ALA B 175 -57.27 -8.26 -5.34
C ALA B 175 -57.54 -7.60 -3.99
N TYR B 176 -58.82 -7.37 -3.71
CA TYR B 176 -59.27 -6.79 -2.44
C TYR B 176 -60.05 -7.82 -1.65
N LYS B 177 -59.79 -7.88 -0.34
CA LYS B 177 -60.56 -8.75 0.54
C LYS B 177 -61.92 -8.16 0.88
N SER B 178 -62.18 -6.91 0.52
CA SER B 178 -63.50 -6.31 0.71
C SER B 178 -64.54 -6.88 -0.24
N TYR B 179 -64.13 -7.65 -1.23
CA TYR B 179 -65.03 -8.24 -2.21
C TYR B 179 -65.38 -9.68 -1.89
N LEU B 180 -65.18 -10.11 -0.64
CA LEU B 180 -65.46 -11.47 -0.21
C LEU B 180 -66.44 -11.48 0.94
N GLU B 181 -67.42 -12.38 0.86
CA GLU B 181 -68.52 -12.48 1.82
C GLU B 181 -68.62 -13.87 2.45
N GLU B 182 -67.52 -14.37 3.03
CA GLU B 182 -67.56 -15.69 3.65
C GLU B 182 -68.54 -15.70 4.82
N ALA B 183 -69.70 -16.35 4.63
CA ALA B 183 -70.75 -16.40 5.63
C ALA B 183 -71.67 -17.56 5.28
N SER B 184 -71.94 -18.41 6.29
CA SER B 184 -72.80 -19.59 6.15
C SER B 184 -72.31 -20.52 5.05
N GLY B 185 -70.98 -20.67 4.94
CA GLY B 185 -70.40 -21.59 3.98
C GLY B 185 -70.45 -21.15 2.54
N GLU B 186 -70.77 -19.88 2.27
CA GLU B 186 -70.87 -19.39 0.90
C GLU B 186 -70.31 -17.98 0.85
N VAL B 187 -69.82 -17.59 -0.33
CA VAL B 187 -69.10 -16.33 -0.51
C VAL B 187 -69.70 -15.58 -1.70
N TYR B 188 -69.87 -14.27 -1.54
CA TYR B 188 -70.38 -13.38 -2.57
C TYR B 188 -69.24 -12.50 -3.08
N ILE B 189 -69.57 -11.57 -3.99
CA ILE B 189 -68.63 -10.57 -4.50
C ILE B 189 -69.30 -9.21 -4.45
N LYS B 190 -68.62 -8.22 -3.84
CA LYS B 190 -69.08 -6.83 -3.94
C LYS B 190 -68.73 -6.25 -5.31
N PRO B 191 -69.70 -5.73 -6.05
CA PRO B 191 -69.38 -4.78 -7.12
C PRO B 191 -69.34 -3.37 -6.57
N PRO B 192 -68.23 -2.66 -6.73
CA PRO B 192 -68.16 -1.29 -6.20
C PRO B 192 -68.99 -0.33 -7.03
N SER B 193 -70.15 0.05 -6.49
CA SER B 193 -71.12 0.91 -7.17
C SER B 193 -71.52 0.36 -8.53
N GLY B 194 -71.72 -0.95 -8.60
CA GLY B 194 -72.09 -1.61 -9.85
C GLY B 194 -71.03 -1.60 -10.92
N LYS B 195 -69.77 -1.85 -10.54
CA LYS B 195 -68.67 -1.88 -11.50
C LYS B 195 -68.42 -3.31 -11.97
N ASN B 196 -67.75 -3.44 -13.12
CA ASN B 196 -67.21 -4.73 -13.54
C ASN B 196 -65.96 -5.12 -12.78
N VAL B 197 -66.13 -5.64 -11.56
CA VAL B 197 -65.03 -6.32 -10.90
C VAL B 197 -64.99 -7.76 -11.38
N THR B 198 -63.79 -8.24 -11.70
CA THR B 198 -63.59 -9.58 -12.24
C THR B 198 -63.10 -10.51 -11.14
N TYR B 199 -63.75 -11.66 -11.01
CA TYR B 199 -63.33 -12.65 -10.03
C TYR B 199 -62.52 -13.73 -10.73
N GLU B 200 -61.63 -14.35 -9.96
CA GLU B 200 -60.79 -15.44 -10.42
C GLU B 200 -60.66 -16.41 -9.25
N CYS B 201 -61.11 -17.65 -9.43
CA CYS B 201 -61.27 -18.54 -8.30
C CYS B 201 -60.99 -19.99 -8.70
N LYS B 202 -60.66 -20.81 -7.70
CA LYS B 202 -60.18 -22.17 -7.90
C LYS B 202 -60.90 -23.10 -6.90
N CYS B 203 -62.23 -23.06 -6.91
CA CYS B 203 -63.04 -23.95 -6.10
C CYS B 203 -62.70 -25.42 -6.35
N GLY B 204 -62.87 -25.87 -7.59
CA GLY B 204 -62.42 -27.19 -7.99
C GLY B 204 -61.76 -27.14 -9.35
N ASP B 205 -61.89 -26.00 -10.02
CA ASP B 205 -61.31 -25.79 -11.34
C ASP B 205 -61.09 -24.30 -11.53
N TYR B 206 -60.28 -23.96 -12.54
CA TYR B 206 -59.95 -22.56 -12.82
C TYR B 206 -61.16 -21.86 -13.41
N SER B 207 -61.78 -20.98 -12.62
CA SER B 207 -62.92 -20.19 -13.05
C SER B 207 -62.55 -18.71 -13.06
N THR B 208 -63.02 -18.00 -14.08
CA THR B 208 -62.75 -16.57 -14.21
C THR B 208 -64.00 -15.90 -14.78
N GLY B 209 -64.40 -14.78 -14.19
CA GLY B 209 -65.63 -14.15 -14.65
C GLY B 209 -65.73 -12.66 -14.42
N ILE B 210 -66.29 -11.94 -15.40
CA ILE B 210 -66.51 -10.50 -15.30
C ILE B 210 -67.97 -10.30 -14.91
N VAL B 211 -68.21 -9.83 -13.68
CA VAL B 211 -69.57 -9.63 -13.19
C VAL B 211 -69.74 -8.21 -12.69
N SER B 212 -71.00 -7.83 -12.46
CA SER B 212 -71.33 -6.53 -11.91
C SER B 212 -72.37 -6.60 -10.79
N THR B 213 -72.66 -7.78 -10.26
CA THR B 213 -73.64 -7.95 -9.20
C THR B 213 -73.16 -9.05 -8.27
N ARG B 214 -74.02 -9.45 -7.33
CA ARG B 214 -73.68 -10.51 -6.39
C ARG B 214 -73.64 -11.85 -7.11
N THR B 215 -72.61 -12.64 -6.85
CA THR B 215 -72.33 -13.83 -7.65
C THR B 215 -71.91 -14.98 -6.73
N LYS B 216 -72.43 -16.17 -7.02
CA LYS B 216 -72.08 -17.39 -6.31
C LYS B 216 -71.03 -18.20 -7.08
N MET B 217 -70.18 -18.87 -6.32
CA MET B 217 -69.25 -19.86 -6.86
C MET B 217 -69.95 -21.22 -6.89
N ASN B 218 -69.19 -22.29 -7.12
CA ASN B 218 -69.74 -23.63 -7.18
C ASN B 218 -69.21 -24.56 -6.10
N GLY B 219 -67.97 -24.39 -5.66
CA GLY B 219 -67.40 -25.32 -4.69
C GLY B 219 -66.50 -24.73 -3.62
N CYS B 220 -66.74 -23.49 -3.21
CA CYS B 220 -65.93 -22.84 -2.19
C CYS B 220 -66.77 -22.49 -0.98
N THR B 221 -66.28 -22.84 0.21
CA THR B 221 -66.91 -22.50 1.47
C THR B 221 -66.04 -21.60 2.34
N LYS B 222 -65.00 -20.99 1.76
CA LYS B 222 -64.06 -20.18 2.51
C LYS B 222 -63.87 -18.84 1.83
N ALA B 223 -63.37 -17.86 2.60
CA ALA B 223 -63.05 -16.55 2.04
C ALA B 223 -61.90 -16.62 1.06
N LYS B 224 -60.96 -17.53 1.29
CA LYS B 224 -59.83 -17.71 0.39
C LYS B 224 -60.26 -18.49 -0.85
N GLN B 225 -59.29 -18.82 -1.71
CA GLN B 225 -59.39 -19.55 -2.97
C GLN B 225 -60.12 -18.77 -4.06
N CYS B 226 -60.73 -17.63 -3.74
CA CYS B 226 -61.46 -16.79 -4.71
C CYS B 226 -60.96 -15.37 -4.53
N ILE B 227 -60.69 -14.68 -5.65
CA ILE B 227 -60.26 -13.28 -5.61
C ILE B 227 -61.14 -12.47 -6.54
N ALA B 228 -61.09 -11.15 -6.37
CA ALA B 228 -61.81 -10.23 -7.23
C ALA B 228 -61.02 -8.92 -7.30
N TYR B 229 -60.81 -8.44 -8.53
CA TYR B 229 -60.07 -7.21 -8.73
C TYR B 229 -60.67 -6.42 -9.88
N LYS B 230 -60.39 -5.12 -9.89
CA LYS B 230 -60.93 -4.23 -10.92
C LYS B 230 -60.26 -4.49 -12.26
N ARG B 231 -60.97 -4.11 -13.33
CA ARG B 231 -60.49 -4.29 -14.69
C ARG B 231 -60.17 -2.99 -15.40
N ASP B 232 -61.03 -1.98 -15.29
CA ASP B 232 -60.82 -0.69 -15.94
C ASP B 232 -59.78 0.09 -15.15
N GLN B 233 -58.52 -0.22 -15.39
CA GLN B 233 -57.38 0.38 -14.70
C GLN B 233 -56.37 0.92 -15.70
N THR B 234 -56.87 1.68 -16.68
CA THR B 234 -56.01 2.25 -17.73
C THR B 234 -55.34 3.52 -17.21
N LYS B 235 -54.43 3.32 -16.27
CA LYS B 235 -53.56 4.39 -15.75
C LYS B 235 -52.16 3.81 -15.59
N TRP B 236 -51.20 4.40 -16.30
CA TRP B 236 -49.83 3.88 -16.28
C TRP B 236 -49.20 4.06 -14.90
N VAL B 237 -48.21 3.22 -14.60
CA VAL B 237 -47.56 3.20 -13.30
C VAL B 237 -46.10 2.81 -13.48
N PHE B 238 -45.25 3.36 -12.61
CA PHE B 238 -43.82 3.05 -12.62
C PHE B 238 -43.59 1.58 -12.27
N ASN B 239 -42.52 1.00 -12.86
CA ASN B 239 -42.19 -0.41 -12.68
C ASN B 239 -41.44 -0.59 -11.36
N SER B 240 -42.16 -0.36 -10.27
CA SER B 240 -41.60 -0.57 -8.96
C SER B 240 -41.46 -2.08 -8.69
N PRO B 241 -40.56 -2.49 -7.79
CA PRO B 241 -40.50 -3.91 -7.40
C PRO B 241 -41.55 -4.27 -6.37
N ASP B 242 -42.59 -3.44 -6.28
CA ASP B 242 -43.53 -3.44 -5.17
C ASP B 242 -44.95 -3.60 -5.70
N LEU B 243 -45.11 -4.06 -6.93
CA LEU B 243 -46.40 -4.23 -7.57
C LEU B 243 -46.37 -5.47 -8.42
N ILE B 244 -47.51 -6.16 -8.53
CA ILE B 244 -47.61 -7.28 -9.46
C ILE B 244 -47.73 -6.74 -10.87
N ARG B 245 -46.86 -7.20 -11.76
CA ARG B 245 -46.87 -6.73 -13.13
C ARG B 245 -48.07 -7.28 -13.89
N HIS B 246 -48.53 -6.52 -14.88
CA HIS B 246 -49.56 -7.02 -15.78
C HIS B 246 -48.95 -8.07 -16.70
N THR B 247 -49.82 -8.86 -17.33
CA THR B 247 -49.37 -9.88 -18.26
C THR B 247 -48.72 -9.29 -19.51
N ASP B 248 -48.98 -8.01 -19.80
CA ASP B 248 -48.31 -7.27 -20.86
C ASP B 248 -47.42 -6.24 -20.18
N HIS B 249 -46.12 -6.53 -20.08
CA HIS B 249 -45.17 -5.66 -19.42
C HIS B 249 -44.26 -4.96 -20.42
N SER B 250 -44.79 -4.60 -21.58
CA SER B 250 -44.07 -3.75 -22.50
C SER B 250 -44.12 -2.30 -22.01
N VAL B 251 -43.10 -1.52 -22.39
CA VAL B 251 -42.96 -0.16 -21.88
C VAL B 251 -44.05 0.72 -22.49
N GLN B 252 -45.07 1.03 -21.70
CA GLN B 252 -46.18 1.83 -22.20
C GLN B 252 -45.82 3.31 -22.28
N GLY B 253 -44.99 3.80 -21.36
CA GLY B 253 -44.64 5.21 -21.41
C GLY B 253 -43.29 5.46 -20.79
N LYS B 254 -42.81 6.70 -20.98
CA LYS B 254 -41.59 7.17 -20.35
C LYS B 254 -41.82 8.56 -19.79
N LEU B 255 -41.32 8.82 -18.58
CA LEU B 255 -41.30 10.17 -18.06
C LEU B 255 -39.88 10.68 -17.93
N HIS B 256 -39.76 12.00 -18.03
CA HIS B 256 -38.48 12.67 -17.83
C HIS B 256 -38.06 12.56 -16.36
N ILE B 257 -36.76 12.42 -16.14
CA ILE B 257 -36.18 12.56 -14.81
C ILE B 257 -35.69 14.01 -14.66
N PRO B 258 -36.37 14.85 -13.89
CA PRO B 258 -36.02 16.27 -13.87
C PRO B 258 -34.75 16.57 -13.12
N PHE B 259 -34.40 17.85 -13.03
CA PHE B 259 -33.22 18.35 -12.30
C PHE B 259 -31.94 17.73 -12.86
N ARG B 260 -31.68 18.05 -14.13
CA ARG B 260 -30.48 17.58 -14.80
C ARG B 260 -29.22 18.15 -14.13
N LEU B 261 -28.23 17.29 -13.93
CA LEU B 261 -26.97 17.67 -13.32
C LEU B 261 -26.16 18.41 -14.37
N THR B 262 -26.22 19.78 -14.32
CA THR B 262 -25.66 20.74 -15.28
C THR B 262 -24.36 21.34 -14.75
N PRO B 263 -23.44 21.70 -15.64
CA PRO B 263 -22.24 22.43 -15.20
C PRO B 263 -22.55 23.86 -14.82
N THR B 264 -21.76 24.38 -13.89
CA THR B 264 -21.87 25.76 -13.42
C THR B 264 -20.55 26.14 -12.79
N VAL B 265 -20.46 27.36 -12.25
CA VAL B 265 -19.30 27.77 -11.49
C VAL B 265 -19.69 27.90 -10.03
N CYS B 266 -18.70 27.79 -9.16
CA CYS B 266 -18.91 27.86 -7.71
C CYS B 266 -17.61 28.14 -7.00
N PRO B 267 -17.60 29.03 -6.02
CA PRO B 267 -16.33 29.48 -5.42
C PRO B 267 -15.78 28.47 -4.42
N VAL B 268 -14.46 28.43 -4.35
CA VAL B 268 -13.73 27.60 -3.39
C VAL B 268 -12.82 28.52 -2.61
N PRO B 269 -12.49 28.17 -1.36
CA PRO B 269 -11.62 29.05 -0.57
C PRO B 269 -10.21 29.08 -1.12
N LEU B 270 -9.52 30.20 -0.87
CA LEU B 270 -8.10 30.33 -1.15
C LEU B 270 -7.37 30.36 0.18
N ALA B 271 -6.48 29.39 0.40
CA ALA B 271 -5.83 29.24 1.70
C ALA B 271 -4.79 30.34 1.90
N HIS B 272 -4.32 30.44 3.14
CA HIS B 272 -3.28 31.40 3.48
C HIS B 272 -1.99 31.04 2.75
N THR B 273 -1.34 32.05 2.19
CA THR B 273 -0.15 31.82 1.38
C THR B 273 1.00 31.35 2.27
N PRO B 274 1.68 30.27 1.90
CA PRO B 274 2.72 29.71 2.77
C PRO B 274 3.91 30.64 2.91
N THR B 275 4.64 30.46 4.02
CA THR B 275 5.90 31.17 4.23
C THR B 275 7.04 30.23 3.86
N VAL B 276 7.81 30.59 2.85
CA VAL B 276 8.83 29.72 2.30
C VAL B 276 10.19 30.18 2.82
N THR B 277 10.84 29.31 3.59
CA THR B 277 12.21 29.54 4.04
C THR B 277 13.14 28.62 3.26
N LYS B 278 14.27 29.17 2.81
CA LYS B 278 15.10 28.53 1.79
C LYS B 278 16.39 28.03 2.42
N TRP B 279 16.63 26.72 2.33
CA TRP B 279 17.82 26.13 2.94
C TRP B 279 18.46 25.18 1.95
N PHE B 280 19.63 25.54 1.44
CA PHE B 280 20.46 24.74 0.54
C PHE B 280 19.66 24.11 -0.60
N LYS B 281 19.55 22.78 -0.60
CA LYS B 281 18.75 22.04 -1.58
C LYS B 281 17.36 21.73 -1.03
N GLY B 282 16.63 22.74 -0.58
CA GLY B 282 15.30 22.48 -0.04
C GLY B 282 14.62 23.73 0.44
N ILE B 283 13.32 23.59 0.68
CA ILE B 283 12.47 24.67 1.16
C ILE B 283 11.58 24.14 2.28
N THR B 284 11.40 24.96 3.31
CA THR B 284 10.44 24.69 4.38
C THR B 284 9.23 25.59 4.16
N LEU B 285 8.06 24.97 4.05
CA LEU B 285 6.81 25.68 3.88
C LEU B 285 6.12 25.75 5.24
N HIS B 286 5.92 26.97 5.74
CA HIS B 286 5.14 27.22 6.94
C HIS B 286 3.70 27.44 6.52
N LEU B 287 2.81 26.61 7.06
CA LEU B 287 1.45 26.42 6.56
C LEU B 287 0.46 26.71 7.67
N THR B 288 -0.54 27.54 7.37
CA THR B 288 -1.66 27.80 8.27
C THR B 288 -2.95 27.45 7.54
N ALA B 289 -3.78 26.62 8.16
CA ALA B 289 -5.04 26.21 7.54
C ALA B 289 -6.02 25.82 8.65
N THR B 290 -7.08 26.60 8.80
CA THR B 290 -8.13 26.28 9.76
C THR B 290 -8.80 24.96 9.40
N ARG B 291 -9.09 24.76 8.12
CA ARG B 291 -9.68 23.55 7.60
C ARG B 291 -8.61 22.71 6.92
N PRO B 292 -8.81 21.39 6.83
CA PRO B 292 -7.86 20.54 6.10
C PRO B 292 -7.77 20.92 4.63
N THR B 293 -6.53 21.18 4.19
CA THR B 293 -6.25 21.62 2.84
C THR B 293 -5.19 20.72 2.22
N LEU B 294 -5.26 20.52 0.92
CA LEU B 294 -4.37 19.57 0.25
C LEU B 294 -3.09 20.25 -0.21
N LEU B 295 -1.95 19.69 0.16
CA LEU B 295 -0.65 20.11 -0.32
C LEU B 295 -0.07 18.99 -1.15
N THR B 296 0.32 19.30 -2.40
CA THR B 296 0.92 18.31 -3.28
C THR B 296 2.19 18.87 -3.91
N THR B 297 3.29 18.13 -3.76
CA THR B 297 4.58 18.54 -4.28
C THR B 297 5.09 17.50 -5.27
N ARG B 298 5.83 17.94 -6.28
CA ARG B 298 6.44 17.02 -7.21
C ARG B 298 7.78 17.59 -7.67
N LYS B 299 8.66 16.70 -8.10
CA LYS B 299 9.98 17.08 -8.61
C LYS B 299 9.91 17.21 -10.12
N LEU B 300 10.63 18.19 -10.65
CA LEU B 300 10.49 18.60 -12.05
C LEU B 300 11.49 17.86 -12.94
N GLY B 301 11.46 16.54 -12.86
CA GLY B 301 12.43 15.73 -13.59
C GLY B 301 12.01 14.31 -13.94
N LEU B 302 12.99 13.41 -14.01
CA LEU B 302 12.73 12.03 -14.43
C LEU B 302 11.90 11.28 -13.39
N ARG B 303 12.26 11.39 -12.12
CA ARG B 303 11.53 10.76 -11.03
C ARG B 303 10.79 11.83 -10.25
N ALA B 304 9.48 11.92 -10.45
CA ALA B 304 8.65 12.90 -9.77
C ALA B 304 8.13 12.29 -8.48
N ASP B 305 8.89 12.47 -7.40
CA ASP B 305 8.49 11.97 -6.09
C ASP B 305 7.41 12.90 -5.53
N ALA B 306 6.20 12.71 -6.02
CA ALA B 306 5.08 13.57 -5.65
C ALA B 306 4.47 13.11 -4.34
N THR B 307 4.36 14.04 -3.39
CA THR B 307 3.78 13.78 -2.08
C THR B 307 2.48 14.55 -1.95
N ALA B 308 1.45 13.88 -1.46
CA ALA B 308 0.14 14.47 -1.25
C ALA B 308 -0.22 14.35 0.23
N GLU B 309 -0.70 15.42 0.83
CA GLU B 309 -1.05 15.37 2.23
C GLU B 309 -2.15 16.38 2.54
N TRP B 310 -3.18 15.93 3.24
CA TRP B 310 -4.19 16.82 3.79
C TRP B 310 -3.69 17.35 5.13
N ILE B 311 -3.60 18.68 5.25
CA ILE B 311 -2.94 19.34 6.37
C ILE B 311 -3.94 20.29 7.01
N THR B 312 -4.12 20.16 8.32
CA THR B 312 -4.92 21.09 9.12
C THR B 312 -4.07 21.56 10.30
N GLY B 313 -4.34 22.77 10.75
CA GLY B 313 -3.57 23.39 11.81
C GLY B 313 -2.52 24.33 11.27
N THR B 314 -1.47 24.52 12.07
CA THR B 314 -0.36 25.40 11.73
C THR B 314 0.93 24.60 11.88
N THR B 315 1.51 24.21 10.75
CA THR B 315 2.66 23.31 10.75
C THR B 315 3.74 23.83 9.81
N SER B 316 4.79 23.04 9.65
CA SER B 316 5.87 23.32 8.71
C SER B 316 6.30 22.01 8.07
N ARG B 317 6.47 22.03 6.75
CA ARG B 317 6.82 20.84 5.98
C ARG B 317 8.09 21.11 5.19
N ASN B 318 9.04 20.17 5.26
CA ASN B 318 10.31 20.27 4.57
C ASN B 318 10.26 19.49 3.27
N PHE B 319 10.79 20.09 2.20
CA PHE B 319 10.84 19.44 0.90
C PHE B 319 12.21 19.68 0.28
N SER B 320 12.69 18.67 -0.44
CA SER B 320 14.03 18.70 -1.04
C SER B 320 13.93 19.10 -2.50
N VAL B 321 14.63 20.17 -2.86
CA VAL B 321 14.63 20.71 -4.22
C VAL B 321 16.02 20.51 -4.80
N GLY B 322 16.08 20.09 -6.06
CA GLY B 322 17.32 19.94 -6.77
C GLY B 322 17.46 20.90 -7.94
N ARG B 323 18.45 20.63 -8.79
CA ARG B 323 18.63 21.40 -10.01
C ARG B 323 17.44 21.22 -10.95
N GLU B 324 16.78 20.07 -10.89
CA GLU B 324 15.58 19.84 -11.69
C GLU B 324 14.44 20.76 -11.27
N GLY B 325 14.26 20.97 -9.98
CA GLY B 325 13.25 21.87 -9.46
C GLY B 325 12.10 21.12 -8.82
N LEU B 326 11.28 21.89 -8.09
CA LEU B 326 10.12 21.36 -7.39
C LEU B 326 8.94 22.28 -7.64
N GLU B 327 7.78 21.68 -7.92
CA GLU B 327 6.53 22.42 -8.05
C GLU B 327 5.60 21.98 -6.94
N TYR B 328 5.11 22.94 -6.16
CA TYR B 328 4.18 22.64 -5.07
C TYR B 328 2.89 23.39 -5.28
N VAL B 329 1.78 22.74 -4.93
CA VAL B 329 0.45 23.33 -5.01
C VAL B 329 -0.16 23.25 -3.62
N TRP B 330 -0.67 24.39 -3.14
CA TRP B 330 -1.16 24.55 -1.77
C TRP B 330 -2.62 24.96 -1.84
N GLY B 331 -3.52 24.03 -1.55
CA GLY B 331 -4.94 24.33 -1.61
C GLY B 331 -5.40 24.53 -3.04
N ASN B 332 -6.11 25.62 -3.27
CA ASN B 332 -6.60 25.96 -4.60
C ASN B 332 -5.75 27.01 -5.30
N HIS B 333 -4.58 27.32 -4.74
CA HIS B 333 -3.67 28.28 -5.36
C HIS B 333 -3.05 27.70 -6.62
N GLU B 334 -2.53 28.59 -7.46
CA GLU B 334 -1.80 28.17 -8.64
C GLU B 334 -0.49 27.49 -8.25
N PRO B 335 0.01 26.57 -9.08
CA PRO B 335 1.27 25.90 -8.78
C PRO B 335 2.44 26.88 -8.68
N VAL B 336 3.33 26.64 -7.72
CA VAL B 336 4.48 27.49 -7.49
C VAL B 336 5.73 26.66 -7.76
N ARG B 337 6.61 27.19 -8.60
CA ARG B 337 7.79 26.49 -9.08
C ARG B 337 9.04 27.09 -8.46
N VAL B 338 9.92 26.24 -7.94
CA VAL B 338 11.19 26.66 -7.37
C VAL B 338 12.29 25.79 -7.94
N TRP B 339 13.51 26.34 -7.95
CA TRP B 339 14.68 25.66 -8.49
C TRP B 339 15.85 25.86 -7.53
N ALA B 340 16.61 24.78 -7.30
CA ALA B 340 17.72 24.81 -6.35
C ALA B 340 19.01 25.01 -7.12
N GLN B 341 19.48 26.25 -7.17
CA GLN B 341 20.80 26.53 -7.70
C GLN B 341 21.88 26.11 -6.71
N GLU B 342 23.02 25.69 -7.24
CA GLU B 342 24.07 25.10 -6.40
C GLU B 342 24.76 26.20 -5.60
N SER B 343 24.56 26.17 -4.28
CA SER B 343 25.01 27.21 -3.37
C SER B 343 25.65 26.61 -2.12
N ALA B 344 26.55 25.64 -2.33
CA ALA B 344 27.14 24.92 -1.21
C ALA B 344 27.97 25.85 -0.32
N PRO B 345 27.91 25.67 1.00
CA PRO B 345 28.63 26.57 1.91
C PRO B 345 30.13 26.35 1.88
N GLY B 346 30.77 26.86 0.83
CA GLY B 346 32.22 26.75 0.68
C GLY B 346 32.66 27.60 -0.48
N ASP B 347 33.98 27.68 -0.63
CA ASP B 347 34.59 28.51 -1.66
C ASP B 347 35.34 27.59 -2.61
N PRO B 348 35.01 27.58 -3.91
CA PRO B 348 35.76 26.75 -4.87
C PRO B 348 37.17 27.26 -5.15
N HIS B 349 37.57 28.38 -4.57
CA HIS B 349 38.91 28.91 -4.69
C HIS B 349 39.52 29.09 -3.30
N GLY B 350 40.83 29.31 -3.26
CA GLY B 350 41.52 29.56 -2.01
C GLY B 350 42.28 28.33 -1.54
N TRP B 351 41.99 27.89 -0.31
CA TRP B 351 42.74 26.81 0.32
C TRP B 351 41.93 25.51 0.29
N PRO B 352 42.62 24.37 0.10
CA PRO B 352 41.93 23.13 -0.30
C PRO B 352 40.82 22.64 0.61
N HIS B 353 40.82 23.01 1.90
CA HIS B 353 39.73 22.58 2.79
C HIS B 353 38.40 23.19 2.37
N GLU B 354 38.41 24.45 1.95
CA GLU B 354 37.18 25.11 1.49
C GLU B 354 36.64 24.44 0.23
N ILE B 355 37.53 24.13 -0.72
CA ILE B 355 37.13 23.40 -1.93
C ILE B 355 36.59 22.02 -1.59
N ILE B 356 37.24 21.33 -0.65
CA ILE B 356 36.82 19.97 -0.28
C ILE B 356 35.42 19.99 0.33
N ILE B 357 35.17 20.92 1.26
CA ILE B 357 33.85 20.96 1.89
C ILE B 357 32.79 21.46 0.91
N HIS B 358 33.15 22.39 0.01
CA HIS B 358 32.19 22.89 -0.97
C HIS B 358 31.75 21.78 -1.92
N TYR B 359 32.71 21.06 -2.50
CA TYR B 359 32.34 19.98 -3.41
C TYR B 359 31.78 18.77 -2.69
N TYR B 360 32.07 18.60 -1.41
CA TYR B 360 31.42 17.53 -0.65
C TYR B 360 29.95 17.86 -0.41
N HIS B 361 29.64 19.13 -0.16
CA HIS B 361 28.24 19.51 -0.04
C HIS B 361 27.53 19.54 -1.39
N ARG B 362 28.27 19.77 -2.49
CA ARG B 362 27.67 19.70 -3.81
C ARG B 362 27.35 18.25 -4.18
N HIS B 363 28.37 17.41 -4.28
CA HIS B 363 28.21 15.99 -4.58
C HIS B 363 29.03 15.20 -3.58
N PRO B 364 28.40 14.52 -2.60
CA PRO B 364 29.16 13.83 -1.55
C PRO B 364 29.96 12.63 -2.06
N VAL B 365 29.29 11.74 -2.80
CA VAL B 365 29.93 10.49 -3.20
C VAL B 365 31.04 10.74 -4.21
N TYR B 366 30.86 11.70 -5.12
CA TYR B 366 31.91 12.00 -6.10
C TYR B 366 33.13 12.60 -5.43
N THR B 367 32.91 13.52 -4.48
CA THR B 367 34.02 14.13 -3.76
C THR B 367 34.76 13.12 -2.89
N VAL B 368 34.02 12.24 -2.21
CA VAL B 368 34.70 11.27 -1.37
C VAL B 368 35.44 10.23 -2.21
N ILE B 369 34.92 9.88 -3.40
CA ILE B 369 35.65 8.89 -4.20
C ILE B 369 36.87 9.54 -4.88
N VAL B 370 36.80 10.82 -5.26
CA VAL B 370 37.99 11.44 -5.84
C VAL B 370 39.04 11.71 -4.76
N LEU B 371 38.61 12.01 -3.53
CA LEU B 371 39.57 12.18 -2.44
C LEU B 371 40.23 10.84 -2.07
N CYS B 372 39.44 9.76 -2.06
CA CYS B 372 40.02 8.44 -1.86
C CYS B 372 40.97 8.07 -2.99
N GLY B 373 40.64 8.50 -4.22
CA GLY B 373 41.55 8.28 -5.33
C GLY B 373 42.86 9.03 -5.18
N VAL B 374 42.80 10.28 -4.70
CA VAL B 374 44.02 11.05 -4.44
C VAL B 374 44.86 10.37 -3.36
N ALA B 375 44.22 9.94 -2.27
CA ALA B 375 44.96 9.31 -1.18
C ALA B 375 45.58 7.99 -1.62
N LEU B 376 44.82 7.16 -2.35
CA LEU B 376 45.35 5.90 -2.85
C LEU B 376 46.46 6.12 -3.86
N ALA B 377 46.32 7.13 -4.73
CA ALA B 377 47.34 7.41 -5.72
C ALA B 377 48.65 7.86 -5.08
N ILE B 378 48.57 8.76 -4.09
CA ILE B 378 49.81 9.23 -3.47
C ILE B 378 50.43 8.12 -2.61
N LEU B 379 49.59 7.27 -1.99
CA LEU B 379 50.13 6.16 -1.20
C LEU B 379 50.84 5.14 -2.09
N VAL B 380 50.21 4.75 -3.20
CA VAL B 380 50.83 3.79 -4.11
C VAL B 380 52.08 4.38 -4.74
N GLY B 381 52.05 5.67 -5.11
CA GLY B 381 53.23 6.30 -5.68
C GLY B 381 54.39 6.36 -4.71
N THR B 382 54.12 6.75 -3.45
CA THR B 382 55.18 6.82 -2.46
C THR B 382 55.72 5.43 -2.13
N ALA B 383 54.84 4.44 -2.01
CA ALA B 383 55.29 3.08 -1.70
C ALA B 383 56.11 2.49 -2.83
N SER B 384 55.66 2.67 -4.09
CA SER B 384 56.41 2.18 -5.23
C SER B 384 57.76 2.87 -5.36
N SER B 385 57.80 4.19 -5.14
CA SER B 385 59.06 4.91 -5.18
C SER B 385 60.01 4.46 -4.08
N ALA B 386 59.51 4.28 -2.86
CA ALA B 386 60.37 3.83 -1.77
C ALA B 386 60.92 2.44 -2.06
N ALA B 387 60.07 1.54 -2.57
CA ALA B 387 60.51 0.19 -2.89
C ALA B 387 61.55 0.18 -4.01
N CYS B 388 61.33 0.97 -5.07
CA CYS B 388 62.25 0.90 -6.20
C CYS B 388 63.56 1.60 -5.89
N ILE B 389 63.52 2.72 -5.16
CA ILE B 389 64.76 3.37 -4.76
C ILE B 389 65.53 2.52 -3.76
N ALA B 390 64.82 1.80 -2.87
CA ALA B 390 65.50 0.86 -1.99
C ALA B 390 66.15 -0.27 -2.77
N LYS B 391 65.46 -0.80 -3.78
CA LYS B 391 66.04 -1.85 -4.61
C LYS B 391 67.25 -1.35 -5.40
N ALA B 392 67.17 -0.12 -5.92
CA ALA B 392 68.30 0.46 -6.65
C ALA B 392 69.49 0.71 -5.72
N ARG B 393 69.23 1.18 -4.50
CA ARG B 393 70.30 1.39 -3.54
C ARG B 393 70.94 0.06 -3.13
N ARG B 394 70.14 -0.98 -2.97
CA ARG B 394 70.69 -2.30 -2.67
C ARG B 394 71.52 -2.83 -3.83
N ASP B 395 71.04 -2.66 -5.06
CA ASP B 395 71.76 -3.14 -6.24
C ASP B 395 73.01 -2.31 -6.53
N CYS B 396 73.08 -1.08 -6.01
CA CYS B 396 74.29 -0.29 -6.13
C CYS B 396 75.27 -0.53 -4.98
N LEU B 397 74.78 -0.91 -3.81
CA LEU B 397 75.62 -1.17 -2.65
C LEU B 397 76.19 -2.58 -2.65
N THR B 398 75.49 -3.54 -3.26
CA THR B 398 75.96 -4.92 -3.29
C THR B 398 77.30 -5.10 -4.00
N PRO B 399 77.62 -4.41 -5.12
CA PRO B 399 79.02 -4.43 -5.59
C PRO B 399 80.03 -3.98 -4.55
N TYR B 400 79.69 -2.98 -3.73
CA TYR B 400 80.59 -2.51 -2.69
C TYR B 400 80.37 -3.21 -1.35
N ALA B 401 79.45 -4.17 -1.28
CA ALA B 401 79.17 -4.86 -0.02
C ALA B 401 80.04 -6.10 0.17
N LEU B 402 80.44 -6.75 -0.91
CA LEU B 402 81.23 -7.98 -0.84
C LEU B 402 82.74 -7.71 -0.84
N ALA B 403 83.15 -6.45 -0.84
CA ALA B 403 84.57 -6.11 -0.82
C ALA B 403 84.90 -5.18 0.34
N MET C 6 98.53 -29.08 0.82
CA MET C 6 98.84 -27.66 0.75
C MET C 6 97.54 -26.89 1.00
N CYS C 7 96.64 -26.95 0.02
CA CYS C 7 95.34 -26.32 0.16
C CYS C 7 94.49 -27.01 1.23
N MET C 8 94.77 -28.30 1.50
CA MET C 8 94.06 -29.01 2.56
C MET C 8 94.33 -28.40 3.92
N LYS C 9 95.57 -27.97 4.16
CA LYS C 9 95.90 -27.28 5.40
C LYS C 9 95.20 -25.93 5.48
N LEU C 10 95.11 -25.22 4.35
CA LEU C 10 94.55 -23.88 4.37
C LEU C 10 93.04 -23.89 4.53
N GLU C 11 92.35 -24.88 3.96
CA GLU C 11 90.89 -24.94 4.04
C GLU C 11 90.39 -25.82 5.18
N SER C 12 91.28 -26.27 6.06
CA SER C 12 90.88 -27.12 7.18
C SER C 12 90.05 -26.31 8.18
N ASP C 13 88.81 -26.77 8.42
CA ASP C 13 87.84 -26.12 9.31
C ASP C 13 87.56 -24.68 8.87
N LYS C 14 87.54 -24.46 7.56
CA LYS C 14 87.17 -23.17 6.96
C LYS C 14 85.98 -23.28 6.03
N THR C 15 85.77 -24.46 5.43
CA THR C 15 84.68 -24.69 4.47
C THR C 15 83.59 -25.50 5.18
N PHE C 16 82.66 -24.79 5.79
CA PHE C 16 81.66 -25.45 6.64
C PHE C 16 80.55 -26.04 5.79
N PRO C 17 80.17 -27.30 6.02
CA PRO C 17 79.19 -27.95 5.13
C PRO C 17 77.77 -27.41 5.23
N ILE C 18 77.28 -26.92 4.09
CA ILE C 18 75.85 -26.82 3.82
C ILE C 18 75.33 -28.22 3.56
N MET C 19 74.10 -28.50 4.01
CA MET C 19 73.65 -29.87 4.23
C MET C 19 72.18 -30.01 3.87
N LEU C 20 71.83 -31.09 3.18
CA LEU C 20 70.42 -31.48 2.96
C LEU C 20 70.28 -33.01 2.98
N ASN C 21 69.54 -33.48 3.99
CA ASN C 21 68.84 -34.78 3.96
C ASN C 21 69.77 -35.96 3.65
N GLY C 22 70.93 -35.97 4.31
CA GLY C 22 71.87 -37.05 4.13
C GLY C 22 72.89 -36.85 3.03
N GLN C 23 72.80 -35.76 2.27
CA GLN C 23 73.69 -35.51 1.15
C GLN C 23 74.39 -34.17 1.36
N VAL C 24 75.71 -34.17 1.22
CA VAL C 24 76.46 -32.92 1.22
C VAL C 24 76.49 -32.35 -0.18
N ASN C 25 75.86 -31.19 -0.36
CA ASN C 25 75.68 -30.56 -1.67
C ASN C 25 76.59 -29.34 -1.85
N GLY C 26 77.80 -29.42 -1.30
CA GLY C 26 78.72 -28.30 -1.33
C GLY C 26 79.12 -27.85 0.06
N TYR C 27 79.68 -26.64 0.10
CA TYR C 27 80.18 -26.07 1.34
C TYR C 27 79.88 -24.57 1.33
N ALA C 28 80.16 -23.91 2.45
CA ALA C 28 80.02 -22.47 2.57
C ALA C 28 81.27 -21.92 3.23
N CYS C 29 81.71 -20.75 2.78
CA CYS C 29 83.03 -20.24 3.11
C CYS C 29 82.93 -18.83 3.69
N VAL C 30 83.81 -18.53 4.63
CA VAL C 30 83.85 -17.23 5.28
C VAL C 30 85.06 -16.45 4.77
N VAL C 31 84.81 -15.24 4.28
CA VAL C 31 85.86 -14.33 3.83
C VAL C 31 85.56 -12.94 4.35
N GLY C 32 86.62 -12.23 4.78
CA GLY C 32 86.50 -10.84 5.19
C GLY C 32 85.64 -10.59 6.40
N GLY C 33 85.43 -11.59 7.26
CA GLY C 33 84.59 -11.42 8.42
C GLY C 33 83.11 -11.57 8.16
N ARG C 34 82.72 -12.09 7.00
CA ARG C 34 81.31 -12.31 6.69
C ARG C 34 81.16 -13.63 5.96
N LEU C 35 79.96 -14.20 6.05
CA LEU C 35 79.69 -15.58 5.66
C LEU C 35 79.08 -15.62 4.27
N MET C 36 79.67 -16.40 3.37
CA MET C 36 79.02 -16.71 2.10
C MET C 36 78.05 -17.86 2.25
N LYS C 37 77.01 -17.83 1.43
CA LYS C 37 76.01 -18.89 1.35
C LYS C 37 75.31 -18.80 0.00
N PRO C 38 75.29 -19.87 -0.78
CA PRO C 38 74.74 -19.77 -2.14
C PRO C 38 73.21 -19.65 -2.13
N LEU C 39 72.70 -19.03 -3.19
CA LEU C 39 71.26 -18.89 -3.38
C LEU C 39 70.68 -19.97 -4.28
N HIS C 40 71.42 -20.42 -5.28
CA HIS C 40 70.95 -21.51 -6.13
C HIS C 40 70.90 -22.84 -5.39
N VAL C 41 71.66 -22.99 -4.31
CA VAL C 41 71.64 -24.18 -3.48
C VAL C 41 71.81 -23.75 -2.03
N GLU C 42 70.95 -24.28 -1.15
CA GLU C 42 70.93 -23.84 0.24
C GLU C 42 70.36 -24.96 1.10
N GLY C 43 70.27 -24.68 2.40
CA GLY C 43 69.77 -25.67 3.34
C GLY C 43 70.18 -25.39 4.77
N LYS C 44 70.74 -26.40 5.44
CA LYS C 44 71.17 -26.29 6.83
C LYS C 44 72.69 -26.18 6.89
N ILE C 45 73.18 -25.12 7.51
CA ILE C 45 74.59 -24.96 7.82
C ILE C 45 74.89 -25.68 9.13
N ASP C 46 75.83 -26.63 9.10
CA ASP C 46 76.22 -27.31 10.31
C ASP C 46 77.17 -26.42 11.13
N ASN C 47 77.57 -26.93 12.30
CA ASN C 47 78.25 -26.13 13.33
C ASN C 47 77.43 -24.87 13.63
N GLU C 48 76.25 -25.13 14.20
CA GLU C 48 75.15 -24.16 14.32
C GLU C 48 75.52 -22.88 15.06
N GLN C 49 76.71 -22.81 15.66
CA GLN C 49 77.16 -21.56 16.27
C GLN C 49 77.36 -20.44 15.26
N LEU C 50 77.55 -20.76 13.98
CA LEU C 50 77.59 -19.75 12.92
C LEU C 50 76.43 -19.87 11.95
N ALA C 51 75.43 -20.71 12.27
CA ALA C 51 74.27 -20.89 11.40
C ALA C 51 73.06 -20.09 11.83
N ALA C 52 72.97 -19.69 13.10
CA ALA C 52 71.81 -18.98 13.59
C ALA C 52 71.72 -17.54 13.08
N VAL C 53 72.80 -17.00 12.52
CA VAL C 53 72.77 -15.64 11.98
C VAL C 53 71.92 -15.60 10.71
N LYS C 54 71.33 -14.45 10.46
CA LYS C 54 70.50 -14.23 9.28
C LYS C 54 71.40 -13.75 8.14
N LEU C 55 71.29 -14.41 7.00
CA LEU C 55 72.15 -14.13 5.85
C LEU C 55 71.32 -13.37 4.81
N LYS C 56 71.57 -12.07 4.67
CA LYS C 56 70.80 -11.30 3.69
C LYS C 56 71.27 -11.64 2.28
N LYS C 57 70.30 -11.77 1.38
CA LYS C 57 70.55 -12.36 0.08
C LYS C 57 71.09 -11.34 -0.91
N ALA C 58 71.64 -11.84 -2.01
CA ALA C 58 72.14 -11.01 -3.11
C ALA C 58 72.02 -11.85 -4.38
N SER C 59 70.96 -11.61 -5.15
CA SER C 59 70.71 -12.37 -6.37
C SER C 59 71.56 -11.91 -7.55
N MET C 60 72.08 -10.68 -7.51
CA MET C 60 72.94 -10.20 -8.57
C MET C 60 74.27 -10.95 -8.63
N TYR C 61 74.71 -11.53 -7.52
CA TYR C 61 75.91 -12.34 -7.48
C TYR C 61 75.62 -13.77 -7.03
N ASP C 62 74.37 -14.08 -6.70
CA ASP C 62 73.89 -15.40 -6.29
C ASP C 62 74.68 -15.86 -5.05
N LEU C 63 74.49 -15.09 -3.98
CA LEU C 63 75.15 -15.35 -2.71
C LEU C 63 74.25 -14.85 -1.57
N GLU C 64 74.69 -15.11 -0.35
CA GLU C 64 74.09 -14.55 0.86
C GLU C 64 75.22 -14.15 1.79
N TYR C 65 75.08 -12.99 2.44
CA TYR C 65 76.14 -12.51 3.32
C TYR C 65 75.57 -12.00 4.63
N GLY C 66 76.38 -12.11 5.68
CA GLY C 66 75.99 -11.75 7.03
C GLY C 66 77.17 -11.27 7.87
N ASP C 67 77.29 -11.77 9.09
CA ASP C 67 78.38 -11.41 10.00
C ASP C 67 78.78 -12.61 10.82
N VAL C 68 80.00 -12.57 11.34
CA VAL C 68 80.52 -13.66 12.18
C VAL C 68 80.05 -13.44 13.62
N PRO C 69 79.44 -14.45 14.25
CA PRO C 69 78.93 -14.26 15.62
C PRO C 69 79.88 -14.71 16.73
N GLN C 70 80.88 -15.52 16.39
CA GLN C 70 81.65 -16.21 17.42
C GLN C 70 82.66 -15.31 18.12
N ASN C 71 83.29 -14.39 17.40
CA ASN C 71 84.27 -13.44 17.94
C ASN C 71 84.49 -12.38 16.88
N MET C 72 85.56 -11.58 17.05
CA MET C 72 85.84 -10.54 16.08
C MET C 72 86.41 -11.11 14.78
N LYS C 73 87.30 -12.11 14.85
CA LYS C 73 87.96 -12.59 13.64
C LYS C 73 87.71 -14.08 13.33
N SER C 74 88.03 -15.00 14.24
CA SER C 74 88.18 -16.44 14.00
C SER C 74 88.64 -16.80 12.59
N ASP C 75 87.71 -17.37 11.82
CA ASP C 75 88.00 -17.86 10.47
C ASP C 75 87.79 -16.75 9.44
N THR C 76 88.82 -16.46 8.66
CA THR C 76 88.71 -15.48 7.59
C THR C 76 89.75 -15.79 6.51
N LEU C 77 89.49 -15.28 5.32
CA LEU C 77 90.38 -15.42 4.18
C LEU C 77 90.54 -14.06 3.51
N GLN C 78 91.77 -13.58 3.41
CA GLN C 78 92.04 -12.34 2.69
C GLN C 78 91.84 -12.53 1.20
N TYR C 79 91.43 -11.46 0.53
CA TYR C 79 91.25 -11.47 -0.91
C TYR C 79 92.57 -11.17 -1.60
N THR C 80 92.56 -11.17 -2.93
CA THR C 80 93.65 -10.65 -3.75
C THR C 80 93.06 -9.65 -4.73
N SER C 81 93.60 -8.43 -4.73
CA SER C 81 93.08 -7.40 -5.62
C SER C 81 93.43 -7.67 -7.08
N ASP C 82 94.55 -8.35 -7.32
CA ASP C 82 95.00 -8.66 -8.67
C ASP C 82 94.85 -10.15 -8.96
N LYS C 83 94.82 -10.49 -10.25
CA LYS C 83 94.67 -11.88 -10.69
C LYS C 83 95.73 -12.20 -11.73
N PRO C 84 96.92 -12.61 -11.29
CA PRO C 84 97.94 -13.10 -12.23
C PRO C 84 97.49 -14.41 -12.87
N PRO C 85 98.11 -14.82 -13.99
CA PRO C 85 97.84 -16.17 -14.50
C PRO C 85 98.30 -17.27 -13.55
N GLY C 86 99.58 -17.23 -13.17
CA GLY C 86 100.08 -17.87 -11.96
C GLY C 86 99.77 -19.34 -11.80
N PHE C 87 99.37 -19.71 -10.58
CA PHE C 87 99.07 -21.09 -10.22
C PHE C 87 98.20 -21.07 -8.98
N TYR C 88 96.98 -21.60 -9.08
CA TYR C 88 95.99 -21.50 -8.02
C TYR C 88 95.52 -22.89 -7.61
N ASN C 89 95.80 -23.26 -6.37
CA ASN C 89 95.37 -24.55 -5.84
C ASN C 89 93.91 -24.49 -5.40
N TRP C 90 93.30 -25.66 -5.31
CA TRP C 90 91.90 -25.81 -4.93
C TRP C 90 91.74 -27.26 -4.50
N HIS C 91 90.57 -27.59 -3.95
CA HIS C 91 90.39 -28.85 -3.22
C HIS C 91 90.61 -30.07 -4.11
N HIS C 92 90.08 -30.06 -5.33
CA HIS C 92 90.22 -31.18 -6.25
C HIS C 92 91.22 -30.91 -7.37
N GLY C 93 92.30 -30.19 -7.05
CA GLY C 93 93.34 -29.93 -8.02
C GLY C 93 93.57 -28.45 -8.19
N ALA C 94 94.35 -28.10 -9.20
CA ALA C 94 94.75 -26.72 -9.46
C ALA C 94 93.94 -26.15 -10.62
N VAL C 95 93.56 -24.88 -10.49
CA VAL C 95 92.84 -24.17 -11.53
C VAL C 95 93.75 -23.07 -12.07
N GLN C 96 93.48 -22.66 -13.31
CA GLN C 96 94.36 -21.75 -14.04
C GLN C 96 93.59 -20.58 -14.63
N TYR C 97 94.32 -19.51 -14.89
CA TYR C 97 93.81 -18.29 -15.52
C TYR C 97 94.26 -18.28 -16.97
N GLU C 98 93.33 -18.53 -17.88
CA GLU C 98 93.63 -18.56 -19.32
C GLU C 98 93.35 -17.20 -19.96
N ASN C 99 94.01 -16.18 -19.40
CA ASN C 99 93.95 -14.79 -19.90
C ASN C 99 92.51 -14.27 -19.95
N GLY C 100 91.74 -14.56 -18.91
CA GLY C 100 90.35 -14.13 -18.86
C GLY C 100 89.38 -15.28 -18.79
N ARG C 101 89.87 -16.49 -19.03
CA ARG C 101 89.05 -17.69 -18.98
C ARG C 101 89.56 -18.60 -17.86
N PHE C 102 88.62 -19.29 -17.21
CA PHE C 102 88.93 -20.15 -16.07
C PHE C 102 88.78 -21.60 -16.51
N THR C 103 89.89 -22.32 -16.55
CA THR C 103 89.90 -23.72 -16.94
C THR C 103 90.27 -24.61 -15.76
N VAL C 104 89.52 -25.70 -15.61
CA VAL C 104 89.74 -26.67 -14.55
C VAL C 104 89.69 -28.04 -15.22
N PRO C 105 90.45 -29.04 -14.74
CA PRO C 105 90.41 -30.37 -15.37
C PRO C 105 89.02 -30.99 -15.41
N ARG C 106 88.80 -31.81 -16.45
CA ARG C 106 87.46 -32.30 -16.77
C ARG C 106 86.96 -33.29 -15.74
N GLY C 107 87.84 -34.14 -15.20
CA GLY C 107 87.43 -35.20 -14.31
C GLY C 107 86.91 -34.74 -12.96
N VAL C 108 87.27 -33.52 -12.55
CA VAL C 108 86.85 -32.98 -11.27
C VAL C 108 85.76 -31.94 -11.49
N GLY C 109 84.82 -31.88 -10.56
CA GLY C 109 83.67 -31.01 -10.67
C GLY C 109 82.40 -31.78 -10.40
N GLY C 110 81.27 -31.20 -10.77
CA GLY C 110 79.99 -31.84 -10.61
C GLY C 110 79.22 -31.32 -9.43
N LYS C 111 78.11 -32.00 -9.14
CA LYS C 111 77.24 -31.61 -8.04
C LYS C 111 77.96 -31.78 -6.71
N GLY C 112 77.69 -30.86 -5.79
CA GLY C 112 78.40 -30.82 -4.53
C GLY C 112 79.71 -30.05 -4.56
N ASP C 113 80.03 -29.40 -5.68
CA ASP C 113 81.22 -28.58 -5.80
C ASP C 113 80.89 -27.09 -5.92
N SER C 114 79.77 -26.67 -5.32
CA SER C 114 79.32 -25.30 -5.37
C SER C 114 79.64 -24.60 -4.05
N GLY C 115 79.95 -23.31 -4.15
CA GLY C 115 80.34 -22.53 -2.99
C GLY C 115 81.67 -22.93 -2.41
N ARG C 116 82.71 -22.96 -3.24
CA ARG C 116 84.03 -23.37 -2.79
C ARG C 116 85.06 -22.30 -3.16
N PRO C 117 86.15 -22.20 -2.41
CA PRO C 117 87.16 -21.18 -2.74
C PRO C 117 88.28 -21.72 -3.62
N ILE C 118 89.02 -20.81 -4.24
CA ILE C 118 90.30 -21.12 -4.87
C ILE C 118 91.32 -20.13 -4.35
N LEU C 119 92.52 -20.65 -4.09
CA LEU C 119 93.54 -19.95 -3.30
C LEU C 119 94.77 -19.70 -4.16
N ASP C 120 95.45 -18.59 -3.90
CA ASP C 120 96.66 -18.28 -4.63
C ASP C 120 97.87 -18.96 -3.98
N ASN C 121 99.06 -18.67 -4.52
CA ASN C 121 100.28 -19.22 -3.95
C ASN C 121 100.59 -18.59 -2.59
N ARG C 122 100.13 -17.37 -2.36
CA ARG C 122 100.32 -16.70 -1.07
C ARG C 122 99.37 -17.19 0.00
N GLY C 123 98.35 -17.97 -0.36
CA GLY C 123 97.40 -18.48 0.60
C GLY C 123 96.13 -17.68 0.77
N ARG C 124 95.86 -16.74 -0.13
CA ARG C 124 94.69 -15.89 -0.05
C ARG C 124 93.68 -16.27 -1.13
N VAL C 125 92.39 -16.08 -0.81
CA VAL C 125 91.34 -16.48 -1.75
C VAL C 125 91.28 -15.48 -2.91
N VAL C 126 91.05 -16.00 -4.10
CA VAL C 126 90.91 -15.14 -5.27
C VAL C 126 89.53 -15.21 -5.92
N ALA C 127 88.79 -16.32 -5.78
CA ALA C 127 87.50 -16.44 -6.45
C ALA C 127 86.68 -17.49 -5.71
N ILE C 128 85.39 -17.55 -6.06
CA ILE C 128 84.45 -18.45 -5.39
C ILE C 128 83.77 -19.32 -6.44
N VAL C 129 83.86 -20.64 -6.26
CA VAL C 129 83.41 -21.63 -7.23
C VAL C 129 81.90 -21.77 -7.15
N LEU C 130 81.24 -21.72 -8.30
CA LEU C 130 79.79 -21.92 -8.36
C LEU C 130 79.37 -23.09 -9.23
N GLY C 131 79.82 -23.16 -10.48
CA GLY C 131 79.28 -24.14 -11.41
C GLY C 131 80.23 -24.76 -12.41
N GLY C 132 79.77 -24.96 -13.64
CA GLY C 132 80.60 -25.60 -14.65
C GLY C 132 80.03 -25.67 -16.06
N ALA C 133 80.93 -25.73 -17.04
CA ALA C 133 80.60 -25.86 -18.47
C ALA C 133 81.59 -26.85 -19.05
N ASN C 134 81.73 -26.87 -20.38
CA ASN C 134 82.73 -27.75 -20.97
C ASN C 134 83.18 -27.19 -22.32
N GLU C 135 84.48 -27.28 -22.58
CA GLU C 135 85.05 -27.05 -23.90
C GLU C 135 86.18 -28.07 -24.14
N GLY C 136 85.90 -29.33 -23.83
CA GLY C 136 86.84 -30.39 -24.13
C GLY C 136 87.63 -30.91 -22.95
N THR C 137 88.97 -30.88 -23.06
CA THR C 137 89.82 -31.38 -21.99
C THR C 137 89.71 -30.50 -20.73
N ARG C 138 89.59 -29.20 -20.90
CA ARG C 138 89.35 -28.29 -19.79
C ARG C 138 87.89 -27.85 -19.78
N THR C 139 87.40 -27.55 -18.58
CA THR C 139 86.03 -27.11 -18.39
C THR C 139 86.03 -25.74 -17.72
N ALA C 140 85.00 -24.95 -18.02
CA ALA C 140 84.87 -23.59 -17.52
C ALA C 140 83.79 -23.57 -16.44
N LEU C 141 84.08 -22.92 -15.33
CA LEU C 141 83.23 -22.95 -14.15
C LEU C 141 82.60 -21.58 -13.88
N SER C 142 81.34 -21.61 -13.44
CA SER C 142 80.69 -20.40 -12.93
C SER C 142 81.41 -19.96 -11.67
N VAL C 143 81.56 -18.65 -11.50
CA VAL C 143 82.47 -18.15 -10.48
C VAL C 143 82.07 -16.74 -10.08
N VAL C 144 82.44 -16.35 -8.86
CA VAL C 144 82.35 -14.98 -8.39
C VAL C 144 83.78 -14.49 -8.15
N THR C 145 84.16 -13.40 -8.83
CA THR C 145 85.51 -12.88 -8.76
C THR C 145 85.48 -11.39 -8.42
N TRP C 146 86.65 -10.76 -8.51
CA TRP C 146 86.84 -9.35 -8.32
C TRP C 146 87.49 -8.77 -9.58
N ASN C 147 87.69 -7.46 -9.59
CA ASN C 147 88.36 -6.81 -10.72
C ASN C 147 89.54 -5.98 -10.22
N GLN C 148 90.04 -5.10 -11.09
CA GLN C 148 91.19 -4.27 -10.75
C GLN C 148 90.83 -3.25 -9.68
N LYS C 149 89.59 -2.76 -9.69
CA LYS C 149 89.11 -1.87 -8.63
C LYS C 149 88.57 -2.61 -7.42
N GLY C 150 88.52 -3.95 -7.46
CA GLY C 150 87.95 -4.70 -6.37
C GLY C 150 86.45 -4.83 -6.39
N VAL C 151 85.82 -4.61 -7.54
CA VAL C 151 84.38 -4.79 -7.67
C VAL C 151 84.12 -6.24 -8.10
N THR C 152 83.26 -6.93 -7.34
CA THR C 152 82.97 -8.32 -7.64
C THR C 152 82.16 -8.44 -8.92
N ILE C 153 82.47 -9.47 -9.71
CA ILE C 153 81.77 -9.75 -10.96
C ILE C 153 81.48 -11.25 -11.03
N LYS C 154 80.27 -11.58 -11.46
CA LYS C 154 79.83 -12.96 -11.61
C LYS C 154 80.11 -13.41 -13.04
N ASP C 155 80.93 -14.43 -13.21
CA ASP C 155 81.27 -14.95 -14.53
C ASP C 155 80.56 -16.28 -14.74
N THR C 156 79.75 -16.35 -15.79
CA THR C 156 79.04 -17.56 -16.19
C THR C 156 79.31 -17.77 -17.68
N PRO C 157 80.42 -18.45 -18.01
CA PRO C 157 80.81 -18.58 -19.42
C PRO C 157 79.93 -19.59 -20.16
N GLU C 158 79.33 -19.13 -21.26
CA GLU C 158 78.39 -19.88 -22.10
C GLU C 158 77.28 -20.47 -21.22
N GLY C 159 76.75 -21.62 -21.62
CA GLY C 159 75.72 -22.29 -20.85
C GLY C 159 76.28 -23.07 -19.68
N SER C 160 76.83 -22.36 -18.69
CA SER C 160 77.44 -23.03 -17.55
C SER C 160 76.37 -23.55 -16.60
N GLU C 161 76.56 -24.78 -16.13
CA GLU C 161 75.59 -25.43 -15.26
C GLU C 161 76.01 -25.20 -13.81
N PRO C 162 75.23 -24.48 -13.01
CA PRO C 162 75.63 -24.23 -11.62
C PRO C 162 75.51 -25.49 -10.77
N TRP C 163 76.55 -25.76 -10.00
CA TRP C 163 76.59 -26.97 -9.18
C TRP C 163 75.67 -26.85 -7.97
N PHE D 1 21.17 34.89 76.27
CA PHE D 1 21.97 33.85 75.64
C PHE D 1 21.72 33.81 74.14
N GLU D 2 22.81 33.77 73.37
CA GLU D 2 22.74 33.63 71.92
C GLU D 2 23.00 32.17 71.57
N HIS D 3 21.96 31.49 71.09
CA HIS D 3 22.03 30.08 70.72
C HIS D 3 21.96 29.97 69.21
N ALA D 4 22.94 29.27 68.62
CA ALA D 4 22.98 29.03 67.19
C ALA D 4 22.61 27.58 66.90
N THR D 5 21.74 27.39 65.91
CA THR D 5 21.27 26.06 65.53
C THR D 5 20.97 26.06 64.04
N THR D 6 20.61 24.89 63.53
CA THR D 6 20.28 24.73 62.12
C THR D 6 19.03 23.88 62.01
N VAL D 7 17.96 24.45 61.46
CA VAL D 7 16.67 23.76 61.42
C VAL D 7 16.35 23.35 59.98
N PRO D 8 15.60 22.28 59.78
CA PRO D 8 15.18 21.93 58.41
C PRO D 8 14.20 22.93 57.84
N ASN D 9 14.19 23.03 56.52
CA ASN D 9 13.35 23.98 55.80
C ASN D 9 11.92 23.44 55.65
N VAL D 10 11.71 22.17 56.00
CA VAL D 10 10.43 21.51 55.75
C VAL D 10 9.34 22.17 56.61
N PRO D 11 8.24 22.62 56.02
CA PRO D 11 7.12 23.12 56.83
C PRO D 11 6.54 22.01 57.69
N GLY D 12 6.16 22.38 58.91
CA GLY D 12 5.84 21.35 59.86
C GLY D 12 7.11 20.68 60.36
N ILE D 13 6.91 19.50 60.95
CA ILE D 13 7.95 18.71 61.62
C ILE D 13 8.65 19.61 62.64
N PRO D 14 8.02 19.89 63.78
CA PRO D 14 8.63 20.81 64.76
C PRO D 14 9.95 20.27 65.31
N TYR D 15 10.88 21.19 65.57
CA TYR D 15 12.28 20.86 65.82
C TYR D 15 12.64 21.07 67.29
N LYS D 16 13.35 20.09 67.87
CA LYS D 16 13.75 20.08 69.27
C LYS D 16 15.12 20.72 69.46
N ALA D 17 15.28 21.42 70.58
CA ALA D 17 16.58 21.95 70.98
C ALA D 17 16.58 22.16 72.49
N LEU D 18 17.78 22.14 73.06
CA LEU D 18 17.97 22.31 74.50
C LEU D 18 19.05 23.35 74.73
N VAL D 19 18.70 24.46 75.37
CA VAL D 19 19.65 25.52 75.68
C VAL D 19 20.09 25.37 77.13
N GLU D 20 21.39 25.47 77.37
CA GLU D 20 21.96 25.26 78.70
C GLU D 20 22.91 26.41 79.03
N ARG D 21 22.43 27.36 79.82
CA ARG D 21 23.31 28.36 80.41
C ARG D 21 24.14 27.72 81.52
N ALA D 22 25.31 28.33 81.79
CA ALA D 22 26.23 27.78 82.78
C ALA D 22 25.65 27.89 84.18
N GLY D 23 25.14 29.06 84.54
CA GLY D 23 24.56 29.28 85.86
C GLY D 23 23.06 29.07 85.94
N TYR D 24 22.44 28.52 84.92
CA TYR D 24 20.99 28.33 84.88
C TYR D 24 20.66 26.91 84.45
N ALA D 25 19.43 26.51 84.73
CA ALA D 25 18.97 25.18 84.38
C ALA D 25 18.79 25.06 82.87
N PRO D 26 18.90 23.84 82.32
CA PRO D 26 18.59 23.65 80.91
C PRO D 26 17.11 23.95 80.61
N LEU D 27 16.87 24.49 79.43
CA LEU D 27 15.57 25.00 79.05
C LEU D 27 15.24 24.53 77.64
N ASN D 28 13.96 24.30 77.39
CA ASN D 28 13.49 23.84 76.10
C ASN D 28 13.66 24.93 75.03
N LEU D 29 13.70 24.50 73.78
CA LEU D 29 13.62 25.40 72.64
C LEU D 29 12.96 24.63 71.52
N GLU D 30 11.83 25.12 71.03
CA GLU D 30 11.05 24.38 70.06
C GLU D 30 10.82 25.28 68.86
N ILE D 31 11.45 24.93 67.73
CA ILE D 31 11.45 25.77 66.54
C ILE D 31 10.60 25.08 65.48
N THR D 32 9.48 25.68 65.12
CA THR D 32 8.58 25.13 64.11
C THR D 32 8.49 26.09 62.93
N VAL D 33 8.90 25.62 61.76
CA VAL D 33 8.73 26.39 60.52
C VAL D 33 7.29 26.18 60.06
N VAL D 34 6.41 27.12 60.42
CA VAL D 34 4.99 26.95 60.13
C VAL D 34 4.67 27.33 58.69
N SER D 35 5.44 28.23 58.10
CA SER D 35 5.17 28.67 56.73
C SER D 35 6.44 29.22 56.12
N SER D 36 6.46 29.27 54.79
CA SER D 36 7.58 29.85 54.04
C SER D 36 7.05 30.28 52.69
N GLU D 37 7.78 31.20 52.06
CA GLU D 37 7.42 31.67 50.72
C GLU D 37 8.64 32.26 50.03
N LEU D 38 8.92 31.79 48.82
CA LEU D 38 9.93 32.40 47.97
C LEU D 38 9.25 33.43 47.07
N THR D 39 9.53 34.71 47.30
CA THR D 39 8.93 35.78 46.51
C THR D 39 10.02 36.43 45.66
N PRO D 40 10.16 36.04 44.40
CA PRO D 40 11.22 36.64 43.57
C PRO D 40 10.85 38.01 43.06
N SER D 41 11.88 38.81 42.81
CA SER D 41 11.68 40.13 42.22
C SER D 41 11.36 39.97 40.75
N THR D 42 10.19 40.43 40.33
CA THR D 42 9.69 40.25 38.98
C THR D 42 9.37 41.60 38.36
N ASN D 43 9.53 41.68 37.05
CA ASN D 43 9.18 42.87 36.29
C ASN D 43 8.33 42.47 35.09
N LYS D 44 7.41 43.35 34.73
CA LYS D 44 6.45 43.08 33.65
C LYS D 44 7.12 43.39 32.31
N GLU D 45 7.41 42.35 31.53
CA GLU D 45 7.95 42.57 30.20
C GLU D 45 6.87 43.05 29.24
N TYR D 46 5.80 42.28 29.08
CA TYR D 46 4.66 42.71 28.29
C TYR D 46 3.44 41.88 28.68
N VAL D 47 2.31 42.21 28.06
CA VAL D 47 1.08 41.43 28.19
C VAL D 47 0.62 41.05 26.78
N THR D 48 0.14 39.83 26.63
CA THR D 48 -0.32 39.34 25.33
C THR D 48 -1.63 38.59 25.49
N CYS D 49 -2.42 38.60 24.42
CA CYS D 49 -3.76 38.03 24.39
C CYS D 49 -4.20 37.95 22.93
N LYS D 50 -5.50 37.71 22.72
CA LYS D 50 -6.06 37.70 21.38
C LYS D 50 -5.98 39.08 20.74
N PHE D 51 -6.14 39.11 19.42
CA PHE D 51 -6.26 40.35 18.68
C PHE D 51 -7.65 40.44 18.04
N HIS D 52 -8.17 41.67 17.98
CA HIS D 52 -9.48 41.88 17.39
C HIS D 52 -9.42 41.96 15.87
N THR D 53 -8.23 42.18 15.32
CA THR D 53 -7.93 42.37 13.88
C THR D 53 -9.01 43.18 13.16
N VAL D 54 -9.26 44.37 13.71
CA VAL D 54 -10.27 45.26 13.15
C VAL D 54 -9.85 45.75 11.77
N VAL D 55 -10.78 45.71 10.83
CA VAL D 55 -10.56 46.16 9.47
C VAL D 55 -11.42 47.40 9.25
N PRO D 56 -10.84 48.56 8.98
CA PRO D 56 -11.64 49.77 8.79
C PRO D 56 -12.40 49.73 7.47
N SER D 57 -13.27 50.73 7.30
CA SER D 57 -14.02 50.86 6.07
C SER D 57 -13.07 51.16 4.91
N PRO D 58 -13.23 50.50 3.76
CA PRO D 58 -12.34 50.79 2.62
C PRO D 58 -12.53 52.21 2.09
N GLN D 59 -11.44 52.77 1.61
CA GLN D 59 -11.44 54.13 1.05
C GLN D 59 -11.38 53.99 -0.47
N VAL D 60 -12.52 54.03 -1.12
CA VAL D 60 -12.58 53.92 -2.57
C VAL D 60 -12.47 55.32 -3.16
N LYS D 61 -11.47 55.53 -4.00
CA LYS D 61 -11.31 56.79 -4.70
C LYS D 61 -11.45 56.49 -6.18
N CYS D 62 -11.85 57.48 -6.94
CA CYS D 62 -12.25 57.23 -8.31
C CYS D 62 -11.85 58.37 -9.23
N CYS D 63 -11.62 57.99 -10.50
CA CYS D 63 -11.00 58.85 -11.51
C CYS D 63 -9.65 59.37 -11.03
N GLY D 64 -8.78 58.42 -10.70
CA GLY D 64 -7.45 58.71 -10.21
C GLY D 64 -6.91 57.54 -9.40
N SER D 65 -6.00 57.85 -8.49
CA SER D 65 -5.39 56.85 -7.63
C SER D 65 -4.93 57.49 -6.34
N LEU D 66 -4.87 56.69 -5.27
CA LEU D 66 -4.39 57.16 -3.98
C LEU D 66 -3.38 56.17 -3.43
N GLU D 67 -2.47 56.70 -2.60
CA GLU D 67 -1.49 55.89 -1.89
C GLU D 67 -1.65 56.13 -0.39
N CYS D 68 -1.50 55.07 0.40
CA CYS D 68 -1.65 55.14 1.85
C CYS D 68 -0.28 55.16 2.51
N LYS D 69 -0.15 55.99 3.54
CA LYS D 69 1.09 56.13 4.27
C LYS D 69 1.16 55.13 5.43
N ALA D 70 2.33 55.03 6.03
CA ALA D 70 2.51 54.19 7.20
C ALA D 70 1.84 54.80 8.41
N SER D 71 1.51 53.96 9.39
CA SER D 71 0.84 54.39 10.60
C SER D 71 1.45 53.68 11.80
N SER D 72 1.24 54.27 12.97
CA SER D 72 1.76 53.72 14.22
C SER D 72 0.85 52.65 14.82
N LYS D 73 -0.27 52.33 14.18
CA LYS D 73 -1.17 51.31 14.68
C LYS D 73 -0.51 49.93 14.60
N ALA D 74 -1.00 49.02 15.43
CA ALA D 74 -0.38 47.71 15.59
C ALA D 74 -0.58 46.86 14.34
N ASP D 75 0.54 46.46 13.71
CA ASP D 75 0.55 45.59 12.53
C ASP D 75 -0.26 46.18 11.38
N TYR D 76 0.14 47.39 10.98
CA TYR D 76 -0.53 48.11 9.91
C TYR D 76 -0.12 47.52 8.56
N THR D 77 -1.04 46.81 7.92
CA THR D 77 -0.85 46.30 6.57
C THR D 77 -1.81 47.04 5.64
N CYS D 78 -1.26 47.62 4.58
CA CYS D 78 -2.03 48.49 3.69
C CYS D 78 -1.69 48.17 2.25
N ARG D 79 -2.72 48.04 1.41
CA ARG D 79 -2.52 47.78 -0.01
C ARG D 79 -3.52 48.60 -0.82
N VAL D 80 -3.15 48.90 -2.06
CA VAL D 80 -3.97 49.67 -2.98
C VAL D 80 -4.37 48.79 -4.14
N PHE D 81 -5.67 48.69 -4.40
CA PHE D 81 -6.21 47.82 -5.45
C PHE D 81 -6.73 48.69 -6.58
N GLY D 82 -6.16 48.50 -7.77
CA GLY D 82 -6.57 49.24 -8.94
C GLY D 82 -7.44 48.42 -9.88
N GLY D 83 -8.21 49.12 -10.70
CA GLY D 83 -9.12 48.46 -11.62
C GLY D 83 -10.26 47.72 -10.94
N VAL D 84 -10.85 48.34 -9.92
CA VAL D 84 -11.92 47.73 -9.17
C VAL D 84 -13.25 48.28 -9.68
N TYR D 85 -14.35 47.69 -9.22
CA TYR D 85 -15.69 48.23 -9.48
C TYR D 85 -16.53 48.01 -8.25
N PRO D 86 -16.51 48.96 -7.31
CA PRO D 86 -17.25 48.78 -6.05
C PRO D 86 -18.75 48.84 -6.29
N PHE D 87 -19.46 47.83 -5.78
CA PHE D 87 -20.89 47.66 -6.03
C PHE D 87 -21.56 47.36 -4.69
N MET D 88 -21.97 48.41 -3.97
CA MET D 88 -22.74 48.22 -2.76
C MET D 88 -24.21 47.97 -3.11
N TRP D 89 -25.06 47.96 -2.08
CA TRP D 89 -26.49 48.00 -2.32
C TRP D 89 -26.87 49.33 -2.94
N GLY D 90 -27.56 49.28 -4.06
CA GLY D 90 -27.94 50.47 -4.79
C GLY D 90 -27.20 50.68 -6.09
N GLY D 91 -26.12 49.94 -6.34
CA GLY D 91 -25.45 50.02 -7.62
C GLY D 91 -23.98 50.31 -7.46
N ALA D 92 -23.37 50.78 -8.55
CA ALA D 92 -21.95 51.09 -8.55
C ALA D 92 -21.67 52.33 -7.69
N GLN D 93 -20.61 52.25 -6.90
CA GLN D 93 -20.31 53.31 -5.93
C GLN D 93 -19.59 54.50 -6.53
N CYS D 94 -18.95 54.35 -7.68
CA CYS D 94 -18.48 55.51 -8.41
C CYS D 94 -18.64 55.24 -9.90
N PHE D 95 -18.12 56.18 -10.71
CA PHE D 95 -18.47 56.30 -12.12
C PHE D 95 -17.31 56.27 -13.10
N CYS D 96 -16.14 55.79 -12.71
CA CYS D 96 -14.98 55.81 -13.59
C CYS D 96 -14.69 54.46 -14.24
N ASP D 97 -15.67 53.57 -14.29
CA ASP D 97 -15.64 52.30 -15.04
C ASP D 97 -14.52 51.41 -14.50
N SER D 98 -13.54 51.02 -15.31
CA SER D 98 -12.52 50.04 -14.92
C SER D 98 -11.19 50.70 -14.56
N GLU D 99 -11.25 51.88 -13.95
CA GLU D 99 -10.07 52.60 -13.49
C GLU D 99 -10.18 52.91 -12.01
N ASN D 100 -11.29 52.52 -11.38
CA ASN D 100 -11.60 52.81 -9.99
C ASN D 100 -10.55 52.19 -9.08
N THR D 101 -10.18 52.90 -8.00
CA THR D 101 -9.18 52.37 -7.09
C THR D 101 -9.74 52.26 -5.67
N GLN D 102 -9.28 51.24 -4.96
CA GLN D 102 -9.77 50.94 -3.62
C GLN D 102 -8.60 50.86 -2.66
N LEU D 103 -8.78 51.41 -1.47
CA LEU D 103 -7.80 51.33 -0.40
C LEU D 103 -8.36 50.44 0.71
N SER D 104 -7.60 49.41 1.07
CA SER D 104 -8.00 48.45 2.08
C SER D 104 -7.01 48.52 3.23
N GLU D 105 -7.52 48.63 4.45
CA GLU D 105 -6.72 48.81 5.65
C GLU D 105 -6.92 47.63 6.60
N ALA D 106 -5.89 47.36 7.40
CA ALA D 106 -5.94 46.26 8.36
C ALA D 106 -4.91 46.51 9.45
N TYR D 107 -5.36 46.42 10.71
CA TYR D 107 -4.46 46.48 11.86
C TYR D 107 -5.11 45.73 13.01
N VAL D 108 -4.28 45.30 13.96
CA VAL D 108 -4.74 44.49 15.06
C VAL D 108 -4.83 45.35 16.32
N GLU D 109 -5.56 44.84 17.32
CA GLU D 109 -5.87 45.56 18.55
C GLU D 109 -6.48 44.55 19.52
N PHE D 110 -6.29 44.80 20.82
CA PHE D 110 -6.67 43.84 21.85
C PHE D 110 -8.16 43.51 21.83
N ALA D 111 -8.48 42.24 22.05
CA ALA D 111 -9.85 41.79 22.08
C ALA D 111 -10.59 42.40 23.27
N PRO D 112 -11.91 42.55 23.17
CA PRO D 112 -12.69 43.12 24.29
C PRO D 112 -12.57 42.33 25.59
N ASP D 113 -12.38 41.02 25.51
CA ASP D 113 -12.26 40.18 26.70
C ASP D 113 -10.81 39.89 27.05
N CYS D 114 -9.89 40.77 26.66
CA CYS D 114 -8.49 40.64 27.03
C CYS D 114 -8.20 41.12 28.44
N THR D 115 -9.18 41.73 29.12
CA THR D 115 -8.96 42.18 30.49
C THR D 115 -8.81 40.99 31.45
N ILE D 116 -9.44 39.87 31.14
CA ILE D 116 -9.35 38.68 31.98
C ILE D 116 -8.48 37.61 31.34
N ASP D 117 -8.72 37.31 30.06
CA ASP D 117 -7.99 36.26 29.36
C ASP D 117 -6.75 36.86 28.72
N HIS D 118 -5.74 37.11 29.56
CA HIS D 118 -4.47 37.65 29.10
C HIS D 118 -3.33 36.95 29.84
N ALA D 119 -2.15 36.97 29.22
CA ALA D 119 -0.96 36.38 29.77
C ALA D 119 0.10 37.46 29.96
N VAL D 120 0.65 37.55 31.16
CA VAL D 120 1.70 38.50 31.49
C VAL D 120 3.03 37.77 31.43
N ALA D 121 3.96 38.30 30.65
CA ALA D 121 5.30 37.73 30.55
C ALA D 121 6.21 38.43 31.54
N LEU D 122 6.80 37.66 32.45
CA LEU D 122 7.63 38.20 33.52
C LEU D 122 9.03 37.60 33.46
N LYS D 123 10.01 38.38 33.89
CA LYS D 123 11.36 37.90 34.11
C LYS D 123 11.59 37.74 35.61
N VAL D 124 12.03 36.55 36.02
CA VAL D 124 12.14 36.20 37.43
C VAL D 124 13.61 36.21 37.81
N HIS D 125 13.95 37.03 38.80
CA HIS D 125 15.28 37.11 39.36
C HIS D 125 15.37 36.24 40.61
N THR D 126 16.44 36.42 41.39
CA THR D 126 16.61 35.64 42.61
C THR D 126 15.52 35.96 43.63
N ALA D 127 15.23 34.99 44.48
CA ALA D 127 14.07 35.04 45.38
C ALA D 127 14.54 35.14 46.82
N ALA D 128 13.90 36.03 47.58
CA ALA D 128 14.12 36.15 49.01
C ALA D 128 13.03 35.39 49.75
N LEU D 129 13.43 34.67 50.80
CA LEU D 129 12.54 33.77 51.52
C LEU D 129 12.01 34.45 52.78
N LYS D 130 10.69 34.44 52.95
CA LYS D 130 10.07 34.68 54.24
C LYS D 130 9.88 33.33 54.94
N VAL D 131 10.05 33.32 56.26
CA VAL D 131 9.78 32.12 57.05
C VAL D 131 9.01 32.54 58.30
N GLY D 132 7.87 31.89 58.52
CA GLY D 132 7.14 32.04 59.76
C GLY D 132 7.58 30.99 60.75
N LEU D 133 7.94 31.43 61.95
CA LEU D 133 8.47 30.57 62.99
C LEU D 133 7.60 30.63 64.24
N ARG D 134 7.28 29.46 64.76
CA ARG D 134 6.69 29.29 66.08
C ARG D 134 7.82 28.87 67.03
N ILE D 135 8.11 29.72 68.00
CA ILE D 135 9.18 29.50 68.95
C ILE D 135 8.55 29.23 70.31
N VAL D 136 8.78 28.04 70.86
CA VAL D 136 8.30 27.68 72.19
C VAL D 136 9.49 27.60 73.11
N TYR D 137 9.55 28.51 74.09
CA TYR D 137 10.64 28.54 75.05
C TYR D 137 10.04 28.87 76.40
N GLY D 138 10.49 28.20 77.44
CA GLY D 138 10.16 28.55 78.81
C GLY D 138 8.69 28.59 79.18
N ASN D 139 7.90 27.74 78.51
CA ASN D 139 6.48 27.31 78.55
C ASN D 139 5.67 28.26 77.67
N THR D 140 6.37 29.19 77.00
CA THR D 140 5.75 30.29 76.29
C THR D 140 5.88 30.07 74.79
N THR D 141 4.78 30.22 74.05
CA THR D 141 4.74 30.04 72.61
C THR D 141 4.58 31.41 71.94
N ALA D 142 5.45 31.70 70.97
CA ALA D 142 5.43 32.97 70.26
C ALA D 142 5.42 32.72 68.76
N ARG D 143 4.65 33.53 68.03
CA ARG D 143 4.54 33.47 66.58
C ARG D 143 5.25 34.67 65.97
N LEU D 144 6.07 34.43 64.94
CA LEU D 144 6.84 35.49 64.33
C LEU D 144 7.10 35.15 62.87
N ASP D 145 7.53 36.16 62.10
CA ASP D 145 7.83 36.00 60.68
C ASP D 145 9.04 36.84 60.33
N THR D 146 10.09 36.19 59.80
CA THR D 146 11.34 36.89 59.49
C THR D 146 11.86 36.53 58.10
N PHE D 147 12.71 37.42 57.59
CA PHE D 147 13.49 37.15 56.40
C PHE D 147 14.55 36.08 56.70
N VAL D 148 15.11 35.53 55.61
CA VAL D 148 16.15 34.51 55.67
C VAL D 148 17.47 35.00 55.10
N ASN D 149 17.47 36.16 54.43
CA ASN D 149 18.65 36.69 53.76
C ASN D 149 19.83 36.96 54.70
N GLY D 150 19.57 37.13 55.99
CA GLY D 150 20.65 37.31 56.95
C GLY D 150 20.68 38.70 57.56
N VAL D 151 20.81 38.74 58.89
CA VAL D 151 20.82 39.95 59.71
C VAL D 151 19.53 40.72 59.44
N THR D 152 18.43 40.23 60.03
CA THR D 152 17.13 40.89 59.93
C THR D 152 16.33 40.52 61.17
N PRO D 153 16.37 41.36 62.22
CA PRO D 153 15.60 41.04 63.44
C PRO D 153 14.13 41.45 63.30
N GLY D 154 13.38 40.62 62.58
CA GLY D 154 11.99 40.89 62.30
C GLY D 154 11.02 40.31 63.29
N SER D 155 11.51 39.93 64.48
CA SER D 155 10.69 39.39 65.54
C SER D 155 10.25 40.50 66.48
N SER D 156 9.51 40.13 67.52
CA SER D 156 8.97 41.10 68.47
C SER D 156 9.26 40.59 69.88
N ARG D 157 8.70 41.29 70.87
CA ARG D 157 8.86 41.03 72.31
C ARG D 157 10.36 41.10 72.64
N ASP D 158 10.85 40.26 73.55
CA ASP D 158 12.26 40.20 73.85
C ASP D 158 13.00 39.14 73.04
N LEU D 159 12.31 38.45 72.14
CA LEU D 159 12.93 37.45 71.27
C LEU D 159 13.52 38.13 70.05
N LYS D 160 14.84 38.11 69.92
CA LYS D 160 15.54 38.51 68.71
C LYS D 160 16.03 37.25 68.00
N VAL D 161 15.59 37.07 66.76
CA VAL D 161 15.99 35.90 65.98
C VAL D 161 16.58 36.37 64.65
N ILE D 162 17.63 35.67 64.22
CA ILE D 162 18.31 35.95 62.96
C ILE D 162 18.36 34.66 62.17
N ALA D 163 17.83 34.69 60.95
CA ALA D 163 17.83 33.52 60.08
C ALA D 163 19.00 33.62 59.11
N GLY D 164 19.89 32.64 59.14
CA GLY D 164 21.04 32.64 58.28
C GLY D 164 20.68 32.32 56.85
N PRO D 165 21.67 32.43 55.96
CA PRO D 165 21.39 32.22 54.53
C PRO D 165 21.00 30.78 54.21
N ILE D 166 20.21 30.63 53.14
CA ILE D 166 19.79 29.32 52.68
C ILE D 166 21.01 28.52 52.22
N SER D 167 21.04 27.24 52.59
CA SER D 167 22.17 26.38 52.23
C SER D 167 22.32 26.27 50.72
N ALA D 168 21.21 26.09 50.00
CA ALA D 168 21.25 26.02 48.54
C ALA D 168 19.88 26.45 48.01
N ALA D 169 19.78 27.70 47.56
CA ALA D 169 18.55 28.18 46.96
C ALA D 169 18.33 27.51 45.61
N PHE D 170 17.10 27.05 45.38
CA PHE D 170 16.80 26.25 44.19
C PHE D 170 15.96 26.97 43.15
N SER D 171 15.20 28.02 43.54
CA SER D 171 14.52 28.94 42.62
C SER D 171 13.61 28.22 41.62
N PRO D 172 12.42 27.76 42.05
CA PRO D 172 11.58 26.94 41.15
C PRO D 172 11.19 27.63 39.86
N PHE D 173 11.01 28.95 39.88
CA PHE D 173 10.75 29.69 38.65
C PHE D 173 12.02 29.81 37.83
N ASP D 174 11.87 29.75 36.51
CA ASP D 174 13.01 29.90 35.61
C ASP D 174 13.25 31.40 35.41
N HIS D 175 14.13 31.76 34.48
CA HIS D 175 14.39 33.18 34.20
C HIS D 175 13.18 33.86 33.59
N LYS D 176 12.41 33.13 32.77
CA LYS D 176 11.25 33.67 32.09
C LYS D 176 10.01 32.86 32.47
N VAL D 177 8.96 33.55 32.94
CA VAL D 177 7.71 32.91 33.29
C VAL D 177 6.56 33.64 32.60
N VAL D 178 5.43 32.95 32.49
CA VAL D 178 4.21 33.49 31.92
C VAL D 178 3.07 33.19 32.89
N ILE D 179 2.36 34.23 33.32
CA ILE D 179 1.24 34.09 34.23
C ILE D 179 -0.05 34.35 33.46
N ARG D 180 -0.92 33.35 33.40
CA ARG D 180 -2.23 33.50 32.79
C ARG D 180 -3.29 32.98 33.76
N LYS D 181 -4.18 33.87 34.19
CA LYS D 181 -5.38 33.53 34.94
C LYS D 181 -5.07 32.79 36.25
N GLY D 182 -3.95 33.14 36.89
CA GLY D 182 -3.53 32.48 38.11
C GLY D 182 -2.70 31.24 37.93
N LEU D 183 -2.35 30.89 36.69
CA LEU D 183 -1.52 29.72 36.40
C LEU D 183 -0.18 30.19 35.86
N VAL D 184 0.90 29.63 36.40
CA VAL D 184 2.26 30.06 36.09
C VAL D 184 2.93 28.98 35.24
N TYR D 185 3.56 29.39 34.15
CA TYR D 185 4.22 28.49 33.23
C TYR D 185 5.67 28.96 33.02
N ASN D 186 6.55 28.00 32.78
CA ASN D 186 7.96 28.27 32.48
C ASN D 186 8.11 28.24 30.97
N TYR D 187 8.04 29.43 30.35
CA TYR D 187 8.07 29.55 28.89
C TYR D 187 9.11 30.58 28.50
N ASP D 188 9.92 30.25 27.50
CA ASP D 188 10.92 31.16 26.95
C ASP D 188 10.26 32.06 25.89
N PHE D 189 9.51 33.04 26.39
CA PHE D 189 8.81 33.95 25.50
C PHE D 189 9.80 34.87 24.79
N PRO D 190 9.49 35.30 23.56
CA PRO D 190 10.37 36.23 22.86
C PRO D 190 10.40 37.60 23.50
N GLU D 191 11.50 38.30 23.27
CA GLU D 191 11.72 39.60 23.89
C GLU D 191 10.80 40.65 23.29
N TYR D 192 10.80 41.84 23.89
CA TYR D 192 10.00 42.94 23.38
C TYR D 192 10.56 43.41 22.05
N GLY D 193 9.69 43.47 21.03
CA GLY D 193 10.11 43.71 19.68
C GLY D 193 10.43 42.46 18.88
N ALA D 194 10.72 41.34 19.55
CA ALA D 194 10.92 40.05 18.90
C ALA D 194 9.59 39.32 18.95
N MET D 195 9.09 38.90 17.79
CA MET D 195 7.72 38.45 17.65
C MET D 195 7.56 37.67 16.34
N ASN D 196 6.89 36.53 16.41
CA ASN D 196 6.65 35.64 15.28
C ASN D 196 5.16 35.46 15.03
N PRO D 197 4.72 35.36 13.78
CA PRO D 197 3.32 35.01 13.51
C PRO D 197 3.03 33.58 13.89
N GLY D 198 1.85 33.36 14.48
CA GLY D 198 1.49 32.04 14.95
C GLY D 198 2.32 31.54 16.11
N ALA D 199 2.71 32.42 17.02
CA ALA D 199 3.54 32.06 18.15
C ALA D 199 3.23 33.00 19.31
N PHE D 200 3.62 32.57 20.51
CA PHE D 200 3.36 33.33 21.72
C PHE D 200 4.09 34.67 21.67
N GLY D 201 3.40 35.73 22.08
CA GLY D 201 3.93 37.06 21.93
C GLY D 201 3.75 37.65 20.56
N ASP D 202 2.74 37.18 19.81
CA ASP D 202 2.45 37.75 18.50
C ASP D 202 2.00 39.21 18.61
N ILE D 203 1.20 39.52 19.61
CA ILE D 203 0.84 40.89 19.95
C ILE D 203 1.50 41.24 21.27
N GLN D 204 1.92 42.49 21.40
CA GLN D 204 2.74 42.94 22.53
C GLN D 204 2.32 44.33 22.96
N ALA D 205 2.23 44.54 24.26
CA ALA D 205 1.92 45.85 24.82
C ALA D 205 2.41 45.90 26.26
N SER D 206 2.71 47.12 26.71
CA SER D 206 3.15 47.31 28.08
C SER D 206 1.99 47.11 29.06
N SER D 207 0.77 47.38 28.62
CA SER D 207 -0.41 47.19 29.47
C SER D 207 -1.62 46.99 28.56
N LEU D 208 -2.71 46.52 29.18
CA LEU D 208 -3.95 46.29 28.42
C LEU D 208 -4.60 47.59 27.97
N ASP D 209 -4.27 48.72 28.60
CA ASP D 209 -4.80 50.02 28.24
C ASP D 209 -3.69 50.94 27.75
N ALA D 210 -2.77 50.40 26.96
CA ALA D 210 -1.63 51.13 26.45
C ALA D 210 -1.82 51.40 24.96
N THR D 211 -1.58 52.65 24.55
CA THR D 211 -1.69 53.00 23.13
C THR D 211 -0.61 52.33 22.30
N ASP D 212 0.59 52.19 22.85
CA ASP D 212 1.72 51.58 22.13
C ASP D 212 1.52 50.07 22.14
N ILE D 213 0.96 49.55 21.06
CA ILE D 213 0.78 48.12 20.85
C ILE D 213 1.51 47.76 19.57
N VAL D 214 2.32 46.69 19.62
CA VAL D 214 3.14 46.29 18.48
C VAL D 214 2.89 44.81 18.18
N ALA D 215 2.75 44.48 16.89
CA ALA D 215 2.45 43.10 16.51
C ALA D 215 2.95 42.85 15.10
N ARG D 216 3.22 41.57 14.81
CA ARG D 216 3.68 41.12 13.50
C ARG D 216 2.97 39.84 13.11
N THR D 217 1.65 39.83 13.21
CA THR D 217 0.86 38.73 12.68
C THR D 217 0.97 38.70 11.17
N ASP D 218 0.95 37.51 10.58
CA ASP D 218 1.12 37.36 9.14
C ASP D 218 -0.20 37.69 8.45
N ILE D 219 -0.57 38.97 8.54
CA ILE D 219 -1.78 39.49 7.94
C ILE D 219 -1.42 40.07 6.58
N ARG D 220 -2.27 39.84 5.59
CA ARG D 220 -2.02 40.30 4.23
C ARG D 220 -3.35 40.49 3.52
N LEU D 221 -3.39 41.43 2.59
CA LEU D 221 -4.64 41.88 2.00
C LEU D 221 -4.77 41.40 0.56
N LEU D 222 -5.95 40.89 0.22
CA LEU D 222 -6.18 40.23 -1.04
C LEU D 222 -7.11 41.05 -1.92
N LYS D 223 -6.96 40.86 -3.23
CA LYS D 223 -7.78 41.58 -4.19
C LYS D 223 -9.23 41.07 -4.14
N PRO D 224 -10.21 41.97 -4.04
CA PRO D 224 -11.61 41.53 -3.99
C PRO D 224 -12.07 40.89 -5.29
N SER D 225 -12.38 39.59 -5.25
CA SER D 225 -12.79 38.88 -6.46
C SER D 225 -14.23 39.23 -6.83
N VAL D 226 -15.12 39.29 -5.86
CA VAL D 226 -16.53 39.56 -6.10
C VAL D 226 -16.74 41.07 -6.11
N LYS D 227 -17.62 41.56 -7.00
CA LYS D 227 -17.89 42.99 -7.09
C LYS D 227 -18.75 43.41 -5.90
N ASN D 228 -18.07 43.55 -4.76
CA ASN D 228 -18.65 44.09 -3.54
C ASN D 228 -17.62 45.01 -2.91
N ILE D 229 -17.84 45.38 -1.65
CA ILE D 229 -16.96 46.36 -1.01
C ILE D 229 -16.29 45.74 0.22
N HIS D 230 -16.23 44.41 0.28
CA HIS D 230 -15.56 43.73 1.37
C HIS D 230 -14.05 43.89 1.26
N VAL D 231 -13.37 43.67 2.38
CA VAL D 231 -11.92 43.61 2.44
C VAL D 231 -11.53 42.16 2.73
N PRO D 232 -11.06 41.41 1.75
CA PRO D 232 -10.64 40.03 2.02
C PRO D 232 -9.22 39.94 2.54
N TYR D 233 -9.03 39.26 3.66
CA TYR D 233 -7.73 39.16 4.30
C TYR D 233 -7.53 37.77 4.87
N THR D 234 -6.29 37.29 4.80
CA THR D 234 -5.88 36.08 5.48
C THR D 234 -4.77 36.42 6.47
N GLN D 235 -4.91 35.90 7.68
CA GLN D 235 -4.02 36.22 8.78
C GLN D 235 -3.61 34.94 9.48
N ALA D 236 -2.39 34.93 10.01
CA ALA D 236 -1.90 33.78 10.76
C ALA D 236 -2.72 33.60 12.04
N VAL D 237 -2.75 32.36 12.52
CA VAL D 237 -3.49 32.04 13.74
C VAL D 237 -2.86 32.78 14.92
N SER D 238 -3.70 33.16 15.87
CA SER D 238 -3.22 33.82 17.08
C SER D 238 -2.30 32.88 17.87
N GLY D 239 -1.15 33.39 18.27
CA GLY D 239 -0.24 32.60 19.07
C GLY D 239 -0.73 32.38 20.49
N TYR D 240 -1.67 33.20 20.94
CA TYR D 240 -2.29 32.99 22.24
C TYR D 240 -3.07 31.68 22.28
N GLU D 241 -3.88 31.43 21.24
CA GLU D 241 -4.63 30.18 21.18
C GLU D 241 -3.72 28.99 20.94
N MET D 242 -2.68 29.18 20.11
CA MET D 242 -1.73 28.09 19.86
C MET D 242 -0.96 27.72 21.12
N TRP D 243 -0.58 28.72 21.92
CA TRP D 243 0.09 28.45 23.19
C TRP D 243 -0.87 27.86 24.20
N LYS D 244 -2.13 28.32 24.21
CA LYS D 244 -3.13 27.76 25.11
C LYS D 244 -3.44 26.30 24.79
N ASN D 245 -3.37 25.92 23.52
CA ASN D 245 -3.63 24.55 23.13
C ASN D 245 -2.54 23.61 23.63
N ASN D 246 -1.29 24.07 23.64
CA ASN D 246 -0.14 23.22 23.96
C ASN D 246 0.77 23.88 25.01
N SER D 247 0.15 24.46 26.05
CA SER D 247 0.92 25.05 27.13
C SER D 247 1.58 24.02 28.04
N GLY D 248 1.17 22.75 27.95
CA GLY D 248 1.69 21.79 28.90
C GLY D 248 1.05 21.99 30.26
N ARG D 249 1.78 21.57 31.28
CA ARG D 249 1.19 21.75 32.59
C ARG D 249 1.84 22.92 33.32
N PRO D 250 1.07 23.64 34.15
CA PRO D 250 1.62 24.80 34.85
C PRO D 250 2.58 24.44 35.97
N LEU D 251 3.09 25.46 36.67
CA LEU D 251 4.02 25.22 37.77
C LEU D 251 3.35 24.59 38.98
N GLN D 252 2.04 24.74 39.12
CA GLN D 252 1.33 24.14 40.25
C GLN D 252 1.30 22.62 40.19
N GLU D 253 1.56 22.02 39.02
CA GLU D 253 1.68 20.59 38.89
C GLU D 253 3.10 20.14 38.54
N THR D 254 3.98 21.05 38.15
CA THR D 254 5.37 20.75 37.81
C THR D 254 6.25 21.65 38.68
N ALA D 255 6.56 21.21 39.89
CA ALA D 255 7.38 22.00 40.80
C ALA D 255 8.24 21.11 41.67
N PRO D 256 9.55 21.32 41.69
CA PRO D 256 10.41 20.54 42.60
C PRO D 256 10.15 20.90 44.05
N PHE D 257 10.40 19.92 44.92
CA PHE D 257 10.31 20.02 46.39
C PHE D 257 8.91 20.32 46.89
N GLY D 258 7.88 20.08 46.06
CA GLY D 258 6.50 20.02 46.51
C GLY D 258 5.90 21.26 47.15
N CYS D 259 6.03 22.41 46.49
CA CYS D 259 5.55 23.66 47.04
C CYS D 259 4.72 24.44 46.03
N LYS D 260 3.67 25.09 46.52
CA LYS D 260 2.58 25.54 45.67
C LYS D 260 2.74 27.00 45.26
N ILE D 261 2.34 27.31 44.03
CA ILE D 261 2.59 28.61 43.42
C ILE D 261 1.35 29.47 43.51
N GLU D 262 1.52 30.72 43.95
CA GLU D 262 0.44 31.69 43.99
C GLU D 262 0.85 32.96 43.25
N VAL D 263 -0.17 33.76 42.92
CA VAL D 263 -0.02 34.98 42.12
C VAL D 263 -0.63 36.15 42.89
N GLU D 264 -0.21 37.37 42.49
CA GLU D 264 -0.38 38.62 43.24
C GLU D 264 -0.02 38.45 44.71
N PRO D 265 1.27 38.36 45.06
CA PRO D 265 2.45 38.36 44.19
C PRO D 265 2.84 36.95 43.75
N LEU D 266 3.77 36.81 42.81
CA LEU D 266 4.25 35.49 42.42
C LEU D 266 5.11 34.91 43.54
N ARG D 267 4.65 33.80 44.11
CA ARG D 267 5.37 33.19 45.22
C ARG D 267 5.25 31.67 45.15
N ALA D 268 6.21 31.00 45.79
CA ALA D 268 6.24 29.55 45.92
C ALA D 268 6.22 29.24 47.41
N THR D 269 5.04 28.95 47.94
CA THR D 269 4.88 28.78 49.37
C THR D 269 5.09 27.32 49.79
N ASN D 270 5.68 27.18 50.98
CA ASN D 270 5.92 25.91 51.69
C ASN D 270 6.93 25.03 50.95
N CYS D 271 8.11 25.60 50.69
CA CYS D 271 9.15 24.89 49.95
C CYS D 271 10.12 24.23 50.92
N ALA D 272 10.41 22.95 50.65
CA ALA D 272 11.20 22.10 51.55
C ALA D 272 12.43 21.62 50.78
N TYR D 273 13.50 22.42 50.83
CA TYR D 273 14.67 22.14 50.00
C TYR D 273 16.00 22.40 50.71
N GLY D 274 16.03 22.53 52.03
CA GLY D 274 17.31 22.77 52.69
C GLY D 274 17.25 22.93 54.19
N HIS D 275 18.09 23.84 54.72
CA HIS D 275 18.19 24.11 56.15
C HIS D 275 18.46 25.59 56.35
N ILE D 276 17.89 26.14 57.42
CA ILE D 276 18.09 27.55 57.77
C ILE D 276 18.86 27.61 59.08
N PRO D 277 19.99 28.32 59.14
CA PRO D 277 20.61 28.62 60.44
C PRO D 277 19.80 29.66 61.21
N ILE D 278 19.58 29.40 62.48
CA ILE D 278 18.82 30.28 63.37
C ILE D 278 19.68 30.65 64.56
N SER D 279 19.81 31.95 64.82
CA SER D 279 20.47 32.46 66.01
C SER D 279 19.42 33.19 66.85
N ILE D 280 19.26 32.75 68.09
CA ILE D 280 18.23 33.27 68.99
C ILE D 280 18.91 33.92 70.19
N ASP D 281 18.59 35.19 70.42
CA ASP D 281 19.00 35.89 71.64
C ASP D 281 17.86 35.76 72.64
N ILE D 282 17.78 34.58 73.24
CA ILE D 282 16.70 34.27 74.18
C ILE D 282 16.84 35.13 75.43
N PRO D 283 15.77 35.69 75.96
CA PRO D 283 15.88 36.51 77.17
C PRO D 283 16.11 35.68 78.42
N ASP D 284 16.55 36.36 79.47
CA ASP D 284 16.83 35.72 80.76
C ASP D 284 15.60 35.57 81.63
N ALA D 285 14.44 36.07 81.19
CA ALA D 285 13.22 35.90 81.97
C ALA D 285 12.78 34.44 82.01
N ALA D 286 12.92 33.73 80.90
CA ALA D 286 12.55 32.32 80.86
C ALA D 286 13.56 31.43 81.57
N PHE D 287 14.81 31.89 81.69
CA PHE D 287 15.83 31.13 82.41
C PHE D 287 15.51 31.08 83.89
N VAL D 288 15.73 29.91 84.50
CA VAL D 288 15.50 29.70 85.92
C VAL D 288 16.83 29.28 86.54
N ARG D 289 17.03 29.66 87.80
CA ARG D 289 18.26 29.30 88.51
C ARG D 289 18.35 27.80 88.71
N SER D 290 19.58 27.29 88.72
CA SER D 290 19.81 25.86 88.81
C SER D 290 19.40 25.30 90.17
N SER D 291 19.53 26.10 91.24
CA SER D 291 19.15 25.64 92.57
C SER D 291 17.64 25.45 92.69
N GLU D 292 16.86 26.34 92.10
CA GLU D 292 15.40 26.24 92.16
C GLU D 292 14.84 25.17 91.23
N SER D 293 15.64 24.67 90.29
CA SER D 293 15.18 23.62 89.40
C SER D 293 15.44 22.25 90.03
N PRO D 294 14.43 21.37 90.09
CA PRO D 294 14.64 20.04 90.66
C PRO D 294 15.57 19.18 89.81
N THR D 295 16.77 18.91 90.33
CA THR D 295 17.74 18.10 89.61
C THR D 295 17.55 16.63 89.93
N ILE D 296 17.83 15.78 88.95
CA ILE D 296 17.74 14.33 89.11
C ILE D 296 19.06 13.81 89.65
N LEU D 297 19.08 12.56 90.10
CA LEU D 297 20.28 11.94 90.64
C LEU D 297 20.81 10.78 89.82
N GLU D 298 19.92 9.90 89.31
CA GLU D 298 20.37 8.75 88.53
C GLU D 298 19.21 8.27 87.67
N VAL D 299 19.46 8.11 86.37
CA VAL D 299 18.46 7.63 85.44
C VAL D 299 19.04 6.55 84.53
N SER D 300 18.16 5.77 83.93
CA SER D 300 18.52 4.78 82.93
C SER D 300 17.29 4.45 82.10
N CYS D 301 17.39 4.66 80.79
CA CYS D 301 16.30 4.38 79.86
C CYS D 301 16.35 2.93 79.39
N THR D 302 15.18 2.28 79.39
CA THR D 302 15.01 0.89 78.96
C THR D 302 13.85 0.86 77.97
N VAL D 303 14.16 1.06 76.70
CA VAL D 303 13.14 1.16 75.66
C VAL D 303 12.54 -0.21 75.38
N ALA D 304 11.25 -0.23 75.04
CA ALA D 304 10.56 -1.45 74.63
C ALA D 304 9.74 -1.17 73.39
N ASP D 305 9.73 -2.14 72.47
CA ASP D 305 8.94 -2.13 71.24
C ASP D 305 9.27 -0.92 70.36
N CYS D 306 10.52 -0.88 69.90
CA CYS D 306 10.97 0.14 68.96
C CYS D 306 10.65 -0.29 67.53
N ILE D 307 10.02 0.61 66.77
CA ILE D 307 9.76 0.40 65.36
C ILE D 307 10.11 1.69 64.61
N TYR D 308 11.18 1.65 63.82
CA TYR D 308 11.69 2.87 63.19
C TYR D 308 10.89 3.17 61.93
N SER D 309 10.32 4.36 61.88
CA SER D 309 9.37 4.73 60.83
C SER D 309 9.24 6.25 60.82
N ALA D 310 8.29 6.74 60.02
CA ALA D 310 8.03 8.17 59.95
C ALA D 310 7.28 8.68 61.17
N ASP D 311 6.45 7.84 61.78
CA ASP D 311 5.70 8.24 62.96
C ASP D 311 6.60 8.17 64.20
N PHE D 312 5.98 8.31 65.38
CA PHE D 312 6.69 8.22 66.65
C PHE D 312 6.65 6.77 67.16
N GLY D 313 7.32 5.90 66.41
CA GLY D 313 7.27 4.47 66.68
C GLY D 313 8.23 4.00 67.74
N GLY D 314 8.32 4.72 68.85
CA GLY D 314 9.17 4.32 69.96
C GLY D 314 8.51 4.63 71.28
N SER D 315 8.99 3.94 72.32
CA SER D 315 8.48 4.17 73.67
C SER D 315 9.58 3.75 74.65
N LEU D 316 10.31 4.72 75.18
CA LEU D 316 11.35 4.46 76.16
C LEU D 316 10.91 4.98 77.52
N THR D 317 11.20 4.22 78.56
CA THR D 317 10.84 4.60 79.92
C THR D 317 12.09 5.00 80.69
N LEU D 318 12.00 6.14 81.37
CA LEU D 318 13.08 6.67 82.18
C LEU D 318 12.77 6.45 83.65
N GLN D 319 13.79 6.08 84.42
CA GLN D 319 13.66 5.77 85.84
C GLN D 319 14.44 6.84 86.61
N TYR D 320 13.73 7.88 87.05
CA TYR D 320 14.38 9.05 87.64
C TYR D 320 14.41 8.95 89.17
N LYS D 321 15.46 9.54 89.75
CA LYS D 321 15.65 9.58 91.19
C LYS D 321 15.74 11.03 91.66
N ALA D 322 14.80 11.87 91.20
CA ALA D 322 14.85 13.30 91.47
C ALA D 322 14.60 13.59 92.95
N ASN D 323 14.91 14.82 93.35
CA ASN D 323 14.88 15.23 94.76
C ASN D 323 13.83 16.29 95.07
N ARG D 324 13.80 17.41 94.33
CA ARG D 324 12.74 18.38 94.54
C ARG D 324 11.58 18.13 93.57
N GLU D 325 10.66 19.08 93.49
CA GLU D 325 9.42 18.95 92.74
C GLU D 325 9.40 19.97 91.60
N GLY D 326 8.87 19.55 90.45
CA GLY D 326 8.71 20.40 89.29
C GLY D 326 8.95 19.63 88.02
N HIS D 327 9.15 20.38 86.93
CA HIS D 327 9.48 19.78 85.65
C HIS D 327 10.67 20.49 85.04
N CYS D 328 11.40 19.77 84.20
CA CYS D 328 12.66 20.18 83.61
C CYS D 328 13.01 19.22 82.48
N PRO D 329 13.50 19.73 81.35
CA PRO D 329 13.16 19.15 80.04
C PRO D 329 13.86 17.84 79.73
N VAL D 330 13.48 17.30 78.56
CA VAL D 330 14.12 16.14 77.94
C VAL D 330 14.60 16.54 76.56
N HIS D 331 15.62 15.83 76.07
CA HIS D 331 16.17 16.12 74.74
C HIS D 331 17.01 14.94 74.29
N SER D 332 16.80 14.51 73.04
CA SER D 332 17.61 13.47 72.42
C SER D 332 18.75 14.11 71.64
N HIS D 333 19.98 13.72 71.96
CA HIS D 333 21.17 14.38 71.42
C HIS D 333 21.67 13.75 70.13
N SER D 334 20.98 12.75 69.60
CA SER D 334 21.37 12.12 68.35
C SER D 334 20.63 12.77 67.19
N THR D 335 21.32 12.92 66.06
CA THR D 335 20.70 13.45 64.86
C THR D 335 19.76 12.44 64.19
N THR D 336 19.77 11.18 64.64
CA THR D 336 18.93 10.15 64.04
C THR D 336 17.65 9.89 64.82
N ALA D 337 17.56 10.32 66.07
CA ALA D 337 16.38 10.11 66.89
C ALA D 337 15.91 11.43 67.47
N VAL D 338 14.61 11.66 67.43
CA VAL D 338 13.99 12.89 67.92
C VAL D 338 12.84 12.53 68.84
N LEU D 339 12.85 13.09 70.05
CA LEU D 339 11.80 12.84 71.04
C LEU D 339 10.55 13.64 70.73
N LYS D 340 9.46 13.29 71.41
CA LYS D 340 8.17 13.93 71.19
C LYS D 340 7.87 15.03 72.21
N GLU D 341 7.94 14.73 73.51
CA GLU D 341 7.65 15.74 74.51
C GLU D 341 8.84 16.66 74.71
N ALA D 342 8.58 17.80 75.34
CA ALA D 342 9.61 18.77 75.68
C ALA D 342 9.96 18.75 77.16
N THR D 343 8.96 18.83 78.03
CA THR D 343 9.16 18.77 79.47
C THR D 343 8.36 17.61 80.06
N THR D 344 8.80 17.17 81.24
CA THR D 344 8.13 16.10 81.96
C THR D 344 8.19 16.38 83.45
N HIS D 345 7.05 16.31 84.11
CA HIS D 345 6.99 16.56 85.55
C HIS D 345 7.54 15.37 86.32
N VAL D 346 8.51 15.63 87.20
CA VAL D 346 9.20 14.58 87.95
C VAL D 346 8.98 14.83 89.44
N THR D 347 8.55 13.80 90.17
CA THR D 347 8.34 13.96 91.61
C THR D 347 9.53 13.47 92.42
N ALA D 348 9.73 12.14 92.44
CA ALA D 348 10.85 11.49 93.11
C ALA D 348 10.91 10.01 92.77
N THR D 349 12.07 9.54 92.30
CA THR D 349 12.39 8.11 92.15
C THR D 349 11.35 7.34 91.32
N GLY D 350 10.69 8.02 90.38
CA GLY D 350 9.59 7.45 89.64
C GLY D 350 9.98 7.00 88.24
N SER D 351 8.96 6.76 87.42
CA SER D 351 9.13 6.31 86.05
C SER D 351 8.28 7.15 85.11
N ILE D 352 8.88 7.58 84.01
CA ILE D 352 8.18 8.29 82.95
C ILE D 352 8.32 7.49 81.66
N THR D 353 7.47 7.81 80.68
CA THR D 353 7.57 7.20 79.37
C THR D 353 7.56 8.29 78.30
N LEU D 354 8.26 8.03 77.20
CA LEU D 354 8.43 9.01 76.12
C LEU D 354 8.40 8.27 74.79
N HIS D 355 8.11 9.03 73.73
CA HIS D 355 8.05 8.50 72.38
C HIS D 355 9.06 9.21 71.49
N PHE D 356 9.73 8.45 70.63
CA PHE D 356 10.76 8.99 69.76
C PHE D 356 10.58 8.45 68.35
N SER D 357 11.08 9.22 67.39
CA SER D 357 11.11 8.83 65.99
C SER D 357 12.55 8.69 65.52
N THR D 358 12.83 7.60 64.80
CA THR D 358 14.16 7.32 64.31
C THR D 358 14.07 6.61 62.97
N SER D 359 15.15 6.70 62.20
CA SER D 359 15.25 6.05 60.89
C SER D 359 16.34 4.99 60.84
N SER D 360 16.98 4.70 61.97
CA SER D 360 18.06 3.73 61.97
C SER D 360 17.58 2.41 62.57
N PRO D 361 18.09 1.29 62.06
CA PRO D 361 17.70 -0.02 62.64
C PRO D 361 18.08 -0.15 64.10
N GLN D 362 19.18 0.46 64.51
CA GLN D 362 19.58 0.54 65.91
C GLN D 362 19.21 1.92 66.45
N ALA D 363 18.78 1.97 67.69
CA ALA D 363 18.59 3.24 68.39
C ALA D 363 19.52 3.23 69.60
N ASN D 364 20.77 3.63 69.37
CA ASN D 364 21.76 3.76 70.43
C ASN D 364 21.99 5.25 70.65
N PHE D 365 21.19 5.86 71.53
CA PHE D 365 21.18 7.31 71.57
C PHE D 365 21.15 7.80 73.01
N ILE D 366 21.48 9.08 73.16
CA ILE D 366 21.59 9.75 74.44
C ILE D 366 20.32 10.56 74.66
N VAL D 367 19.61 10.28 75.75
CA VAL D 367 18.53 11.13 76.22
C VAL D 367 18.97 11.78 77.53
N SER D 368 18.85 13.10 77.59
CA SER D 368 19.32 13.86 78.75
C SER D 368 18.09 14.38 79.48
N LEU D 369 17.66 13.61 80.48
CA LEU D 369 16.66 14.14 81.41
C LEU D 369 17.27 15.29 82.20
N CYS D 370 16.81 16.50 81.89
CA CYS D 370 16.95 17.67 82.76
C CYS D 370 18.42 18.10 82.90
N GLY D 371 19.27 17.68 81.96
CA GLY D 371 20.67 18.03 82.00
C GLY D 371 21.62 16.85 82.11
N LYS D 372 21.28 15.88 82.94
CA LYS D 372 22.15 14.72 83.12
C LYS D 372 21.88 13.71 82.01
N LYS D 373 22.91 13.43 81.21
CA LYS D 373 22.78 12.55 80.06
C LYS D 373 22.80 11.08 80.48
N THR D 374 22.10 10.25 79.70
CA THR D 374 22.14 8.81 79.87
C THR D 374 21.76 8.16 78.54
N THR D 375 22.69 7.42 77.96
CA THR D 375 22.43 6.75 76.69
C THR D 375 21.85 5.36 76.91
N CYS D 376 21.13 4.89 75.90
CA CYS D 376 20.70 3.49 75.89
C CYS D 376 20.45 3.03 74.46
N ASN D 377 20.36 1.72 74.31
CA ASN D 377 20.40 1.03 73.03
C ASN D 377 19.06 0.38 72.73
N ALA D 378 18.88 -0.01 71.48
CA ALA D 378 17.66 -0.65 71.03
C ALA D 378 17.95 -1.54 69.83
N GLU D 379 17.00 -2.40 69.51
CA GLU D 379 17.04 -3.25 68.33
C GLU D 379 15.70 -3.05 67.62
N CYS D 380 15.62 -1.99 66.81
CA CYS D 380 14.34 -1.57 66.24
C CYS D 380 14.01 -2.40 65.00
N LYS D 381 12.71 -2.48 64.70
CA LYS D 381 12.20 -3.32 63.63
C LYS D 381 11.63 -2.47 62.48
N PRO D 382 11.69 -2.96 61.24
CA PRO D 382 11.11 -2.20 60.14
C PRO D 382 9.60 -2.13 60.24
N PRO D 383 8.98 -1.06 59.73
CA PRO D 383 7.53 -0.92 59.85
C PRO D 383 6.77 -1.76 58.83
N ALA D 384 5.55 -2.13 59.22
CA ALA D 384 4.70 -2.92 58.33
C ALA D 384 4.07 -2.08 57.24
N ASP D 385 3.74 -0.82 57.53
CA ASP D 385 3.08 0.05 56.55
C ASP D 385 4.09 0.48 55.49
N HIS D 386 3.77 0.20 54.22
CA HIS D 386 4.67 0.59 53.14
C HIS D 386 4.63 2.09 52.90
N ILE D 387 3.42 2.66 52.86
CA ILE D 387 3.20 4.05 52.52
C ILE D 387 2.53 4.74 53.69
N ILE D 388 3.07 5.88 54.12
CA ILE D 388 2.65 6.54 55.35
C ILE D 388 2.27 7.98 55.02
N GLY D 389 1.31 8.52 55.79
CA GLY D 389 0.65 9.77 55.49
C GLY D 389 1.30 11.05 55.97
N GLU D 390 2.39 10.99 56.73
CA GLU D 390 3.09 12.20 57.12
C GLU D 390 4.59 12.01 56.94
N PRO D 391 5.33 13.09 56.65
CA PRO D 391 6.74 12.92 56.27
C PRO D 391 7.62 12.51 57.45
N HIS D 392 8.83 12.08 57.10
CA HIS D 392 9.76 11.55 58.08
C HIS D 392 10.30 12.65 58.98
N LYS D 393 10.43 12.33 60.27
CA LYS D 393 10.91 13.28 61.25
C LYS D 393 12.42 13.50 61.17
N VAL D 394 13.19 12.46 60.85
CA VAL D 394 14.64 12.55 60.79
C VAL D 394 15.11 12.16 59.40
N ASP D 395 16.42 12.18 59.17
CA ASP D 395 17.02 11.85 57.90
C ASP D 395 17.92 10.65 58.10
N GLN D 396 18.00 9.80 57.08
CA GLN D 396 18.88 8.64 57.14
C GLN D 396 20.34 9.06 57.12
N GLU D 397 21.14 8.47 57.99
CA GLU D 397 22.59 8.67 58.02
C GLU D 397 23.26 7.38 57.59
N PHE D 398 24.33 7.51 56.80
CA PHE D 398 25.00 6.34 56.22
C PHE D 398 25.64 5.46 57.29
N GLN D 399 26.13 6.05 58.37
CA GLN D 399 26.67 5.26 59.46
C GLN D 399 25.55 4.58 60.26
N ALA D 400 24.44 5.28 60.47
CA ALA D 400 23.36 4.76 61.31
C ALA D 400 22.44 3.80 60.56
N ALA D 401 22.37 3.91 59.22
CA ALA D 401 21.47 3.05 58.46
C ALA D 401 21.89 1.59 58.49
N VAL D 402 23.16 1.31 58.74
CA VAL D 402 23.62 -0.06 58.88
C VAL D 402 23.39 -0.52 60.31
N SER D 403 22.72 -1.65 60.47
CA SER D 403 22.39 -2.17 61.79
C SER D 403 23.64 -2.68 62.50
N LYS D 404 23.53 -2.82 63.83
CA LYS D 404 24.65 -3.31 64.63
C LYS D 404 25.04 -4.73 64.24
N THR D 405 24.06 -5.59 63.97
CA THR D 405 24.37 -6.97 63.60
C THR D 405 25.07 -7.03 62.24
N SER D 406 24.50 -6.34 61.24
CA SER D 406 25.13 -6.29 59.93
C SER D 406 26.50 -5.62 59.99
N TRP D 407 26.63 -4.60 60.85
CA TRP D 407 27.94 -4.00 61.10
C TRP D 407 28.91 -5.05 61.64
N ASN D 408 28.40 -5.93 62.52
CA ASN D 408 29.23 -6.96 63.14
C ASN D 408 29.73 -7.97 62.12
N TRP D 409 28.86 -8.46 61.22
CA TRP D 409 29.39 -9.37 60.21
C TRP D 409 30.29 -8.66 59.18
N LEU D 410 30.01 -7.40 58.85
CA LEU D 410 30.90 -6.70 57.92
C LEU D 410 32.29 -6.50 58.51
N LEU D 411 32.39 -6.00 59.73
CA LEU D 411 33.70 -5.91 60.38
C LEU D 411 34.26 -7.28 60.74
N ALA D 412 33.41 -8.31 60.89
CA ALA D 412 33.94 -9.65 61.13
C ALA D 412 34.70 -10.16 59.92
N LEU D 413 34.09 -10.05 58.74
CA LEU D 413 34.78 -10.48 57.52
C LEU D 413 35.98 -9.60 57.21
N PHE D 414 35.84 -8.28 57.37
CA PHE D 414 36.95 -7.38 57.11
C PHE D 414 38.10 -7.59 58.09
N GLY D 415 37.80 -7.79 59.38
CA GLY D 415 38.84 -8.03 60.35
C GLY D 415 39.47 -9.40 60.24
N GLY D 416 38.69 -10.40 59.82
CA GLY D 416 39.28 -11.69 59.52
C GLY D 416 40.25 -11.61 58.37
N ALA D 417 39.88 -10.89 57.30
CA ALA D 417 40.79 -10.69 56.18
C ALA D 417 42.03 -9.90 56.61
N SER D 418 41.84 -8.86 57.42
CA SER D 418 42.96 -8.03 57.84
C SER D 418 43.92 -8.79 58.76
N SER D 419 43.38 -9.54 59.73
CA SER D 419 44.22 -10.35 60.59
C SER D 419 44.89 -11.48 59.82
N LEU D 420 44.24 -11.98 58.76
CA LEU D 420 44.86 -12.97 57.90
C LEU D 420 46.03 -12.36 57.13
N ILE D 421 45.90 -11.09 56.70
CA ILE D 421 47.04 -10.38 56.11
C ILE D 421 48.15 -10.22 57.15
N VAL D 422 47.80 -9.86 58.39
CA VAL D 422 48.80 -9.65 59.43
C VAL D 422 49.54 -10.94 59.73
N VAL D 423 48.83 -12.06 59.84
CA VAL D 423 49.52 -13.32 60.10
C VAL D 423 50.35 -13.75 58.89
N GLY D 424 49.91 -13.40 57.67
CA GLY D 424 50.75 -13.66 56.51
C GLY D 424 52.06 -12.89 56.54
N LEU D 425 52.00 -11.60 56.91
CA LEU D 425 53.23 -10.81 57.00
C LEU D 425 54.13 -11.27 58.15
N ILE D 426 53.56 -11.68 59.28
CA ILE D 426 54.47 -12.13 60.35
C ILE D 426 55.03 -13.51 60.03
N VAL D 427 54.32 -14.32 59.24
CA VAL D 427 54.89 -15.56 58.74
C VAL D 427 56.02 -15.26 57.75
N LEU D 428 55.87 -14.22 56.95
CA LEU D 428 56.97 -13.77 56.09
C LEU D 428 58.16 -13.32 56.92
N VAL D 429 57.91 -12.64 58.05
CA VAL D 429 59.00 -12.21 58.93
C VAL D 429 59.71 -13.42 59.54
N CYS D 430 58.93 -14.42 59.98
CA CYS D 430 59.52 -15.63 60.56
C CYS D 430 60.23 -16.46 59.50
N SER D 431 59.88 -16.28 58.23
CA SER D 431 60.66 -16.89 57.16
C SER D 431 61.95 -16.10 56.91
N SER D 432 61.87 -14.77 57.03
CA SER D 432 63.03 -13.92 56.76
C SER D 432 64.09 -14.01 57.85
N MET D 433 63.71 -14.34 59.09
CA MET D 433 64.72 -14.50 60.13
C MET D 433 65.59 -15.74 59.87
N LEU D 434 65.03 -16.75 59.22
CA LEU D 434 65.80 -17.94 58.87
C LEU D 434 66.31 -17.81 57.44
N SER E 1 -15.01 59.23 26.51
CA SER E 1 -16.09 59.97 25.87
C SER E 1 -17.07 59.02 25.17
N ILE E 2 -17.47 57.98 25.88
CA ILE E 2 -18.39 56.99 25.34
C ILE E 2 -19.81 57.47 25.59
N THR E 3 -20.61 57.57 24.53
CA THR E 3 -21.98 58.05 24.60
C THR E 3 -22.95 56.90 24.37
N ASP E 4 -23.99 56.84 25.21
CA ASP E 4 -25.03 55.84 25.08
C ASP E 4 -26.27 56.35 24.37
N ASP E 5 -26.20 57.56 23.81
CA ASP E 5 -27.31 58.12 23.06
C ASP E 5 -27.36 57.47 21.68
N PHE E 6 -28.41 56.72 21.42
CA PHE E 6 -28.58 56.00 20.16
C PHE E 6 -29.48 56.73 19.17
N THR E 7 -29.91 57.95 19.49
CA THR E 7 -30.74 58.72 18.57
C THR E 7 -29.93 59.17 17.35
N LEU E 8 -28.69 59.61 17.56
CA LEU E 8 -27.80 60.03 16.50
C LEU E 8 -27.00 58.87 15.91
N THR E 9 -27.52 57.65 16.04
CA THR E 9 -26.83 56.43 15.64
C THR E 9 -27.77 55.58 14.81
N SER E 10 -27.30 55.11 13.66
CA SER E 10 -28.16 54.39 12.73
C SER E 10 -27.57 53.03 12.35
N PRO E 11 -28.42 52.05 12.08
CA PRO E 11 -27.92 50.76 11.56
C PRO E 11 -27.49 50.87 10.12
N TYR E 12 -26.85 49.81 9.63
CA TYR E 12 -26.30 49.77 8.28
C TYR E 12 -26.62 48.43 7.64
N LEU E 13 -26.59 48.42 6.31
CA LEU E 13 -26.83 47.22 5.51
C LEU E 13 -25.50 46.52 5.28
N GLY E 14 -25.31 45.38 5.96
CA GLY E 14 -24.06 44.66 5.87
C GLY E 14 -24.03 43.69 4.70
N PHE E 15 -22.83 43.15 4.45
CA PHE E 15 -22.61 42.14 3.42
C PHE E 15 -22.10 40.87 4.08
N CYS E 16 -22.83 39.76 3.93
CA CYS E 16 -22.32 38.57 4.57
C CYS E 16 -22.43 37.36 3.66
N PRO E 17 -21.54 36.36 3.83
CA PRO E 17 -21.39 35.30 2.81
C PRO E 17 -22.48 34.26 2.78
N TYR E 18 -23.27 34.06 3.82
CA TYR E 18 -24.31 33.02 3.79
C TYR E 18 -25.63 33.62 4.22
N CYS E 19 -26.50 33.86 3.25
CA CYS E 19 -27.84 34.39 3.47
C CYS E 19 -28.80 33.19 3.59
N ARG E 20 -30.11 33.45 3.51
CA ARG E 20 -31.08 32.36 3.47
C ARG E 20 -30.90 31.50 2.23
N HIS E 21 -30.63 32.13 1.09
CA HIS E 21 -30.58 31.44 -0.20
C HIS E 21 -29.19 30.91 -0.55
N SER E 22 -28.36 30.66 0.46
CA SER E 22 -27.05 29.99 0.31
C SER E 22 -26.12 30.74 -0.64
N ALA E 23 -26.14 32.07 -0.56
CA ALA E 23 -25.26 32.93 -1.33
C ALA E 23 -25.03 34.20 -0.54
N PRO E 24 -23.87 34.86 -0.72
CA PRO E 24 -23.65 36.14 -0.04
C PRO E 24 -24.64 37.20 -0.47
N CYS E 25 -25.08 38.02 0.49
CA CYS E 25 -25.93 39.13 0.08
C CYS E 25 -25.81 40.26 1.10
N PHE E 26 -26.50 41.36 0.78
CA PHE E 26 -26.67 42.48 1.68
C PHE E 26 -27.86 42.20 2.59
N SER E 27 -27.62 42.26 3.89
CA SER E 27 -28.64 41.94 4.88
C SER E 27 -28.71 43.06 5.92
N PRO E 28 -29.90 43.32 6.47
CA PRO E 28 -30.00 44.22 7.62
C PRO E 28 -29.24 43.71 8.84
N ILE E 29 -29.13 42.38 8.96
CA ILE E 29 -28.44 41.74 10.07
C ILE E 29 -27.23 41.01 9.51
N LYS E 30 -26.04 41.44 9.94
CA LYS E 30 -24.78 40.85 9.51
C LYS E 30 -23.93 40.57 10.75
N ILE E 31 -23.38 39.36 10.83
CA ILE E 31 -22.52 39.01 11.94
C ILE E 31 -21.12 39.55 11.66
N GLU E 32 -20.66 40.47 12.50
CA GLU E 32 -19.32 41.05 12.34
C GLU E 32 -18.29 40.23 13.12
N ASN E 33 -18.47 40.12 14.44
CA ASN E 33 -17.60 39.30 15.27
C ASN E 33 -18.45 38.53 16.27
N VAL E 34 -17.97 37.33 16.62
CA VAL E 34 -18.56 36.52 17.68
C VAL E 34 -17.46 36.16 18.66
N TRP E 35 -17.68 36.43 19.94
CA TRP E 35 -16.72 36.16 21.00
C TRP E 35 -17.25 35.05 21.90
N ASP E 36 -16.43 34.02 22.12
CA ASP E 36 -16.75 32.93 23.06
C ASP E 36 -15.63 32.73 24.10
N GLU E 37 -15.64 33.60 25.11
CA GLU E 37 -14.63 33.60 26.16
C GLU E 37 -15.25 33.39 27.54
N SER E 38 -16.49 32.93 27.60
CA SER E 38 -17.18 32.70 28.86
C SER E 38 -17.11 31.24 29.24
N ASP E 39 -17.08 30.98 30.54
CA ASP E 39 -16.99 29.61 31.05
C ASP E 39 -18.34 28.91 31.12
N ASP E 40 -19.44 29.60 30.82
CA ASP E 40 -20.74 28.97 30.74
C ASP E 40 -21.24 28.74 29.32
N GLY E 41 -20.45 29.09 28.31
CA GLY E 41 -20.80 28.83 26.93
C GLY E 41 -21.54 29.93 26.21
N SER E 42 -21.82 31.05 26.88
CA SER E 42 -22.51 32.16 26.22
C SER E 42 -21.60 32.84 25.22
N ILE E 43 -22.20 33.31 24.13
CA ILE E 43 -21.48 34.02 23.08
C ILE E 43 -22.05 35.41 22.94
N ARG E 44 -21.17 36.35 22.57
CA ARG E 44 -21.55 37.73 22.30
C ARG E 44 -21.38 37.97 20.80
N ILE E 45 -22.45 38.44 20.16
CA ILE E 45 -22.54 38.55 18.71
C ILE E 45 -22.73 40.02 18.35
N GLN E 46 -21.89 40.52 17.45
CA GLN E 46 -22.05 41.88 16.96
C GLN E 46 -22.82 41.84 15.65
N VAL E 47 -23.95 42.55 15.61
CA VAL E 47 -24.85 42.54 14.47
C VAL E 47 -25.05 43.97 14.00
N SER E 48 -25.12 44.15 12.67
CA SER E 48 -25.33 45.46 12.07
C SER E 48 -26.64 46.12 12.51
N ALA E 49 -27.64 45.33 12.89
CA ALA E 49 -28.89 45.87 13.41
C ALA E 49 -28.71 46.35 14.85
N GLN E 50 -29.71 47.06 15.34
CA GLN E 50 -29.68 47.66 16.66
C GLN E 50 -30.85 47.13 17.47
N PHE E 51 -30.57 46.60 18.65
CA PHE E 51 -31.55 45.85 19.42
C PHE E 51 -31.93 46.61 20.69
N GLY E 52 -33.22 46.65 20.96
CA GLY E 52 -33.73 47.36 22.12
C GLY E 52 -34.06 48.82 21.90
N TYR E 53 -34.23 49.26 20.66
CA TYR E 53 -34.46 50.66 20.35
C TYR E 53 -35.51 50.77 19.24
N ASN E 54 -36.20 51.91 19.23
CA ASN E 54 -37.21 52.19 18.22
C ASN E 54 -36.60 52.96 17.04
N GLN E 55 -37.45 53.28 16.06
CA GLN E 55 -36.97 53.90 14.82
C GLN E 55 -36.33 55.26 15.07
N ALA E 56 -36.92 56.06 15.99
CA ALA E 56 -36.30 57.33 16.36
C ALA E 56 -34.97 57.11 17.08
N GLY E 57 -34.90 56.11 17.95
CA GLY E 57 -33.67 55.79 18.66
C GLY E 57 -33.81 55.73 20.17
N THR E 58 -34.99 55.92 20.74
CA THR E 58 -35.15 55.85 22.18
C THR E 58 -35.08 54.41 22.67
N ALA E 59 -34.76 54.26 23.95
CA ALA E 59 -34.63 52.93 24.54
C ALA E 59 -36.00 52.30 24.73
N ASP E 60 -36.23 51.18 24.05
CA ASP E 60 -37.50 50.47 24.15
C ASP E 60 -37.22 48.98 23.99
N VAL E 61 -37.29 48.25 25.12
CA VAL E 61 -37.01 46.82 25.12
C VAL E 61 -38.08 46.08 24.32
N THR E 62 -37.68 44.94 23.72
CA THR E 62 -38.51 44.09 22.86
C THR E 62 -38.92 44.81 21.57
N LYS E 63 -37.98 45.56 20.99
CA LYS E 63 -38.19 46.25 19.73
C LYS E 63 -36.83 46.67 19.19
N PHE E 64 -36.53 46.27 17.95
CA PHE E 64 -35.23 46.52 17.36
C PHE E 64 -35.37 47.26 16.03
N ARG E 65 -34.25 47.79 15.55
CA ARG E 65 -34.19 48.56 14.32
C ARG E 65 -33.41 47.80 13.26
N TYR E 66 -33.64 48.16 12.00
CA TYR E 66 -32.80 47.64 10.93
C TYR E 66 -32.82 48.58 9.73
N MET E 67 -31.66 48.73 9.10
CA MET E 67 -31.57 49.38 7.80
C MET E 67 -32.08 48.41 6.74
N SER E 68 -32.92 48.92 5.84
CA SER E 68 -33.71 48.06 4.97
C SER E 68 -33.09 47.93 3.58
N TYR E 69 -33.29 46.77 2.97
CA TYR E 69 -32.82 46.49 1.61
C TYR E 69 -33.94 46.59 0.58
N ASP E 70 -35.10 47.12 0.96
CA ASP E 70 -36.21 47.27 0.03
C ASP E 70 -36.07 48.62 -0.69
N HIS E 71 -37.14 49.06 -1.36
CA HIS E 71 -37.06 50.26 -2.20
C HIS E 71 -36.73 51.51 -1.39
N ASP E 72 -37.34 51.67 -0.22
CA ASP E 72 -37.00 52.78 0.67
C ASP E 72 -35.84 52.41 1.60
N HIS E 73 -34.65 52.90 1.26
CA HIS E 73 -33.44 52.60 2.02
C HIS E 73 -33.41 53.44 3.29
N ASP E 74 -34.29 53.09 4.22
CA ASP E 74 -34.42 53.78 5.50
C ASP E 74 -34.54 52.76 6.63
N ILE E 75 -34.39 53.26 7.85
CA ILE E 75 -34.49 52.41 9.04
C ILE E 75 -35.95 52.10 9.29
N LYS E 76 -36.27 50.82 9.46
CA LYS E 76 -37.55 50.47 10.05
C LYS E 76 -37.34 49.73 11.38
N GLU E 77 -38.47 49.24 11.91
CA GLU E 77 -38.67 49.10 13.35
C GLU E 77 -39.55 47.88 13.56
N ASP E 78 -38.98 46.79 14.07
CA ASP E 78 -39.67 45.52 14.12
C ASP E 78 -39.52 44.94 15.52
N SER E 79 -40.48 44.08 15.89
CA SER E 79 -40.49 43.51 17.23
C SER E 79 -39.36 42.51 17.42
N MET E 80 -38.82 42.48 18.64
CA MET E 80 -37.72 41.58 18.98
C MET E 80 -38.16 40.14 19.23
N GLU E 81 -39.46 39.88 19.34
CA GLU E 81 -39.94 38.53 19.59
C GLU E 81 -39.79 37.61 18.38
N LYS E 82 -39.48 38.17 17.21
CA LYS E 82 -39.30 37.40 15.99
C LYS E 82 -37.84 37.38 15.54
N LEU E 83 -36.93 37.48 16.52
CA LEU E 83 -35.49 37.32 16.31
C LEU E 83 -35.09 35.94 16.81
N ALA E 84 -34.29 35.23 16.01
CA ALA E 84 -33.85 33.90 16.36
C ALA E 84 -32.34 33.78 16.17
N ILE E 85 -31.69 33.06 17.09
CA ILE E 85 -30.28 32.75 17.00
C ILE E 85 -30.13 31.23 17.07
N SER E 86 -29.26 30.67 16.23
CA SER E 86 -29.07 29.24 16.18
C SER E 86 -27.62 28.92 15.88
N THR E 87 -27.15 27.79 16.40
CA THR E 87 -25.87 27.22 16.00
C THR E 87 -26.03 25.80 15.45
N SER E 88 -26.64 24.91 16.21
CA SER E 88 -27.16 23.64 15.71
C SER E 88 -28.65 23.50 15.95
N GLY E 89 -29.11 23.91 17.13
CA GLY E 89 -30.52 24.13 17.39
C GLY E 89 -30.72 25.59 17.78
N PRO E 90 -31.90 25.91 18.30
CA PRO E 90 -32.17 27.30 18.72
C PRO E 90 -31.33 27.69 19.92
N CYS E 91 -31.06 28.99 20.03
CA CYS E 91 -30.28 29.55 21.12
C CYS E 91 -31.17 30.33 22.06
N ARG E 92 -30.87 30.27 23.36
CA ARG E 92 -31.54 31.12 24.33
C ARG E 92 -30.93 32.50 24.29
N ARG E 93 -31.74 33.52 24.01
CA ARG E 93 -31.27 34.90 23.90
C ARG E 93 -31.19 35.47 25.31
N LEU E 94 -29.96 35.55 25.84
CA LEU E 94 -29.76 36.00 27.21
C LEU E 94 -29.89 37.52 27.35
N GLY E 95 -29.46 38.27 26.34
CA GLY E 95 -29.56 39.72 26.42
C GLY E 95 -29.35 40.37 25.06
N HIS E 96 -29.74 41.63 24.99
CA HIS E 96 -29.62 42.39 23.75
C HIS E 96 -29.30 43.86 24.05
N LYS E 97 -28.68 44.52 23.08
CA LYS E 97 -28.26 45.91 23.19
C LYS E 97 -27.97 46.37 21.77
N GLY E 98 -27.80 47.69 21.59
CA GLY E 98 -27.45 48.24 20.29
C GLY E 98 -26.18 47.65 19.72
N TYR E 99 -26.30 47.04 18.53
CA TYR E 99 -25.30 46.26 17.81
C TYR E 99 -24.89 44.95 18.46
N PHE E 100 -25.44 44.59 19.64
CA PHE E 100 -24.89 43.45 20.36
C PHE E 100 -25.99 42.52 20.87
N LEU E 101 -25.67 41.23 20.86
CA LEU E 101 -26.53 40.19 21.39
C LEU E 101 -25.69 39.28 22.27
N LEU E 102 -26.33 38.64 23.24
CA LEU E 102 -25.67 37.67 24.10
C LEU E 102 -26.59 36.46 24.21
N ALA E 103 -26.10 35.31 23.77
CA ALA E 103 -26.94 34.12 23.64
C ALA E 103 -26.21 32.87 24.10
N GLN E 104 -26.94 31.97 24.74
CA GLN E 104 -26.43 30.64 25.08
C GLN E 104 -26.79 29.67 23.98
N CYS E 105 -25.80 28.95 23.46
CA CYS E 105 -26.01 28.11 22.29
C CYS E 105 -25.44 26.72 22.47
N PRO E 106 -26.04 25.71 21.83
CA PRO E 106 -25.45 24.38 21.82
C PRO E 106 -24.19 24.35 20.96
N PRO E 107 -23.34 23.34 21.11
CA PRO E 107 -22.13 23.27 20.28
C PRO E 107 -22.46 23.15 18.80
N GLY E 108 -21.64 23.80 17.98
CA GLY E 108 -21.86 23.81 16.55
C GLY E 108 -20.69 24.47 15.86
N ASP E 109 -20.75 24.46 14.53
CA ASP E 109 -19.67 24.99 13.70
C ASP E 109 -20.05 26.28 12.98
N SER E 110 -21.23 26.82 13.24
CA SER E 110 -21.67 28.05 12.60
C SER E 110 -22.59 28.80 13.53
N VAL E 111 -22.72 30.11 13.28
CA VAL E 111 -23.63 30.98 14.03
C VAL E 111 -24.57 31.66 13.05
N THR E 112 -25.87 31.53 13.28
CA THR E 112 -26.91 32.06 12.39
C THR E 112 -27.82 32.96 13.20
N VAL E 113 -28.09 34.15 12.68
CA VAL E 113 -29.09 35.06 13.25
C VAL E 113 -30.11 35.36 12.16
N SER E 114 -31.39 35.25 12.51
CA SER E 114 -32.48 35.36 11.54
C SER E 114 -33.61 36.20 12.12
N ILE E 115 -34.38 36.80 11.23
CA ILE E 115 -35.58 37.56 11.58
C ILE E 115 -36.76 36.77 11.05
N THR E 116 -37.43 36.04 11.93
CA THR E 116 -38.55 35.20 11.51
C THR E 116 -39.74 36.06 11.08
N SER E 117 -40.40 35.63 10.00
CA SER E 117 -41.55 36.32 9.42
C SER E 117 -41.26 37.78 9.07
N GLU E 121 -36.80 35.55 5.65
CA GLU E 121 -36.24 35.46 7.00
C GLU E 121 -35.03 36.37 7.15
N ASN E 122 -34.36 36.63 6.02
CA ASN E 122 -33.18 37.50 5.95
C ASN E 122 -32.08 37.04 6.90
N SER E 123 -31.90 35.72 6.97
CA SER E 123 -30.93 35.13 7.88
C SER E 123 -29.50 35.39 7.41
N CYS E 124 -28.57 35.38 8.36
CA CYS E 124 -27.16 35.46 8.07
C CYS E 124 -26.41 34.45 8.93
N THR E 125 -25.33 33.89 8.35
CA THR E 125 -24.62 32.77 8.96
C THR E 125 -23.12 32.96 8.74
N VAL E 126 -22.34 32.75 9.80
CA VAL E 126 -20.89 32.82 9.73
C VAL E 126 -20.30 31.56 10.34
N GLU E 127 -19.04 31.29 9.99
CA GLU E 127 -18.29 30.19 10.57
C GLU E 127 -17.81 30.58 11.97
N LYS E 128 -18.16 29.76 12.96
CA LYS E 128 -17.66 29.96 14.31
C LYS E 128 -17.70 28.62 15.02
N LYS E 129 -16.55 28.02 15.23
CA LYS E 129 -16.46 26.73 15.91
C LYS E 129 -16.57 26.99 17.42
N ILE E 130 -17.76 26.76 17.97
CA ILE E 130 -17.98 26.84 19.40
C ILE E 130 -18.09 25.43 19.95
N ARG E 131 -17.54 25.21 21.13
CA ARG E 131 -17.56 23.92 21.79
C ARG E 131 -18.00 24.09 23.24
N ARG E 132 -18.41 22.99 23.84
CA ARG E 132 -18.80 23.00 25.24
C ARG E 132 -17.59 23.26 26.12
N LYS E 133 -17.68 24.28 26.97
CA LYS E 133 -16.53 24.73 27.75
C LYS E 133 -16.60 24.24 29.19
N PHE E 134 -15.43 24.17 29.78
CA PHE E 134 -15.16 23.55 31.07
C PHE E 134 -14.86 24.67 32.06
N VAL E 135 -14.73 24.32 33.34
CA VAL E 135 -14.15 25.25 34.30
C VAL E 135 -12.97 24.60 35.01
N GLY E 136 -13.04 23.28 35.18
CA GLY E 136 -12.07 22.64 36.04
C GLY E 136 -11.33 21.49 35.40
N ARG E 137 -11.03 20.49 36.21
CA ARG E 137 -10.32 19.29 35.79
C ARG E 137 -11.26 18.09 35.65
N GLU E 138 -12.51 18.36 35.28
CA GLU E 138 -13.52 17.33 35.07
C GLU E 138 -14.44 17.75 33.94
N GLU E 139 -14.51 16.93 32.89
CA GLU E 139 -15.62 17.03 31.95
C GLU E 139 -16.95 16.77 32.65
N TYR E 140 -17.91 17.65 32.36
CA TYR E 140 -19.28 17.53 32.83
C TYR E 140 -20.20 18.09 31.77
N LEU E 141 -21.30 17.39 31.52
CA LEU E 141 -22.28 17.86 30.55
C LEU E 141 -22.98 19.12 31.04
N PHE E 142 -23.41 19.12 32.30
CA PHE E 142 -23.92 20.28 33.00
C PHE E 142 -23.46 20.21 34.43
N PRO E 143 -23.34 21.35 35.12
CA PRO E 143 -22.84 21.35 36.51
C PRO E 143 -23.72 20.53 37.44
N PRO E 144 -23.12 19.77 38.35
CA PRO E 144 -23.89 18.91 39.24
C PRO E 144 -24.33 19.64 40.50
N VAL E 145 -25.18 18.94 41.28
CA VAL E 145 -25.64 19.49 42.56
C VAL E 145 -24.48 19.58 43.55
N HIS E 146 -23.71 18.50 43.68
CA HIS E 146 -22.59 18.46 44.60
C HIS E 146 -21.33 18.87 43.87
N GLY E 147 -20.60 19.82 44.42
CA GLY E 147 -19.43 20.32 43.74
C GLY E 147 -18.48 21.06 44.66
N LYS E 148 -17.53 21.76 44.04
CA LYS E 148 -16.48 22.47 44.75
C LYS E 148 -16.67 23.99 44.74
N LEU E 149 -17.42 24.52 43.78
CA LEU E 149 -17.72 25.95 43.63
C LEU E 149 -16.44 26.77 43.47
N VAL E 150 -15.76 26.52 42.35
CA VAL E 150 -14.54 27.23 42.01
C VAL E 150 -14.87 28.57 41.37
N LYS E 151 -13.85 29.41 41.20
CA LYS E 151 -14.00 30.76 40.67
C LYS E 151 -13.76 30.74 39.17
N CYS E 152 -14.67 31.33 38.41
CA CYS E 152 -14.61 31.39 36.96
C CYS E 152 -15.11 32.74 36.47
N HIS E 153 -15.18 32.89 35.15
CA HIS E 153 -15.50 34.16 34.52
C HIS E 153 -16.61 33.96 33.50
N VAL E 154 -17.69 34.72 33.64
CA VAL E 154 -18.89 34.57 32.82
C VAL E 154 -19.27 35.94 32.27
N TYR E 155 -19.75 35.96 31.03
CA TYR E 155 -20.36 37.18 30.48
C TYR E 155 -21.54 37.60 31.35
N ASP E 156 -21.56 38.86 31.73
CA ASP E 156 -22.61 39.36 32.61
C ASP E 156 -23.84 39.63 31.75
N HIS E 157 -25.03 39.40 32.32
CA HIS E 157 -26.28 39.51 31.58
C HIS E 157 -26.90 40.90 31.65
N LEU E 158 -26.32 41.83 32.40
CA LEU E 158 -26.78 43.20 32.42
C LEU E 158 -26.10 44.00 31.33
N LYS E 159 -26.89 44.79 30.59
CA LYS E 159 -26.35 45.58 29.50
C LYS E 159 -25.67 46.85 29.96
N GLU E 160 -25.73 47.17 31.25
CA GLU E 160 -25.04 48.36 31.76
C GLU E 160 -23.54 48.16 31.82
N THR E 161 -23.08 46.91 31.86
CA THR E 161 -21.65 46.61 31.90
C THR E 161 -21.00 46.93 30.55
N SER E 162 -19.69 47.12 30.58
CA SER E 162 -18.93 47.47 29.39
C SER E 162 -17.61 46.71 29.39
N ALA E 163 -17.39 45.92 28.34
CA ALA E 163 -16.14 45.20 28.15
C ALA E 163 -15.17 45.94 27.24
N GLY E 164 -15.53 47.11 26.75
CA GLY E 164 -14.69 47.85 25.83
C GLY E 164 -15.50 48.91 25.12
N TYR E 165 -14.99 49.35 23.98
CA TYR E 165 -15.68 50.35 23.19
C TYR E 165 -15.46 50.10 21.71
N ILE E 166 -16.49 50.36 20.92
CA ILE E 166 -16.39 50.41 19.46
C ILE E 166 -16.44 51.86 19.02
N THR E 167 -15.72 52.16 17.94
CA THR E 167 -15.62 53.51 17.41
C THR E 167 -16.61 53.67 16.26
N MET E 168 -17.35 54.79 16.27
CA MET E 168 -18.33 55.08 15.25
C MET E 168 -17.90 56.31 14.45
N HIS E 169 -18.00 56.19 13.13
CA HIS E 169 -17.49 57.15 12.17
C HIS E 169 -18.65 57.72 11.35
N ARG E 170 -18.35 58.72 10.54
CA ARG E 170 -19.35 59.30 9.66
C ARG E 170 -19.61 58.36 8.47
N PRO E 171 -20.85 58.31 7.99
CA PRO E 171 -21.14 57.45 6.84
C PRO E 171 -20.71 58.10 5.53
N GLY E 172 -20.21 57.28 4.62
CA GLY E 172 -19.76 57.74 3.34
C GLY E 172 -20.90 57.83 2.33
N PRO E 173 -20.56 58.15 1.08
CA PRO E 173 -21.58 58.20 0.03
C PRO E 173 -22.14 56.82 -0.28
N HIS E 174 -23.40 56.79 -0.68
CA HIS E 174 -24.11 55.56 -1.04
C HIS E 174 -24.86 55.82 -2.33
N ALA E 175 -24.21 55.55 -3.46
CA ALA E 175 -24.82 55.80 -4.76
C ALA E 175 -25.98 54.83 -5.02
N TYR E 176 -27.06 55.37 -5.56
CA TYR E 176 -28.27 54.59 -5.86
C TYR E 176 -28.50 54.57 -7.37
N LYS E 177 -28.74 53.38 -7.91
CA LYS E 177 -29.11 53.24 -9.32
C LYS E 177 -30.57 53.59 -9.59
N SER E 178 -31.38 53.73 -8.54
CA SER E 178 -32.75 54.21 -8.67
C SER E 178 -32.84 55.72 -8.74
N TYR E 179 -31.72 56.40 -9.00
CA TYR E 179 -31.65 57.84 -9.01
C TYR E 179 -31.33 58.38 -10.40
N LEU E 180 -31.26 57.52 -11.41
CA LEU E 180 -30.82 57.91 -12.75
C LEU E 180 -31.76 57.36 -13.80
N GLU E 181 -32.15 58.23 -14.74
CA GLU E 181 -32.90 57.85 -15.93
C GLU E 181 -32.01 57.89 -17.15
N GLU E 182 -32.25 56.97 -18.09
CA GLU E 182 -31.60 56.96 -19.39
C GLU E 182 -32.68 56.82 -20.45
N ALA E 183 -33.11 57.95 -21.01
CA ALA E 183 -34.16 57.98 -22.04
C ALA E 183 -33.61 58.68 -23.28
N SER E 184 -33.68 58.00 -24.42
CA SER E 184 -33.26 58.53 -25.72
C SER E 184 -31.80 58.99 -25.71
N GLY E 185 -30.96 58.27 -24.97
CA GLY E 185 -29.56 58.63 -24.84
C GLY E 185 -29.27 59.80 -23.94
N GLU E 186 -30.27 60.31 -23.23
CA GLU E 186 -30.10 61.44 -22.32
C GLU E 186 -30.42 60.98 -20.90
N VAL E 187 -29.61 61.42 -19.94
CA VAL E 187 -29.67 60.91 -18.57
C VAL E 187 -30.23 62.00 -17.66
N TYR E 188 -31.12 61.60 -16.76
CA TYR E 188 -31.79 62.44 -15.79
C TYR E 188 -31.52 61.95 -14.38
N ILE E 189 -31.85 62.78 -13.39
CA ILE E 189 -31.66 62.44 -11.98
C ILE E 189 -32.98 62.61 -11.24
N LYS E 190 -33.39 61.58 -10.48
CA LYS E 190 -34.51 61.70 -9.56
C LYS E 190 -34.09 62.41 -8.28
N PRO E 191 -34.78 63.47 -7.87
CA PRO E 191 -34.79 63.86 -6.47
C PRO E 191 -35.94 63.17 -5.75
N PRO E 192 -35.67 62.50 -4.62
CA PRO E 192 -36.73 61.78 -3.91
C PRO E 192 -37.56 62.74 -3.07
N SER E 193 -38.76 63.07 -3.56
CA SER E 193 -39.69 64.00 -2.92
C SER E 193 -39.04 65.36 -2.66
N GLY E 194 -38.28 65.85 -3.63
CA GLY E 194 -37.65 67.14 -3.53
C GLY E 194 -36.52 67.25 -2.53
N LYS E 195 -35.59 66.30 -2.54
CA LYS E 195 -34.44 66.33 -1.65
C LYS E 195 -33.19 66.76 -2.40
N ASN E 196 -32.19 67.23 -1.66
CA ASN E 196 -30.86 67.51 -2.22
C ASN E 196 -30.02 66.25 -2.39
N VAL E 197 -30.17 65.58 -3.54
CA VAL E 197 -29.21 64.57 -3.93
C VAL E 197 -28.04 65.24 -4.63
N THR E 198 -26.83 64.76 -4.36
CA THR E 198 -25.65 65.28 -5.03
C THR E 198 -25.19 64.31 -6.11
N TYR E 199 -24.39 64.82 -7.05
CA TYR E 199 -23.93 63.99 -8.16
C TYR E 199 -22.54 64.42 -8.58
N GLU E 200 -21.80 63.45 -9.12
CA GLU E 200 -20.55 63.68 -9.81
C GLU E 200 -20.53 62.84 -11.09
N CYS E 201 -19.93 63.39 -12.14
CA CYS E 201 -19.91 62.74 -13.46
C CYS E 201 -18.60 63.00 -14.17
N LYS E 202 -18.30 62.15 -15.15
CA LYS E 202 -17.15 62.26 -16.04
C LYS E 202 -17.65 62.22 -17.49
N CYS E 203 -18.58 63.11 -17.79
CA CYS E 203 -19.00 63.34 -19.17
C CYS E 203 -17.79 63.61 -20.06
N GLY E 204 -17.00 64.62 -19.71
CA GLY E 204 -15.70 64.85 -20.29
C GLY E 204 -14.74 65.41 -19.26
N ASP E 205 -15.27 65.71 -18.08
CA ASP E 205 -14.50 66.34 -17.01
C ASP E 205 -15.24 66.07 -15.71
N TYR E 206 -14.56 66.33 -14.60
CA TYR E 206 -15.11 66.14 -13.25
C TYR E 206 -16.21 67.17 -12.99
N SER E 207 -17.46 66.74 -13.12
CA SER E 207 -18.61 67.59 -12.89
C SER E 207 -19.25 67.24 -11.54
N THR E 208 -19.56 68.26 -10.75
CA THR E 208 -20.13 68.07 -9.42
C THR E 208 -21.31 69.01 -9.23
N GLY E 209 -22.34 68.53 -8.54
CA GLY E 209 -23.47 69.39 -8.26
C GLY E 209 -24.44 68.90 -7.21
N ILE E 210 -24.99 69.83 -6.42
CA ILE E 210 -26.06 69.53 -5.48
C ILE E 210 -27.36 69.97 -6.15
N VAL E 211 -28.19 68.99 -6.51
CA VAL E 211 -29.40 69.26 -7.28
C VAL E 211 -30.62 68.89 -6.46
N SER E 212 -31.77 69.45 -6.88
CA SER E 212 -33.04 69.16 -6.23
C SER E 212 -34.15 68.92 -7.25
N THR E 213 -33.82 68.86 -8.54
CA THR E 213 -34.83 68.66 -9.59
C THR E 213 -34.21 67.83 -10.69
N ARG E 214 -35.05 67.47 -11.67
CA ARG E 214 -34.60 66.68 -12.81
C ARG E 214 -33.67 67.51 -13.68
N THR E 215 -32.39 67.14 -13.69
CA THR E 215 -31.33 67.95 -14.29
C THR E 215 -30.61 67.17 -15.38
N LYS E 216 -30.38 67.83 -16.51
CA LYS E 216 -29.66 67.23 -17.63
C LYS E 216 -28.14 67.30 -17.40
N MET E 217 -27.43 66.41 -18.07
CA MET E 217 -25.98 66.38 -18.09
C MET E 217 -25.46 67.01 -19.38
N ASN E 218 -24.28 67.61 -19.28
CA ASN E 218 -23.75 68.35 -20.42
C ASN E 218 -23.22 67.43 -21.52
N GLY E 219 -22.62 66.30 -21.14
CA GLY E 219 -22.04 65.44 -22.16
C GLY E 219 -22.09 63.94 -21.91
N CYS E 220 -22.88 63.49 -20.94
CA CYS E 220 -22.97 62.07 -20.63
C CYS E 220 -24.12 61.42 -21.40
N THR E 221 -23.85 60.25 -21.97
CA THR E 221 -24.83 59.47 -22.70
C THR E 221 -25.30 58.25 -21.91
N LYS E 222 -24.36 57.43 -21.45
CA LYS E 222 -24.68 56.26 -20.65
C LYS E 222 -24.76 56.63 -19.18
N ALA E 223 -25.53 55.84 -18.43
CA ALA E 223 -25.68 56.05 -17.00
C ALA E 223 -24.53 55.46 -16.20
N LYS E 224 -23.57 54.79 -16.85
CA LYS E 224 -22.43 54.22 -16.15
C LYS E 224 -21.54 55.30 -15.55
N GLN E 225 -21.43 56.43 -16.23
CA GLN E 225 -20.45 57.45 -15.84
C GLN E 225 -21.07 58.58 -15.03
N CYS E 226 -22.15 58.27 -14.32
CA CYS E 226 -22.69 59.14 -13.27
C CYS E 226 -23.20 58.35 -12.07
N ILE E 227 -23.10 58.97 -10.88
CA ILE E 227 -23.63 58.43 -9.64
C ILE E 227 -24.38 59.54 -8.91
N ALA E 228 -25.22 59.14 -7.96
CA ALA E 228 -26.01 60.10 -7.20
C ALA E 228 -26.27 59.53 -5.81
N TYR E 229 -26.07 60.36 -4.79
CA TYR E 229 -26.23 59.92 -3.41
C TYR E 229 -26.68 61.09 -2.54
N LYS E 230 -27.29 60.76 -1.41
CA LYS E 230 -27.76 61.76 -0.46
C LYS E 230 -26.58 62.42 0.26
N ARG E 231 -26.86 63.55 0.89
CA ARG E 231 -25.86 64.31 1.63
C ARG E 231 -26.22 64.52 3.10
N ASP E 232 -27.49 64.83 3.39
CA ASP E 232 -27.93 65.09 4.76
C ASP E 232 -28.19 63.76 5.47
N GLN E 233 -27.09 63.09 5.82
CA GLN E 233 -27.14 61.77 6.44
C GLN E 233 -26.26 61.73 7.68
N THR E 234 -26.41 62.72 8.56
CA THR E 234 -25.58 62.84 9.75
C THR E 234 -26.04 61.82 10.80
N LYS E 235 -25.74 60.55 10.52
CA LYS E 235 -26.08 59.44 11.42
C LYS E 235 -24.86 58.55 11.55
N TRP E 236 -24.38 58.37 12.77
CA TRP E 236 -23.15 57.62 13.01
C TRP E 236 -23.35 56.13 12.72
N VAL E 237 -22.33 55.50 12.13
CA VAL E 237 -22.34 54.09 11.81
C VAL E 237 -21.02 53.46 12.26
N PHE E 238 -21.04 52.14 12.40
CA PHE E 238 -19.85 51.40 12.77
C PHE E 238 -18.87 51.34 11.59
N ASN E 239 -17.58 51.26 11.92
CA ASN E 239 -16.51 51.25 10.92
C ASN E 239 -16.36 49.85 10.30
N SER E 240 -17.48 49.36 9.76
CA SER E 240 -17.54 48.05 9.15
C SER E 240 -16.72 48.02 7.87
N PRO E 241 -16.14 46.86 7.53
CA PRO E 241 -15.41 46.73 6.26
C PRO E 241 -16.29 46.67 5.03
N ASP E 242 -17.61 46.83 5.16
CA ASP E 242 -18.54 46.75 4.04
C ASP E 242 -19.25 48.08 3.80
N LEU E 243 -18.50 49.18 3.87
CA LEU E 243 -19.06 50.51 3.72
C LEU E 243 -18.02 51.46 3.15
N ILE E 244 -18.47 52.36 2.27
CA ILE E 244 -17.62 53.46 1.81
C ILE E 244 -17.35 54.39 2.99
N ARG E 245 -16.09 54.69 3.23
CA ARG E 245 -15.73 55.62 4.30
C ARG E 245 -15.86 57.05 3.82
N HIS E 246 -16.21 57.94 4.75
CA HIS E 246 -16.28 59.36 4.44
C HIS E 246 -14.86 59.92 4.37
N THR E 247 -14.72 61.07 3.69
CA THR E 247 -13.41 61.69 3.53
C THR E 247 -12.80 62.05 4.87
N ASP E 248 -13.58 62.63 5.78
CA ASP E 248 -13.19 62.81 7.17
C ASP E 248 -13.63 61.55 7.93
N HIS E 249 -12.69 60.62 8.11
CA HIS E 249 -12.97 59.34 8.74
C HIS E 249 -12.45 59.30 10.18
N SER E 250 -12.58 60.43 10.88
CA SER E 250 -12.22 60.50 12.29
C SER E 250 -13.25 59.75 13.14
N VAL E 251 -12.97 59.68 14.43
CA VAL E 251 -13.83 58.96 15.37
C VAL E 251 -14.89 59.94 15.86
N GLN E 252 -16.09 59.84 15.28
CA GLN E 252 -17.20 60.67 15.75
C GLN E 252 -17.63 60.30 17.17
N GLY E 253 -17.71 59.00 17.47
CA GLY E 253 -18.18 58.63 18.79
C GLY E 253 -17.71 57.26 19.21
N LYS E 254 -18.10 56.88 20.43
CA LYS E 254 -17.78 55.56 20.97
C LYS E 254 -19.01 54.96 21.62
N LEU E 255 -19.19 53.66 21.42
CA LEU E 255 -20.27 52.91 22.04
C LEU E 255 -19.71 51.80 22.92
N HIS E 256 -20.41 51.53 24.02
CA HIS E 256 -20.03 50.45 24.91
C HIS E 256 -20.21 49.09 24.24
N ILE E 257 -19.32 48.17 24.60
CA ILE E 257 -19.51 46.75 24.29
C ILE E 257 -20.10 46.09 25.54
N PRO E 258 -21.37 45.72 25.53
CA PRO E 258 -22.00 45.21 26.75
C PRO E 258 -21.55 43.81 27.12
N PHE E 259 -22.08 43.28 28.22
CA PHE E 259 -21.83 41.92 28.70
C PHE E 259 -20.34 41.69 28.97
N ARG E 260 -19.86 42.43 29.96
CA ARG E 260 -18.47 42.32 30.37
C ARG E 260 -18.20 40.94 30.97
N LEU E 261 -17.05 40.36 30.61
CA LEU E 261 -16.64 39.08 31.17
C LEU E 261 -16.22 39.25 32.62
N THR E 262 -17.17 39.10 33.55
CA THR E 262 -16.88 39.40 34.95
C THR E 262 -16.75 38.10 35.75
N PRO E 263 -15.95 38.11 36.82
CA PRO E 263 -15.82 36.91 37.65
C PRO E 263 -17.08 36.57 38.44
N THR E 264 -17.21 35.28 38.73
CA THR E 264 -18.29 34.73 39.54
C THR E 264 -17.84 33.34 40.01
N VAL E 265 -18.76 32.62 40.63
CA VAL E 265 -18.49 31.27 41.10
C VAL E 265 -19.29 30.29 40.24
N CYS E 266 -18.82 29.04 40.22
CA CYS E 266 -19.47 28.01 39.42
C CYS E 266 -19.04 26.65 39.95
N PRO E 267 -19.94 25.66 39.99
CA PRO E 267 -19.59 24.36 40.57
C PRO E 267 -18.97 23.42 39.55
N VAL E 268 -17.99 22.65 40.02
CA VAL E 268 -17.35 21.62 39.21
C VAL E 268 -17.48 20.30 39.97
N PRO E 269 -17.60 19.16 39.29
CA PRO E 269 -17.82 17.91 40.02
C PRO E 269 -16.60 17.46 40.78
N LEU E 270 -16.85 16.70 41.85
CA LEU E 270 -15.80 16.01 42.59
C LEU E 270 -15.84 14.53 42.21
N ALA E 271 -14.71 14.01 41.77
CA ALA E 271 -14.66 12.65 41.25
C ALA E 271 -14.81 11.62 42.38
N HIS E 272 -15.08 10.38 41.98
CA HIS E 272 -15.10 9.27 42.92
C HIS E 272 -13.73 9.12 43.58
N THR E 273 -13.74 8.96 44.89
CA THR E 273 -12.49 8.88 45.64
C THR E 273 -11.78 7.58 45.30
N PRO E 274 -10.53 7.63 44.84
CA PRO E 274 -9.84 6.40 44.43
C PRO E 274 -9.46 5.57 45.64
N THR E 275 -9.21 4.29 45.39
CA THR E 275 -8.75 3.39 46.45
C THR E 275 -7.27 3.13 46.25
N VAL E 276 -6.49 3.35 47.30
CA VAL E 276 -5.03 3.28 47.24
C VAL E 276 -4.59 1.97 47.86
N THR E 277 -3.88 1.15 47.10
CA THR E 277 -3.22 -0.02 47.64
C THR E 277 -1.73 0.27 47.73
N LYS E 278 -1.15 0.02 48.90
CA LYS E 278 0.14 0.58 49.29
C LYS E 278 1.18 -0.53 49.31
N TRP E 279 2.02 -0.59 48.29
CA TRP E 279 3.08 -1.59 48.23
C TRP E 279 4.43 -0.91 48.44
N PHE E 280 5.48 -1.73 48.50
CA PHE E 280 6.82 -1.25 48.85
C PHE E 280 7.32 -0.22 47.86
N LYS E 281 7.43 1.03 48.32
CA LYS E 281 7.79 2.19 47.50
C LYS E 281 6.85 2.33 46.29
N GLY E 282 5.55 2.21 46.53
CA GLY E 282 4.60 2.41 45.45
C GLY E 282 3.17 2.46 45.93
N ILE E 283 2.36 3.16 45.15
CA ILE E 283 0.92 3.21 45.37
C ILE E 283 0.22 2.86 44.06
N THR E 284 -0.78 1.99 44.15
CA THR E 284 -1.67 1.72 43.03
C THR E 284 -3.00 2.39 43.31
N LEU E 285 -3.37 3.33 42.45
CA LEU E 285 -4.62 4.06 42.54
C LEU E 285 -5.64 3.36 41.66
N HIS E 286 -6.68 2.80 42.27
CA HIS E 286 -7.83 2.29 41.53
C HIS E 286 -8.82 3.44 41.39
N LEU E 287 -9.15 3.77 40.14
CA LEU E 287 -9.76 5.04 39.78
C LEU E 287 -11.02 4.78 38.98
N THR E 288 -12.10 5.49 39.32
CA THR E 288 -13.35 5.44 38.59
C THR E 288 -13.65 6.80 37.97
N ALA E 289 -14.03 6.79 36.70
CA ALA E 289 -14.29 8.04 35.99
C ALA E 289 -15.32 7.76 34.89
N THR E 290 -16.60 8.07 35.17
CA THR E 290 -17.63 7.95 34.15
C THR E 290 -17.39 8.91 32.99
N ARG E 291 -16.99 10.14 33.28
CA ARG E 291 -16.48 11.11 32.34
C ARG E 291 -15.01 11.29 32.67
N PRO E 292 -14.19 11.75 31.71
CA PRO E 292 -12.75 11.82 31.94
C PRO E 292 -12.41 12.76 33.10
N THR E 293 -11.26 12.49 33.74
CA THR E 293 -10.76 13.30 34.85
C THR E 293 -9.24 13.40 34.75
N LEU E 294 -8.71 14.51 35.23
CA LEU E 294 -7.27 14.75 35.15
C LEU E 294 -6.58 14.33 36.44
N LEU E 295 -5.61 13.43 36.33
CA LEU E 295 -4.77 12.98 37.43
C LEU E 295 -3.37 13.51 37.21
N THR E 296 -2.84 14.25 38.19
CA THR E 296 -1.48 14.76 38.13
C THR E 296 -0.71 14.34 39.38
N THR E 297 0.45 13.72 39.16
CA THR E 297 1.32 13.25 40.23
C THR E 297 2.68 13.89 40.11
N ARG E 298 3.28 14.25 41.25
CA ARG E 298 4.64 14.77 41.25
C ARG E 298 5.35 14.36 42.53
N LYS E 299 6.65 14.13 42.41
CA LYS E 299 7.45 13.76 43.58
C LYS E 299 7.93 15.01 44.31
N LEU E 300 7.91 14.94 45.64
CA LEU E 300 8.26 16.07 46.50
C LEU E 300 9.77 16.15 46.75
N GLY E 301 10.54 16.34 45.69
CA GLY E 301 11.99 16.41 45.85
C GLY E 301 12.71 17.20 44.77
N LEU E 302 13.94 16.79 44.46
CA LEU E 302 14.74 17.50 43.48
C LEU E 302 14.18 17.35 42.07
N ARG E 303 13.84 16.13 41.67
CA ARG E 303 13.28 15.86 40.36
C ARG E 303 11.83 15.45 40.52
N ALA E 304 10.93 16.39 40.27
CA ALA E 304 9.49 16.12 40.34
C ALA E 304 9.05 15.55 39.00
N ASP E 305 9.02 14.22 38.91
CA ASP E 305 8.60 13.54 37.69
C ASP E 305 7.08 13.66 37.58
N ALA E 306 6.64 14.81 37.08
CA ALA E 306 5.22 15.12 37.03
C ALA E 306 4.56 14.39 35.87
N THR E 307 3.58 13.56 36.18
CA THR E 307 2.78 12.84 35.19
C THR E 307 1.36 13.37 35.21
N ALA E 308 0.87 13.78 34.05
CA ALA E 308 -0.48 14.29 33.88
C ALA E 308 -1.21 13.40 32.89
N GLU E 309 -2.38 12.91 33.27
CA GLU E 309 -3.12 12.01 32.41
C GLU E 309 -4.62 12.23 32.54
N TRP E 310 -5.31 12.25 31.40
CA TRP E 310 -6.77 12.30 31.38
C TRP E 310 -7.26 10.86 31.33
N ILE E 311 -8.12 10.50 32.30
CA ILE E 311 -8.47 9.11 32.57
C ILE E 311 -9.97 8.93 32.35
N THR E 312 -10.33 7.89 31.60
CA THR E 312 -11.71 7.54 31.33
C THR E 312 -11.94 6.11 31.76
N GLY E 313 -13.00 5.88 32.54
CA GLY E 313 -13.33 4.54 32.99
C GLY E 313 -12.56 4.11 34.23
N THR E 314 -12.91 2.93 34.72
CA THR E 314 -12.30 2.37 35.93
C THR E 314 -10.99 1.70 35.55
N THR E 315 -9.87 2.32 35.93
CA THR E 315 -8.55 1.77 35.64
C THR E 315 -7.75 1.71 36.94
N SER E 316 -6.50 1.29 36.82
CA SER E 316 -5.56 1.27 37.93
C SER E 316 -4.22 1.80 37.45
N ARG E 317 -3.65 2.72 38.21
CA ARG E 317 -2.40 3.36 37.83
C ARG E 317 -1.37 3.18 38.93
N ASN E 318 -0.13 2.88 38.52
CA ASN E 318 0.97 2.61 39.43
C ASN E 318 1.89 3.81 39.50
N PHE E 319 2.25 4.22 40.72
CA PHE E 319 3.16 5.32 40.92
C PHE E 319 4.19 4.94 41.97
N SER E 320 5.42 5.41 41.79
CA SER E 320 6.55 5.07 42.65
C SER E 320 6.75 6.18 43.66
N VAL E 321 6.54 5.86 44.94
CA VAL E 321 6.71 6.80 46.04
C VAL E 321 8.05 6.54 46.69
N GLY E 322 8.80 7.61 46.97
CA GLY E 322 10.05 7.52 47.68
C GLY E 322 9.96 8.15 49.07
N ARG E 323 11.12 8.17 49.74
CA ARG E 323 11.20 8.83 51.04
C ARG E 323 10.97 10.33 50.92
N GLU E 324 11.24 10.90 49.74
CA GLU E 324 10.93 12.31 49.50
C GLU E 324 9.42 12.55 49.49
N GLY E 325 8.66 11.65 48.88
CA GLY E 325 7.21 11.73 48.88
C GLY E 325 6.64 11.89 47.47
N LEU E 326 5.32 11.69 47.39
CA LEU E 326 4.60 11.83 46.14
C LEU E 326 3.25 12.49 46.44
N GLU E 327 2.91 13.49 45.65
CA GLU E 327 1.67 14.23 45.78
C GLU E 327 0.83 14.01 44.53
N TYR E 328 -0.40 13.53 44.71
CA TYR E 328 -1.30 13.28 43.60
C TYR E 328 -2.57 14.10 43.77
N VAL E 329 -3.04 14.66 42.66
CA VAL E 329 -4.31 15.39 42.61
C VAL E 329 -5.19 14.66 41.60
N TRP E 330 -6.40 14.31 42.03
CA TRP E 330 -7.32 13.48 41.26
C TRP E 330 -8.57 14.30 40.98
N GLY E 331 -8.65 14.88 39.78
CA GLY E 331 -9.78 15.71 39.43
C GLY E 331 -9.73 17.04 40.18
N ASN E 332 -10.88 17.43 40.72
CA ASN E 332 -11.00 18.67 41.47
C ASN E 332 -10.77 18.48 42.96
N HIS E 333 -10.38 17.29 43.39
CA HIS E 333 -10.11 17.04 44.80
C HIS E 333 -8.86 17.77 45.26
N GLU E 334 -8.77 18.00 46.57
CA GLU E 334 -7.59 18.59 47.16
C GLU E 334 -6.39 17.63 47.02
N PRO E 335 -5.17 18.18 46.92
CA PRO E 335 -4.00 17.32 46.77
C PRO E 335 -3.80 16.39 47.96
N VAL E 336 -3.37 15.17 47.66
CA VAL E 336 -3.08 14.17 48.69
C VAL E 336 -1.61 13.81 48.58
N ARG E 337 -0.88 13.98 49.68
CA ARG E 337 0.55 13.70 49.74
C ARG E 337 0.79 12.45 50.57
N VAL E 338 1.64 11.57 50.03
CA VAL E 338 2.00 10.31 50.68
C VAL E 338 3.52 10.21 50.71
N TRP E 339 4.02 9.40 51.63
CA TRP E 339 5.45 9.20 51.79
C TRP E 339 5.74 7.71 51.92
N ALA E 340 6.91 7.32 51.41
CA ALA E 340 7.35 5.94 51.47
C ALA E 340 8.38 5.80 52.57
N GLN E 341 8.20 4.78 53.41
CA GLN E 341 9.10 4.49 54.51
C GLN E 341 9.73 3.12 54.29
N GLU E 342 10.88 2.92 54.94
CA GLU E 342 11.76 1.79 54.64
C GLU E 342 11.15 0.50 55.20
N SER E 343 10.29 -0.11 54.40
CA SER E 343 9.55 -1.32 54.77
C SER E 343 9.92 -2.48 53.85
N ALA E 344 11.22 -2.64 53.59
CA ALA E 344 11.69 -3.73 52.75
C ALA E 344 11.48 -5.08 53.43
N PRO E 345 11.15 -6.11 52.67
CA PRO E 345 10.99 -7.45 53.27
C PRO E 345 12.30 -7.98 53.82
N GLY E 346 12.20 -8.76 54.88
CA GLY E 346 13.34 -9.29 55.58
C GLY E 346 13.57 -8.58 56.91
N ASP E 347 14.59 -9.04 57.61
CA ASP E 347 14.94 -8.50 58.93
C ASP E 347 16.42 -8.14 58.91
N PRO E 348 16.78 -6.86 59.13
CA PRO E 348 18.19 -6.49 59.22
C PRO E 348 18.87 -6.89 60.51
N HIS E 349 18.14 -7.56 61.43
CA HIS E 349 18.67 -7.91 62.74
C HIS E 349 18.78 -9.42 62.93
N GLY E 350 18.50 -10.20 61.89
CA GLY E 350 18.54 -11.65 62.00
C GLY E 350 19.69 -12.29 61.25
N TRP E 351 19.38 -13.31 60.45
CA TRP E 351 20.40 -14.04 59.72
C TRP E 351 20.96 -13.19 58.58
N PRO E 352 22.19 -13.48 58.15
CA PRO E 352 22.81 -12.66 57.08
C PRO E 352 22.05 -12.66 55.76
N HIS E 353 21.36 -13.75 55.40
CA HIS E 353 20.62 -13.76 54.14
C HIS E 353 19.42 -12.82 54.18
N GLU E 354 18.75 -12.74 55.34
CA GLU E 354 17.66 -11.78 55.50
C GLU E 354 18.17 -10.35 55.43
N ILE E 355 19.33 -10.08 56.03
CA ILE E 355 19.95 -8.76 55.93
C ILE E 355 20.29 -8.43 54.48
N ILE E 356 20.81 -9.43 53.75
CA ILE E 356 21.20 -9.23 52.36
C ILE E 356 19.99 -8.88 51.51
N ILE E 357 18.89 -9.64 51.65
CA ILE E 357 17.72 -9.38 50.83
C ILE E 357 17.04 -8.07 51.25
N HIS E 358 17.06 -7.75 52.55
CA HIS E 358 16.48 -6.49 53.02
C HIS E 358 17.22 -5.29 52.47
N TYR E 359 18.56 -5.29 52.58
CA TYR E 359 19.33 -4.16 52.08
C TYR E 359 19.39 -4.13 50.55
N TYR E 360 19.18 -5.27 49.89
CA TYR E 360 19.08 -5.26 48.44
C TYR E 360 17.75 -4.65 47.99
N HIS E 361 16.67 -4.92 48.73
CA HIS E 361 15.41 -4.26 48.43
C HIS E 361 15.43 -2.78 48.81
N ARG E 362 16.26 -2.41 49.78
CA ARG E 362 16.35 -1.01 50.17
C ARG E 362 17.13 -0.18 49.15
N HIS E 363 18.42 -0.49 48.99
CA HIS E 363 19.28 0.16 47.99
C HIS E 363 20.01 -0.93 47.22
N PRO E 364 19.61 -1.21 45.98
CA PRO E 364 20.20 -2.36 45.27
C PRO E 364 21.66 -2.15 44.88
N VAL E 365 22.00 -0.97 44.35
CA VAL E 365 23.36 -0.76 43.84
C VAL E 365 24.37 -0.71 44.98
N TYR E 366 24.02 -0.05 46.09
CA TYR E 366 24.91 -0.01 47.25
C TYR E 366 25.11 -1.40 47.84
N THR E 367 24.06 -2.20 47.88
CA THR E 367 24.17 -3.55 48.44
C THR E 367 24.99 -4.46 47.54
N VAL E 368 24.76 -4.42 46.22
CA VAL E 368 25.55 -5.28 45.35
C VAL E 368 27.01 -4.84 45.34
N ILE E 369 27.26 -3.53 45.46
CA ILE E 369 28.66 -3.09 45.47
C ILE E 369 29.33 -3.41 46.81
N VAL E 370 28.59 -3.44 47.93
CA VAL E 370 29.26 -3.75 49.20
C VAL E 370 29.52 -5.24 49.33
N LEU E 371 28.60 -6.09 48.84
CA LEU E 371 28.90 -7.52 48.79
C LEU E 371 29.99 -7.83 47.77
N CYS E 372 30.05 -7.08 46.66
CA CYS E 372 31.15 -7.24 45.73
C CYS E 372 32.48 -6.85 46.38
N GLY E 373 32.47 -5.79 47.18
CA GLY E 373 33.67 -5.40 47.91
C GLY E 373 34.09 -6.45 48.93
N VAL E 374 33.13 -7.03 49.65
CA VAL E 374 33.44 -8.09 50.61
C VAL E 374 34.04 -9.30 49.91
N ALA E 375 33.41 -9.74 48.82
CA ALA E 375 33.91 -10.92 48.10
C ALA E 375 35.29 -10.68 47.51
N LEU E 376 35.48 -9.52 46.88
CA LEU E 376 36.79 -9.19 46.30
C LEU E 376 37.85 -9.06 47.38
N ALA E 377 37.52 -8.44 48.52
CA ALA E 377 38.49 -8.29 49.59
C ALA E 377 38.88 -9.63 50.19
N ILE E 378 37.92 -10.53 50.43
CA ILE E 378 38.29 -11.81 51.01
C ILE E 378 39.05 -12.67 50.01
N LEU E 379 38.69 -12.61 48.71
CA LEU E 379 39.42 -13.36 47.71
C LEU E 379 40.86 -12.87 47.58
N VAL E 380 41.04 -11.55 47.54
CA VAL E 380 42.37 -10.95 47.43
C VAL E 380 43.20 -11.28 48.66
N GLY E 381 42.59 -11.19 49.85
CA GLY E 381 43.33 -11.48 51.08
C GLY E 381 43.76 -12.92 51.16
N THR E 382 42.86 -13.87 50.86
CA THR E 382 43.21 -15.28 50.91
C THR E 382 44.26 -15.63 49.85
N ALA E 383 44.14 -15.05 48.65
CA ALA E 383 45.13 -15.32 47.61
C ALA E 383 46.49 -14.77 47.99
N SER E 384 46.54 -13.55 48.52
CA SER E 384 47.82 -12.94 48.89
C SER E 384 48.46 -13.66 50.06
N SER E 385 47.68 -14.06 51.06
CA SER E 385 48.27 -14.77 52.18
C SER E 385 48.63 -16.21 51.82
N ALA E 386 47.92 -16.81 50.86
CA ALA E 386 48.35 -18.10 50.34
C ALA E 386 49.68 -17.99 49.61
N ALA E 387 49.86 -16.91 48.84
CA ALA E 387 51.14 -16.66 48.20
C ALA E 387 52.24 -16.42 49.23
N CYS E 388 51.92 -15.69 50.30
CA CYS E 388 52.89 -15.45 51.37
C CYS E 388 53.28 -16.74 52.08
N ILE E 389 52.29 -17.60 52.36
CA ILE E 389 52.55 -18.87 53.02
C ILE E 389 53.36 -19.79 52.12
N ALA E 390 53.08 -19.79 50.81
CA ALA E 390 53.88 -20.58 49.88
C ALA E 390 55.30 -20.07 49.78
N LYS E 391 55.48 -18.74 49.77
CA LYS E 391 56.82 -18.15 49.80
C LYS E 391 57.59 -18.58 51.03
N ALA E 392 56.95 -18.47 52.21
CA ALA E 392 57.61 -18.87 53.45
C ALA E 392 57.91 -20.37 53.47
N ARG E 393 56.98 -21.18 52.94
CA ARG E 393 57.16 -22.63 52.93
C ARG E 393 58.35 -23.02 52.07
N ARG E 394 58.43 -22.50 50.84
CA ARG E 394 59.56 -22.89 50.00
C ARG E 394 60.87 -22.25 50.46
N ASP E 395 60.81 -21.05 51.05
CA ASP E 395 62.02 -20.42 51.58
C ASP E 395 62.58 -21.21 52.76
N CYS E 396 61.70 -21.72 53.62
CA CYS E 396 62.14 -22.52 54.77
C CYS E 396 62.40 -23.98 54.42
N LEU E 397 61.91 -24.45 53.28
CA LEU E 397 62.10 -25.83 52.87
C LEU E 397 63.27 -26.02 51.91
N THR E 398 63.74 -24.96 51.25
CA THR E 398 64.92 -25.09 50.40
C THR E 398 66.25 -25.34 51.13
N PRO E 399 66.53 -24.87 52.37
CA PRO E 399 67.81 -25.28 52.98
C PRO E 399 67.86 -26.75 53.32
N TYR E 400 66.71 -27.38 53.58
CA TYR E 400 66.66 -28.82 53.73
C TYR E 400 66.51 -29.53 52.39
N ALA E 401 66.32 -28.79 51.30
CA ALA E 401 66.22 -29.38 49.98
C ALA E 401 67.54 -29.39 49.22
N LEU E 402 68.41 -28.41 49.45
CA LEU E 402 69.77 -28.51 48.89
C LEU E 402 70.56 -29.65 49.53
N ALA E 403 70.31 -29.93 50.80
CA ALA E 403 71.01 -31.01 51.48
C ALA E 403 70.13 -32.26 51.59
N MET F 6 94.76 -35.48 37.97
CA MET F 6 94.21 -36.05 39.19
C MET F 6 92.71 -35.81 39.30
N CYS F 7 92.32 -34.53 39.32
CA CYS F 7 90.92 -34.17 39.47
C CYS F 7 90.10 -34.45 38.21
N MET F 8 90.75 -34.70 37.08
CA MET F 8 90.03 -35.02 35.86
C MET F 8 89.29 -36.35 35.99
N LYS F 9 89.93 -37.34 36.62
CA LYS F 9 89.32 -38.66 36.76
C LYS F 9 88.22 -38.67 37.82
N LEU F 10 88.36 -37.84 38.86
CA LEU F 10 87.44 -37.89 39.99
C LEU F 10 86.03 -37.44 39.59
N GLU F 11 85.94 -36.39 38.78
CA GLU F 11 84.67 -35.78 38.40
C GLU F 11 84.30 -36.01 36.93
N SER F 12 84.82 -37.07 36.31
CA SER F 12 84.53 -37.35 34.91
C SER F 12 83.06 -37.74 34.73
N ASP F 13 82.47 -37.27 33.63
CA ASP F 13 81.10 -37.58 33.22
C ASP F 13 80.06 -37.13 34.25
N LYS F 14 80.42 -36.14 35.08
CA LYS F 14 79.55 -35.74 36.18
C LYS F 14 79.43 -34.21 36.30
N THR F 15 79.97 -33.45 35.35
CA THR F 15 79.95 -31.99 35.37
C THR F 15 79.55 -31.53 33.97
N PHE F 16 78.36 -31.96 33.55
CA PHE F 16 77.87 -31.78 32.19
C PHE F 16 77.83 -30.30 31.81
N PRO F 17 78.46 -29.89 30.71
CA PRO F 17 78.49 -28.47 30.35
C PRO F 17 77.13 -27.96 29.88
N ILE F 18 77.07 -26.64 29.72
CA ILE F 18 75.88 -25.95 29.21
C ILE F 18 76.29 -25.22 27.95
N MET F 19 75.54 -25.44 26.86
CA MET F 19 75.94 -25.05 25.52
C MET F 19 75.10 -23.86 25.05
N LEU F 20 75.75 -22.72 24.81
CA LEU F 20 75.05 -21.48 24.40
C LEU F 20 75.73 -20.89 23.17
N ASN F 21 75.38 -21.40 21.98
CA ASN F 21 75.75 -20.79 20.70
C ASN F 21 77.27 -20.62 20.60
N GLY F 22 78.02 -21.61 21.11
CA GLY F 22 79.46 -21.49 21.20
C GLY F 22 79.97 -21.49 22.63
N GLN F 23 79.22 -20.84 23.52
CA GLN F 23 79.64 -20.73 24.91
C GLN F 23 79.44 -22.06 25.64
N VAL F 24 80.46 -22.47 26.41
CA VAL F 24 80.44 -23.73 27.14
C VAL F 24 80.60 -23.33 28.61
N ASN F 25 80.04 -22.17 28.97
CA ASN F 25 80.33 -21.55 30.26
C ASN F 25 79.71 -22.33 31.42
N GLY F 26 78.42 -22.65 31.32
CA GLY F 26 77.73 -23.24 32.46
C GLY F 26 78.06 -24.71 32.65
N TYR F 27 78.03 -25.14 33.92
CA TYR F 27 78.21 -26.53 34.31
C TYR F 27 77.05 -26.96 35.19
N ALA F 28 76.63 -28.21 35.03
CA ALA F 28 75.57 -28.79 35.85
C ALA F 28 76.02 -30.16 36.36
N CYS F 29 75.85 -30.40 37.65
CA CYS F 29 76.40 -31.57 38.32
C CYS F 29 75.31 -32.39 38.97
N VAL F 30 75.30 -33.69 38.71
CA VAL F 30 74.33 -34.60 39.33
C VAL F 30 74.90 -34.99 40.69
N VAL F 31 74.51 -34.24 41.71
CA VAL F 31 75.03 -34.41 43.06
C VAL F 31 73.90 -34.87 43.96
N GLY F 32 74.10 -36.00 44.65
CA GLY F 32 73.15 -36.48 45.64
C GLY F 32 71.77 -36.80 45.08
N GLY F 33 71.67 -37.12 43.80
CA GLY F 33 70.39 -37.34 43.16
C GLY F 33 69.70 -36.10 42.65
N ARG F 34 70.29 -34.93 42.83
CA ARG F 34 69.72 -33.67 42.36
C ARG F 34 70.69 -33.00 41.40
N LEU F 35 70.15 -32.40 40.34
CA LEU F 35 70.98 -31.73 39.33
C LEU F 35 71.25 -30.30 39.79
N MET F 36 72.36 -30.12 40.50
CA MET F 36 72.86 -28.79 40.84
C MET F 36 73.18 -28.02 39.56
N LYS F 37 72.37 -27.01 39.24
CA LYS F 37 72.58 -26.16 38.08
C LYS F 37 72.31 -24.72 38.51
N PRO F 38 73.29 -23.83 38.37
CA PRO F 38 73.09 -22.43 38.81
C PRO F 38 72.22 -21.65 37.85
N LEU F 39 71.40 -20.75 38.44
CA LEU F 39 70.50 -19.91 37.67
C LEU F 39 71.22 -18.81 36.91
N HIS F 40 72.40 -18.38 37.39
CA HIS F 40 73.07 -17.23 36.82
C HIS F 40 73.50 -17.49 35.38
N VAL F 41 73.98 -18.68 35.09
CA VAL F 41 74.18 -19.11 33.71
C VAL F 41 72.92 -19.83 33.25
N GLU F 42 72.47 -19.47 32.06
CA GLU F 42 71.25 -20.00 31.46
C GLU F 42 71.63 -21.01 30.39
N GLY F 43 70.63 -21.48 29.65
CA GLY F 43 70.87 -22.29 28.47
C GLY F 43 70.27 -23.69 28.60
N LYS F 44 70.90 -24.64 27.90
CA LYS F 44 70.42 -26.00 27.76
C LYS F 44 71.53 -26.97 28.11
N ILE F 45 71.17 -28.09 28.75
CA ILE F 45 72.14 -29.08 29.16
C ILE F 45 72.78 -29.69 27.91
N ASP F 46 74.07 -30.07 28.02
CA ASP F 46 74.78 -30.58 26.85
C ASP F 46 74.22 -31.91 26.37
N ASN F 47 73.67 -32.72 27.27
CA ASN F 47 72.94 -33.93 26.90
C ASN F 47 71.44 -33.66 26.94
N GLU F 48 70.68 -34.60 26.37
CA GLU F 48 69.23 -34.46 26.32
C GLU F 48 68.50 -35.36 27.31
N GLN F 49 69.11 -36.48 27.71
CA GLN F 49 68.47 -37.39 28.64
C GLN F 49 68.53 -36.90 30.09
N LEU F 50 69.37 -35.92 30.39
CA LEU F 50 69.35 -35.23 31.67
C LEU F 50 68.83 -33.80 31.55
N ALA F 51 68.30 -33.42 30.38
CA ALA F 51 67.77 -32.08 30.18
C ALA F 51 66.26 -32.02 30.29
N ALA F 52 65.57 -33.10 29.92
CA ALA F 52 64.11 -33.13 29.91
C ALA F 52 63.50 -33.12 31.30
N VAL F 53 64.29 -33.41 32.34
CA VAL F 53 63.79 -33.36 33.71
C VAL F 53 63.55 -31.90 34.09
N LYS F 54 62.51 -31.65 34.90
CA LYS F 54 62.26 -30.30 35.38
C LYS F 54 63.07 -30.02 36.62
N LEU F 55 63.57 -28.79 36.74
CA LEU F 55 64.45 -28.38 37.83
C LEU F 55 63.78 -27.25 38.61
N LYS F 56 63.82 -27.36 39.94
CA LYS F 56 63.09 -26.45 40.82
C LYS F 56 63.97 -25.28 41.24
N LYS F 57 63.44 -24.06 41.07
CA LYS F 57 64.22 -22.85 41.31
C LYS F 57 64.49 -22.63 42.79
N ALA F 58 65.59 -21.94 43.08
CA ALA F 58 65.92 -21.46 44.43
C ALA F 58 66.80 -20.22 44.25
N SER F 59 66.17 -19.04 44.37
CA SER F 59 66.86 -17.80 44.07
C SER F 59 67.84 -17.39 45.17
N MET F 60 67.57 -17.78 46.42
CA MET F 60 68.43 -17.37 47.53
C MET F 60 69.79 -18.04 47.51
N TYR F 61 69.91 -19.23 46.90
CA TYR F 61 71.17 -19.95 46.84
C TYR F 61 71.70 -20.10 45.42
N ASP F 62 70.95 -19.66 44.41
CA ASP F 62 71.36 -19.67 43.00
C ASP F 62 71.67 -21.09 42.52
N LEU F 63 70.85 -22.05 42.95
CA LEU F 63 70.86 -23.41 42.42
C LEU F 63 69.44 -23.81 42.04
N GLU F 64 69.31 -24.52 40.91
CA GLU F 64 68.03 -25.03 40.44
C GLU F 64 68.19 -26.52 40.20
N TYR F 65 67.32 -27.35 40.79
CA TYR F 65 67.53 -28.78 40.85
C TYR F 65 66.24 -29.56 40.65
N GLY F 66 66.38 -30.80 40.19
CA GLY F 66 65.25 -31.68 39.99
C GLY F 66 65.45 -33.08 40.55
N ASP F 67 65.21 -34.11 39.74
CA ASP F 67 65.34 -35.49 40.14
C ASP F 67 66.29 -36.22 39.20
N VAL F 68 66.71 -37.41 39.60
CA VAL F 68 67.68 -38.19 38.84
C VAL F 68 66.96 -39.32 38.09
N PRO F 69 66.79 -39.18 36.77
CA PRO F 69 65.94 -40.13 36.02
C PRO F 69 66.64 -41.34 35.41
N GLN F 70 67.93 -41.22 35.07
CA GLN F 70 68.54 -42.19 34.16
C GLN F 70 68.83 -43.54 34.81
N ASN F 71 68.83 -43.61 36.14
CA ASN F 71 68.98 -44.88 36.85
C ASN F 71 68.38 -44.71 38.24
N MET F 72 68.71 -45.66 39.13
CA MET F 72 68.24 -45.58 40.51
C MET F 72 68.81 -44.36 41.22
N LYS F 73 70.15 -44.29 41.32
CA LYS F 73 70.81 -43.14 41.93
C LYS F 73 72.00 -42.63 41.13
N SER F 74 72.57 -43.43 40.22
CA SER F 74 73.58 -43.01 39.24
C SER F 74 74.83 -42.51 39.96
N ASP F 75 75.20 -41.24 39.81
CA ASP F 75 76.48 -40.75 40.31
C ASP F 75 76.32 -40.25 41.74
N THR F 76 77.36 -40.44 42.56
CA THR F 76 77.21 -40.28 44.01
C THR F 76 77.45 -38.84 44.46
N LEU F 77 78.69 -38.38 44.35
CA LEU F 77 79.18 -37.15 44.99
C LEU F 77 78.59 -36.95 46.38
N GLN F 78 78.85 -37.94 47.24
CA GLN F 78 78.36 -37.90 48.61
C GLN F 78 78.94 -36.70 49.36
N TYR F 79 78.10 -36.10 50.20
CA TYR F 79 78.41 -34.81 50.78
C TYR F 79 79.36 -34.98 51.97
N THR F 80 79.84 -33.86 52.48
CA THR F 80 80.60 -33.83 53.72
C THR F 80 80.15 -32.63 54.55
N SER F 81 80.21 -32.79 55.87
CA SER F 81 79.84 -31.74 56.81
C SER F 81 81.01 -31.21 57.61
N ASP F 82 81.93 -32.08 58.00
CA ASP F 82 83.16 -31.63 58.64
C ASP F 82 84.09 -30.98 57.63
N LYS F 83 84.57 -29.77 57.95
CA LYS F 83 85.38 -28.97 57.04
C LYS F 83 86.53 -28.33 57.79
N PRO F 84 87.67 -29.03 57.89
CA PRO F 84 88.87 -28.42 58.47
C PRO F 84 89.51 -27.47 57.49
N PRO F 85 90.56 -26.73 57.90
CA PRO F 85 91.33 -25.96 56.91
C PRO F 85 91.89 -26.80 55.78
N GLY F 86 92.41 -27.99 56.11
CA GLY F 86 92.69 -29.07 55.17
C GLY F 86 93.37 -28.78 53.85
N PHE F 87 93.00 -29.55 52.83
CA PHE F 87 93.57 -29.45 51.49
C PHE F 87 92.56 -30.08 50.53
N TYR F 88 92.01 -29.28 49.62
CA TYR F 88 90.88 -29.70 48.81
C TYR F 88 91.21 -29.56 47.34
N ASN F 89 91.20 -30.69 46.62
CA ASN F 89 91.59 -30.72 45.22
C ASN F 89 90.45 -30.19 44.34
N TRP F 90 90.76 -29.17 43.54
CA TRP F 90 89.80 -28.58 42.62
C TRP F 90 90.26 -28.87 41.19
N HIS F 91 89.37 -28.60 40.22
CA HIS F 91 89.68 -28.81 38.81
C HIS F 91 90.89 -28.01 38.36
N HIS F 92 90.90 -26.70 38.62
CA HIS F 92 91.84 -25.79 37.98
C HIS F 92 92.73 -25.13 39.04
N GLY F 93 93.24 -25.95 39.97
CA GLY F 93 94.06 -25.47 41.07
C GLY F 93 93.42 -25.70 42.41
N ALA F 94 94.05 -26.50 43.27
CA ALA F 94 93.44 -26.90 44.53
C ALA F 94 93.22 -25.70 45.45
N VAL F 95 92.00 -25.61 45.99
CA VAL F 95 91.59 -24.46 46.78
C VAL F 95 91.86 -24.75 48.25
N GLN F 96 91.89 -23.69 49.06
CA GLN F 96 92.23 -23.79 50.47
C GLN F 96 91.17 -23.14 51.34
N TYR F 97 90.99 -23.70 52.53
CA TYR F 97 90.10 -23.16 53.55
C TYR F 97 90.91 -22.35 54.55
N GLU F 98 90.61 -21.06 54.63
CA GLU F 98 91.23 -20.14 55.58
C GLU F 98 90.13 -19.70 56.55
N ASN F 99 90.01 -20.47 57.64
CA ASN F 99 89.24 -20.16 58.85
C ASN F 99 87.85 -19.58 58.61
N GLY F 100 87.21 -19.93 57.51
CA GLY F 100 85.90 -19.40 57.20
C GLY F 100 85.74 -18.93 55.77
N ARG F 101 86.78 -19.08 54.96
CA ARG F 101 86.75 -18.62 53.57
C ARG F 101 87.44 -19.63 52.68
N PHE F 102 87.07 -19.63 51.40
CA PHE F 102 87.80 -20.37 50.38
C PHE F 102 88.65 -19.41 49.58
N THR F 103 89.95 -19.72 49.49
CA THR F 103 90.89 -18.92 48.72
C THR F 103 91.56 -19.81 47.68
N VAL F 104 91.86 -19.23 46.52
CA VAL F 104 92.54 -19.92 45.44
C VAL F 104 93.60 -18.90 45.03
N PRO F 105 94.74 -19.26 44.42
CA PRO F 105 95.67 -18.21 43.97
C PRO F 105 95.10 -17.40 42.81
N ARG F 106 95.69 -16.22 42.61
CA ARG F 106 95.10 -15.19 41.74
C ARG F 106 95.03 -15.62 40.29
N GLY F 107 96.10 -16.23 39.77
CA GLY F 107 96.25 -16.41 38.33
C GLY F 107 95.32 -17.42 37.71
N VAL F 108 94.59 -18.18 38.51
CA VAL F 108 93.71 -19.24 38.02
C VAL F 108 92.26 -18.77 38.12
N GLY F 109 91.48 -19.08 37.08
CA GLY F 109 90.08 -18.67 37.03
C GLY F 109 89.52 -18.67 35.62
N GLY F 110 88.73 -17.67 35.29
CA GLY F 110 88.18 -17.53 33.95
C GLY F 110 86.66 -17.56 33.97
N LYS F 111 86.06 -16.85 33.02
CA LYS F 111 84.61 -16.79 32.90
C LYS F 111 84.06 -18.16 32.51
N GLY F 112 82.90 -18.51 33.07
CA GLY F 112 82.37 -19.84 32.91
C GLY F 112 82.89 -20.83 33.92
N ASP F 113 83.45 -20.34 35.03
CA ASP F 113 84.00 -21.23 36.05
C ASP F 113 82.90 -21.87 36.89
N SER F 114 81.74 -21.23 36.99
CA SER F 114 80.70 -21.66 37.91
C SER F 114 80.10 -23.01 37.49
N GLY F 115 79.58 -23.74 38.47
CA GLY F 115 79.07 -25.07 38.27
C GLY F 115 80.08 -26.18 38.49
N ARG F 116 81.37 -25.84 38.49
CA ARG F 116 82.41 -26.81 38.77
C ARG F 116 82.45 -27.10 40.27
N PRO F 117 82.29 -28.35 40.70
CA PRO F 117 82.29 -28.65 42.13
C PRO F 117 83.69 -28.67 42.71
N ILE F 118 83.74 -28.61 44.04
CA ILE F 118 84.98 -28.67 44.81
C ILE F 118 84.96 -29.96 45.62
N LEU F 119 86.04 -30.73 45.54
CA LEU F 119 86.11 -32.02 46.18
C LEU F 119 87.28 -32.09 47.14
N ASP F 120 87.16 -32.93 48.16
CA ASP F 120 88.17 -33.06 49.19
C ASP F 120 89.15 -34.18 48.81
N ASN F 121 89.96 -34.62 49.79
CA ASN F 121 90.89 -35.72 49.57
C ASN F 121 90.16 -37.02 49.29
N ARG F 122 89.04 -37.26 49.99
CA ARG F 122 88.29 -38.50 49.83
C ARG F 122 87.34 -38.48 48.64
N GLY F 123 87.27 -37.37 47.90
CA GLY F 123 86.37 -37.25 46.77
C GLY F 123 84.99 -36.74 47.10
N ARG F 124 84.69 -36.50 48.37
CA ARG F 124 83.41 -35.94 48.75
C ARG F 124 83.34 -34.46 48.41
N VAL F 125 82.16 -34.00 48.03
CA VAL F 125 81.98 -32.61 47.61
C VAL F 125 81.87 -31.72 48.84
N VAL F 126 82.54 -30.57 48.77
CA VAL F 126 82.57 -29.60 49.85
C VAL F 126 81.73 -28.38 49.51
N ALA F 127 81.83 -27.90 48.26
CA ALA F 127 81.04 -26.76 47.80
C ALA F 127 81.04 -26.74 46.28
N ILE F 128 80.22 -25.85 45.72
CA ILE F 128 80.17 -25.58 44.28
C ILE F 128 80.42 -24.09 44.07
N VAL F 129 81.24 -23.77 43.07
CA VAL F 129 81.68 -22.39 42.88
C VAL F 129 80.60 -21.59 42.15
N LEU F 130 80.37 -20.37 42.61
CA LEU F 130 79.40 -19.48 42.00
C LEU F 130 79.95 -18.10 41.67
N GLY F 131 80.80 -17.55 42.53
CA GLY F 131 81.27 -16.19 42.38
C GLY F 131 82.71 -16.03 42.82
N GLY F 132 83.29 -14.88 42.50
CA GLY F 132 84.68 -14.66 42.82
C GLY F 132 85.02 -13.28 43.36
N ALA F 133 85.72 -13.24 44.50
CA ALA F 133 86.22 -12.02 45.12
C ALA F 133 87.73 -11.97 44.91
N ASN F 134 88.38 -11.03 45.58
CA ASN F 134 89.83 -10.89 45.45
C ASN F 134 90.39 -10.18 46.68
N GLU F 135 91.53 -10.66 47.16
CA GLU F 135 92.29 -10.00 48.22
C GLU F 135 93.78 -10.01 47.83
N GLY F 136 94.07 -9.54 46.62
CA GLY F 136 95.44 -9.44 46.17
C GLY F 136 95.99 -10.69 45.52
N THR F 137 97.05 -11.26 46.10
CA THR F 137 97.71 -12.42 45.53
C THR F 137 96.85 -13.68 45.54
N ARG F 138 95.80 -13.73 46.34
CA ARG F 138 94.84 -14.81 46.31
C ARG F 138 93.43 -14.23 46.19
N THR F 139 92.55 -14.99 45.55
CA THR F 139 91.19 -14.56 45.27
C THR F 139 90.22 -15.48 45.99
N ALA F 140 89.15 -14.88 46.54
CA ALA F 140 88.16 -15.58 47.34
C ALA F 140 86.97 -16.00 46.47
N LEU F 141 86.16 -16.91 47.01
CA LEU F 141 85.10 -17.56 46.26
C LEU F 141 83.77 -17.42 46.99
N SER F 142 82.72 -17.10 46.24
CA SER F 142 81.35 -17.23 46.70
C SER F 142 80.87 -18.63 46.30
N VAL F 143 80.68 -19.49 47.29
CA VAL F 143 80.28 -20.87 47.04
C VAL F 143 79.02 -21.17 47.85
N VAL F 144 78.53 -22.39 47.74
CA VAL F 144 77.41 -22.87 48.54
C VAL F 144 77.93 -24.01 49.40
N THR F 145 77.97 -23.81 50.71
CA THR F 145 78.58 -24.74 51.63
C THR F 145 77.56 -25.25 52.64
N TRP F 146 78.03 -26.11 53.53
CA TRP F 146 77.27 -26.68 54.63
C TRP F 146 77.94 -26.31 55.95
N ASN F 147 77.36 -26.78 57.06
CA ASN F 147 77.93 -26.52 58.37
C ASN F 147 77.85 -27.81 59.19
N GLN F 148 78.04 -27.67 60.50
CA GLN F 148 78.04 -28.83 61.39
C GLN F 148 76.67 -29.50 61.49
N LYS F 149 75.59 -28.76 61.21
CA LYS F 149 74.30 -29.39 60.99
C LYS F 149 73.92 -29.48 59.52
N GLY F 150 74.82 -29.08 58.61
CA GLY F 150 74.53 -29.17 57.20
C GLY F 150 73.60 -28.13 56.66
N VAL F 151 73.46 -26.98 57.34
CA VAL F 151 72.62 -25.90 56.85
C VAL F 151 73.35 -25.23 55.69
N THR F 152 72.68 -25.15 54.54
CA THR F 152 73.30 -24.66 53.32
C THR F 152 73.42 -23.15 53.38
N ILE F 153 74.65 -22.65 53.36
CA ILE F 153 74.95 -21.23 53.46
C ILE F 153 75.72 -20.81 52.22
N LYS F 154 75.26 -19.74 51.56
CA LYS F 154 76.00 -19.15 50.46
C LYS F 154 77.07 -18.23 51.04
N ASP F 155 78.33 -18.63 50.90
CA ASP F 155 79.44 -17.84 51.41
C ASP F 155 79.58 -16.55 50.62
N THR F 156 79.70 -15.43 51.33
CA THR F 156 79.75 -14.10 50.72
C THR F 156 80.99 -13.38 51.21
N PRO F 157 82.13 -13.53 50.53
CA PRO F 157 83.34 -12.76 50.88
C PRO F 157 83.33 -11.38 50.22
N GLU F 158 82.53 -10.49 50.79
CA GLU F 158 82.32 -9.10 50.37
C GLU F 158 81.79 -9.10 48.92
N GLY F 159 82.08 -8.05 48.16
CA GLY F 159 81.64 -7.98 46.78
C GLY F 159 82.35 -8.97 45.89
N SER F 160 81.64 -10.00 45.44
CA SER F 160 82.22 -11.07 44.64
C SER F 160 81.49 -11.16 43.31
N GLU F 161 82.25 -11.14 42.21
CA GLU F 161 81.69 -11.22 40.88
C GLU F 161 81.39 -12.67 40.51
N PRO F 162 80.21 -12.95 39.95
CA PRO F 162 79.88 -14.32 39.60
C PRO F 162 80.67 -14.81 38.40
N TRP F 163 81.02 -16.09 38.41
CA TRP F 163 81.85 -16.66 37.36
C TRP F 163 81.02 -16.94 36.11
N PHE G 1 -27.57 -62.80 19.56
CA PHE G 1 -26.14 -62.82 19.26
C PHE G 1 -25.51 -61.45 19.45
N GLU G 2 -24.76 -61.29 20.54
CA GLU G 2 -24.13 -60.02 20.84
C GLU G 2 -22.94 -59.77 19.90
N HIS G 3 -22.71 -58.51 19.57
CA HIS G 3 -21.58 -58.09 18.75
C HIS G 3 -21.01 -56.81 19.32
N ALA G 4 -19.70 -56.76 19.47
CA ALA G 4 -19.00 -55.61 20.04
C ALA G 4 -18.17 -54.93 18.97
N THR G 5 -18.22 -53.60 18.96
CA THR G 5 -17.48 -52.80 17.99
C THR G 5 -17.25 -51.43 18.60
N THR G 6 -16.62 -50.54 17.83
CA THR G 6 -16.31 -49.19 18.29
C THR G 6 -16.67 -48.21 17.18
N VAL G 7 -17.64 -47.34 17.44
CA VAL G 7 -18.16 -46.41 16.44
C VAL G 7 -17.48 -45.06 16.62
N PRO G 8 -17.15 -44.34 15.55
CA PRO G 8 -16.70 -42.95 15.71
C PRO G 8 -17.82 -42.07 16.25
N ASN G 9 -17.41 -41.03 16.97
CA ASN G 9 -18.33 -40.19 17.73
C ASN G 9 -19.02 -39.16 16.83
N VAL G 10 -18.52 -38.96 15.62
CA VAL G 10 -18.95 -37.85 14.77
C VAL G 10 -20.42 -38.03 14.39
N PRO G 11 -21.28 -37.03 14.60
CA PRO G 11 -22.65 -37.11 14.08
C PRO G 11 -22.66 -37.13 12.56
N GLY G 12 -23.59 -37.89 12.00
CA GLY G 12 -23.45 -38.23 10.60
C GLY G 12 -22.35 -39.27 10.44
N ILE G 13 -21.88 -39.40 9.20
CA ILE G 13 -20.88 -40.40 8.78
C ILE G 13 -21.36 -41.78 9.22
N PRO G 14 -22.31 -42.37 8.50
CA PRO G 14 -22.86 -43.68 8.88
C PRO G 14 -21.77 -44.76 8.93
N TYR G 15 -21.85 -45.61 9.96
CA TYR G 15 -20.80 -46.59 10.23
C TYR G 15 -21.29 -47.99 9.88
N LYS G 16 -20.56 -48.65 8.98
CA LYS G 16 -20.92 -49.99 8.51
C LYS G 16 -20.22 -51.06 9.33
N ALA G 17 -20.86 -52.23 9.40
CA ALA G 17 -20.29 -53.40 10.07
C ALA G 17 -20.99 -54.64 9.54
N LEU G 18 -20.35 -55.79 9.77
CA LEU G 18 -20.89 -57.07 9.33
C LEU G 18 -20.87 -58.03 10.51
N VAL G 19 -22.05 -58.46 10.97
CA VAL G 19 -22.14 -59.46 12.01
C VAL G 19 -22.27 -60.82 11.34
N GLU G 20 -21.84 -61.86 12.05
CA GLU G 20 -21.74 -63.17 11.40
C GLU G 20 -21.78 -64.25 12.48
N ARG G 21 -22.83 -65.07 12.44
CA ARG G 21 -22.92 -66.26 13.28
C ARG G 21 -22.38 -67.46 12.50
N ALA G 22 -21.94 -68.47 13.27
CA ALA G 22 -21.27 -69.63 12.66
C ALA G 22 -22.21 -70.41 11.75
N GLY G 23 -23.47 -70.59 12.16
CA GLY G 23 -24.44 -71.29 11.36
C GLY G 23 -25.38 -70.41 10.58
N TYR G 24 -25.29 -69.09 10.72
CA TYR G 24 -26.20 -68.17 10.06
C TYR G 24 -25.43 -67.35 9.02
N ALA G 25 -26.19 -66.72 8.14
CA ALA G 25 -25.61 -65.90 7.09
C ALA G 25 -25.01 -64.62 7.67
N PRO G 26 -24.00 -64.04 7.00
CA PRO G 26 -23.54 -62.70 7.39
C PRO G 26 -24.67 -61.69 7.22
N LEU G 27 -24.79 -60.81 8.20
CA LEU G 27 -25.87 -59.84 8.26
C LEU G 27 -25.27 -58.44 8.35
N ASN G 28 -25.91 -57.50 7.65
CA ASN G 28 -25.52 -56.11 7.70
C ASN G 28 -25.75 -55.55 9.10
N LEU G 29 -24.91 -54.59 9.49
CA LEU G 29 -25.10 -53.88 10.73
C LEU G 29 -24.75 -52.42 10.49
N GLU G 30 -25.68 -51.53 10.78
CA GLU G 30 -25.43 -50.11 10.66
C GLU G 30 -25.50 -49.46 12.03
N ILE G 31 -24.50 -48.65 12.34
CA ILE G 31 -24.52 -47.82 13.55
C ILE G 31 -24.24 -46.40 13.09
N THR G 32 -25.20 -45.50 13.28
CA THR G 32 -24.95 -44.11 12.98
C THR G 32 -25.48 -43.22 14.10
N VAL G 33 -24.73 -42.17 14.41
CA VAL G 33 -25.07 -41.24 15.48
C VAL G 33 -25.76 -40.03 14.86
N VAL G 34 -26.97 -39.74 15.32
CA VAL G 34 -27.70 -38.58 14.81
C VAL G 34 -27.61 -37.39 15.75
N SER G 35 -27.36 -37.63 17.04
CA SER G 35 -27.25 -36.55 18.01
C SER G 35 -26.38 -37.02 19.17
N SER G 36 -25.70 -36.07 19.79
CA SER G 36 -24.84 -36.37 20.94
C SER G 36 -24.73 -35.12 21.79
N GLU G 37 -25.23 -35.18 23.01
CA GLU G 37 -25.26 -34.01 23.89
C GLU G 37 -24.46 -34.29 25.16
N LEU G 38 -23.70 -33.29 25.61
CA LEU G 38 -22.96 -33.37 26.85
C LEU G 38 -23.71 -32.54 27.89
N THR G 39 -24.42 -33.21 28.79
CA THR G 39 -25.20 -32.52 29.82
C THR G 39 -24.52 -32.67 31.18
N PRO G 40 -23.81 -31.66 31.66
CA PRO G 40 -23.11 -31.79 32.94
C PRO G 40 -24.00 -31.47 34.13
N SER G 41 -23.63 -32.03 35.28
CA SER G 41 -24.30 -31.73 36.52
C SER G 41 -23.80 -30.39 37.05
N THR G 42 -24.69 -29.39 37.08
CA THR G 42 -24.32 -28.04 37.45
C THR G 42 -25.14 -27.58 38.64
N ASN G 43 -24.52 -26.78 39.50
CA ASN G 43 -25.21 -26.12 40.60
C ASN G 43 -25.07 -24.61 40.47
N LYS G 44 -25.97 -23.89 41.12
CA LYS G 44 -26.10 -22.44 40.96
C LYS G 44 -25.61 -21.75 42.23
N GLU G 45 -24.63 -20.85 42.07
CA GLU G 45 -24.13 -20.10 43.21
C GLU G 45 -24.91 -18.80 43.40
N TYR G 46 -24.90 -17.92 42.40
CA TYR G 46 -25.64 -16.67 42.52
C TYR G 46 -26.02 -16.13 41.15
N VAL G 47 -27.02 -15.26 41.17
CA VAL G 47 -27.42 -14.46 40.02
C VAL G 47 -26.91 -13.04 40.24
N THR G 48 -26.65 -12.32 39.15
CA THR G 48 -26.17 -10.95 39.23
C THR G 48 -26.74 -10.14 38.08
N CYS G 49 -26.81 -8.83 38.29
CA CYS G 49 -27.38 -7.89 37.32
C CYS G 49 -27.00 -6.48 37.73
N LYS G 50 -27.56 -5.50 37.02
CA LYS G 50 -27.50 -4.10 37.45
C LYS G 50 -28.15 -3.91 38.82
N PHE G 51 -27.48 -3.19 39.69
CA PHE G 51 -28.10 -2.77 40.93
C PHE G 51 -28.85 -1.46 40.73
N HIS G 52 -29.81 -1.21 41.62
CA HIS G 52 -30.63 0.00 41.55
C HIS G 52 -30.07 1.15 42.37
N THR G 53 -29.18 0.85 43.32
CA THR G 53 -28.61 1.78 44.32
C THR G 53 -29.62 2.83 44.79
N VAL G 54 -30.75 2.32 45.29
CA VAL G 54 -31.83 3.18 45.75
C VAL G 54 -31.40 3.93 47.01
N VAL G 55 -31.73 5.21 47.06
CA VAL G 55 -31.36 6.07 48.19
C VAL G 55 -32.63 6.50 48.92
N PRO G 56 -32.81 6.09 50.17
CA PRO G 56 -34.00 6.52 50.92
C PRO G 56 -33.94 8.00 51.28
N SER G 57 -35.03 8.47 51.86
CA SER G 57 -35.13 9.87 52.24
C SER G 57 -34.19 10.17 53.41
N PRO G 58 -33.65 11.38 53.49
CA PRO G 58 -32.80 11.75 54.62
C PRO G 58 -33.57 11.72 55.93
N GLN G 59 -32.86 11.42 57.02
CA GLN G 59 -33.44 11.51 58.35
C GLN G 59 -32.83 12.73 59.03
N VAL G 60 -33.59 13.82 59.07
CA VAL G 60 -33.12 15.10 59.57
C VAL G 60 -33.77 15.37 60.91
N LYS G 61 -32.96 15.62 61.93
CA LYS G 61 -33.51 16.18 63.16
C LYS G 61 -32.68 17.40 63.52
N CYS G 62 -33.31 18.31 64.27
CA CYS G 62 -32.81 19.66 64.43
C CYS G 62 -32.14 19.80 65.79
N CYS G 63 -30.81 19.83 65.76
CA CYS G 63 -29.90 19.84 66.91
C CYS G 63 -30.28 18.79 67.97
N GLY G 64 -30.21 17.54 67.52
CA GLY G 64 -30.14 16.37 68.36
C GLY G 64 -29.22 15.36 67.71
N SER G 65 -28.26 14.82 68.45
CA SER G 65 -27.29 13.91 67.84
C SER G 65 -27.91 12.53 67.67
N LEU G 66 -28.03 12.07 66.43
CA LEU G 66 -28.57 10.76 66.13
C LEU G 66 -27.55 9.92 65.38
N GLU G 67 -27.64 8.60 65.58
CA GLU G 67 -26.85 7.63 64.84
C GLU G 67 -27.80 6.57 64.30
N CYS G 68 -27.35 5.87 63.26
CA CYS G 68 -28.16 4.88 62.57
C CYS G 68 -27.68 3.48 62.90
N LYS G 69 -28.63 2.58 63.16
CA LYS G 69 -28.32 1.18 63.40
C LYS G 69 -27.89 0.49 62.11
N ALA G 70 -27.02 -0.50 62.25
CA ALA G 70 -26.48 -1.23 61.10
C ALA G 70 -27.54 -2.17 60.58
N SER G 71 -28.22 -1.77 59.50
CA SER G 71 -29.21 -2.63 58.88
C SER G 71 -28.54 -3.76 58.10
N SER G 72 -29.29 -4.84 57.91
CA SER G 72 -28.80 -6.02 57.20
C SER G 72 -29.04 -5.94 55.70
N LYS G 73 -29.57 -4.81 55.21
CA LYS G 73 -29.85 -4.65 53.80
C LYS G 73 -28.54 -4.56 53.00
N ALA G 74 -28.65 -4.83 51.70
CA ALA G 74 -27.48 -5.07 50.86
C ALA G 74 -26.66 -3.80 50.66
N ASP G 75 -25.36 -3.92 50.94
CA ASP G 75 -24.39 -2.82 50.77
C ASP G 75 -24.84 -1.57 51.51
N TYR G 76 -25.23 -1.76 52.77
CA TYR G 76 -25.80 -0.68 53.56
C TYR G 76 -24.71 0.30 53.97
N THR G 77 -24.78 1.52 53.44
CA THR G 77 -23.84 2.59 53.79
C THR G 77 -24.65 3.75 54.33
N CYS G 78 -24.37 4.14 55.57
CA CYS G 78 -25.11 5.17 56.27
C CYS G 78 -24.13 6.11 56.97
N ARG G 79 -24.39 7.41 56.87
CA ARG G 79 -23.52 8.40 57.48
C ARG G 79 -24.35 9.51 58.10
N VAL G 80 -23.75 10.21 59.05
CA VAL G 80 -24.38 11.34 59.73
C VAL G 80 -23.58 12.60 59.45
N PHE G 81 -24.29 13.70 59.21
CA PHE G 81 -23.67 14.98 58.87
C PHE G 81 -24.18 16.03 59.84
N GLY G 82 -23.26 16.62 60.60
CA GLY G 82 -23.60 17.71 61.49
C GLY G 82 -23.42 19.06 60.85
N GLY G 83 -24.04 20.07 61.47
CA GLY G 83 -23.96 21.43 60.96
C GLY G 83 -24.78 21.66 59.71
N VAL G 84 -25.72 20.78 59.41
CA VAL G 84 -26.60 20.95 58.26
C VAL G 84 -27.73 21.89 58.65
N TYR G 85 -28.32 22.55 57.66
CA TYR G 85 -29.43 23.48 57.87
C TYR G 85 -30.24 23.42 56.58
N PRO G 86 -31.13 22.42 56.46
CA PRO G 86 -31.69 22.07 55.14
C PRO G 86 -32.64 23.11 54.59
N PHE G 87 -32.78 23.11 53.26
CA PHE G 87 -33.79 23.88 52.53
C PHE G 87 -34.42 22.98 51.48
N MET G 88 -35.67 22.61 51.69
CA MET G 88 -36.54 22.22 50.59
C MET G 88 -37.60 23.30 50.44
N TRP G 89 -38.51 23.10 49.49
CA TRP G 89 -39.45 24.15 49.09
C TRP G 89 -40.32 24.60 50.27
N GLY G 90 -40.15 25.85 50.68
CA GLY G 90 -40.85 26.35 51.84
C GLY G 90 -39.89 26.88 52.89
N GLY G 91 -38.62 26.97 52.55
CA GLY G 91 -37.64 27.57 53.43
C GLY G 91 -36.94 26.57 54.31
N ALA G 92 -36.50 27.07 55.47
CA ALA G 92 -35.71 26.27 56.40
C ALA G 92 -36.55 25.16 57.02
N GLN G 93 -35.97 23.98 57.15
CA GLN G 93 -36.65 22.82 57.70
C GLN G 93 -36.37 22.60 59.19
N CYS G 94 -35.28 23.15 59.72
CA CYS G 94 -35.02 23.16 61.15
C CYS G 94 -35.00 24.57 61.70
N PHE G 95 -35.74 24.75 62.79
CA PHE G 95 -35.70 25.98 63.57
C PHE G 95 -34.31 26.23 64.13
N CYS G 96 -33.67 25.18 64.63
CA CYS G 96 -32.47 25.33 65.42
C CYS G 96 -31.28 25.60 64.50
N ASP G 97 -30.37 26.47 64.94
CA ASP G 97 -29.56 27.25 64.01
C ASP G 97 -28.50 26.41 63.31
N SER G 98 -27.49 25.93 64.04
CA SER G 98 -26.34 25.37 63.35
C SER G 98 -25.84 24.06 63.98
N GLU G 99 -26.69 23.31 64.66
CA GLU G 99 -26.29 22.03 65.24
C GLU G 99 -27.13 20.86 64.73
N ASN G 100 -27.91 21.06 63.67
CA ASN G 100 -28.82 20.02 63.20
C ASN G 100 -28.05 18.88 62.55
N THR G 101 -28.67 17.69 62.58
CA THR G 101 -28.05 16.48 62.08
C THR G 101 -28.88 15.88 60.96
N GLN G 102 -28.22 15.60 59.84
CA GLN G 102 -28.78 14.86 58.72
C GLN G 102 -28.26 13.44 58.74
N LEU G 103 -29.10 12.50 58.33
CA LEU G 103 -28.72 11.11 58.18
C LEU G 103 -28.92 10.71 56.73
N SER G 104 -27.83 10.32 56.07
CA SER G 104 -27.85 9.84 54.69
C SER G 104 -27.76 8.33 54.69
N GLU G 105 -28.64 7.69 53.93
CA GLU G 105 -28.76 6.25 53.86
C GLU G 105 -28.66 5.82 52.40
N ALA G 106 -28.01 4.68 52.17
CA ALA G 106 -27.94 4.16 50.81
C ALA G 106 -27.75 2.65 50.85
N TYR G 107 -28.44 1.95 49.97
CA TYR G 107 -28.31 0.50 49.85
C TYR G 107 -28.69 0.11 48.43
N VAL G 108 -28.23 -1.05 48.01
CA VAL G 108 -28.42 -1.50 46.64
C VAL G 108 -29.54 -2.53 46.59
N GLU G 109 -30.03 -2.77 45.37
CA GLU G 109 -31.15 -3.66 45.11
C GLU G 109 -31.15 -3.97 43.63
N PHE G 110 -31.66 -5.14 43.26
CA PHE G 110 -31.76 -5.50 41.84
C PHE G 110 -32.62 -4.50 41.08
N ALA G 111 -32.19 -4.21 39.84
CA ALA G 111 -32.95 -3.35 38.97
C ALA G 111 -34.26 -4.04 38.57
N PRO G 112 -35.29 -3.26 38.20
CA PRO G 112 -36.55 -3.88 37.75
C PRO G 112 -36.40 -4.77 36.53
N ASP G 113 -35.41 -4.50 35.67
CA ASP G 113 -35.19 -5.29 34.47
C ASP G 113 -34.20 -6.42 34.68
N CYS G 114 -33.96 -6.83 35.93
CA CYS G 114 -33.08 -7.94 36.22
C CYS G 114 -33.71 -9.30 35.92
N THR G 115 -35.02 -9.36 35.66
CA THR G 115 -35.65 -10.62 35.31
C THR G 115 -35.17 -11.16 33.96
N ILE G 116 -34.72 -10.29 33.06
CA ILE G 116 -34.20 -10.69 31.77
C ILE G 116 -32.69 -10.45 31.68
N ASP G 117 -32.22 -9.30 32.16
CA ASP G 117 -30.82 -8.92 32.06
C ASP G 117 -30.06 -9.34 33.31
N HIS G 118 -29.90 -10.66 33.46
CA HIS G 118 -29.16 -11.22 34.58
C HIS G 118 -28.24 -12.33 34.10
N ALA G 119 -27.12 -12.48 34.80
CA ALA G 119 -26.15 -13.53 34.54
C ALA G 119 -26.12 -14.48 35.72
N VAL G 120 -26.15 -15.78 35.43
CA VAL G 120 -26.22 -16.81 36.45
C VAL G 120 -24.87 -17.53 36.49
N ALA G 121 -24.30 -17.67 37.69
CA ALA G 121 -22.99 -18.29 37.84
C ALA G 121 -23.16 -19.77 38.17
N LEU G 122 -22.54 -20.63 37.38
CA LEU G 122 -22.66 -22.07 37.54
C LEU G 122 -21.28 -22.68 37.76
N LYS G 123 -21.24 -23.73 38.57
CA LYS G 123 -20.08 -24.60 38.67
C LYS G 123 -20.37 -25.89 37.92
N VAL G 124 -19.50 -26.25 36.99
CA VAL G 124 -19.73 -27.37 36.08
C VAL G 124 -18.82 -28.51 36.47
N HIS G 125 -19.42 -29.65 36.81
CA HIS G 125 -18.69 -30.87 37.11
C HIS G 125 -18.58 -31.70 35.83
N THR G 126 -18.21 -32.98 35.98
CA THR G 126 -18.05 -33.85 34.83
C THR G 126 -19.39 -34.10 34.14
N ALA G 127 -19.33 -34.28 32.82
CA ALA G 127 -20.51 -34.42 31.98
C ALA G 127 -20.67 -35.86 31.51
N ALA G 128 -21.90 -36.20 31.14
CA ALA G 128 -22.25 -37.51 30.62
C ALA G 128 -22.94 -37.35 29.29
N LEU G 129 -22.78 -38.36 28.43
CA LEU G 129 -23.33 -38.28 27.08
C LEU G 129 -24.70 -38.95 27.00
N LYS G 130 -25.50 -38.46 26.06
CA LYS G 130 -26.77 -39.10 25.71
C LYS G 130 -26.85 -39.08 24.18
N VAL G 131 -26.40 -40.17 23.57
CA VAL G 131 -26.23 -40.23 22.12
C VAL G 131 -27.41 -40.96 21.50
N GLY G 132 -27.87 -40.45 20.35
CA GLY G 132 -28.96 -41.07 19.62
C GLY G 132 -28.42 -41.87 18.45
N LEU G 133 -28.85 -43.12 18.35
CA LEU G 133 -28.36 -44.03 17.33
C LEU G 133 -29.48 -44.45 16.39
N ARG G 134 -29.09 -44.69 15.15
CA ARG G 134 -29.94 -45.39 14.19
C ARG G 134 -29.23 -46.66 13.77
N ILE G 135 -29.98 -47.77 13.82
CA ILE G 135 -29.48 -49.12 13.58
C ILE G 135 -30.32 -49.70 12.46
N VAL G 136 -29.67 -50.10 11.37
CA VAL G 136 -30.39 -50.43 10.13
C VAL G 136 -30.07 -51.91 9.86
N TYR G 137 -30.03 -52.71 10.93
CA TYR G 137 -29.82 -54.14 10.79
C TYR G 137 -30.96 -54.78 10.01
N GLY G 138 -30.61 -55.62 9.04
CA GLY G 138 -31.57 -56.40 8.27
C GLY G 138 -32.63 -55.56 7.55
N ASN G 139 -32.21 -54.42 6.98
CA ASN G 139 -33.05 -53.37 6.44
C ASN G 139 -34.27 -53.05 7.31
N THR G 140 -34.08 -53.07 8.62
CA THR G 140 -35.11 -52.74 9.60
C THR G 140 -34.63 -51.55 10.41
N THR G 141 -35.22 -50.38 10.19
CA THR G 141 -34.78 -49.16 10.84
C THR G 141 -35.17 -49.18 12.32
N ALA G 142 -34.20 -48.83 13.18
CA ALA G 142 -34.44 -48.76 14.62
C ALA G 142 -33.76 -47.51 15.14
N ARG G 143 -34.56 -46.55 15.61
CA ARG G 143 -34.05 -45.30 16.16
C ARG G 143 -34.16 -45.34 17.68
N LEU G 144 -33.06 -45.02 18.36
CA LEU G 144 -33.00 -45.15 19.80
C LEU G 144 -32.13 -44.03 20.37
N ASP G 145 -32.22 -43.84 21.68
CA ASP G 145 -31.35 -42.93 22.41
C ASP G 145 -30.83 -43.64 23.65
N THR G 146 -29.53 -43.50 23.92
CA THR G 146 -28.92 -44.22 25.02
C THR G 146 -27.82 -43.38 25.65
N PHE G 147 -27.64 -43.56 26.95
CA PHE G 147 -26.56 -42.92 27.68
C PHE G 147 -25.24 -43.64 27.41
N VAL G 148 -24.15 -42.90 27.56
CA VAL G 148 -22.81 -43.48 27.43
C VAL G 148 -22.30 -43.65 28.86
N ASN G 149 -22.64 -44.79 29.45
CA ASN G 149 -22.08 -45.17 30.74
C ASN G 149 -21.65 -46.63 30.80
N GLY G 150 -22.05 -47.48 29.86
CA GLY G 150 -21.73 -48.88 29.90
C GLY G 150 -22.67 -49.73 30.73
N VAL G 151 -23.65 -49.12 31.40
CA VAL G 151 -24.56 -49.84 32.27
C VAL G 151 -26.03 -49.67 31.87
N THR G 152 -26.35 -48.77 30.95
CA THR G 152 -27.73 -48.46 30.63
C THR G 152 -28.14 -49.07 29.30
N PRO G 153 -29.02 -50.07 29.28
CA PRO G 153 -29.55 -50.55 28.00
C PRO G 153 -30.48 -49.53 27.36
N GLY G 154 -30.52 -49.53 26.04
CA GLY G 154 -31.36 -48.60 25.30
C GLY G 154 -32.76 -49.16 25.11
N SER G 155 -33.75 -48.31 25.30
CA SER G 155 -35.15 -48.71 25.18
C SER G 155 -35.50 -48.90 23.71
N SER G 156 -35.66 -50.15 23.29
CA SER G 156 -36.03 -50.48 21.92
C SER G 156 -37.05 -51.61 21.94
N ARG G 157 -37.79 -51.73 20.84
CA ARG G 157 -38.84 -52.74 20.75
C ARG G 157 -38.26 -54.16 20.74
N ASP G 158 -37.17 -54.37 19.99
CA ASP G 158 -36.56 -55.69 19.91
C ASP G 158 -35.04 -55.66 19.93
N LEU G 159 -34.41 -54.59 20.40
CA LEU G 159 -32.97 -54.42 20.32
C LEU G 159 -32.42 -54.01 21.68
N LYS G 160 -31.21 -54.49 21.98
CA LYS G 160 -30.51 -54.15 23.21
C LYS G 160 -29.15 -53.57 22.85
N VAL G 161 -28.86 -52.37 23.34
CA VAL G 161 -27.60 -51.70 23.06
C VAL G 161 -26.94 -51.27 24.37
N ILE G 162 -25.62 -51.38 24.42
CA ILE G 162 -24.81 -50.88 25.53
C ILE G 162 -23.75 -49.97 24.94
N ALA G 163 -23.71 -48.72 25.40
CA ALA G 163 -22.72 -47.76 24.95
C ALA G 163 -21.58 -47.71 25.98
N GLY G 164 -20.42 -48.23 25.59
CA GLY G 164 -19.27 -48.25 26.46
C GLY G 164 -18.72 -46.85 26.71
N PRO G 165 -17.92 -46.70 27.76
CA PRO G 165 -17.46 -45.36 28.15
C PRO G 165 -16.55 -44.72 27.12
N ILE G 166 -16.57 -43.38 27.11
CA ILE G 166 -15.74 -42.61 26.20
C ILE G 166 -14.27 -42.82 26.50
N SER G 167 -13.46 -42.89 25.45
CA SER G 167 -12.00 -42.91 25.61
C SER G 167 -11.51 -41.66 26.34
N ALA G 168 -11.95 -40.48 25.89
CA ALA G 168 -11.55 -39.23 26.54
C ALA G 168 -12.60 -38.16 26.23
N ALA G 169 -13.47 -37.87 27.20
CA ALA G 169 -14.34 -36.70 27.10
C ALA G 169 -13.54 -35.45 27.45
N PHE G 170 -13.78 -34.36 26.70
CA PHE G 170 -12.91 -33.20 26.80
C PHE G 170 -13.47 -32.09 27.68
N SER G 171 -14.79 -32.13 27.97
CA SER G 171 -15.48 -31.18 28.85
C SER G 171 -15.26 -29.74 28.44
N PRO G 172 -15.97 -29.26 27.40
CA PRO G 172 -15.75 -27.87 26.93
C PRO G 172 -15.99 -26.82 27.98
N PHE G 173 -16.85 -27.11 28.95
CA PHE G 173 -17.12 -26.16 30.01
C PHE G 173 -16.00 -26.20 31.03
N ASP G 174 -15.59 -25.03 31.50
CA ASP G 174 -14.58 -24.95 32.55
C ASP G 174 -15.31 -25.22 33.88
N HIS G 175 -14.56 -25.25 34.99
CA HIS G 175 -15.17 -25.50 36.29
C HIS G 175 -16.14 -24.39 36.70
N LYS G 176 -15.98 -23.19 36.16
CA LYS G 176 -16.87 -22.07 36.45
C LYS G 176 -17.34 -21.46 35.15
N VAL G 177 -18.65 -21.41 34.93
CA VAL G 177 -19.23 -20.80 33.74
C VAL G 177 -20.27 -19.77 34.16
N VAL G 178 -20.62 -18.90 33.21
CA VAL G 178 -21.59 -17.84 33.42
C VAL G 178 -22.58 -17.85 32.25
N ILE G 179 -23.87 -17.90 32.57
CA ILE G 179 -24.92 -17.97 31.55
C ILE G 179 -25.67 -16.64 31.56
N ARG G 180 -25.73 -16.00 30.39
CA ARG G 180 -26.46 -14.75 30.20
C ARG G 180 -27.26 -14.84 28.91
N LYS G 181 -28.59 -14.96 29.05
CA LYS G 181 -29.54 -14.83 27.94
C LYS G 181 -29.25 -15.83 26.81
N GLY G 182 -28.86 -17.05 27.19
CA GLY G 182 -28.51 -18.08 26.23
C GLY G 182 -27.07 -18.06 25.76
N LEU G 183 -26.23 -17.20 26.32
CA LEU G 183 -24.82 -17.12 25.95
C LEU G 183 -23.97 -17.57 27.13
N VAL G 184 -23.07 -18.52 26.88
CA VAL G 184 -22.30 -19.17 27.94
C VAL G 184 -20.85 -18.75 27.83
N TYR G 185 -20.27 -18.32 28.95
CA TYR G 185 -18.90 -17.84 29.00
C TYR G 185 -18.12 -18.63 30.05
N ASN G 186 -16.88 -18.97 29.71
CA ASN G 186 -15.96 -19.58 30.67
C ASN G 186 -15.28 -18.48 31.48
N TYR G 187 -15.99 -18.03 32.51
CA TYR G 187 -15.54 -16.93 33.35
C TYR G 187 -15.29 -17.42 34.77
N ASP G 188 -14.19 -16.98 35.36
CA ASP G 188 -13.83 -17.33 36.73
C ASP G 188 -14.45 -16.28 37.64
N PHE G 189 -15.73 -16.44 37.96
CA PHE G 189 -16.41 -15.50 38.84
C PHE G 189 -15.90 -15.66 40.27
N PRO G 190 -15.94 -14.60 41.08
CA PRO G 190 -15.58 -14.74 42.49
C PRO G 190 -16.57 -15.61 43.24
N GLU G 191 -16.09 -16.20 44.33
CA GLU G 191 -16.92 -17.05 45.17
C GLU G 191 -18.03 -16.24 45.85
N TYR G 192 -19.09 -16.94 46.24
CA TYR G 192 -20.16 -16.31 46.99
C TYR G 192 -19.65 -15.88 48.35
N GLY G 193 -19.95 -14.64 48.73
CA GLY G 193 -19.35 -14.03 49.90
C GLY G 193 -18.09 -13.24 49.63
N ALA G 194 -17.58 -13.27 48.39
CA ALA G 194 -16.41 -12.50 47.99
C ALA G 194 -16.81 -11.59 46.84
N MET G 195 -16.78 -10.27 47.07
CA MET G 195 -17.19 -9.30 46.07
C MET G 195 -16.12 -8.24 45.89
N ASN G 196 -15.97 -7.76 44.66
CA ASN G 196 -15.08 -6.65 44.35
C ASN G 196 -15.85 -5.57 43.60
N PRO G 197 -15.67 -4.30 43.96
CA PRO G 197 -16.35 -3.23 43.23
C PRO G 197 -15.84 -3.10 41.81
N GLY G 198 -16.75 -2.79 40.89
CA GLY G 198 -16.41 -2.68 39.48
C GLY G 198 -15.97 -3.98 38.86
N ALA G 199 -16.53 -5.11 39.30
CA ALA G 199 -16.18 -6.42 38.79
C ALA G 199 -17.42 -7.29 38.77
N PHE G 200 -17.34 -8.37 37.99
CA PHE G 200 -18.48 -9.27 37.85
C PHE G 200 -18.79 -9.94 39.18
N GLY G 201 -20.09 -10.09 39.45
CA GLY G 201 -20.51 -10.61 40.73
C GLY G 201 -20.40 -9.62 41.86
N ASP G 202 -20.44 -8.32 41.56
CA ASP G 202 -20.37 -7.31 42.61
C ASP G 202 -21.61 -7.32 43.49
N ILE G 203 -22.77 -7.69 42.93
CA ILE G 203 -24.00 -7.86 43.70
C ILE G 203 -24.51 -9.28 43.43
N GLN G 204 -24.77 -10.03 44.50
CA GLN G 204 -25.11 -11.44 44.40
C GLN G 204 -26.31 -11.76 45.27
N ALA G 205 -27.03 -12.81 44.90
CA ALA G 205 -28.14 -13.34 45.67
C ALA G 205 -28.40 -14.78 45.24
N SER G 206 -29.06 -15.53 46.13
CA SER G 206 -29.40 -16.92 45.81
C SER G 206 -30.37 -17.00 44.64
N SER G 207 -31.34 -16.09 44.58
CA SER G 207 -32.31 -16.05 43.49
C SER G 207 -32.58 -14.59 43.13
N LEU G 208 -33.38 -14.41 42.08
CA LEU G 208 -33.73 -13.07 41.64
C LEU G 208 -34.63 -12.36 42.66
N ASP G 209 -35.53 -13.10 43.31
CA ASP G 209 -36.47 -12.54 44.27
C ASP G 209 -36.06 -12.82 45.72
N ALA G 210 -34.82 -13.24 45.93
CA ALA G 210 -34.35 -13.54 47.28
C ALA G 210 -34.24 -12.28 48.12
N THR G 211 -34.54 -12.40 49.41
CA THR G 211 -34.42 -11.27 50.32
C THR G 211 -32.96 -11.00 50.68
N ASP G 212 -32.15 -12.06 50.80
CA ASP G 212 -30.76 -11.93 51.23
C ASP G 212 -29.90 -11.51 50.04
N ILE G 213 -30.04 -10.23 49.69
CA ILE G 213 -29.17 -9.62 48.69
C ILE G 213 -27.86 -9.24 49.37
N VAL G 214 -26.73 -9.48 48.71
CA VAL G 214 -25.42 -9.12 49.24
C VAL G 214 -24.61 -8.44 48.14
N ALA G 215 -23.95 -7.35 48.50
CA ALA G 215 -23.13 -6.61 47.54
C ALA G 215 -22.07 -5.82 48.28
N ARG G 216 -20.98 -5.52 47.57
CA ARG G 216 -19.88 -4.73 48.11
C ARG G 216 -19.46 -3.69 47.04
N THR G 217 -20.45 -2.96 46.52
CA THR G 217 -20.13 -1.86 45.64
C THR G 217 -19.51 -0.72 46.44
N ASP G 218 -18.50 -0.07 45.87
CA ASP G 218 -17.73 0.96 46.58
C ASP G 218 -18.56 2.24 46.60
N ILE G 219 -19.50 2.30 47.54
CA ILE G 219 -20.43 3.41 47.67
C ILE G 219 -20.02 4.26 48.86
N ARG G 220 -19.97 5.57 48.66
CA ARG G 220 -19.61 6.51 49.71
C ARG G 220 -20.57 7.69 49.70
N LEU G 221 -21.05 8.07 50.88
CA LEU G 221 -21.86 9.26 51.04
C LEU G 221 -21.00 10.47 51.37
N LEU G 222 -21.38 11.62 50.81
CA LEU G 222 -20.59 12.83 50.93
C LEU G 222 -21.43 13.94 51.56
N LYS G 223 -20.75 14.96 52.06
CA LYS G 223 -21.43 16.06 52.72
C LYS G 223 -22.19 16.91 51.71
N PRO G 224 -23.44 17.28 51.98
CA PRO G 224 -24.18 18.14 51.03
C PRO G 224 -23.61 19.56 51.02
N SER G 225 -22.96 19.90 49.91
CA SER G 225 -22.33 21.21 49.77
C SER G 225 -23.36 22.33 49.66
N VAL G 226 -24.40 22.11 48.86
CA VAL G 226 -25.44 23.12 48.66
C VAL G 226 -26.50 22.93 49.73
N LYS G 227 -27.11 24.04 50.15
CA LYS G 227 -28.11 24.00 51.23
C LYS G 227 -29.44 23.52 50.68
N ASN G 228 -29.52 22.22 50.46
CA ASN G 228 -30.76 21.56 50.06
C ASN G 228 -30.85 20.24 50.82
N ILE G 229 -31.78 19.37 50.42
CA ILE G 229 -32.12 18.18 51.17
C ILE G 229 -31.76 16.91 50.39
N HIS G 230 -31.02 17.05 49.30
CA HIS G 230 -30.58 15.91 48.51
C HIS G 230 -29.58 15.06 49.28
N VAL G 231 -29.38 13.83 48.80
CA VAL G 231 -28.34 12.95 49.34
C VAL G 231 -27.24 12.83 48.31
N PRO G 232 -26.11 13.52 48.48
CA PRO G 232 -24.99 13.37 47.54
C PRO G 232 -24.22 12.09 47.84
N TYR G 233 -24.02 11.27 46.81
CA TYR G 233 -23.29 10.03 46.97
C TYR G 233 -22.50 9.76 45.71
N THR G 234 -21.42 9.00 45.86
CA THR G 234 -20.64 8.51 44.73
C THR G 234 -20.47 7.01 44.89
N GLN G 235 -20.24 6.33 43.78
CA GLN G 235 -20.24 4.88 43.79
C GLN G 235 -19.50 4.36 42.57
N ALA G 236 -18.81 3.24 42.74
CA ALA G 236 -18.13 2.59 41.64
C ALA G 236 -19.15 2.08 40.63
N VAL G 237 -18.72 2.01 39.36
CA VAL G 237 -19.59 1.57 38.29
C VAL G 237 -19.91 0.08 38.46
N SER G 238 -21.07 -0.33 37.96
CA SER G 238 -21.51 -1.72 38.08
C SER G 238 -20.56 -2.65 37.33
N GLY G 239 -20.18 -3.75 37.98
CA GLY G 239 -19.33 -4.73 37.33
C GLY G 239 -20.06 -5.56 36.30
N TYR G 240 -21.38 -5.54 36.30
CA TYR G 240 -22.15 -6.21 35.26
C TYR G 240 -21.90 -5.58 33.89
N GLU G 241 -22.05 -4.25 33.81
CA GLU G 241 -21.78 -3.55 32.55
C GLU G 241 -20.32 -3.60 32.17
N MET G 242 -19.41 -3.51 33.15
CA MET G 242 -17.99 -3.64 32.87
C MET G 242 -17.60 -5.05 32.44
N TRP G 243 -18.36 -6.07 32.81
CA TRP G 243 -18.13 -7.40 32.29
C TRP G 243 -18.72 -7.57 30.90
N LYS G 244 -19.88 -6.96 30.64
CA LYS G 244 -20.45 -6.99 29.29
C LYS G 244 -19.60 -6.21 28.30
N ASN G 245 -18.81 -5.25 28.79
CA ASN G 245 -17.94 -4.48 27.91
C ASN G 245 -16.83 -5.35 27.31
N ASN G 246 -16.28 -6.26 28.11
CA ASN G 246 -15.20 -7.13 27.68
C ASN G 246 -15.47 -8.58 28.06
N SER G 247 -16.68 -9.06 27.75
CA SER G 247 -16.99 -10.46 28.01
C SER G 247 -16.31 -11.41 27.03
N GLY G 248 -15.77 -10.87 25.93
CA GLY G 248 -15.17 -11.73 24.94
C GLY G 248 -16.22 -12.48 24.15
N ARG G 249 -15.77 -13.50 23.48
CA ARG G 249 -16.76 -14.26 22.74
C ARG G 249 -17.25 -15.44 23.58
N PRO G 250 -18.53 -15.81 23.46
CA PRO G 250 -19.09 -16.88 24.29
C PRO G 250 -18.63 -18.26 23.82
N LEU G 251 -19.09 -19.28 24.52
CA LEU G 251 -18.76 -20.65 24.18
C LEU G 251 -19.41 -21.12 22.88
N GLN G 252 -20.44 -20.41 22.40
CA GLN G 252 -21.04 -20.75 21.11
C GLN G 252 -20.13 -20.41 19.94
N GLU G 253 -19.07 -19.65 20.16
CA GLU G 253 -18.09 -19.33 19.11
C GLU G 253 -16.68 -19.81 19.42
N THR G 254 -16.35 -19.99 20.69
CA THR G 254 -15.01 -20.42 21.11
C THR G 254 -15.13 -21.76 21.81
N ALA G 255 -15.21 -22.84 21.03
CA ALA G 255 -15.36 -24.17 21.62
C ALA G 255 -14.70 -25.22 20.75
N PRO G 256 -13.95 -26.14 21.33
CA PRO G 256 -13.29 -27.18 20.53
C PRO G 256 -14.29 -28.19 19.98
N PHE G 257 -13.87 -28.87 18.91
CA PHE G 257 -14.56 -29.98 18.25
C PHE G 257 -15.89 -29.57 17.62
N GLY G 258 -16.19 -28.27 17.55
CA GLY G 258 -17.31 -27.74 16.80
C GLY G 258 -18.69 -28.25 17.19
N CYS G 259 -19.10 -28.02 18.43
CA CYS G 259 -20.42 -28.42 18.87
C CYS G 259 -21.10 -27.32 19.66
N LYS G 260 -22.42 -27.20 19.48
CA LYS G 260 -23.11 -25.96 19.80
C LYS G 260 -23.71 -26.02 21.20
N ILE G 261 -23.62 -24.90 21.91
CA ILE G 261 -24.01 -24.81 23.31
C ILE G 261 -25.44 -24.33 23.41
N GLU G 262 -26.26 -25.06 24.17
CA GLU G 262 -27.65 -24.70 24.40
C GLU G 262 -27.93 -24.66 25.90
N VAL G 263 -28.95 -23.88 26.28
CA VAL G 263 -29.24 -23.59 27.68
C VAL G 263 -30.69 -23.99 27.92
N GLU G 264 -31.03 -24.29 29.18
CA GLU G 264 -32.27 -24.91 29.65
C GLU G 264 -32.50 -26.27 28.98
N PRO G 265 -31.75 -27.32 29.35
CA PRO G 265 -30.64 -27.36 30.31
C PRO G 265 -29.32 -27.00 29.65
N LEU G 266 -28.25 -26.82 30.42
CA LEU G 266 -26.96 -26.49 29.83
C LEU G 266 -26.36 -27.74 29.19
N ARG G 267 -26.07 -27.65 27.89
CA ARG G 267 -25.63 -28.83 27.15
C ARG G 267 -24.82 -28.41 25.94
N ALA G 268 -24.04 -29.35 25.43
CA ALA G 268 -23.19 -29.16 24.25
C ALA G 268 -23.58 -30.25 23.25
N THR G 269 -24.35 -29.90 22.23
CA THR G 269 -24.91 -30.86 21.30
C THR G 269 -24.05 -31.01 20.06
N ASN G 270 -23.99 -32.26 19.57
CA ASN G 270 -23.28 -32.72 18.38
C ASN G 270 -21.76 -32.59 18.45
N CYS G 271 -21.16 -33.18 19.48
CA CYS G 271 -19.71 -33.12 19.64
C CYS G 271 -19.06 -34.36 19.02
N ALA G 272 -17.86 -34.14 18.47
CA ALA G 272 -17.20 -35.15 17.62
C ALA G 272 -15.73 -35.19 18.01
N TYR G 273 -15.40 -36.09 18.92
CA TYR G 273 -14.02 -36.10 19.40
C TYR G 273 -13.41 -37.49 19.52
N GLY G 274 -14.19 -38.49 19.95
CA GLY G 274 -13.63 -39.79 20.27
C GLY G 274 -14.33 -40.97 19.64
N HIS G 275 -14.54 -42.03 20.42
CA HIS G 275 -15.14 -43.26 19.93
C HIS G 275 -15.99 -43.88 21.04
N ILE G 276 -17.13 -44.44 20.67
CA ILE G 276 -18.05 -45.07 21.61
C ILE G 276 -18.00 -46.59 21.38
N PRO G 277 -17.66 -47.39 22.40
CA PRO G 277 -17.81 -48.85 22.27
C PRO G 277 -19.27 -49.24 22.33
N ILE G 278 -19.73 -49.95 21.30
CA ILE G 278 -21.10 -50.42 21.20
C ILE G 278 -21.11 -51.94 21.34
N SER G 279 -21.83 -52.44 22.34
CA SER G 279 -22.14 -53.85 22.47
C SER G 279 -23.63 -54.01 22.19
N ILE G 280 -23.95 -54.55 21.02
CA ILE G 280 -25.33 -54.58 20.53
C ILE G 280 -25.76 -56.02 20.35
N ASP G 281 -26.91 -56.38 20.93
CA ASP G 281 -27.44 -57.73 20.89
C ASP G 281 -28.51 -57.77 19.81
N ILE G 282 -28.13 -58.24 18.62
CA ILE G 282 -29.08 -58.36 17.51
C ILE G 282 -30.08 -59.46 17.81
N PRO G 283 -31.38 -59.22 17.67
CA PRO G 283 -32.35 -60.30 17.82
C PRO G 283 -32.22 -61.34 16.73
N ASP G 284 -32.56 -62.58 17.07
CA ASP G 284 -32.38 -63.71 16.16
C ASP G 284 -33.42 -63.76 15.06
N ALA G 285 -34.44 -62.89 15.10
CA ALA G 285 -35.40 -62.84 14.00
C ALA G 285 -34.79 -62.29 12.72
N ALA G 286 -33.73 -61.50 12.82
CA ALA G 286 -33.05 -60.98 11.65
C ALA G 286 -31.98 -61.93 11.11
N PHE G 287 -31.43 -62.79 11.97
CA PHE G 287 -30.46 -63.78 11.53
C PHE G 287 -31.17 -64.85 10.70
N VAL G 288 -30.62 -65.17 9.54
CA VAL G 288 -31.25 -66.07 8.60
C VAL G 288 -30.34 -67.27 8.39
N ARG G 289 -30.94 -68.40 7.98
CA ARG G 289 -30.21 -69.63 7.71
C ARG G 289 -29.14 -69.42 6.64
N SER G 290 -27.99 -70.07 6.83
CA SER G 290 -26.92 -70.03 5.83
C SER G 290 -27.35 -70.73 4.53
N SER G 291 -28.20 -71.74 4.63
CA SER G 291 -28.68 -72.43 3.43
C SER G 291 -29.61 -71.52 2.62
N GLU G 292 -30.38 -70.67 3.30
CA GLU G 292 -31.29 -69.78 2.58
C GLU G 292 -30.53 -68.69 1.83
N SER G 293 -29.44 -68.19 2.40
CA SER G 293 -28.67 -67.15 1.75
C SER G 293 -27.89 -67.73 0.57
N PRO G 294 -27.94 -67.10 -0.60
CA PRO G 294 -27.15 -67.59 -1.75
C PRO G 294 -25.67 -67.36 -1.57
N THR G 295 -24.91 -68.43 -1.36
CA THR G 295 -23.47 -68.31 -1.22
C THR G 295 -22.83 -68.00 -2.57
N ILE G 296 -21.66 -67.39 -2.53
CA ILE G 296 -20.93 -66.98 -3.72
C ILE G 296 -19.82 -67.99 -3.95
N LEU G 297 -19.88 -68.68 -5.09
CA LEU G 297 -18.87 -69.69 -5.39
C LEU G 297 -17.53 -69.05 -5.73
N GLU G 298 -17.54 -67.99 -6.53
CA GLU G 298 -16.31 -67.30 -6.92
C GLU G 298 -16.66 -65.84 -7.15
N VAL G 299 -15.80 -64.94 -6.66
CA VAL G 299 -15.98 -63.51 -6.86
C VAL G 299 -14.61 -62.87 -7.11
N SER G 300 -14.60 -61.85 -7.97
CA SER G 300 -13.39 -61.08 -8.26
C SER G 300 -13.74 -59.60 -8.27
N CYS G 301 -12.72 -58.77 -8.07
CA CYS G 301 -12.96 -57.33 -8.00
C CYS G 301 -11.94 -56.57 -8.83
N THR G 302 -12.36 -55.40 -9.30
CA THR G 302 -11.47 -54.43 -9.91
C THR G 302 -11.91 -53.04 -9.45
N VAL G 303 -11.01 -52.07 -9.55
CA VAL G 303 -11.30 -50.70 -9.15
C VAL G 303 -11.08 -49.80 -10.36
N ALA G 304 -12.07 -48.95 -10.66
CA ALA G 304 -11.99 -48.03 -11.78
C ALA G 304 -12.06 -46.60 -11.26
N ASP G 305 -11.00 -45.83 -11.52
CA ASP G 305 -10.92 -44.39 -11.25
C ASP G 305 -11.15 -44.07 -9.77
N CYS G 306 -10.22 -44.57 -8.95
CA CYS G 306 -10.28 -44.30 -7.52
C CYS G 306 -9.75 -42.90 -7.23
N ILE G 307 -10.60 -42.08 -6.61
CA ILE G 307 -10.23 -40.73 -6.20
C ILE G 307 -10.36 -40.65 -4.67
N TYR G 308 -9.23 -40.66 -3.96
CA TYR G 308 -9.30 -40.80 -2.52
C TYR G 308 -9.52 -39.44 -1.87
N SER G 309 -10.65 -39.32 -1.18
CA SER G 309 -11.11 -38.04 -0.66
C SER G 309 -12.18 -38.28 0.39
N ALA G 310 -12.75 -37.19 0.91
CA ALA G 310 -13.81 -37.29 1.90
C ALA G 310 -15.11 -37.75 1.28
N ASP G 311 -15.33 -37.46 0.01
CA ASP G 311 -16.52 -37.90 -0.70
C ASP G 311 -16.44 -39.40 -0.98
N PHE G 312 -17.57 -40.00 -1.33
CA PHE G 312 -17.61 -41.40 -1.78
C PHE G 312 -16.99 -41.47 -3.18
N GLY G 313 -15.66 -41.32 -3.22
CA GLY G 313 -14.93 -41.28 -4.46
C GLY G 313 -14.19 -42.57 -4.71
N GLY G 314 -14.60 -43.27 -5.76
CA GLY G 314 -14.00 -44.55 -6.10
C GLY G 314 -15.05 -45.61 -6.35
N SER G 315 -14.98 -46.26 -7.51
CA SER G 315 -15.94 -47.29 -7.88
C SER G 315 -15.21 -48.61 -8.04
N LEU G 316 -15.79 -49.66 -7.47
CA LEU G 316 -15.25 -51.01 -7.59
C LEU G 316 -16.30 -51.90 -8.25
N THR G 317 -15.87 -52.70 -9.21
CA THR G 317 -16.72 -53.64 -9.92
C THR G 317 -16.45 -55.04 -9.40
N LEU G 318 -17.52 -55.72 -8.96
CA LEU G 318 -17.47 -57.10 -8.49
C LEU G 318 -18.09 -58.00 -9.55
N GLN G 319 -17.32 -58.99 -10.00
CA GLN G 319 -17.79 -60.09 -10.84
C GLN G 319 -18.10 -61.27 -9.93
N TYR G 320 -19.38 -61.62 -9.83
CA TYR G 320 -19.82 -62.69 -8.93
C TYR G 320 -20.41 -63.85 -9.71
N LYS G 321 -20.35 -65.03 -9.08
CA LYS G 321 -20.77 -66.29 -9.65
C LYS G 321 -21.84 -66.94 -8.78
N ALA G 322 -22.87 -66.18 -8.42
CA ALA G 322 -23.87 -66.63 -7.46
C ALA G 322 -24.64 -67.84 -7.97
N ASN G 323 -25.21 -68.59 -7.02
CA ASN G 323 -25.87 -69.86 -7.34
C ASN G 323 -27.38 -69.74 -7.47
N ARG G 324 -28.04 -69.05 -6.54
CA ARG G 324 -29.48 -68.85 -6.58
C ARG G 324 -29.81 -67.40 -6.32
N GLU G 325 -31.06 -67.04 -6.59
CA GLU G 325 -31.51 -65.66 -6.42
C GLU G 325 -31.60 -65.29 -4.94
N GLY G 326 -31.27 -64.04 -4.64
CA GLY G 326 -31.41 -63.55 -3.28
C GLY G 326 -30.73 -62.20 -3.13
N HIS G 327 -30.59 -61.78 -1.88
CA HIS G 327 -29.84 -60.58 -1.55
C HIS G 327 -29.06 -60.83 -0.27
N CYS G 328 -27.86 -60.27 -0.21
CA CYS G 328 -26.95 -60.49 0.91
C CYS G 328 -25.94 -59.35 0.93
N PRO G 329 -25.37 -59.03 2.10
CA PRO G 329 -24.64 -57.76 2.25
C PRO G 329 -23.24 -57.79 1.65
N VAL G 330 -22.65 -56.60 1.59
CA VAL G 330 -21.26 -56.37 1.22
C VAL G 330 -20.59 -55.62 2.37
N HIS G 331 -19.27 -55.76 2.47
CA HIS G 331 -18.54 -55.08 3.54
C HIS G 331 -17.10 -54.89 3.13
N SER G 332 -16.48 -53.85 3.67
CA SER G 332 -15.05 -53.56 3.47
C SER G 332 -14.32 -53.77 4.78
N HIS G 333 -13.33 -54.67 4.78
CA HIS G 333 -12.64 -55.10 5.99
C HIS G 333 -11.32 -54.37 6.19
N SER G 334 -11.23 -53.10 5.82
CA SER G 334 -10.06 -52.29 6.09
C SER G 334 -10.48 -51.03 6.83
N THR G 335 -9.61 -50.55 7.71
CA THR G 335 -9.88 -49.33 8.46
C THR G 335 -9.75 -48.07 7.61
N THR G 336 -9.18 -48.19 6.40
CA THR G 336 -8.98 -47.04 5.53
C THR G 336 -10.08 -46.88 4.50
N ALA G 337 -10.89 -47.91 4.25
CA ALA G 337 -11.92 -47.85 3.24
C ALA G 337 -13.29 -48.11 3.86
N VAL G 338 -14.27 -47.29 3.48
CA VAL G 338 -15.66 -47.48 3.90
C VAL G 338 -16.53 -47.55 2.67
N LEU G 339 -17.32 -48.63 2.57
CA LEU G 339 -18.21 -48.84 1.44
C LEU G 339 -19.52 -48.08 1.66
N LYS G 340 -20.06 -47.53 0.56
CA LYS G 340 -21.30 -46.78 0.65
C LYS G 340 -22.51 -47.70 0.83
N GLU G 341 -22.57 -48.80 0.08
CA GLU G 341 -23.74 -49.65 0.09
C GLU G 341 -23.66 -50.68 1.20
N ALA G 342 -24.83 -51.21 1.58
CA ALA G 342 -24.94 -52.22 2.62
C ALA G 342 -25.20 -53.61 2.07
N THR G 343 -26.25 -53.78 1.27
CA THR G 343 -26.64 -55.08 0.72
C THR G 343 -26.58 -55.04 -0.80
N THR G 344 -26.64 -56.23 -1.40
CA THR G 344 -26.70 -56.36 -2.85
C THR G 344 -27.60 -57.52 -3.20
N HIS G 345 -28.49 -57.31 -4.17
CA HIS G 345 -29.31 -58.36 -4.75
C HIS G 345 -28.53 -59.06 -5.85
N VAL G 346 -28.28 -60.35 -5.69
CA VAL G 346 -27.57 -61.15 -6.67
C VAL G 346 -28.48 -62.30 -7.12
N THR G 347 -28.68 -62.42 -8.44
CA THR G 347 -29.40 -63.57 -8.99
C THR G 347 -28.43 -64.72 -9.27
N ALA G 348 -27.55 -64.53 -10.27
CA ALA G 348 -26.50 -65.48 -10.64
C ALA G 348 -25.63 -64.89 -11.74
N THR G 349 -24.31 -65.09 -11.63
CA THR G 349 -23.33 -64.86 -12.69
C THR G 349 -23.44 -63.43 -13.25
N GLY G 350 -23.06 -62.49 -12.41
CA GLY G 350 -23.25 -61.09 -12.77
C GLY G 350 -22.17 -60.12 -12.38
N SER G 351 -22.46 -58.83 -12.60
CA SER G 351 -21.56 -57.73 -12.28
C SER G 351 -22.31 -56.68 -11.48
N ILE G 352 -21.66 -56.15 -10.45
CA ILE G 352 -22.20 -55.04 -9.68
C ILE G 352 -21.11 -53.99 -9.48
N THR G 353 -21.55 -52.77 -9.16
CA THR G 353 -20.65 -51.67 -8.87
C THR G 353 -20.94 -51.14 -7.47
N LEU G 354 -19.89 -50.70 -6.78
CA LEU G 354 -19.99 -50.20 -5.42
C LEU G 354 -19.12 -48.96 -5.26
N HIS G 355 -19.50 -48.10 -4.32
CA HIS G 355 -18.80 -46.85 -4.09
C HIS G 355 -18.16 -46.88 -2.70
N PHE G 356 -16.95 -46.36 -2.60
CA PHE G 356 -16.19 -46.41 -1.35
C PHE G 356 -15.42 -45.11 -1.16
N SER G 357 -15.03 -44.86 0.09
CA SER G 357 -14.23 -43.71 0.46
C SER G 357 -12.96 -44.17 1.15
N THR G 358 -11.84 -43.54 0.79
CA THR G 358 -10.52 -43.90 1.29
C THR G 358 -9.74 -42.64 1.64
N SER G 359 -8.77 -42.79 2.55
CA SER G 359 -7.82 -41.74 2.89
C SER G 359 -6.40 -42.10 2.47
N SER G 360 -6.25 -43.11 1.63
CA SER G 360 -4.93 -43.60 1.26
C SER G 360 -4.74 -43.58 -0.25
N PRO G 361 -3.55 -43.22 -0.73
CA PRO G 361 -3.30 -43.23 -2.17
C PRO G 361 -3.26 -44.64 -2.78
N GLN G 362 -3.03 -45.66 -1.97
CA GLN G 362 -3.08 -47.05 -2.41
C GLN G 362 -4.35 -47.68 -1.90
N ALA G 363 -5.03 -48.45 -2.77
CA ALA G 363 -6.26 -49.14 -2.38
C ALA G 363 -5.93 -50.62 -2.29
N ASN G 364 -5.55 -51.08 -1.10
CA ASN G 364 -5.25 -52.48 -0.84
C ASN G 364 -6.20 -52.91 0.27
N PHE G 365 -7.41 -53.31 -0.10
CA PHE G 365 -8.45 -53.55 0.90
C PHE G 365 -9.30 -54.75 0.52
N ILE G 366 -9.73 -55.50 1.54
CA ILE G 366 -10.44 -56.75 1.35
C ILE G 366 -11.94 -56.48 1.39
N VAL G 367 -12.63 -56.85 0.31
CA VAL G 367 -14.08 -56.76 0.23
C VAL G 367 -14.65 -58.14 0.49
N SER G 368 -15.56 -58.23 1.44
CA SER G 368 -16.36 -59.42 1.67
C SER G 368 -17.71 -59.22 1.01
N LEU G 369 -17.96 -59.95 -0.08
CA LEU G 369 -19.30 -60.04 -0.66
C LEU G 369 -19.96 -61.27 -0.08
N CYS G 370 -20.98 -61.06 0.75
CA CYS G 370 -22.01 -62.03 1.08
C CYS G 370 -21.45 -63.20 1.90
N GLY G 371 -20.23 -63.07 2.40
CA GLY G 371 -19.58 -64.15 3.12
C GLY G 371 -18.18 -64.43 2.63
N LYS G 372 -17.93 -64.22 1.33
CA LYS G 372 -16.64 -64.56 0.73
C LYS G 372 -15.78 -63.33 0.58
N LYS G 373 -14.51 -63.44 0.97
CA LYS G 373 -13.60 -62.30 1.03
C LYS G 373 -12.57 -62.39 -0.09
N THR G 374 -12.44 -61.31 -0.87
CA THR G 374 -11.34 -61.16 -1.82
C THR G 374 -10.76 -59.77 -1.71
N THR G 375 -9.44 -59.68 -1.87
CA THR G 375 -8.76 -58.39 -1.75
C THR G 375 -8.74 -57.66 -3.10
N CYS G 376 -8.66 -56.33 -3.02
CA CYS G 376 -8.63 -55.47 -4.18
C CYS G 376 -7.43 -54.54 -4.05
N ASN G 377 -6.62 -54.48 -5.11
CA ASN G 377 -5.40 -53.68 -5.15
C ASN G 377 -5.46 -52.73 -6.34
N ALA G 378 -5.30 -51.44 -6.09
CA ALA G 378 -5.37 -50.42 -7.12
C ALA G 378 -4.72 -49.13 -6.62
N GLU G 379 -4.75 -48.12 -7.47
CA GLU G 379 -4.18 -46.81 -7.17
C GLU G 379 -5.29 -45.76 -7.09
N CYS G 380 -5.15 -44.82 -6.16
CA CYS G 380 -6.10 -43.73 -5.99
C CYS G 380 -5.38 -42.40 -6.14
N LYS G 381 -6.03 -41.47 -6.80
CA LYS G 381 -5.52 -40.13 -7.09
C LYS G 381 -5.99 -39.13 -6.04
N PRO G 382 -5.19 -38.09 -5.76
CA PRO G 382 -5.66 -37.03 -4.88
C PRO G 382 -6.73 -36.20 -5.56
N PRO G 383 -7.69 -35.66 -4.81
CA PRO G 383 -8.77 -34.88 -5.44
C PRO G 383 -8.30 -33.51 -5.87
N ALA G 384 -8.99 -32.98 -6.89
CA ALA G 384 -8.67 -31.65 -7.38
C ALA G 384 -9.21 -30.56 -6.46
N ASP G 385 -10.36 -30.79 -5.83
CA ASP G 385 -10.96 -29.80 -4.95
C ASP G 385 -10.18 -29.74 -3.64
N HIS G 386 -9.74 -28.54 -3.27
CA HIS G 386 -8.95 -28.39 -2.04
C HIS G 386 -9.84 -28.50 -0.81
N ILE G 387 -11.03 -27.89 -0.85
CA ILE G 387 -11.92 -27.82 0.30
C ILE G 387 -13.25 -28.47 -0.09
N ILE G 388 -13.75 -29.35 0.78
CA ILE G 388 -14.99 -30.07 0.54
C ILE G 388 -15.92 -29.80 1.73
N GLY G 389 -17.22 -29.82 1.45
CA GLY G 389 -18.25 -29.44 2.40
C GLY G 389 -18.74 -30.55 3.32
N GLU G 390 -18.13 -31.73 3.29
CA GLU G 390 -18.52 -32.79 4.20
C GLU G 390 -17.28 -33.40 4.84
N PRO G 391 -17.38 -33.89 6.08
CA PRO G 391 -16.20 -34.39 6.78
C PRO G 391 -15.74 -35.74 6.23
N HIS G 392 -14.47 -36.05 6.55
CA HIS G 392 -13.90 -37.32 6.12
C HIS G 392 -14.51 -38.48 6.89
N LYS G 393 -14.80 -39.56 6.17
CA LYS G 393 -15.44 -40.73 6.75
C LYS G 393 -14.44 -41.80 7.17
N VAL G 394 -13.16 -41.62 6.85
CA VAL G 394 -12.08 -42.50 7.26
C VAL G 394 -10.94 -41.65 7.79
N ASP G 395 -10.06 -42.28 8.55
CA ASP G 395 -8.91 -41.61 9.15
C ASP G 395 -7.62 -42.23 8.64
N GLN G 396 -6.60 -41.38 8.50
CA GLN G 396 -5.29 -41.85 8.08
C GLN G 396 -4.63 -42.65 9.19
N GLU G 397 -4.13 -43.83 8.86
CA GLU G 397 -3.51 -44.72 9.84
C GLU G 397 -2.00 -44.56 9.89
N PHE G 398 -1.43 -43.66 9.08
CA PHE G 398 -0.02 -43.28 9.01
C PHE G 398 0.90 -44.36 8.46
N GLN G 399 0.39 -45.56 8.16
CA GLN G 399 1.11 -46.55 7.39
C GLN G 399 0.57 -46.74 5.99
N ALA G 400 -0.76 -46.69 5.82
CA ALA G 400 -1.36 -46.69 4.50
C ALA G 400 -1.31 -45.32 3.84
N ALA G 401 -0.98 -44.26 4.58
CA ALA G 401 -0.87 -42.93 3.99
C ALA G 401 0.30 -42.85 3.02
N VAL G 402 1.37 -43.59 3.28
CA VAL G 402 2.48 -43.66 2.34
C VAL G 402 2.06 -44.50 1.14
N SER G 403 2.31 -43.98 -0.06
CA SER G 403 1.86 -44.64 -1.28
C SER G 403 2.69 -45.88 -1.55
N LYS G 404 2.18 -46.71 -2.46
CA LYS G 404 2.84 -47.97 -2.80
C LYS G 404 4.21 -47.73 -3.44
N THR G 405 4.28 -46.79 -4.39
CA THR G 405 5.54 -46.54 -5.06
C THR G 405 6.53 -45.79 -4.16
N SER G 406 6.05 -44.89 -3.30
CA SER G 406 6.95 -44.25 -2.35
C SER G 406 7.47 -45.25 -1.33
N TRP G 407 6.61 -46.20 -0.92
CA TRP G 407 7.08 -47.31 -0.09
C TRP G 407 8.13 -48.13 -0.83
N ASN G 408 7.94 -48.34 -2.13
CA ASN G 408 8.92 -49.09 -2.91
C ASN G 408 10.27 -48.38 -2.96
N TRP G 409 10.28 -47.06 -3.20
CA TRP G 409 11.54 -46.32 -3.23
C TRP G 409 12.20 -46.30 -1.85
N LEU G 410 11.43 -46.00 -0.79
CA LEU G 410 12.03 -45.92 0.54
C LEU G 410 12.55 -47.26 1.01
N LEU G 411 11.78 -48.34 0.80
CA LEU G 411 12.23 -49.67 1.16
C LEU G 411 13.39 -50.12 0.28
N ALA G 412 13.43 -49.65 -0.97
CA ALA G 412 14.55 -50.02 -1.85
C ALA G 412 15.84 -49.38 -1.38
N LEU G 413 15.82 -48.09 -1.04
CA LEU G 413 17.02 -47.45 -0.52
C LEU G 413 17.44 -48.03 0.82
N PHE G 414 16.48 -48.26 1.73
CA PHE G 414 16.81 -48.84 3.03
C PHE G 414 17.35 -50.26 2.89
N GLY G 415 16.73 -51.09 2.05
CA GLY G 415 17.21 -52.43 1.83
C GLY G 415 18.54 -52.48 1.12
N GLY G 416 18.78 -51.56 0.19
CA GLY G 416 20.08 -51.50 -0.46
C GLY G 416 21.18 -51.11 0.51
N ALA G 417 20.92 -50.13 1.36
CA ALA G 417 21.89 -49.76 2.39
C ALA G 417 22.12 -50.92 3.37
N SER G 418 21.06 -51.59 3.79
CA SER G 418 21.20 -52.70 4.73
C SER G 418 21.94 -53.88 4.13
N SER G 419 21.62 -54.23 2.88
CA SER G 419 22.34 -55.31 2.21
C SER G 419 23.78 -54.93 1.92
N LEU G 420 24.05 -53.65 1.68
CA LEU G 420 25.42 -53.18 1.57
C LEU G 420 26.17 -53.34 2.87
N ILE G 421 25.52 -53.06 4.00
CA ILE G 421 26.14 -53.34 5.31
C ILE G 421 26.39 -54.83 5.49
N VAL G 422 25.42 -55.67 5.09
CA VAL G 422 25.57 -57.12 5.25
C VAL G 422 26.72 -57.65 4.40
N VAL G 423 26.84 -57.19 3.15
CA VAL G 423 27.93 -57.66 2.33
C VAL G 423 29.27 -57.12 2.83
N GLY G 424 29.30 -55.90 3.38
CA GLY G 424 30.53 -55.41 3.99
C GLY G 424 30.97 -56.26 5.19
N LEU G 425 30.01 -56.63 6.04
CA LEU G 425 30.34 -57.48 7.18
C LEU G 425 30.76 -58.88 6.76
N ILE G 426 30.15 -59.45 5.71
CA ILE G 426 30.57 -60.81 5.35
C ILE G 426 31.92 -60.77 4.63
N VAL G 427 32.25 -59.67 3.93
CA VAL G 427 33.61 -59.52 3.43
C VAL G 427 34.60 -59.37 4.59
N LEU G 428 34.19 -58.68 5.67
CA LEU G 428 35.05 -58.63 6.86
C LEU G 428 35.27 -60.00 7.46
N VAL G 429 34.23 -60.82 7.54
CA VAL G 429 34.35 -62.16 8.10
C VAL G 429 35.24 -63.03 7.21
N CYS G 430 35.09 -62.92 5.89
CA CYS G 430 35.92 -63.67 4.97
C CYS G 430 37.38 -63.24 5.05
N SER G 431 37.63 -61.94 5.22
CA SER G 431 39.00 -61.46 5.38
C SER G 431 39.60 -61.91 6.71
N SER G 432 38.79 -61.92 7.77
CA SER G 432 39.28 -62.39 9.06
C SER G 432 39.51 -63.90 9.07
N MET G 433 38.82 -64.64 8.19
CA MET G 433 39.11 -66.06 8.04
C MET G 433 40.51 -66.27 7.46
N LEU G 434 40.92 -65.43 6.52
CA LEU G 434 42.26 -65.47 5.96
C LEU G 434 43.25 -64.89 6.96
N SER H 1 -48.83 -6.80 48.38
CA SER H 1 -49.85 -5.79 48.64
C SER H 1 -49.69 -4.60 47.70
N ILE H 2 -49.75 -4.87 46.40
CA ILE H 2 -49.61 -3.84 45.38
C ILE H 2 -50.93 -3.10 45.26
N THR H 3 -50.86 -1.77 45.29
CA THR H 3 -52.03 -0.92 45.14
C THR H 3 -52.00 -0.21 43.80
N ASP H 4 -53.14 -0.18 43.12
CA ASP H 4 -53.30 0.58 41.88
C ASP H 4 -54.18 1.79 42.07
N ASP H 5 -54.59 2.09 43.29
CA ASP H 5 -55.41 3.25 43.59
C ASP H 5 -54.51 4.44 43.91
N PHE H 6 -54.57 5.47 43.07
CA PHE H 6 -53.71 6.64 43.21
C PHE H 6 -54.36 7.77 43.99
N THR H 7 -55.55 7.54 44.54
CA THR H 7 -56.19 8.57 45.36
C THR H 7 -55.50 8.72 46.72
N LEU H 8 -54.76 7.72 47.16
CA LEU H 8 -54.02 7.77 48.41
C LEU H 8 -52.60 8.33 48.25
N THR H 9 -52.25 8.80 47.05
CA THR H 9 -50.89 9.19 46.74
C THR H 9 -50.89 10.57 46.10
N SER H 10 -49.94 11.42 46.53
CA SER H 10 -49.74 12.75 45.99
C SER H 10 -48.40 12.86 45.28
N PRO H 11 -48.30 13.71 44.25
CA PRO H 11 -46.98 13.99 43.67
C PRO H 11 -46.17 14.89 44.58
N TYR H 12 -44.88 15.02 44.25
CA TYR H 12 -43.98 15.75 45.11
C TYR H 12 -43.06 16.64 44.29
N LEU H 13 -42.58 17.71 44.92
CA LEU H 13 -41.58 18.58 44.31
C LEU H 13 -40.21 17.92 44.41
N GLY H 14 -39.50 17.85 43.30
CA GLY H 14 -38.20 17.21 43.23
C GLY H 14 -37.11 18.21 42.90
N PHE H 15 -35.99 18.12 43.64
CA PHE H 15 -34.85 19.01 43.44
C PHE H 15 -33.96 18.41 42.34
N CYS H 16 -33.94 19.05 41.17
CA CYS H 16 -33.13 18.45 40.13
C CYS H 16 -32.10 19.45 39.59
N PRO H 17 -30.95 18.95 39.09
CA PRO H 17 -29.79 19.83 38.90
C PRO H 17 -29.80 20.74 37.68
N TYR H 18 -30.58 20.47 36.63
CA TYR H 18 -30.52 21.34 35.45
C TYR H 18 -31.96 21.65 35.05
N CYS H 19 -32.45 22.82 35.45
CA CYS H 19 -33.77 23.27 35.10
C CYS H 19 -33.66 24.01 33.76
N ARG H 20 -34.72 24.72 33.35
CA ARG H 20 -34.61 25.48 32.12
C ARG H 20 -33.70 26.69 32.27
N HIS H 21 -33.59 27.25 33.47
CA HIS H 21 -32.78 28.43 33.73
C HIS H 21 -31.32 28.08 34.01
N SER H 22 -30.87 26.88 33.61
CA SER H 22 -29.49 26.41 33.75
C SER H 22 -29.00 26.45 35.20
N ALA H 23 -29.87 26.00 36.10
CA ALA H 23 -29.54 25.93 37.53
C ALA H 23 -30.43 24.88 38.16
N PRO H 24 -29.99 24.24 39.24
CA PRO H 24 -30.87 23.30 39.95
C PRO H 24 -32.08 24.02 40.54
N CYS H 25 -33.21 23.34 40.54
CA CYS H 25 -34.40 23.94 41.16
C CYS H 25 -35.35 22.84 41.61
N PHE H 26 -36.30 23.23 42.46
CA PHE H 26 -37.43 22.38 42.79
C PHE H 26 -38.43 22.44 41.65
N SER H 27 -38.76 21.29 41.09
CA SER H 27 -39.64 21.21 39.94
C SER H 27 -40.76 20.21 40.21
N PRO H 28 -41.96 20.44 39.65
CA PRO H 28 -43.02 19.43 39.76
C PRO H 28 -42.70 18.14 39.06
N ILE H 29 -41.82 18.16 38.07
CA ILE H 29 -41.37 16.96 37.36
C ILE H 29 -39.86 16.82 37.61
N LYS H 30 -39.47 15.65 38.09
CA LYS H 30 -38.09 15.38 38.46
C LYS H 30 -37.77 13.94 38.08
N ILE H 31 -36.70 13.75 37.31
CA ILE H 31 -36.34 12.42 36.84
C ILE H 31 -35.54 11.71 37.93
N GLU H 32 -36.15 10.70 38.55
CA GLU H 32 -35.46 9.90 39.56
C GLU H 32 -34.51 8.91 38.91
N ASN H 33 -35.02 8.10 37.99
CA ASN H 33 -34.23 7.08 37.32
C ASN H 33 -34.68 6.94 35.86
N VAL H 34 -33.75 6.52 35.01
CA VAL H 34 -34.02 6.19 33.62
C VAL H 34 -33.42 4.83 33.33
N TRP H 35 -34.24 3.91 32.80
CA TRP H 35 -33.79 2.59 32.40
C TRP H 35 -33.89 2.46 30.88
N ASP H 36 -32.82 1.93 30.27
CA ASP H 36 -32.83 1.60 28.85
C ASP H 36 -32.29 0.17 28.68
N GLU H 37 -33.20 -0.80 28.80
CA GLU H 37 -32.84 -2.21 28.67
C GLU H 37 -33.52 -2.88 27.49
N SER H 38 -34.47 -2.21 26.84
CA SER H 38 -35.12 -2.77 25.66
C SER H 38 -34.17 -2.72 24.47
N ASP H 39 -34.46 -3.59 23.49
CA ASP H 39 -33.64 -3.68 22.28
C ASP H 39 -34.14 -2.80 21.15
N ASP H 40 -35.19 -2.01 21.37
CA ASP H 40 -35.71 -1.11 20.35
C ASP H 40 -35.46 0.36 20.67
N GLY H 41 -34.70 0.65 21.71
CA GLY H 41 -34.39 2.02 22.07
C GLY H 41 -35.39 2.70 22.96
N SER H 42 -36.46 2.01 23.37
CA SER H 42 -37.43 2.61 24.28
C SER H 42 -36.83 2.75 25.67
N ILE H 43 -37.02 3.92 26.27
CA ILE H 43 -36.53 4.21 27.61
C ILE H 43 -37.71 4.43 28.54
N ARG H 44 -37.55 3.96 29.77
CA ARG H 44 -38.52 4.14 30.84
C ARG H 44 -37.98 5.17 31.82
N ILE H 45 -38.82 6.13 32.17
CA ILE H 45 -38.44 7.28 33.00
C ILE H 45 -39.34 7.30 34.23
N GLN H 46 -38.73 7.46 35.41
CA GLN H 46 -39.47 7.69 36.63
C GLN H 46 -39.49 9.19 36.92
N VAL H 47 -40.69 9.76 37.01
CA VAL H 47 -40.85 11.20 37.16
C VAL H 47 -41.60 11.47 38.45
N SER H 48 -41.24 12.57 39.13
CA SER H 48 -41.86 12.93 40.40
C SER H 48 -43.34 13.26 40.27
N ALA H 49 -43.81 13.57 39.07
CA ALA H 49 -45.23 13.80 38.84
C ALA H 49 -45.90 12.53 38.35
N GLN H 50 -47.21 12.44 38.59
CA GLN H 50 -47.99 11.32 38.10
C GLN H 50 -48.55 11.62 36.71
N PHE H 51 -48.97 10.58 36.00
CA PHE H 51 -49.45 10.71 34.64
C PHE H 51 -50.69 9.85 34.45
N GLY H 52 -51.64 10.35 33.68
CA GLY H 52 -52.87 9.62 33.43
C GLY H 52 -53.83 9.59 34.58
N TYR H 53 -53.77 10.56 35.50
CA TYR H 53 -54.68 10.63 36.62
C TYR H 53 -55.04 12.08 36.88
N ASN H 54 -56.28 12.31 37.29
CA ASN H 54 -56.78 13.65 37.56
C ASN H 54 -56.47 14.03 39.02
N GLN H 55 -56.81 15.28 39.37
CA GLN H 55 -56.38 15.87 40.65
C GLN H 55 -56.91 15.07 41.84
N ALA H 56 -58.13 14.53 41.73
CA ALA H 56 -58.65 13.66 42.77
C ALA H 56 -57.85 12.37 42.86
N GLY H 57 -57.50 11.78 41.71
CA GLY H 57 -56.69 10.58 41.70
C GLY H 57 -57.28 9.45 40.88
N THR H 58 -58.43 9.69 40.26
CA THR H 58 -59.08 8.68 39.44
C THR H 58 -58.32 8.49 38.12
N ALA H 59 -58.51 7.33 37.50
CA ALA H 59 -57.85 7.00 36.24
C ALA H 59 -58.45 7.86 35.13
N ASP H 60 -57.72 8.89 34.72
CA ASP H 60 -58.21 9.85 33.72
C ASP H 60 -57.05 10.03 32.74
N VAL H 61 -57.11 9.30 31.61
CA VAL H 61 -56.07 9.39 30.60
C VAL H 61 -56.09 10.79 29.96
N THR H 62 -54.91 11.25 29.55
CA THR H 62 -54.56 12.54 28.90
C THR H 62 -54.58 13.71 29.86
N LYS H 63 -54.74 13.49 31.17
CA LYS H 63 -54.56 14.53 32.18
C LYS H 63 -53.69 13.99 33.30
N PHE H 64 -52.78 14.82 33.79
CA PHE H 64 -51.75 14.40 34.73
C PHE H 64 -51.68 15.35 35.91
N ARG H 65 -51.17 14.84 37.03
CA ARG H 65 -51.04 15.59 38.27
C ARG H 65 -49.62 16.10 38.43
N TYR H 66 -49.49 17.18 39.21
CA TYR H 66 -48.19 17.69 39.61
C TYR H 66 -48.38 18.57 40.85
N MET H 67 -47.43 18.47 41.77
CA MET H 67 -47.38 19.37 42.92
C MET H 67 -46.66 20.64 42.50
N SER H 68 -47.34 21.77 42.62
CA SER H 68 -46.85 23.02 42.07
C SER H 68 -46.07 23.80 43.11
N TYR H 69 -45.12 24.61 42.63
CA TYR H 69 -44.28 25.44 43.46
C TYR H 69 -44.80 26.87 43.58
N ASP H 70 -46.08 27.09 43.32
CA ASP H 70 -46.67 28.41 43.42
C ASP H 70 -47.10 28.65 44.87
N HIS H 71 -47.89 29.71 45.10
CA HIS H 71 -48.29 30.07 46.46
C HIS H 71 -49.17 28.99 47.08
N ASP H 72 -50.11 28.45 46.32
CA ASP H 72 -50.96 27.34 46.79
C ASP H 72 -50.31 26.01 46.49
N HIS H 73 -49.42 25.58 47.40
CA HIS H 73 -48.64 24.35 47.25
C HIS H 73 -49.54 23.14 47.49
N ASP H 74 -50.30 22.80 46.45
CA ASP H 74 -51.17 21.63 46.45
C ASP H 74 -51.06 20.92 45.10
N ILE H 75 -51.82 19.84 44.94
CA ILE H 75 -51.84 19.09 43.69
C ILE H 75 -52.66 19.85 42.67
N LYS H 76 -52.12 20.02 41.48
CA LYS H 76 -52.85 20.58 40.34
C LYS H 76 -52.80 19.59 39.18
N GLU H 77 -53.66 19.81 38.21
CA GLU H 77 -53.81 18.90 37.07
C GLU H 77 -53.65 19.69 35.78
N ASP H 78 -53.18 18.99 34.74
CA ASP H 78 -52.86 19.66 33.49
C ASP H 78 -52.95 18.64 32.36
N SER H 79 -53.05 19.14 31.13
CA SER H 79 -53.18 18.29 29.96
C SER H 79 -51.87 17.57 29.65
N MET H 80 -52.00 16.33 29.17
CA MET H 80 -50.84 15.52 28.79
C MET H 80 -50.32 15.83 27.40
N GLU H 81 -51.08 16.53 26.56
CA GLU H 81 -50.62 16.84 25.22
C GLU H 81 -49.70 18.05 25.16
N LYS H 82 -49.45 18.72 26.29
CA LYS H 82 -48.50 19.83 26.34
C LYS H 82 -47.23 19.44 27.11
N LEU H 83 -46.94 18.15 27.17
CA LEU H 83 -45.73 17.63 27.82
C LEU H 83 -44.82 17.03 26.76
N ALA H 84 -43.53 17.32 26.88
CA ALA H 84 -42.54 16.88 25.89
C ALA H 84 -41.40 16.14 26.57
N ILE H 85 -40.90 15.11 25.91
CA ILE H 85 -39.69 14.40 26.30
C ILE H 85 -38.70 14.54 25.17
N SER H 86 -37.43 14.79 25.50
CA SER H 86 -36.43 14.93 24.45
C SER H 86 -35.04 14.57 24.97
N THR H 87 -34.21 14.08 24.07
CA THR H 87 -32.80 13.83 24.36
C THR H 87 -31.88 14.71 23.51
N SER H 88 -32.00 14.63 22.19
CA SER H 88 -31.43 15.59 21.26
C SER H 88 -32.49 16.19 20.36
N GLY H 89 -33.43 15.38 19.89
CA GLY H 89 -34.66 15.85 19.31
C GLY H 89 -35.82 15.36 20.15
N PRO H 90 -37.05 15.68 19.73
CA PRO H 90 -38.22 15.25 20.50
C PRO H 90 -38.39 13.73 20.51
N CYS H 91 -38.96 13.24 21.60
CA CYS H 91 -39.18 11.82 21.80
C CYS H 91 -40.67 11.47 21.64
N ARG H 92 -40.92 10.31 21.04
CA ARG H 92 -42.27 9.81 20.84
C ARG H 92 -42.78 9.20 22.13
N ARG H 93 -43.81 9.79 22.72
CA ARG H 93 -44.39 9.30 23.96
C ARG H 93 -45.11 7.98 23.70
N LEU H 94 -44.45 6.86 24.03
CA LEU H 94 -45.06 5.55 23.84
C LEU H 94 -46.13 5.24 24.87
N GLY H 95 -45.91 5.58 26.13
CA GLY H 95 -46.88 5.28 27.17
C GLY H 95 -46.62 6.08 28.42
N HIS H 96 -47.65 6.15 29.26
CA HIS H 96 -47.55 6.90 30.50
C HIS H 96 -48.41 6.24 31.57
N LYS H 97 -48.00 6.42 32.82
CA LYS H 97 -48.74 5.97 33.99
C LYS H 97 -48.24 6.81 35.15
N GLY H 98 -48.91 6.68 36.30
CA GLY H 98 -48.49 7.38 37.51
C GLY H 98 -47.05 7.11 37.86
N TYR H 99 -46.27 8.19 37.94
CA TYR H 99 -44.83 8.27 38.21
C TYR H 99 -43.96 7.74 37.07
N PHE H 100 -44.52 7.33 35.93
CA PHE H 100 -43.71 6.63 34.94
C PHE H 100 -44.07 7.02 33.51
N LEU H 101 -43.04 7.06 32.67
CA LEU H 101 -43.15 7.39 31.25
C LEU H 101 -42.35 6.38 30.46
N LEU H 102 -42.71 6.21 29.19
CA LEU H 102 -42.00 5.31 28.29
C LEU H 102 -41.98 5.92 26.90
N ALA H 103 -40.80 6.02 26.30
CA ALA H 103 -40.67 6.77 25.04
C ALA H 103 -39.54 6.25 24.16
N GLN H 104 -39.75 6.28 22.85
CA GLN H 104 -38.69 6.19 21.86
C GLN H 104 -37.89 7.48 21.86
N CYS H 105 -36.57 7.39 21.97
CA CYS H 105 -35.75 8.59 21.99
C CYS H 105 -34.56 8.46 21.06
N PRO H 106 -34.16 9.55 20.40
CA PRO H 106 -32.93 9.54 19.60
C PRO H 106 -31.70 9.51 20.49
N PRO H 107 -30.53 9.17 19.95
CA PRO H 107 -29.32 9.15 20.78
C PRO H 107 -28.96 10.54 21.32
N GLY H 108 -28.42 10.55 22.53
CA GLY H 108 -28.02 11.78 23.18
C GLY H 108 -27.35 11.49 24.50
N ASP H 109 -26.81 12.54 25.10
CA ASP H 109 -26.10 12.43 26.38
C ASP H 109 -26.95 12.87 27.56
N SER H 110 -28.19 13.30 27.33
CA SER H 110 -29.05 13.75 28.41
C SER H 110 -30.49 13.41 28.07
N VAL H 111 -31.32 13.30 29.10
CA VAL H 111 -32.76 13.07 28.95
C VAL H 111 -33.49 14.16 29.71
N THR H 112 -34.41 14.85 29.05
CA THR H 112 -35.14 15.92 29.69
C THR H 112 -36.63 15.80 29.43
N VAL H 113 -37.41 16.25 30.41
CA VAL H 113 -38.86 16.27 30.35
C VAL H 113 -39.30 17.69 30.66
N SER H 114 -40.28 18.20 29.91
CA SER H 114 -40.76 19.57 30.09
C SER H 114 -42.27 19.61 29.97
N ILE H 115 -42.86 20.60 30.63
CA ILE H 115 -44.30 20.87 30.53
C ILE H 115 -44.50 22.15 29.73
N THR H 116 -44.70 22.01 28.42
CA THR H 116 -44.78 23.17 27.55
C THR H 116 -46.02 24.00 27.85
N SER H 117 -45.81 25.30 28.09
CA SER H 117 -46.87 26.27 28.42
C SER H 117 -47.71 25.83 29.61
N GLU H 121 -42.54 26.53 31.81
CA GLU H 121 -42.04 25.43 30.98
C GLU H 121 -41.63 24.27 31.88
N ASN H 122 -40.86 24.60 32.92
CA ASN H 122 -40.51 23.67 34.01
C ASN H 122 -39.77 22.44 33.49
N SER H 123 -38.81 22.66 32.59
CA SER H 123 -38.01 21.57 32.08
C SER H 123 -37.03 21.08 33.14
N CYS H 124 -36.73 19.77 33.07
CA CYS H 124 -35.74 19.17 33.96
C CYS H 124 -34.97 18.11 33.18
N THR H 125 -33.65 18.08 33.40
CA THR H 125 -32.70 17.33 32.59
C THR H 125 -31.82 16.50 33.52
N VAL H 126 -31.54 15.25 33.12
CA VAL H 126 -30.56 14.42 33.80
C VAL H 126 -29.57 13.88 32.79
N GLU H 127 -28.37 13.54 33.28
CA GLU H 127 -27.36 12.89 32.46
C GLU H 127 -27.72 11.44 32.25
N LYS H 128 -27.82 11.04 30.98
CA LYS H 128 -28.08 9.64 30.66
C LYS H 128 -27.60 9.37 29.25
N LYS H 129 -26.59 8.52 29.11
CA LYS H 129 -26.01 8.21 27.80
C LYS H 129 -26.78 7.04 27.19
N ILE H 130 -27.65 7.35 26.24
CA ILE H 130 -28.38 6.34 25.48
C ILE H 130 -27.91 6.37 24.04
N ARG H 131 -27.77 5.19 23.44
CA ARG H 131 -27.28 5.05 22.07
C ARG H 131 -28.18 4.09 21.31
N ARG H 132 -28.02 4.09 19.98
CA ARG H 132 -28.67 3.07 19.17
C ARG H 132 -28.09 1.70 19.50
N LYS H 133 -28.96 0.71 19.62
CA LYS H 133 -28.58 -0.61 20.12
C LYS H 133 -28.77 -1.67 19.05
N PHE H 134 -27.92 -2.70 19.13
CA PHE H 134 -28.02 -3.84 18.24
C PHE H 134 -29.18 -4.73 18.68
N VAL H 135 -29.45 -5.77 17.89
CA VAL H 135 -30.20 -6.91 18.41
C VAL H 135 -29.37 -8.15 18.12
N GLY H 136 -28.61 -8.10 17.04
CA GLY H 136 -27.85 -9.25 16.60
C GLY H 136 -26.40 -8.94 16.32
N ARG H 137 -25.88 -9.50 15.23
CA ARG H 137 -24.48 -9.40 14.86
C ARG H 137 -24.24 -8.51 13.64
N GLU H 138 -25.20 -7.66 13.30
CA GLU H 138 -25.06 -6.75 12.17
C GLU H 138 -25.60 -5.39 12.56
N GLU H 139 -24.95 -4.33 12.09
CA GLU H 139 -25.36 -2.99 12.49
C GLU H 139 -26.40 -2.45 11.51
N TYR H 140 -27.38 -1.72 12.05
CA TYR H 140 -28.42 -1.14 11.21
C TYR H 140 -29.00 0.09 11.89
N LEU H 141 -29.60 0.97 11.08
CA LEU H 141 -30.39 2.07 11.60
C LEU H 141 -31.78 1.58 12.02
N PHE H 142 -32.51 1.01 11.06
CA PHE H 142 -33.82 0.42 11.27
C PHE H 142 -33.83 -0.98 10.65
N PRO H 143 -34.64 -1.89 11.19
CA PRO H 143 -34.70 -3.25 10.64
C PRO H 143 -35.22 -3.26 9.21
N PRO H 144 -34.69 -4.13 8.37
CA PRO H 144 -35.08 -4.15 6.95
C PRO H 144 -36.26 -5.08 6.70
N VAL H 145 -36.73 -5.04 5.44
CA VAL H 145 -37.85 -5.89 5.06
C VAL H 145 -37.43 -7.34 4.94
N HIS H 146 -36.15 -7.60 4.64
CA HIS H 146 -35.62 -8.95 4.53
C HIS H 146 -34.74 -9.22 5.75
N GLY H 147 -35.09 -10.24 6.52
CA GLY H 147 -34.37 -10.54 7.73
C GLY H 147 -34.48 -11.95 8.24
N LYS H 148 -34.15 -12.16 9.52
CA LYS H 148 -34.19 -13.47 10.14
C LYS H 148 -35.17 -13.55 11.31
N LEU H 149 -35.62 -12.42 11.85
CA LEU H 149 -36.67 -12.34 12.88
C LEU H 149 -36.27 -13.09 14.14
N VAL H 150 -35.23 -12.58 14.79
CA VAL H 150 -34.68 -13.25 15.97
C VAL H 150 -35.39 -12.74 17.21
N LYS H 151 -35.23 -13.49 18.31
CA LYS H 151 -35.87 -13.15 19.56
C LYS H 151 -35.08 -12.06 20.29
N CYS H 152 -35.78 -11.01 20.71
CA CYS H 152 -35.21 -9.91 21.46
C CYS H 152 -36.19 -9.55 22.57
N HIS H 153 -35.85 -8.53 23.36
CA HIS H 153 -36.68 -8.12 24.49
C HIS H 153 -36.93 -6.63 24.41
N VAL H 154 -38.21 -6.23 24.45
CA VAL H 154 -38.58 -4.83 24.37
C VAL H 154 -39.51 -4.49 25.53
N TYR H 155 -39.57 -3.21 25.86
CA TYR H 155 -40.49 -2.75 26.89
C TYR H 155 -41.93 -2.83 26.40
N ASP H 156 -42.81 -3.36 27.24
CA ASP H 156 -44.23 -3.43 26.90
C ASP H 156 -44.86 -2.04 26.89
N HIS H 157 -45.71 -1.80 25.88
CA HIS H 157 -46.43 -0.54 25.78
C HIS H 157 -47.73 -0.54 26.55
N LEU H 158 -48.14 -1.69 27.11
CA LEU H 158 -49.37 -1.79 27.88
C LEU H 158 -49.04 -1.46 29.33
N LYS H 159 -49.82 -0.55 29.92
CA LYS H 159 -49.46 0.02 31.21
C LYS H 159 -49.81 -0.87 32.41
N GLU H 160 -50.61 -1.92 32.23
CA GLU H 160 -51.04 -2.72 33.36
C GLU H 160 -50.11 -3.90 33.67
N THR H 161 -48.99 -4.03 32.97
CA THR H 161 -47.99 -5.02 33.34
C THR H 161 -47.02 -4.45 34.36
N SER H 162 -46.22 -5.32 34.96
CA SER H 162 -45.42 -4.96 36.13
C SER H 162 -43.99 -5.45 35.96
N ALA H 163 -43.05 -4.52 35.84
CA ALA H 163 -41.64 -4.85 35.83
C ALA H 163 -41.00 -4.80 37.21
N GLY H 164 -41.78 -4.50 38.23
CA GLY H 164 -41.24 -4.39 39.58
C GLY H 164 -42.23 -3.70 40.50
N TYR H 165 -41.70 -3.05 41.53
CA TYR H 165 -42.52 -2.34 42.50
C TYR H 165 -41.68 -1.27 43.17
N ILE H 166 -42.33 -0.18 43.55
CA ILE H 166 -41.70 0.90 44.32
C ILE H 166 -42.41 1.01 45.66
N THR H 167 -41.63 1.09 46.74
CA THR H 167 -42.17 1.28 48.07
C THR H 167 -42.59 2.73 48.26
N MET H 168 -43.61 2.94 49.11
CA MET H 168 -44.16 4.27 49.33
C MET H 168 -44.31 4.51 50.82
N HIS H 169 -44.18 5.77 51.22
CA HIS H 169 -44.14 6.11 52.64
C HIS H 169 -44.96 7.36 52.89
N ARG H 170 -45.28 7.58 54.16
CA ARG H 170 -45.99 8.77 54.55
C ARG H 170 -45.06 9.98 54.50
N PRO H 171 -45.57 11.17 54.18
CA PRO H 171 -44.69 12.33 54.05
C PRO H 171 -44.46 13.00 55.40
N GLY H 172 -43.25 13.53 55.56
CA GLY H 172 -42.84 14.16 56.80
C GLY H 172 -43.18 15.64 56.84
N PRO H 173 -42.62 16.35 57.81
CA PRO H 173 -42.84 17.79 57.90
C PRO H 173 -42.20 18.53 56.73
N HIS H 174 -42.80 19.68 56.39
CA HIS H 174 -42.38 20.43 55.21
C HIS H 174 -41.96 21.85 55.56
N ALA H 175 -42.46 22.40 56.67
CA ALA H 175 -41.90 23.59 57.35
C ALA H 175 -41.92 24.82 56.44
N TYR H 176 -43.13 25.30 56.17
CA TYR H 176 -43.34 26.42 55.26
C TYR H 176 -42.75 27.71 55.85
N LYS H 177 -42.20 28.55 54.96
CA LYS H 177 -41.68 29.85 55.39
C LYS H 177 -42.78 30.89 55.50
N SER H 178 -43.88 30.72 54.76
CA SER H 178 -44.97 31.69 54.73
C SER H 178 -45.90 31.59 55.93
N TYR H 179 -45.48 30.90 56.99
CA TYR H 179 -46.27 30.76 58.21
C TYR H 179 -45.67 31.54 59.38
N LEU H 180 -44.91 32.60 59.09
CA LEU H 180 -44.24 33.39 60.11
C LEU H 180 -44.58 34.86 59.93
N GLU H 181 -44.64 35.59 61.04
CA GLU H 181 -45.01 37.01 61.05
C GLU H 181 -44.04 37.81 61.91
N GLU H 182 -42.74 37.68 61.65
CA GLU H 182 -41.74 38.50 62.32
C GLU H 182 -42.00 39.99 62.09
N ALA H 183 -42.39 40.69 63.15
CA ALA H 183 -42.73 42.10 63.06
C ALA H 183 -42.65 42.71 64.45
N SER H 184 -41.94 43.84 64.56
CA SER H 184 -41.75 44.57 65.82
C SER H 184 -41.10 43.69 66.89
N GLY H 185 -40.20 42.81 66.48
CA GLY H 185 -39.45 41.98 67.40
C GLY H 185 -40.17 40.75 67.91
N GLU H 186 -41.40 40.52 67.47
CA GLU H 186 -42.19 39.37 67.92
C GLU H 186 -42.75 38.65 66.69
N VAL H 187 -42.83 37.32 66.79
CA VAL H 187 -43.22 36.49 65.65
C VAL H 187 -44.55 35.82 65.94
N TYR H 188 -45.27 35.46 64.86
CA TYR H 188 -46.57 34.82 64.95
C TYR H 188 -46.63 33.72 63.88
N ILE H 189 -47.78 33.05 63.83
CA ILE H 189 -48.05 31.98 62.87
C ILE H 189 -49.17 32.44 61.95
N LYS H 190 -49.08 32.07 60.66
CA LYS H 190 -50.17 32.27 59.71
C LYS H 190 -50.85 30.92 59.46
N PRO H 191 -51.97 30.63 60.11
CA PRO H 191 -52.77 29.47 59.71
C PRO H 191 -53.61 29.78 58.49
N PRO H 192 -53.50 28.99 57.43
CA PRO H 192 -54.27 29.26 56.21
C PRO H 192 -55.71 28.78 56.36
N SER H 193 -56.63 29.74 56.44
CA SER H 193 -58.08 29.47 56.59
C SER H 193 -58.38 28.62 57.82
N GLY H 194 -57.68 28.91 58.91
CA GLY H 194 -57.97 28.24 60.17
C GLY H 194 -57.59 26.78 60.25
N LYS H 195 -56.60 26.35 59.47
CA LYS H 195 -56.15 24.97 59.50
C LYS H 195 -55.26 24.73 60.71
N ASN H 196 -55.21 23.48 61.15
CA ASN H 196 -54.24 23.03 62.16
C ASN H 196 -52.84 22.88 61.59
N VAL H 197 -52.17 24.01 61.33
CA VAL H 197 -50.74 23.98 61.08
C VAL H 197 -50.02 23.95 62.42
N THR H 198 -49.28 22.88 62.67
CA THR H 198 -48.61 22.70 63.95
C THR H 198 -47.29 23.46 63.97
N TYR H 199 -46.61 23.40 65.11
CA TYR H 199 -45.28 24.00 65.23
C TYR H 199 -44.51 23.23 66.29
N GLU H 200 -43.23 23.02 66.04
CA GLU H 200 -42.29 22.49 67.03
C GLU H 200 -41.04 23.35 66.92
N CYS H 201 -40.78 24.19 67.92
CA CYS H 201 -39.71 25.17 67.77
C CYS H 201 -39.21 25.63 69.15
N LYS H 202 -38.07 26.31 69.14
CA LYS H 202 -37.17 26.41 70.30
C LYS H 202 -36.86 27.88 70.60
N CYS H 203 -37.92 28.66 70.84
CA CYS H 203 -37.76 30.03 71.36
C CYS H 203 -36.73 30.09 72.50
N GLY H 204 -36.98 29.37 73.58
CA GLY H 204 -36.02 29.26 74.66
C GLY H 204 -35.81 27.81 75.06
N ASP H 205 -36.77 26.97 74.69
CA ASP H 205 -36.74 25.55 74.95
C ASP H 205 -37.68 24.91 73.94
N TYR H 206 -37.61 23.57 73.84
CA TYR H 206 -38.42 22.83 72.89
C TYR H 206 -39.89 22.97 73.23
N SER H 207 -40.63 23.74 72.43
CA SER H 207 -42.06 23.94 72.60
C SER H 207 -42.76 23.39 71.36
N THR H 208 -43.65 22.42 71.57
CA THR H 208 -44.40 21.78 70.50
C THR H 208 -45.89 21.98 70.75
N GLY H 209 -46.59 22.52 69.75
CA GLY H 209 -48.02 22.73 69.88
C GLY H 209 -48.71 22.71 68.52
N ILE H 210 -50.04 22.78 68.57
CA ILE H 210 -50.87 22.83 67.37
C ILE H 210 -51.78 24.04 67.48
N VAL H 211 -51.73 24.92 66.50
CA VAL H 211 -52.52 26.15 66.49
C VAL H 211 -53.44 26.13 65.27
N SER H 212 -54.67 26.63 65.46
CA SER H 212 -55.59 26.87 64.37
C SER H 212 -55.80 28.36 64.09
N THR H 213 -55.44 29.22 65.03
CA THR H 213 -55.53 30.65 64.87
C THR H 213 -54.15 31.28 65.02
N ARG H 214 -54.07 32.58 64.73
CA ARG H 214 -52.82 33.30 64.86
C ARG H 214 -52.41 33.40 66.32
N THR H 215 -51.16 33.03 66.62
CA THR H 215 -50.75 32.81 68.00
C THR H 215 -49.43 33.53 68.28
N LYS H 216 -49.39 34.25 69.40
CA LYS H 216 -48.17 34.88 69.89
C LYS H 216 -47.19 33.82 70.38
N MET H 217 -45.91 34.08 70.16
CA MET H 217 -44.85 33.18 70.61
C MET H 217 -44.22 33.72 71.89
N ASN H 218 -43.82 32.79 72.76
CA ASN H 218 -43.41 33.18 74.11
C ASN H 218 -42.03 33.85 74.14
N GLY H 219 -41.07 33.33 73.36
CA GLY H 219 -39.73 33.87 73.46
C GLY H 219 -38.93 34.01 72.18
N CYS H 220 -39.52 33.69 71.03
CA CYS H 220 -38.81 33.80 69.77
C CYS H 220 -38.75 35.27 69.36
N THR H 221 -37.54 35.81 69.25
CA THR H 221 -37.35 37.19 68.83
C THR H 221 -37.42 37.31 67.31
N LYS H 222 -36.51 36.63 66.61
CA LYS H 222 -36.51 36.57 65.16
C LYS H 222 -37.32 35.36 64.70
N ALA H 223 -37.64 35.33 63.41
CA ALA H 223 -38.36 34.21 62.82
C ALA H 223 -37.45 33.08 62.35
N LYS H 224 -36.14 33.27 62.40
CA LYS H 224 -35.21 32.27 61.90
C LYS H 224 -35.09 31.04 62.79
N GLN H 225 -35.60 31.09 64.03
CA GLN H 225 -35.48 29.96 64.94
C GLN H 225 -36.84 29.32 65.25
N CYS H 226 -37.82 29.47 64.37
CA CYS H 226 -39.08 28.80 64.61
C CYS H 226 -39.78 28.50 63.28
N ILE H 227 -40.38 27.31 63.20
CA ILE H 227 -40.98 26.79 61.97
C ILE H 227 -42.41 26.34 62.24
N ALA H 228 -43.13 26.05 61.15
CA ALA H 228 -44.50 25.58 61.23
C ALA H 228 -44.85 24.83 59.96
N TYR H 229 -45.69 23.79 60.09
CA TYR H 229 -46.05 22.97 58.94
C TYR H 229 -47.42 22.35 59.15
N LYS H 230 -48.01 21.88 58.04
CA LYS H 230 -49.31 21.24 58.07
C LYS H 230 -49.22 19.85 58.70
N ARG H 231 -50.36 19.37 59.19
CA ARG H 231 -50.45 18.09 59.87
C ARG H 231 -51.25 17.04 59.12
N ASP H 232 -52.36 17.42 58.49
CA ASP H 232 -53.23 16.48 57.78
C ASP H 232 -52.64 16.23 56.40
N GLN H 233 -51.69 15.29 56.33
CA GLN H 233 -50.94 14.99 55.12
C GLN H 233 -50.93 13.49 54.85
N THR H 234 -52.11 12.86 54.87
CA THR H 234 -52.22 11.41 54.71
C THR H 234 -52.33 11.02 53.24
N LYS H 235 -51.36 11.49 52.45
CA LYS H 235 -51.21 11.10 51.05
C LYS H 235 -49.81 10.55 50.85
N TRP H 236 -49.70 9.34 50.30
CA TRP H 236 -48.43 8.65 50.23
C TRP H 236 -47.50 9.32 49.21
N VAL H 237 -46.20 9.04 49.36
CA VAL H 237 -45.17 9.65 48.52
C VAL H 237 -44.04 8.64 48.32
N PHE H 238 -43.42 8.71 47.15
CA PHE H 238 -42.26 7.90 46.84
C PHE H 238 -41.07 8.32 47.70
N ASN H 239 -40.22 7.36 48.05
CA ASN H 239 -39.09 7.61 48.94
C ASN H 239 -37.91 8.19 48.16
N SER H 240 -38.16 9.35 47.55
CA SER H 240 -37.11 10.08 46.86
C SER H 240 -36.17 10.71 47.90
N PRO H 241 -34.91 10.95 47.53
CA PRO H 241 -33.98 11.59 48.47
C PRO H 241 -34.16 13.09 48.57
N ASP H 242 -35.26 13.62 48.02
CA ASP H 242 -35.51 15.05 47.98
C ASP H 242 -36.58 15.49 48.97
N LEU H 243 -36.99 14.61 49.88
CA LEU H 243 -37.94 14.95 50.92
C LEU H 243 -37.45 14.42 52.26
N ILE H 244 -37.87 15.07 53.34
CA ILE H 244 -37.56 14.58 54.68
C ILE H 244 -38.52 13.45 55.04
N ARG H 245 -37.96 12.33 55.48
CA ARG H 245 -38.77 11.23 55.93
C ARG H 245 -39.47 11.57 57.25
N HIS H 246 -40.60 10.91 57.49
CA HIS H 246 -41.29 11.07 58.75
C HIS H 246 -40.59 10.25 59.84
N THR H 247 -41.07 10.40 61.07
CA THR H 247 -40.60 9.55 62.16
C THR H 247 -40.94 8.10 61.91
N ASP H 248 -42.11 7.83 61.32
CA ASP H 248 -42.49 6.49 60.88
C ASP H 248 -42.24 6.44 59.38
N HIS H 249 -41.32 5.57 58.96
CA HIS H 249 -40.92 5.43 57.57
C HIS H 249 -41.05 3.97 57.14
N SER H 250 -42.18 3.35 57.43
CA SER H 250 -42.46 2.01 56.96
C SER H 250 -43.06 2.06 55.56
N VAL H 251 -43.12 0.89 54.93
CA VAL H 251 -43.68 0.77 53.58
C VAL H 251 -45.20 0.80 53.71
N GLN H 252 -45.80 1.98 53.52
CA GLN H 252 -47.23 2.11 53.64
C GLN H 252 -47.97 1.47 52.46
N GLY H 253 -47.36 1.48 51.28
CA GLY H 253 -47.94 0.88 50.10
C GLY H 253 -46.85 0.61 49.09
N LYS H 254 -47.24 -0.07 48.01
CA LYS H 254 -46.31 -0.38 46.93
C LYS H 254 -47.01 -0.15 45.59
N LEU H 255 -46.40 0.65 44.73
CA LEU H 255 -46.92 0.89 43.41
C LEU H 255 -46.21 0.02 42.37
N HIS H 256 -46.92 -0.28 41.30
CA HIS H 256 -46.37 -1.04 40.20
C HIS H 256 -45.30 -0.26 39.46
N ILE H 257 -44.37 -0.98 38.85
CA ILE H 257 -43.44 -0.43 37.88
C ILE H 257 -43.88 -0.93 36.50
N PRO H 258 -44.52 -0.09 35.68
CA PRO H 258 -45.06 -0.57 34.40
C PRO H 258 -44.00 -0.82 33.35
N PHE H 259 -44.45 -1.17 32.13
CA PHE H 259 -43.59 -1.38 30.96
C PHE H 259 -42.56 -2.48 31.21
N ARG H 260 -43.09 -3.70 31.36
CA ARG H 260 -42.27 -4.88 31.55
C ARG H 260 -41.39 -5.15 30.33
N LEU H 261 -40.24 -5.78 30.57
CA LEU H 261 -39.33 -6.18 29.51
C LEU H 261 -39.81 -7.50 28.93
N THR H 262 -40.77 -7.41 28.03
CA THR H 262 -41.40 -8.57 27.44
C THR H 262 -40.57 -9.07 26.26
N PRO H 263 -40.35 -10.39 26.17
CA PRO H 263 -39.74 -10.96 24.97
C PRO H 263 -40.66 -10.85 23.76
N THR H 264 -40.05 -10.73 22.59
CA THR H 264 -40.76 -10.59 21.33
C THR H 264 -39.82 -11.02 20.21
N VAL H 265 -40.32 -11.04 18.98
CA VAL H 265 -39.47 -11.24 17.82
C VAL H 265 -39.24 -9.89 17.18
N CYS H 266 -38.11 -9.77 16.51
CA CYS H 266 -37.73 -8.54 15.82
C CYS H 266 -36.70 -8.85 14.74
N PRO H 267 -36.82 -8.24 13.57
CA PRO H 267 -35.98 -8.65 12.43
C PRO H 267 -34.59 -8.02 12.50
N VAL H 268 -33.60 -8.81 12.11
CA VAL H 268 -32.22 -8.36 11.96
C VAL H 268 -31.78 -8.68 10.54
N PRO H 269 -30.88 -7.89 9.94
CA PRO H 269 -30.58 -8.07 8.52
C PRO H 269 -29.81 -9.34 8.24
N LEU H 270 -29.69 -9.66 6.95
CA LEU H 270 -28.81 -10.71 6.46
C LEU H 270 -27.82 -10.07 5.50
N ALA H 271 -26.52 -10.24 5.78
CA ALA H 271 -25.51 -9.59 4.97
C ALA H 271 -25.35 -10.28 3.62
N HIS H 272 -24.51 -9.68 2.77
CA HIS H 272 -24.22 -10.27 1.48
C HIS H 272 -23.46 -11.57 1.66
N THR H 273 -23.90 -12.61 0.96
CA THR H 273 -23.28 -13.92 1.10
C THR H 273 -21.88 -13.87 0.52
N PRO H 274 -20.84 -14.15 1.30
CA PRO H 274 -19.48 -14.04 0.79
C PRO H 274 -19.16 -15.13 -0.21
N THR H 275 -18.28 -14.80 -1.14
CA THR H 275 -17.77 -15.79 -2.10
C THR H 275 -16.47 -16.37 -1.58
N VAL H 276 -16.25 -17.64 -1.88
CA VAL H 276 -15.17 -18.43 -1.32
C VAL H 276 -14.25 -18.86 -2.44
N THR H 277 -12.95 -18.61 -2.29
CA THR H 277 -11.95 -19.17 -3.19
C THR H 277 -11.12 -20.17 -2.40
N LYS H 278 -10.96 -21.37 -2.95
CA LYS H 278 -10.41 -22.51 -2.24
C LYS H 278 -8.94 -22.70 -2.63
N TRP H 279 -8.04 -22.56 -1.66
CA TRP H 279 -6.61 -22.71 -1.89
C TRP H 279 -6.03 -23.65 -0.84
N PHE H 280 -5.68 -24.87 -1.28
CA PHE H 280 -4.99 -25.88 -0.47
C PHE H 280 -5.66 -26.10 0.89
N LYS H 281 -4.93 -25.79 1.96
CA LYS H 281 -5.46 -25.90 3.32
C LYS H 281 -5.90 -24.52 3.82
N GLY H 282 -6.95 -24.01 3.19
CA GLY H 282 -7.49 -22.72 3.58
C GLY H 282 -8.49 -22.15 2.60
N ILE H 283 -9.26 -21.16 3.04
CA ILE H 283 -10.25 -20.50 2.20
C ILE H 283 -10.03 -19.00 2.28
N THR H 284 -10.16 -18.32 1.14
CA THR H 284 -10.18 -16.87 1.10
C THR H 284 -11.62 -16.44 0.91
N LEU H 285 -12.16 -15.76 1.92
CA LEU H 285 -13.52 -15.26 1.90
C LEU H 285 -13.47 -13.81 1.45
N HIS H 286 -14.29 -13.45 0.47
CA HIS H 286 -14.35 -12.07 0.00
C HIS H 286 -15.60 -11.43 0.60
N LEU H 287 -15.42 -10.36 1.36
CA LEU H 287 -16.44 -9.86 2.25
C LEU H 287 -16.95 -8.51 1.77
N THR H 288 -18.27 -8.35 1.74
CA THR H 288 -18.92 -7.08 1.46
C THR H 288 -19.90 -6.77 2.59
N ALA H 289 -19.73 -5.60 3.20
CA ALA H 289 -20.61 -5.19 4.29
C ALA H 289 -20.65 -3.67 4.34
N THR H 290 -21.82 -3.09 4.03
CA THR H 290 -21.98 -1.64 4.11
C THR H 290 -21.89 -1.16 5.56
N ARG H 291 -22.46 -1.91 6.48
CA ARG H 291 -22.41 -1.64 7.91
C ARG H 291 -21.54 -2.68 8.61
N PRO H 292 -21.07 -2.39 9.83
CA PRO H 292 -20.25 -3.38 10.56
C PRO H 292 -20.97 -4.71 10.75
N THR H 293 -20.23 -5.79 10.49
CA THR H 293 -20.79 -7.13 10.54
C THR H 293 -19.77 -8.09 11.14
N LEU H 294 -20.21 -8.94 12.05
CA LEU H 294 -19.31 -9.81 12.78
C LEU H 294 -19.02 -11.08 11.99
N LEU H 295 -17.74 -11.45 11.91
CA LEU H 295 -17.28 -12.70 11.32
C LEU H 295 -16.57 -13.49 12.40
N THR H 296 -17.03 -14.72 12.65
CA THR H 296 -16.42 -15.58 13.66
C THR H 296 -16.07 -16.93 13.06
N THR H 297 -14.81 -17.32 13.16
CA THR H 297 -14.33 -18.58 12.64
C THR H 297 -13.75 -19.43 13.77
N ARG H 298 -13.91 -20.75 13.66
CA ARG H 298 -13.33 -21.65 14.65
C ARG H 298 -12.97 -22.97 13.98
N LYS H 299 -11.84 -23.55 14.40
CA LYS H 299 -11.43 -24.84 13.88
C LYS H 299 -12.23 -25.95 14.53
N LEU H 300 -12.53 -26.98 13.75
CA LEU H 300 -13.41 -28.08 14.17
C LEU H 300 -12.62 -29.23 14.79
N GLY H 301 -11.78 -28.93 15.77
CA GLY H 301 -10.91 -29.93 16.36
C GLY H 301 -10.57 -29.64 17.80
N LEU H 302 -9.41 -30.14 18.25
CA LEU H 302 -8.98 -29.95 19.63
C LEU H 302 -8.71 -28.48 19.94
N ARG H 303 -8.04 -27.78 19.04
CA ARG H 303 -7.76 -26.36 19.21
C ARG H 303 -8.63 -25.57 18.24
N ALA H 304 -9.63 -24.89 18.78
CA ALA H 304 -10.52 -24.04 17.97
C ALA H 304 -9.95 -22.63 17.99
N ASP H 305 -9.15 -22.30 16.97
CA ASP H 305 -8.54 -20.97 16.85
C ASP H 305 -9.64 -20.00 16.39
N ALA H 306 -10.48 -19.62 17.35
CA ALA H 306 -11.64 -18.81 17.05
C ALA H 306 -11.24 -17.34 16.91
N THR H 307 -11.51 -16.78 15.73
CA THR H 307 -11.22 -15.38 15.43
C THR H 307 -12.54 -14.65 15.24
N ALA H 308 -12.68 -13.51 15.92
CA ALA H 308 -13.85 -12.65 15.81
C ALA H 308 -13.42 -11.29 15.31
N GLU H 309 -14.07 -10.81 14.24
CA GLU H 309 -13.69 -9.54 13.66
C GLU H 309 -14.92 -8.82 13.13
N TRP H 310 -15.04 -7.54 13.47
CA TRP H 310 -16.09 -6.69 12.92
C TRP H 310 -15.60 -6.08 11.63
N ILE H 311 -16.25 -6.42 10.52
CA ILE H 311 -15.82 -6.06 9.18
C ILE H 311 -16.72 -4.95 8.66
N THR H 312 -16.10 -3.90 8.11
CA THR H 312 -16.78 -2.83 7.42
C THR H 312 -16.07 -2.56 6.11
N GLY H 313 -16.83 -2.57 5.01
CA GLY H 313 -16.27 -2.34 3.70
C GLY H 313 -16.27 -3.60 2.84
N THR H 314 -15.38 -3.60 1.86
CA THR H 314 -15.21 -4.72 0.93
C THR H 314 -13.76 -5.19 1.03
N THR H 315 -13.56 -6.28 1.76
CA THR H 315 -12.23 -6.80 2.06
C THR H 315 -12.12 -8.27 1.66
N SER H 316 -11.03 -8.90 2.08
CA SER H 316 -10.83 -10.33 1.89
C SER H 316 -10.04 -10.88 3.08
N ARG H 317 -10.50 -12.00 3.60
CA ARG H 317 -9.89 -12.62 4.78
C ARG H 317 -9.45 -14.03 4.45
N ASN H 318 -8.22 -14.37 4.83
CA ASN H 318 -7.64 -15.69 4.62
C ASN H 318 -7.76 -16.50 5.89
N PHE H 319 -8.19 -17.76 5.76
CA PHE H 319 -8.31 -18.63 6.91
C PHE H 319 -7.72 -19.99 6.57
N SER H 320 -7.10 -20.62 7.57
CA SER H 320 -6.45 -21.91 7.40
C SER H 320 -7.43 -23.01 7.79
N VAL H 321 -7.87 -23.79 6.80
CA VAL H 321 -8.78 -24.91 7.02
C VAL H 321 -7.94 -26.18 7.09
N GLY H 322 -8.20 -27.01 8.10
CA GLY H 322 -7.50 -28.25 8.28
C GLY H 322 -8.37 -29.46 7.97
N ARG H 323 -7.77 -30.64 8.16
CA ARG H 323 -8.51 -31.88 7.96
C ARG H 323 -9.60 -32.04 9.01
N GLU H 324 -9.37 -31.54 10.23
CA GLU H 324 -10.41 -31.55 11.25
C GLU H 324 -11.58 -30.64 10.89
N GLY H 325 -11.35 -29.62 10.08
CA GLY H 325 -12.41 -28.78 9.57
C GLY H 325 -12.41 -27.39 10.19
N LEU H 326 -13.14 -26.49 9.53
CA LEU H 326 -13.33 -25.12 10.00
C LEU H 326 -14.81 -24.78 9.86
N GLU H 327 -15.29 -23.92 10.75
CA GLU H 327 -16.65 -23.42 10.69
C GLU H 327 -16.62 -21.90 10.79
N TYR H 328 -17.23 -21.24 9.81
CA TYR H 328 -17.27 -19.79 9.77
C TYR H 328 -18.73 -19.33 9.81
N VAL H 329 -18.97 -18.27 10.58
CA VAL H 329 -20.28 -17.64 10.69
C VAL H 329 -20.11 -16.19 10.30
N TRP H 330 -20.93 -15.72 9.36
CA TRP H 330 -20.84 -14.36 8.85
C TRP H 330 -22.16 -13.66 9.10
N GLY H 331 -22.17 -12.75 10.07
CA GLY H 331 -23.38 -12.02 10.38
C GLY H 331 -24.39 -12.90 11.08
N ASN H 332 -25.65 -12.72 10.68
CA ASN H 332 -26.75 -13.50 11.24
C ASN H 332 -26.99 -14.80 10.47
N HIS H 333 -26.16 -15.10 9.48
CA HIS H 333 -26.34 -16.31 8.70
C HIS H 333 -26.05 -17.56 9.53
N GLU H 334 -26.53 -18.69 9.05
CA GLU H 334 -26.25 -19.97 9.68
C GLU H 334 -24.78 -20.32 9.55
N PRO H 335 -24.24 -21.11 10.48
CA PRO H 335 -22.84 -21.53 10.35
C PRO H 335 -22.58 -22.35 9.10
N VAL H 336 -21.43 -22.11 8.49
CA VAL H 336 -21.02 -22.82 7.28
C VAL H 336 -19.77 -23.60 7.63
N ARG H 337 -19.82 -24.91 7.44
CA ARG H 337 -18.73 -25.81 7.79
C ARG H 337 -18.03 -26.28 6.52
N VAL H 338 -16.70 -26.15 6.49
CA VAL H 338 -15.90 -26.59 5.38
C VAL H 338 -14.79 -27.49 5.91
N TRP H 339 -14.34 -28.42 5.08
CA TRP H 339 -13.30 -29.38 5.44
C TRP H 339 -12.21 -29.38 4.38
N ALA H 340 -10.96 -29.31 4.81
CA ALA H 340 -9.81 -29.37 3.92
C ALA H 340 -9.43 -30.83 3.71
N GLN H 341 -9.44 -31.26 2.46
CA GLN H 341 -9.05 -32.60 2.09
C GLN H 341 -7.67 -32.57 1.45
N GLU H 342 -6.97 -33.70 1.52
CA GLU H 342 -5.58 -33.77 1.10
C GLU H 342 -5.44 -33.65 -0.42
N SER H 343 -5.04 -32.46 -0.87
CA SER H 343 -4.94 -32.14 -2.29
C SER H 343 -3.63 -31.43 -2.57
N ALA H 344 -2.51 -31.99 -2.10
CA ALA H 344 -1.22 -31.34 -2.25
C ALA H 344 -0.82 -31.28 -3.72
N PRO H 345 -0.19 -30.19 -4.16
CA PRO H 345 0.19 -30.07 -5.58
C PRO H 345 1.35 -30.98 -5.95
N GLY H 346 1.04 -32.25 -6.17
CA GLY H 346 2.05 -33.21 -6.56
C GLY H 346 1.40 -34.52 -6.94
N ASP H 347 2.24 -35.46 -7.36
CA ASP H 347 1.77 -36.79 -7.78
C ASP H 347 2.35 -37.86 -6.86
N PRO H 348 1.54 -38.44 -5.97
CA PRO H 348 2.04 -39.53 -5.12
C PRO H 348 2.47 -40.77 -5.89
N HIS H 349 1.96 -40.98 -7.10
CA HIS H 349 2.30 -42.13 -7.93
C HIS H 349 2.99 -41.61 -9.18
N GLY H 350 4.32 -41.44 -9.09
CA GLY H 350 5.09 -40.92 -10.19
C GLY H 350 6.57 -40.91 -9.89
N TRP H 351 7.27 -39.88 -10.39
CA TRP H 351 8.70 -39.78 -10.14
C TRP H 351 8.96 -39.38 -8.69
N PRO H 352 10.16 -39.69 -8.16
CA PRO H 352 10.44 -39.37 -6.75
C PRO H 352 10.32 -37.90 -6.39
N HIS H 353 10.64 -36.98 -7.30
CA HIS H 353 10.55 -35.56 -6.95
C HIS H 353 9.12 -35.10 -6.77
N GLU H 354 8.20 -35.64 -7.60
CA GLU H 354 6.78 -35.32 -7.45
C GLU H 354 6.24 -35.87 -6.13
N ILE H 355 6.65 -37.08 -5.75
CA ILE H 355 6.26 -37.65 -4.47
C ILE H 355 6.83 -36.80 -3.33
N ILE H 356 8.07 -36.33 -3.48
CA ILE H 356 8.73 -35.55 -2.45
C ILE H 356 7.98 -34.23 -2.23
N ILE H 357 7.64 -33.53 -3.32
CA ILE H 357 6.97 -32.25 -3.16
C ILE H 357 5.53 -32.43 -2.65
N HIS H 358 4.86 -33.51 -3.09
CA HIS H 358 3.50 -33.77 -2.60
C HIS H 358 3.49 -34.05 -1.11
N TYR H 359 4.42 -34.90 -0.64
CA TYR H 359 4.45 -35.22 0.78
C TYR H 359 5.01 -34.07 1.61
N TYR H 360 5.84 -33.20 1.03
CA TYR H 360 6.27 -32.00 1.73
C TYR H 360 5.13 -31.02 1.91
N HIS H 361 4.27 -30.89 0.88
CA HIS H 361 3.08 -30.05 1.04
C HIS H 361 2.08 -30.68 2.00
N ARG H 362 2.04 -32.02 2.07
CA ARG H 362 1.12 -32.68 3.00
C ARG H 362 1.61 -32.52 4.45
N HIS H 363 2.78 -33.06 4.75
CA HIS H 363 3.38 -32.94 6.08
C HIS H 363 4.84 -32.54 5.91
N PRO H 364 5.20 -31.28 6.18
CA PRO H 364 6.57 -30.84 5.88
C PRO H 364 7.62 -31.41 6.82
N VAL H 365 7.34 -31.45 8.13
CA VAL H 365 8.34 -31.88 9.09
C VAL H 365 8.59 -33.38 8.97
N TYR H 366 7.54 -34.17 8.75
CA TYR H 366 7.72 -35.62 8.57
C TYR H 366 8.50 -35.92 7.30
N THR H 367 8.22 -35.17 6.22
CA THR H 367 8.94 -35.37 4.97
C THR H 367 10.40 -34.98 5.12
N VAL H 368 10.69 -33.84 5.77
CA VAL H 368 12.08 -33.43 5.89
C VAL H 368 12.84 -34.37 6.82
N ILE H 369 12.20 -34.91 7.85
CA ILE H 369 12.94 -35.84 8.71
C ILE H 369 13.09 -37.21 8.05
N VAL H 370 12.15 -37.61 7.18
CA VAL H 370 12.33 -38.91 6.53
C VAL H 370 13.39 -38.84 5.42
N LEU H 371 13.47 -37.72 4.69
CA LEU H 371 14.60 -37.57 3.75
C LEU H 371 15.92 -37.33 4.47
N CYS H 372 15.90 -36.70 5.64
CA CYS H 372 17.11 -36.61 6.45
C CYS H 372 17.57 -38.00 6.89
N GLY H 373 16.63 -38.85 7.29
CA GLY H 373 16.97 -40.21 7.64
C GLY H 373 17.48 -41.01 6.45
N VAL H 374 16.87 -40.81 5.28
CA VAL H 374 17.33 -41.49 4.06
C VAL H 374 18.76 -41.10 3.74
N ALA H 375 19.05 -39.78 3.74
CA ALA H 375 20.38 -39.30 3.43
C ALA H 375 21.41 -39.75 4.45
N LEU H 376 21.05 -39.68 5.74
CA LEU H 376 21.97 -40.14 6.79
C LEU H 376 22.24 -41.63 6.68
N ALA H 377 21.19 -42.42 6.40
CA ALA H 377 21.36 -43.86 6.29
C ALA H 377 22.26 -44.23 5.12
N ILE H 378 22.04 -43.62 3.95
CA ILE H 378 22.86 -43.96 2.80
C ILE H 378 24.30 -43.46 2.99
N LEU H 379 24.48 -42.28 3.60
CA LEU H 379 25.82 -41.75 3.78
C LEU H 379 26.62 -42.59 4.78
N VAL H 380 26.02 -42.91 5.92
CA VAL H 380 26.70 -43.75 6.91
C VAL H 380 26.94 -45.14 6.37
N GLY H 381 25.99 -45.68 5.59
CA GLY H 381 26.19 -47.00 5.01
C GLY H 381 27.35 -47.04 4.03
N THR H 382 27.41 -46.07 3.11
CA THR H 382 28.51 -46.06 2.14
C THR H 382 29.85 -45.78 2.80
N ALA H 383 29.87 -44.87 3.79
CA ALA H 383 31.12 -44.57 4.48
C ALA H 383 31.63 -45.77 5.27
N SER H 384 30.73 -46.45 6.00
CA SER H 384 31.14 -47.61 6.79
C SER H 384 31.54 -48.77 5.90
N SER H 385 30.85 -48.95 4.76
CA SER H 385 31.22 -50.03 3.85
C SER H 385 32.55 -49.75 3.17
N ALA H 386 32.81 -48.48 2.84
CA ALA H 386 34.12 -48.12 2.28
C ALA H 386 35.22 -48.35 3.30
N ALA H 387 34.98 -48.01 4.57
CA ALA H 387 35.94 -48.26 5.62
C ALA H 387 36.19 -49.76 5.81
N CYS H 388 35.11 -50.55 5.76
CA CYS H 388 35.23 -52.01 5.91
C CYS H 388 35.98 -52.62 4.73
N ILE H 389 35.71 -52.13 3.51
CA ILE H 389 36.39 -52.63 2.32
C ILE H 389 37.87 -52.28 2.38
N ALA H 390 38.20 -51.05 2.79
CA ALA H 390 39.60 -50.67 2.94
C ALA H 390 40.30 -51.49 4.02
N LYS H 391 39.61 -51.74 5.15
CA LYS H 391 40.17 -52.55 6.21
C LYS H 391 40.47 -53.97 5.73
N ALA H 392 39.52 -54.58 5.03
CA ALA H 392 39.71 -55.93 4.51
C ALA H 392 40.79 -55.97 3.44
N ARG H 393 40.87 -54.94 2.59
CA ARG H 393 41.88 -54.91 1.54
C ARG H 393 43.27 -54.79 2.12
N ARG H 394 43.46 -53.93 3.12
CA ARG H 394 44.77 -53.90 3.78
C ARG H 394 45.04 -55.19 4.56
N ASP H 395 44.00 -55.79 5.13
CA ASP H 395 44.15 -57.07 5.84
C ASP H 395 44.62 -58.18 4.90
N CYS H 396 44.24 -58.11 3.62
CA CYS H 396 44.66 -59.09 2.65
C CYS H 396 45.93 -58.71 1.88
N LEU H 397 46.32 -57.43 1.88
CA LEU H 397 47.51 -57.03 1.14
C LEU H 397 48.76 -56.86 2.00
N THR H 398 48.64 -56.62 3.31
CA THR H 398 49.84 -56.56 4.13
C THR H 398 50.59 -57.90 4.25
N PRO H 399 49.98 -59.10 4.19
CA PRO H 399 50.81 -60.30 4.05
C PRO H 399 51.71 -60.30 2.83
N TYR H 400 51.25 -59.72 1.71
CA TYR H 400 52.11 -59.56 0.55
C TYR H 400 52.95 -58.29 0.61
N ALA H 401 52.65 -57.37 1.53
CA ALA H 401 53.53 -56.23 1.75
C ALA H 401 54.76 -56.62 2.55
N LEU H 402 54.63 -57.58 3.47
CA LEU H 402 55.80 -58.21 4.06
C LEU H 402 56.66 -58.92 3.02
N ALA H 403 56.03 -59.65 2.10
CA ALA H 403 56.78 -60.38 1.09
C ALA H 403 56.59 -59.76 -0.29
N MET I 6 81.49 -62.36 13.24
CA MET I 6 80.68 -63.19 12.36
C MET I 6 79.43 -62.43 11.91
N CYS I 7 78.45 -62.36 12.79
CA CYS I 7 77.26 -61.55 12.53
C CYS I 7 77.51 -60.06 12.70
N MET I 8 78.60 -59.70 13.39
CA MET I 8 78.96 -58.30 13.55
C MET I 8 79.26 -57.64 12.21
N LYS I 9 80.00 -58.35 11.35
CA LYS I 9 80.25 -57.87 9.99
C LYS I 9 78.95 -57.83 9.19
N LEU I 10 78.03 -58.76 9.45
CA LEU I 10 76.78 -58.80 8.72
C LEU I 10 75.89 -57.60 9.05
N GLU I 11 75.86 -57.17 10.32
CA GLU I 11 75.00 -56.07 10.73
C GLU I 11 75.73 -54.75 10.94
N SER I 12 76.97 -54.62 10.48
CA SER I 12 77.71 -53.37 10.68
C SER I 12 77.21 -52.29 9.74
N ASP I 13 76.72 -51.18 10.32
CA ASP I 13 76.14 -50.05 9.59
C ASP I 13 75.04 -50.51 8.64
N LYS I 14 74.23 -51.45 9.12
CA LYS I 14 73.42 -52.24 8.22
C LYS I 14 71.98 -52.21 8.74
N THR I 15 71.84 -52.10 10.06
CA THR I 15 70.57 -51.93 10.75
C THR I 15 70.72 -50.80 11.76
N PHE I 16 69.61 -50.09 12.05
CA PHE I 16 69.67 -48.94 12.93
C PHE I 16 68.95 -49.24 14.24
N PRO I 17 69.21 -48.49 15.31
CA PRO I 17 68.43 -48.66 16.54
C PRO I 17 67.27 -47.67 16.67
N ILE I 18 66.17 -48.19 17.23
CA ILE I 18 65.04 -47.41 17.73
C ILE I 18 65.42 -46.87 19.11
N MET I 19 64.64 -45.93 19.64
CA MET I 19 65.02 -45.14 20.80
C MET I 19 63.79 -44.67 21.56
N LEU I 20 63.83 -44.73 22.90
CA LEU I 20 62.86 -44.08 23.78
C LEU I 20 63.42 -42.83 24.45
N ASN I 21 64.27 -42.07 23.75
CA ASN I 21 64.95 -40.89 24.27
C ASN I 21 65.81 -41.19 25.50
N GLY I 22 66.23 -42.44 25.66
CA GLY I 22 67.02 -42.85 26.81
C GLY I 22 68.12 -43.83 26.44
N GLN I 23 68.14 -44.98 27.11
CA GLN I 23 69.05 -46.06 26.74
C GLN I 23 68.50 -46.84 25.55
N VAL I 24 69.38 -47.69 24.98
CA VAL I 24 69.02 -48.45 23.79
C VAL I 24 67.93 -49.47 24.13
N ASN I 25 67.03 -49.71 23.16
CA ASN I 25 65.81 -50.46 23.41
C ASN I 25 65.46 -51.44 22.29
N GLY I 26 66.36 -51.63 21.33
CA GLY I 26 66.11 -52.52 20.21
C GLY I 26 66.64 -51.96 18.92
N TYR I 27 66.11 -52.50 17.82
CA TYR I 27 66.59 -52.17 16.49
C TYR I 27 65.44 -52.16 15.48
N ALA I 28 65.67 -51.45 14.38
CA ALA I 28 64.87 -51.52 13.17
C ALA I 28 65.81 -51.79 12.00
N CYS I 29 65.44 -52.76 11.16
CA CYS I 29 66.29 -53.23 10.08
C CYS I 29 65.64 -52.89 8.74
N VAL I 30 66.39 -52.25 7.86
CA VAL I 30 65.91 -52.00 6.49
C VAL I 30 66.18 -53.28 5.70
N VAL I 31 65.09 -53.99 5.40
CA VAL I 31 65.15 -55.33 4.82
C VAL I 31 64.33 -55.33 3.54
N GLY I 32 64.95 -55.76 2.44
CA GLY I 32 64.24 -55.90 1.18
C GLY I 32 63.66 -54.62 0.63
N GLY I 33 64.18 -53.47 1.05
CA GLY I 33 63.63 -52.20 0.65
C GLY I 33 62.58 -51.63 1.57
N ARG I 34 62.16 -52.35 2.61
CA ARG I 34 61.17 -51.86 3.56
C ARG I 34 61.74 -51.89 4.97
N LEU I 35 61.39 -50.89 5.77
CA LEU I 35 61.83 -50.85 7.16
C LEU I 35 61.04 -51.85 7.99
N MET I 36 61.73 -52.52 8.91
CA MET I 36 61.13 -53.50 9.80
C MET I 36 61.18 -52.92 11.21
N LYS I 37 60.11 -52.19 11.56
CA LYS I 37 60.05 -51.41 12.78
C LYS I 37 58.76 -51.75 13.53
N PRO I 38 58.85 -52.26 14.75
CA PRO I 38 57.67 -52.81 15.43
C PRO I 38 56.71 -51.73 15.92
N LEU I 39 55.59 -52.19 16.48
CA LEU I 39 54.64 -51.30 17.12
C LEU I 39 54.98 -51.05 18.59
N HIS I 40 55.33 -52.11 19.33
CA HIS I 40 55.45 -52.03 20.78
C HIS I 40 56.57 -51.12 21.26
N VAL I 41 57.58 -50.86 20.42
CA VAL I 41 58.66 -49.95 20.77
C VAL I 41 58.77 -48.92 19.65
N GLU I 42 58.85 -47.64 20.04
CA GLU I 42 58.84 -46.55 19.06
C GLU I 42 59.39 -45.30 19.72
N GLY I 43 59.45 -44.23 18.93
CA GLY I 43 59.80 -42.92 19.45
C GLY I 43 60.86 -42.17 18.67
N LYS I 44 61.91 -42.86 18.22
CA LYS I 44 63.00 -42.20 17.52
C LYS I 44 63.81 -43.24 16.75
N ILE I 45 63.78 -43.17 15.43
CA ILE I 45 64.75 -43.88 14.60
C ILE I 45 66.08 -43.15 14.68
N ASP I 46 67.14 -43.87 15.06
CA ASP I 46 68.47 -43.29 15.01
C ASP I 46 68.88 -43.10 13.54
N ASN I 47 69.80 -42.15 13.34
CA ASN I 47 70.17 -41.66 12.00
C ASN I 47 68.93 -41.13 11.28
N GLU I 48 68.44 -40.00 11.80
CA GLU I 48 67.20 -39.34 11.40
C GLU I 48 67.09 -39.08 9.90
N GLN I 49 68.20 -39.22 9.17
CA GLN I 49 68.18 -39.31 7.72
C GLN I 49 67.19 -40.37 7.23
N LEU I 50 67.11 -41.50 7.92
CA LEU I 50 66.19 -42.58 7.61
C LEU I 50 64.91 -42.52 8.44
N ALA I 51 64.72 -41.49 9.26
CA ALA I 51 63.51 -41.33 10.03
C ALA I 51 62.46 -40.47 9.34
N ALA I 52 62.81 -39.82 8.23
CA ALA I 52 61.87 -38.97 7.52
C ALA I 52 60.81 -39.74 6.76
N VAL I 53 61.01 -41.05 6.56
CA VAL I 53 60.01 -41.88 5.91
C VAL I 53 58.81 -42.06 6.83
N LYS I 54 57.61 -41.97 6.26
CA LYS I 54 56.38 -42.28 6.99
C LYS I 54 56.15 -43.78 6.89
N LEU I 55 55.90 -44.40 8.04
CA LEU I 55 55.76 -45.85 8.12
C LEU I 55 54.30 -46.23 8.31
N LYS I 56 53.69 -46.83 7.29
CA LYS I 56 52.33 -47.31 7.42
C LYS I 56 52.30 -48.53 8.33
N LYS I 57 51.21 -48.65 9.10
CA LYS I 57 51.13 -49.62 10.17
C LYS I 57 50.48 -50.93 9.71
N ALA I 58 50.77 -51.99 10.47
CA ALA I 58 50.14 -53.30 10.30
C ALA I 58 50.24 -53.99 11.66
N SER I 59 49.16 -53.90 12.46
CA SER I 59 49.17 -54.47 13.80
C SER I 59 48.98 -55.98 13.80
N MET I 60 48.57 -56.55 12.67
CA MET I 60 48.36 -58.00 12.60
C MET I 60 49.69 -58.75 12.63
N TYR I 61 50.77 -58.09 12.23
CA TYR I 61 52.10 -58.67 12.26
C TYR I 61 53.06 -57.87 13.13
N ASP I 62 52.55 -56.81 13.79
CA ASP I 62 53.32 -55.92 14.66
C ASP I 62 54.47 -55.32 13.84
N LEU I 63 54.08 -54.48 12.88
CA LEU I 63 55.06 -53.89 11.98
C LEU I 63 54.63 -52.48 11.60
N GLU I 64 55.61 -51.58 11.51
CA GLU I 64 55.46 -50.34 10.77
C GLU I 64 56.49 -50.36 9.66
N TYR I 65 56.06 -50.15 8.41
CA TYR I 65 56.97 -50.28 7.28
C TYR I 65 56.75 -49.13 6.30
N GLY I 66 57.84 -48.72 5.63
CA GLY I 66 57.78 -47.70 4.62
C GLY I 66 58.71 -47.98 3.46
N ASP I 67 59.12 -46.93 2.75
CA ASP I 67 60.04 -47.03 1.63
C ASP I 67 61.34 -46.32 1.98
N VAL I 68 62.44 -47.05 1.88
CA VAL I 68 63.73 -46.50 2.29
C VAL I 68 64.18 -45.45 1.28
N PRO I 69 64.65 -44.28 1.73
CA PRO I 69 65.21 -43.30 0.80
C PRO I 69 66.67 -43.58 0.48
N GLN I 70 67.28 -42.65 -0.26
CA GLN I 70 68.68 -42.74 -0.72
C GLN I 70 68.79 -43.98 -1.59
N ASN I 71 69.73 -44.89 -1.35
CA ASN I 71 69.88 -46.10 -2.15
C ASN I 71 69.02 -47.21 -1.56
N MET I 72 68.07 -47.70 -2.35
CA MET I 72 67.21 -48.78 -1.90
C MET I 72 67.95 -50.11 -1.88
N LYS I 73 68.84 -50.33 -2.86
CA LYS I 73 69.58 -51.57 -2.92
C LYS I 73 70.62 -51.66 -1.80
N SER I 74 71.11 -50.52 -1.31
CA SER I 74 71.99 -50.52 -0.16
C SER I 74 71.24 -51.05 1.06
N ASP I 75 71.93 -51.89 1.83
CA ASP I 75 71.42 -52.52 3.05
C ASP I 75 70.17 -53.36 2.74
N THR I 76 70.37 -54.35 1.86
CA THR I 76 69.23 -54.99 1.21
C THR I 76 68.59 -56.10 2.07
N LEU I 77 69.38 -57.03 2.58
CA LEU I 77 68.93 -58.18 3.38
C LEU I 77 67.85 -58.97 2.65
N GLN I 78 68.27 -59.62 1.57
CA GLN I 78 67.37 -60.49 0.82
C GLN I 78 66.86 -61.62 1.70
N TYR I 79 65.61 -62.02 1.46
CA TYR I 79 64.92 -62.97 2.31
C TYR I 79 65.37 -64.40 1.99
N THR I 80 64.69 -65.37 2.60
CA THR I 80 64.84 -66.77 2.25
C THR I 80 63.47 -67.43 2.25
N SER I 81 63.33 -68.49 1.47
CA SER I 81 62.07 -69.22 1.36
C SER I 81 62.12 -70.56 2.05
N ASP I 82 63.12 -71.38 1.74
CA ASP I 82 63.28 -72.66 2.42
C ASP I 82 63.72 -72.47 3.87
N LYS I 83 63.28 -73.38 4.74
CA LYS I 83 63.60 -73.35 6.16
C LYS I 83 64.02 -74.74 6.63
N PRO I 84 65.25 -75.16 6.35
CA PRO I 84 65.77 -76.39 6.96
C PRO I 84 66.00 -76.19 8.45
N PRO I 85 66.04 -77.28 9.24
CA PRO I 85 66.33 -77.14 10.66
C PRO I 85 67.69 -76.48 10.92
N GLY I 86 68.76 -77.10 10.43
CA GLY I 86 70.05 -76.45 10.25
C GLY I 86 70.65 -75.85 11.51
N PHE I 87 71.17 -74.63 11.35
CA PHE I 87 71.95 -73.95 12.38
C PHE I 87 71.98 -72.47 12.01
N TYR I 88 71.31 -71.62 12.79
CA TYR I 88 71.13 -70.23 12.36
C TYR I 88 71.81 -69.27 13.33
N ASN I 89 72.43 -68.23 12.78
CA ASN I 89 73.25 -67.27 13.53
C ASN I 89 72.55 -65.93 13.66
N TRP I 90 72.87 -65.22 14.74
CA TRP I 90 72.29 -63.91 15.06
C TRP I 90 73.16 -63.28 16.16
N HIS I 91 72.66 -62.17 16.72
CA HIS I 91 73.50 -61.16 17.35
C HIS I 91 74.30 -61.72 18.53
N HIS I 92 73.65 -62.44 19.43
CA HIS I 92 74.34 -63.05 20.56
C HIS I 92 74.65 -64.53 20.36
N GLY I 93 74.29 -65.13 19.23
CA GLY I 93 74.60 -66.54 19.09
C GLY I 93 73.86 -67.34 18.05
N ALA I 94 73.37 -68.51 18.44
CA ALA I 94 72.82 -69.50 17.52
C ALA I 94 71.48 -70.02 17.98
N VAL I 95 70.58 -70.23 17.02
CA VAL I 95 69.25 -70.77 17.24
C VAL I 95 69.10 -72.01 16.37
N GLN I 96 68.33 -72.98 16.87
CA GLN I 96 67.99 -74.16 16.09
C GLN I 96 66.50 -74.14 15.74
N TYR I 97 66.21 -74.39 14.46
CA TYR I 97 64.83 -74.47 13.97
C TYR I 97 64.34 -75.90 14.16
N GLU I 98 63.88 -76.19 15.37
CA GLU I 98 63.44 -77.53 15.73
C GLU I 98 61.92 -77.60 15.64
N ASN I 99 61.42 -78.51 14.77
CA ASN I 99 60.01 -78.79 14.45
C ASN I 99 59.11 -77.56 14.50
N GLY I 100 59.47 -76.53 13.72
CA GLY I 100 58.66 -75.35 13.56
C GLY I 100 58.84 -74.29 14.62
N ARG I 101 59.69 -74.54 15.62
CA ARG I 101 59.94 -73.62 16.71
C ARG I 101 61.42 -73.25 16.74
N PHE I 102 61.73 -72.22 17.53
CA PHE I 102 63.09 -71.76 17.73
C PHE I 102 63.54 -72.20 19.11
N THR I 103 64.69 -72.87 19.19
CA THR I 103 65.33 -73.09 20.49
C THR I 103 66.64 -72.32 20.58
N VAL I 104 66.80 -71.66 21.73
CA VAL I 104 67.68 -70.51 21.93
C VAL I 104 68.02 -70.48 23.42
N PRO I 105 69.26 -70.16 23.81
CA PRO I 105 69.64 -70.23 25.23
C PRO I 105 68.86 -69.24 26.08
N ARG I 106 68.67 -69.62 27.36
CA ARG I 106 67.79 -68.90 28.26
C ARG I 106 68.34 -67.52 28.62
N GLY I 107 69.65 -67.35 28.60
CA GLY I 107 70.27 -66.13 29.11
C GLY I 107 70.04 -64.90 28.27
N VAL I 108 69.74 -65.05 26.98
CA VAL I 108 69.56 -63.90 26.10
C VAL I 108 68.21 -63.27 26.37
N GLY I 109 68.04 -62.02 25.95
CA GLY I 109 66.77 -61.34 26.14
C GLY I 109 66.90 -59.90 26.59
N GLY I 110 66.14 -59.53 27.62
CA GLY I 110 66.07 -58.16 28.08
C GLY I 110 65.30 -57.26 27.12
N LYS I 111 64.87 -56.11 27.65
CA LYS I 111 64.32 -55.10 26.77
C LYS I 111 65.42 -54.52 25.89
N GLY I 112 65.24 -54.65 24.59
CA GLY I 112 66.29 -54.41 23.62
C GLY I 112 66.56 -55.57 22.69
N ASP I 113 66.01 -56.75 22.99
CA ASP I 113 66.16 -57.93 22.12
C ASP I 113 65.34 -57.79 20.84
N SER I 114 64.17 -57.15 20.90
CA SER I 114 63.31 -57.00 19.74
C SER I 114 63.96 -56.08 18.72
N GLY I 115 64.26 -56.62 17.53
CA GLY I 115 64.92 -55.85 16.49
C GLY I 115 66.06 -56.62 15.87
N ARG I 116 66.32 -57.81 16.38
CA ARG I 116 67.42 -58.63 15.88
C ARG I 116 66.93 -59.50 14.73
N PRO I 117 67.51 -59.36 13.53
CA PRO I 117 67.18 -60.30 12.45
C PRO I 117 67.92 -61.61 12.64
N ILE I 118 67.23 -62.72 12.40
CA ILE I 118 67.86 -64.04 12.47
C ILE I 118 68.37 -64.38 11.08
N LEU I 119 69.66 -64.72 11.00
CA LEU I 119 70.34 -64.94 9.74
C LEU I 119 70.65 -66.42 9.56
N ASP I 120 70.74 -66.83 8.30
CA ASP I 120 71.12 -68.19 7.97
C ASP I 120 72.64 -68.29 7.88
N ASN I 121 73.14 -69.41 7.37
CA ASN I 121 74.58 -69.56 7.21
C ASN I 121 75.13 -68.69 6.08
N ARG I 122 74.36 -68.50 5.01
CA ARG I 122 74.83 -67.74 3.86
C ARG I 122 74.61 -66.24 3.97
N GLY I 123 73.78 -65.79 4.93
CA GLY I 123 73.62 -64.37 5.15
C GLY I 123 72.34 -63.77 4.62
N ARG I 124 71.24 -64.51 4.73
CA ARG I 124 69.91 -64.01 4.39
C ARG I 124 68.99 -64.16 5.59
N VAL I 125 68.09 -63.19 5.75
CA VAL I 125 67.22 -63.18 6.92
C VAL I 125 66.13 -64.23 6.78
N VAL I 126 65.83 -64.89 7.89
CA VAL I 126 64.72 -65.84 7.95
C VAL I 126 63.63 -65.36 8.90
N ALA I 127 63.96 -64.54 9.88
CA ALA I 127 63.02 -64.03 10.88
C ALA I 127 63.66 -62.84 11.56
N ILE I 128 62.82 -62.02 12.19
CA ILE I 128 63.28 -60.83 12.92
C ILE I 128 62.65 -60.86 14.30
N VAL I 129 63.50 -60.82 15.32
CA VAL I 129 63.07 -61.15 16.69
C VAL I 129 62.16 -60.05 17.22
N LEU I 130 61.02 -60.46 17.79
CA LEU I 130 60.13 -59.56 18.50
C LEU I 130 59.94 -59.92 19.97
N GLY I 131 59.65 -61.19 20.27
CA GLY I 131 59.31 -61.56 21.63
C GLY I 131 60.03 -62.77 22.19
N GLY I 132 59.62 -63.21 23.39
CA GLY I 132 60.26 -64.32 24.04
C GLY I 132 59.29 -65.07 24.93
N ALA I 133 59.68 -66.29 25.31
CA ALA I 133 58.89 -67.12 26.21
C ALA I 133 59.81 -68.19 26.79
N ASN I 134 59.63 -68.49 28.07
CA ASN I 134 60.52 -69.41 28.78
C ASN I 134 59.96 -70.82 28.78
N GLU I 135 60.84 -71.80 28.59
CA GLU I 135 60.50 -73.22 28.67
C GLU I 135 61.58 -73.94 29.48
N GLY I 136 61.86 -73.39 30.66
CA GLY I 136 62.75 -74.06 31.60
C GLY I 136 64.23 -73.90 31.26
N THR I 137 64.82 -74.95 30.68
CA THR I 137 66.26 -74.96 30.41
C THR I 137 66.63 -73.92 29.35
N ARG I 138 65.86 -73.85 28.26
CA ARG I 138 66.11 -72.90 27.19
C ARG I 138 64.79 -72.16 26.92
N THR I 139 64.91 -70.94 26.37
CA THR I 139 63.72 -70.11 26.15
C THR I 139 63.28 -70.22 24.70
N ALA I 140 62.11 -69.65 24.41
CA ALA I 140 61.56 -69.61 23.06
C ALA I 140 61.22 -68.17 22.71
N LEU I 141 61.05 -67.89 21.41
CA LEU I 141 60.87 -66.53 20.93
C LEU I 141 59.57 -66.37 20.16
N SER I 142 58.92 -65.22 20.37
CA SER I 142 57.81 -64.76 19.54
C SER I 142 58.40 -63.92 18.41
N VAL I 143 58.15 -64.34 17.17
CA VAL I 143 58.91 -63.85 16.03
C VAL I 143 57.95 -63.80 14.83
N VAL I 144 58.44 -63.27 13.71
CA VAL I 144 57.71 -63.24 12.46
C VAL I 144 58.50 -64.01 11.42
N THR I 145 57.88 -65.04 10.83
CA THR I 145 58.53 -65.88 9.84
C THR I 145 57.71 -65.91 8.56
N TRP I 146 58.27 -66.58 7.56
CA TRP I 146 57.62 -66.80 6.27
C TRP I 146 57.39 -68.29 6.08
N ASN I 147 56.94 -68.67 4.89
CA ASN I 147 56.60 -70.06 4.59
C ASN I 147 57.17 -70.43 3.22
N GLN I 148 56.77 -71.61 2.74
CA GLN I 148 57.30 -72.12 1.47
C GLN I 148 56.83 -71.30 0.28
N LYS I 149 55.68 -70.65 0.39
CA LYS I 149 55.19 -69.78 -0.68
C LYS I 149 55.32 -68.30 -0.35
N GLY I 150 55.99 -67.96 0.75
CA GLY I 150 56.22 -66.57 1.10
C GLY I 150 55.18 -65.92 1.98
N VAL I 151 54.15 -66.65 2.40
CA VAL I 151 53.13 -66.09 3.30
C VAL I 151 53.75 -65.86 4.68
N THR I 152 53.42 -64.70 5.26
CA THR I 152 53.98 -64.28 6.53
C THR I 152 53.11 -64.78 7.68
N ILE I 153 53.73 -65.47 8.64
CA ILE I 153 53.06 -65.97 9.84
C ILE I 153 53.77 -65.43 11.07
N LYS I 154 52.99 -64.87 12.00
CA LYS I 154 53.48 -64.51 13.33
C LYS I 154 53.73 -65.81 14.10
N ASP I 155 54.98 -66.25 14.11
CA ASP I 155 55.36 -67.49 14.79
C ASP I 155 55.40 -67.23 16.29
N THR I 156 54.38 -67.70 17.00
CA THR I 156 54.30 -67.56 18.46
C THR I 156 53.67 -68.83 19.00
N PRO I 157 54.48 -69.81 19.40
CA PRO I 157 53.93 -71.12 19.75
C PRO I 157 53.13 -71.15 21.04
N GLU I 158 53.51 -70.37 22.04
CA GLU I 158 52.85 -70.39 23.35
C GLU I 158 52.68 -68.95 23.82
N GLY I 159 52.26 -68.80 25.08
CA GLY I 159 52.17 -67.49 25.68
C GLY I 159 53.51 -66.80 25.79
N SER I 160 53.73 -65.78 24.97
CA SER I 160 55.04 -65.19 24.80
C SER I 160 54.99 -63.70 25.08
N GLU I 161 55.94 -63.21 25.88
CA GLU I 161 56.03 -61.79 26.14
C GLU I 161 56.96 -61.11 25.11
N PRO I 162 56.55 -59.98 24.55
CA PRO I 162 57.45 -59.23 23.67
C PRO I 162 58.53 -58.51 24.46
N TRP I 163 59.68 -58.32 23.82
CA TRP I 163 60.79 -57.74 24.55
C TRP I 163 60.71 -56.23 24.43
N GLN J 1 -25.68 41.24 -6.10
CA GLN J 1 -25.20 42.60 -5.95
C GLN J 1 -26.20 43.61 -6.51
N LEU J 2 -26.87 43.22 -7.60
CA LEU J 2 -27.87 44.08 -8.23
C LEU J 2 -29.15 44.12 -7.39
N HIS J 3 -29.78 45.28 -7.36
CA HIS J 3 -31.05 45.47 -6.65
C HIS J 3 -32.07 46.04 -7.62
N TYR J 4 -33.10 45.26 -7.94
CA TYR J 4 -34.16 45.66 -8.85
C TYR J 4 -35.50 45.58 -8.14
N THR J 5 -36.51 46.16 -8.76
CA THR J 5 -37.85 46.16 -8.21
C THR J 5 -38.88 45.97 -9.32
N VAL J 6 -40.01 45.38 -8.96
CA VAL J 6 -41.12 45.17 -9.89
C VAL J 6 -42.41 45.60 -9.21
N GLN J 7 -43.44 45.86 -10.02
CA GLN J 7 -44.76 46.13 -9.47
C GLN J 7 -45.55 44.84 -9.28
N GLU J 8 -46.81 44.99 -8.87
CA GLU J 8 -47.60 43.84 -8.48
C GLU J 8 -48.53 43.43 -9.62
N GLU J 9 -48.55 42.13 -9.92
CA GLU J 9 -49.14 41.55 -11.13
C GLU J 9 -48.68 42.29 -12.39
N GLN J 10 -47.40 42.13 -12.71
CA GLN J 10 -46.90 42.56 -14.02
C GLN J 10 -47.21 41.46 -15.04
N GLU J 11 -46.85 41.71 -16.30
CA GLU J 11 -47.18 40.80 -17.39
C GLU J 11 -45.90 40.18 -17.96
N HIS J 12 -46.08 39.07 -18.67
CA HIS J 12 -44.96 38.36 -19.27
C HIS J 12 -44.27 39.22 -20.31
N GLY J 13 -42.94 39.26 -20.25
CA GLY J 13 -42.15 40.05 -21.16
C GLY J 13 -41.93 41.49 -20.74
N THR J 14 -42.54 41.93 -19.65
CA THR J 14 -42.33 43.30 -19.18
C THR J 14 -40.92 43.48 -18.64
N PHE J 15 -40.39 44.68 -18.84
CA PHE J 15 -39.00 44.97 -18.45
C PHE J 15 -38.84 44.97 -16.94
N VAL J 16 -37.76 44.34 -16.48
CA VAL J 16 -37.38 44.35 -15.07
C VAL J 16 -36.02 45.00 -14.87
N GLY J 17 -34.99 44.50 -15.59
CA GLY J 17 -33.67 45.07 -15.42
C GLY J 17 -32.77 44.78 -16.59
N ASN J 18 -31.67 45.53 -16.64
CA ASN J 18 -30.63 45.36 -17.65
C ASN J 18 -29.35 44.94 -16.93
N ILE J 19 -29.04 43.66 -16.99
CA ILE J 19 -27.89 43.13 -16.24
C ILE J 19 -26.58 43.62 -16.84
N ALA J 20 -26.46 43.57 -18.17
CA ALA J 20 -25.21 43.92 -18.83
C ALA J 20 -24.90 45.41 -18.73
N GLU J 21 -25.93 46.26 -18.86
CA GLU J 21 -25.70 47.70 -18.81
C GLU J 21 -25.41 48.18 -17.39
N ASP J 22 -25.87 47.43 -16.39
CA ASP J 22 -25.62 47.83 -15.01
C ASP J 22 -24.33 47.23 -14.46
N LEU J 23 -23.91 46.06 -14.95
CA LEU J 23 -22.67 45.44 -14.51
C LEU J 23 -21.45 45.88 -15.31
N GLY J 24 -21.66 46.58 -16.43
CA GLY J 24 -20.54 46.97 -17.27
C GLY J 24 -20.06 45.90 -18.22
N LEU J 25 -20.69 44.72 -18.22
CA LEU J 25 -20.30 43.67 -19.13
C LEU J 25 -20.66 44.03 -20.57
N ASP J 26 -19.80 43.63 -21.50
CA ASP J 26 -20.02 43.95 -22.91
C ASP J 26 -21.12 43.06 -23.47
N ILE J 27 -22.08 43.69 -24.17
CA ILE J 27 -23.27 42.98 -24.62
C ILE J 27 -22.94 41.99 -25.73
N THR J 28 -22.12 42.41 -26.70
CA THR J 28 -21.83 41.57 -27.85
C THR J 28 -20.93 40.39 -27.52
N LYS J 29 -20.29 40.37 -26.35
CA LYS J 29 -19.46 39.25 -25.93
C LYS J 29 -20.21 38.25 -25.05
N LEU J 30 -21.51 38.44 -24.82
CA LEU J 30 -22.26 37.56 -23.93
C LEU J 30 -22.34 36.13 -24.46
N SER J 31 -22.50 35.98 -25.78
CA SER J 31 -22.60 34.64 -26.36
C SER J 31 -21.27 33.90 -26.31
N ALA J 32 -20.16 34.59 -26.58
CA ALA J 32 -18.86 33.94 -26.54
C ALA J 32 -18.40 33.66 -25.12
N ARG J 33 -18.78 34.50 -24.17
CA ARG J 33 -18.41 34.35 -22.77
C ARG J 33 -19.40 33.46 -22.02
N GLY J 34 -20.55 33.15 -22.61
CA GLY J 34 -21.47 32.20 -22.02
C GLY J 34 -22.31 32.78 -20.89
N PHE J 35 -22.95 33.93 -21.15
CA PHE J 35 -23.89 34.50 -20.21
C PHE J 35 -25.09 33.60 -20.03
N GLN J 36 -25.29 33.07 -18.82
CA GLN J 36 -26.33 32.08 -18.57
C GLN J 36 -26.76 32.17 -17.12
N THR J 37 -28.04 31.85 -16.88
CA THR J 37 -28.56 31.79 -15.53
C THR J 37 -27.93 30.62 -14.78
N VAL J 38 -27.51 30.88 -13.55
CA VAL J 38 -26.98 29.81 -12.68
C VAL J 38 -28.10 28.82 -12.39
N PRO J 39 -27.87 27.51 -12.53
CA PRO J 39 -28.94 26.53 -12.29
C PRO J 39 -29.47 26.51 -10.87
N ASN J 40 -28.71 27.01 -9.90
CA ASN J 40 -29.25 27.10 -8.54
C ASN J 40 -30.23 28.25 -8.39
N SER J 41 -29.76 29.48 -8.53
CA SER J 41 -30.61 30.64 -8.27
C SER J 41 -31.51 30.86 -9.46
N ARG J 42 -32.53 30.01 -9.58
CA ARG J 42 -33.54 30.10 -10.60
C ARG J 42 -34.88 30.40 -9.96
N THR J 43 -35.72 31.14 -10.69
CA THR J 43 -37.04 31.47 -10.22
C THR J 43 -38.06 31.16 -11.31
N PRO J 44 -39.27 30.73 -10.94
CA PRO J 44 -40.32 30.50 -11.93
C PRO J 44 -41.11 31.76 -12.32
N TYR J 45 -40.60 32.94 -12.00
CA TYR J 45 -41.29 34.19 -12.26
C TYR J 45 -40.52 35.16 -13.13
N LEU J 46 -39.20 35.00 -13.25
CA LEU J 46 -38.35 35.94 -13.98
C LEU J 46 -37.33 35.17 -14.81
N ASP J 47 -37.24 35.52 -16.09
CA ASP J 47 -36.21 34.95 -16.95
C ASP J 47 -35.51 36.06 -17.71
N LEU J 48 -34.30 35.77 -18.16
CA LEU J 48 -33.45 36.74 -18.82
C LEU J 48 -33.18 36.32 -20.26
N ASN J 49 -33.21 37.30 -21.16
CA ASN J 49 -32.84 37.05 -22.55
C ASN J 49 -31.32 36.94 -22.64
N LEU J 50 -30.85 35.89 -23.31
CA LEU J 50 -29.42 35.61 -23.34
C LEU J 50 -28.68 36.62 -24.21
N GLU J 51 -29.28 37.03 -25.33
CA GLU J 51 -28.60 37.89 -26.29
C GLU J 51 -28.48 39.32 -25.76
N THR J 52 -29.56 39.88 -25.25
CA THR J 52 -29.58 41.28 -24.84
C THR J 52 -29.15 41.50 -23.39
N GLY J 53 -29.04 40.43 -22.60
CA GLY J 53 -28.70 40.59 -21.19
C GLY J 53 -29.75 41.34 -20.40
N VAL J 54 -31.03 41.17 -20.74
CA VAL J 54 -32.12 41.89 -20.10
C VAL J 54 -33.00 40.89 -19.37
N LEU J 55 -33.21 41.11 -18.07
CA LEU J 55 -34.05 40.25 -17.26
C LEU J 55 -35.47 40.81 -17.27
N TYR J 56 -36.44 39.95 -17.55
CA TYR J 56 -37.84 40.30 -17.71
C TYR J 56 -38.71 39.30 -16.96
N VAL J 57 -40.02 39.57 -16.96
CA VAL J 57 -40.99 38.73 -16.27
C VAL J 57 -41.33 37.55 -17.17
N ASN J 58 -41.21 36.34 -16.62
CA ASN J 58 -41.68 35.14 -17.33
C ASN J 58 -43.11 34.77 -16.99
N GLU J 59 -43.45 34.75 -15.70
CA GLU J 59 -44.78 34.41 -15.24
C GLU J 59 -45.33 35.55 -14.38
N LYS J 60 -46.66 35.70 -14.39
CA LYS J 60 -47.30 36.77 -13.65
C LYS J 60 -47.00 36.66 -12.16
N ILE J 61 -46.53 37.76 -11.57
CA ILE J 61 -45.96 37.74 -10.23
C ILE J 61 -47.11 37.83 -9.23
N ASP J 62 -47.34 36.73 -8.52
CA ASP J 62 -48.37 36.68 -7.47
C ASP J 62 -47.72 37.06 -6.15
N ARG J 63 -48.19 38.16 -5.56
CA ARG J 63 -47.61 38.67 -4.32
C ARG J 63 -47.88 37.74 -3.15
N GLU J 64 -49.05 37.09 -3.15
CA GLU J 64 -49.40 36.19 -2.05
C GLU J 64 -48.65 34.86 -2.14
N GLN J 65 -48.44 34.34 -3.35
CA GLN J 65 -47.86 33.01 -3.51
C GLN J 65 -46.37 32.98 -3.19
N ILE J 66 -45.64 34.06 -3.49
CA ILE J 66 -44.20 34.09 -3.31
C ILE J 66 -43.79 34.52 -1.92
N CYS J 67 -44.73 34.68 -1.00
CA CYS J 67 -44.41 35.25 0.30
C CYS J 67 -45.41 34.81 1.37
N CYS J 73 -39.36 39.45 2.13
CA CYS J 73 -39.58 38.44 1.11
C CYS J 73 -39.39 38.99 -0.30
N VAL J 74 -38.31 38.52 -0.95
CA VAL J 74 -37.89 39.00 -2.27
C VAL J 74 -37.51 37.79 -3.12
N LEU J 75 -37.03 38.07 -4.33
CA LEU J 75 -36.58 37.03 -5.24
C LEU J 75 -35.09 37.18 -5.50
N HIS J 76 -34.42 36.05 -5.75
CA HIS J 76 -32.99 36.03 -6.01
C HIS J 76 -32.69 35.24 -7.28
N LEU J 77 -31.69 35.71 -8.02
CA LEU J 77 -31.22 35.03 -9.22
C LEU J 77 -29.72 35.23 -9.32
N GLU J 78 -29.04 34.34 -10.06
CA GLU J 78 -27.61 34.44 -10.24
C GLU J 78 -27.25 34.15 -11.69
N VAL J 79 -26.21 34.82 -12.18
CA VAL J 79 -25.68 34.62 -13.52
C VAL J 79 -24.22 34.23 -13.42
N PHE J 80 -23.76 33.47 -14.41
CA PHE J 80 -22.36 33.02 -14.45
C PHE J 80 -21.83 33.16 -15.86
N LEU J 81 -20.54 33.50 -15.95
CA LEU J 81 -19.87 33.76 -17.21
C LEU J 81 -18.52 33.06 -17.23
N GLU J 82 -18.17 32.53 -18.40
CA GLU J 82 -16.96 31.73 -18.56
C GLU J 82 -15.96 32.41 -19.49
N ASN J 83 -14.68 32.29 -19.13
CA ASN J 83 -13.54 32.91 -19.82
C ASN J 83 -13.74 34.42 -19.97
N PRO J 84 -13.60 35.21 -18.89
CA PRO J 84 -13.23 34.83 -17.52
C PRO J 84 -14.40 34.30 -16.70
N LEU J 85 -14.12 33.59 -15.62
CA LEU J 85 -15.15 32.97 -14.79
C LEU J 85 -15.61 33.99 -13.74
N GLU J 86 -16.86 34.43 -13.85
CA GLU J 86 -17.42 35.36 -12.88
C GLU J 86 -18.86 34.97 -12.56
N LEU J 87 -19.30 35.36 -11.36
CA LEU J 87 -20.64 35.06 -10.88
C LEU J 87 -21.24 36.33 -10.30
N PHE J 88 -22.52 36.56 -10.56
CA PHE J 88 -23.19 37.78 -10.09
C PHE J 88 -24.57 37.43 -9.57
N GLN J 89 -25.05 38.24 -8.62
CA GLN J 89 -26.32 38.00 -7.94
C GLN J 89 -27.25 39.20 -8.12
N VAL J 90 -28.53 38.92 -8.35
CA VAL J 90 -29.57 39.92 -8.51
C VAL J 90 -30.68 39.65 -7.50
N GLU J 91 -31.09 40.69 -6.77
CA GLU J 91 -32.17 40.61 -5.80
C GLU J 91 -33.28 41.56 -6.22
N ILE J 92 -34.51 41.04 -6.30
CA ILE J 92 -35.64 41.77 -6.87
C ILE J 92 -36.75 41.87 -5.83
N GLU J 93 -37.20 43.09 -5.56
CA GLU J 93 -38.32 43.36 -4.68
C GLU J 93 -39.63 43.31 -5.43
N VAL J 94 -40.68 42.83 -4.76
CA VAL J 94 -42.04 42.84 -5.28
C VAL J 94 -42.89 43.70 -4.35
N LEU J 95 -43.56 44.70 -4.92
CA LEU J 95 -44.42 45.59 -4.15
C LEU J 95 -45.78 44.94 -3.87
N ASP J 96 -46.50 45.54 -2.93
CA ASP J 96 -47.85 45.12 -2.58
C ASP J 96 -48.87 46.18 -2.98
N GLN K 1 -33.28 28.33 46.16
CA GLN K 1 -34.06 27.54 47.11
C GLN K 1 -34.91 28.44 48.00
N LEU K 2 -34.82 29.74 47.76
CA LEU K 2 -35.60 30.74 48.52
C LEU K 2 -36.84 31.10 47.70
N HIS K 3 -38.01 30.64 48.14
CA HIS K 3 -39.25 30.93 47.44
C HIS K 3 -39.85 32.22 47.99
N TYR K 4 -39.85 33.26 47.18
CA TYR K 4 -40.43 34.55 47.53
C TYR K 4 -41.58 34.87 46.59
N THR K 5 -42.41 35.82 47.00
CA THR K 5 -43.59 36.19 46.22
C THR K 5 -43.72 37.71 46.16
N VAL K 6 -44.32 38.18 45.06
CA VAL K 6 -44.65 39.59 44.87
C VAL K 6 -46.05 39.69 44.27
N GLN K 7 -46.63 40.87 44.40
CA GLN K 7 -47.94 41.14 43.82
C GLN K 7 -47.81 41.69 42.41
N GLU K 8 -48.94 42.11 41.84
CA GLU K 8 -48.97 42.55 40.45
C GLU K 8 -48.94 44.08 40.38
N GLU K 9 -48.13 44.59 39.44
CA GLU K 9 -47.76 46.01 39.36
C GLU K 9 -47.32 46.58 40.71
N GLN K 10 -46.35 45.93 41.35
CA GLN K 10 -45.75 46.52 42.53
C GLN K 10 -44.79 47.64 42.14
N GLU K 11 -44.73 48.66 42.99
CA GLU K 11 -43.94 49.85 42.71
C GLU K 11 -42.46 49.58 42.90
N HIS K 12 -41.64 50.56 42.50
CA HIS K 12 -40.20 50.45 42.67
C HIS K 12 -39.83 50.58 44.15
N GLY K 13 -38.87 49.76 44.58
CA GLY K 13 -38.39 49.80 45.95
C GLY K 13 -39.22 49.03 46.95
N THR K 14 -40.30 48.38 46.52
CA THR K 14 -41.12 47.62 47.44
C THR K 14 -40.42 46.33 47.88
N PHE K 15 -40.87 45.80 49.01
CA PHE K 15 -40.24 44.63 49.61
C PHE K 15 -40.50 43.38 48.78
N VAL K 16 -39.43 42.63 48.49
CA VAL K 16 -39.53 41.29 47.94
C VAL K 16 -39.09 40.24 48.95
N GLY K 17 -37.95 40.46 49.60
CA GLY K 17 -37.53 39.53 50.63
C GLY K 17 -36.23 39.96 51.26
N ASN K 18 -35.84 39.21 52.29
CA ASN K 18 -34.57 39.39 52.99
C ASN K 18 -33.75 38.12 52.79
N ILE K 19 -32.73 38.21 51.94
CA ILE K 19 -31.94 37.03 51.61
C ILE K 19 -31.07 36.61 52.79
N ALA K 20 -30.41 37.58 53.43
CA ALA K 20 -29.45 37.26 54.48
C ALA K 20 -30.15 36.78 55.75
N GLU K 21 -31.32 37.33 56.06
CA GLU K 21 -32.06 36.90 57.24
C GLU K 21 -32.55 35.46 57.10
N ASP K 22 -33.05 35.10 55.92
CA ASP K 22 -33.55 33.75 55.70
C ASP K 22 -32.43 32.73 55.54
N LEU K 23 -31.30 33.14 54.96
CA LEU K 23 -30.16 32.23 54.82
C LEU K 23 -29.26 32.19 56.04
N GLY K 24 -29.50 33.03 57.04
CA GLY K 24 -28.70 33.02 58.24
C GLY K 24 -27.34 33.67 58.12
N LEU K 25 -27.05 34.33 56.99
CA LEU K 25 -25.79 35.02 56.84
C LEU K 25 -25.74 36.25 57.74
N ASP K 26 -24.59 36.48 58.35
CA ASP K 26 -24.44 37.65 59.21
C ASP K 26 -24.42 38.95 58.38
N ILE K 27 -25.22 39.93 58.83
CA ILE K 27 -25.40 41.15 58.04
C ILE K 27 -24.14 42.01 58.08
N THR K 28 -23.49 42.10 59.24
CA THR K 28 -22.36 43.02 59.39
C THR K 28 -21.07 42.47 58.78
N LYS K 29 -21.09 41.26 58.21
CA LYS K 29 -19.97 40.76 57.40
C LYS K 29 -20.39 40.41 55.98
N LEU K 30 -21.51 40.94 55.48
CA LEU K 30 -21.88 40.71 54.09
C LEU K 30 -20.92 41.38 53.13
N SER K 31 -20.45 42.59 53.47
CA SER K 31 -19.55 43.31 52.56
C SER K 31 -18.18 42.66 52.49
N ALA K 32 -17.74 41.99 53.57
CA ALA K 32 -16.46 41.31 53.55
C ALA K 32 -16.49 40.04 52.71
N ARG K 33 -17.66 39.43 52.54
CA ARG K 33 -17.80 38.21 51.76
C ARG K 33 -18.05 38.48 50.28
N GLY K 34 -18.15 39.74 49.88
CA GLY K 34 -18.43 40.08 48.49
C GLY K 34 -19.81 39.65 48.03
N PHE K 35 -20.83 39.96 48.84
CA PHE K 35 -22.20 39.65 48.50
C PHE K 35 -22.63 40.38 47.23
N GLN K 36 -22.83 39.62 46.14
CA GLN K 36 -23.13 40.19 44.84
C GLN K 36 -24.10 39.29 44.11
N THR K 37 -24.90 39.90 43.24
CA THR K 37 -25.75 39.12 42.34
C THR K 37 -24.88 38.37 41.35
N VAL K 38 -25.22 37.10 41.11
CA VAL K 38 -24.51 36.29 40.11
C VAL K 38 -24.82 36.87 38.74
N PRO K 39 -23.80 37.19 37.94
CA PRO K 39 -24.05 37.79 36.61
C PRO K 39 -24.81 36.89 35.66
N ASN K 40 -24.77 35.57 35.85
CA ASN K 40 -25.52 34.67 34.98
C ASN K 40 -27.02 34.80 35.24
N SER K 41 -27.43 34.80 36.50
CA SER K 41 -28.83 34.89 36.87
C SER K 41 -29.12 36.30 37.38
N ARG K 42 -29.41 37.19 36.43
CA ARG K 42 -29.79 38.57 36.73
C ARG K 42 -31.20 38.83 36.20
N THR K 43 -32.05 39.39 37.05
CA THR K 43 -33.40 39.79 36.64
C THR K 43 -33.44 41.31 36.57
N PRO K 44 -33.81 41.90 35.42
CA PRO K 44 -33.89 43.36 35.34
C PRO K 44 -34.97 43.98 36.20
N TYR K 45 -35.97 43.21 36.62
CA TYR K 45 -37.08 43.76 37.40
C TYR K 45 -36.75 43.90 38.88
N LEU K 46 -35.80 43.14 39.40
CA LEU K 46 -35.46 43.13 40.82
C LEU K 46 -33.99 43.41 41.03
N ASP K 47 -33.68 44.11 42.13
CA ASP K 47 -32.31 44.27 42.57
C ASP K 47 -32.20 43.84 44.01
N LEU K 48 -31.00 43.98 44.56
CA LEU K 48 -30.74 43.70 45.96
C LEU K 48 -29.73 44.72 46.48
N ASN K 49 -29.86 45.05 47.76
CA ASN K 49 -28.95 45.98 48.42
C ASN K 49 -27.79 45.20 49.02
N LEU K 50 -26.56 45.61 48.66
CA LEU K 50 -25.38 44.91 49.17
C LEU K 50 -25.22 45.12 50.68
N GLU K 51 -25.50 46.33 51.16
CA GLU K 51 -25.27 46.64 52.57
C GLU K 51 -26.29 45.94 53.46
N THR K 52 -27.57 46.01 53.11
CA THR K 52 -28.63 45.48 53.96
C THR K 52 -28.99 44.03 53.65
N GLY K 53 -28.58 43.50 52.50
CA GLY K 53 -28.93 42.13 52.13
C GLY K 53 -30.42 41.94 51.90
N VAL K 54 -31.07 42.90 51.25
CA VAL K 54 -32.50 42.88 51.03
C VAL K 54 -32.77 42.91 49.53
N LEU K 55 -33.57 41.96 49.06
CA LEU K 55 -34.00 41.93 47.67
C LEU K 55 -35.29 42.73 47.51
N TYR K 56 -35.29 43.67 46.57
CA TYR K 56 -36.42 44.57 46.33
C TYR K 56 -36.64 44.71 44.83
N VAL K 57 -37.67 45.48 44.47
CA VAL K 57 -38.08 45.67 43.09
C VAL K 57 -37.33 46.83 42.47
N ASN K 58 -36.74 46.59 41.29
CA ASN K 58 -36.16 47.64 40.47
C ASN K 58 -37.17 48.25 39.51
N GLU K 59 -37.74 47.45 38.62
CA GLU K 59 -38.68 47.91 37.61
C GLU K 59 -40.06 47.36 37.90
N LYS K 60 -41.08 48.14 37.54
CA LYS K 60 -42.47 47.75 37.78
C LYS K 60 -42.80 46.46 37.04
N ILE K 61 -43.39 45.51 37.76
CA ILE K 61 -43.58 44.15 37.24
C ILE K 61 -44.77 44.15 36.28
N ASP K 62 -44.52 43.69 35.05
CA ASP K 62 -45.55 43.51 34.04
C ASP K 62 -45.84 42.03 33.93
N ARG K 63 -47.03 41.62 34.40
CA ARG K 63 -47.38 40.20 34.45
C ARG K 63 -47.50 39.62 33.05
N GLU K 64 -48.06 40.38 32.11
CA GLU K 64 -48.26 39.88 30.75
C GLU K 64 -46.94 39.73 30.01
N GLN K 65 -45.99 40.65 30.24
CA GLN K 65 -44.74 40.65 29.48
C GLN K 65 -43.78 39.56 29.91
N ILE K 66 -43.75 39.21 31.20
CA ILE K 66 -42.79 38.25 31.72
C ILE K 66 -43.27 36.81 31.60
N CYS K 67 -44.41 36.59 30.94
CA CYS K 67 -45.00 35.27 30.91
C CYS K 67 -45.79 35.04 29.62
N CYS K 73 -44.15 30.43 35.03
CA CYS K 73 -43.41 31.63 34.70
C CYS K 73 -43.10 32.48 35.95
N VAL K 74 -41.88 32.29 36.46
CA VAL K 74 -41.39 32.97 37.66
C VAL K 74 -39.99 33.51 37.35
N LEU K 75 -39.46 34.32 38.28
CA LEU K 75 -38.12 34.86 38.11
C LEU K 75 -37.12 34.08 38.95
N HIS K 76 -35.89 34.01 38.46
CA HIS K 76 -34.81 33.31 39.13
C HIS K 76 -33.61 34.24 39.28
N LEU K 77 -33.07 34.32 40.48
CA LEU K 77 -31.90 35.17 40.74
C LEU K 77 -30.93 34.41 41.62
N GLU K 78 -29.65 34.46 41.27
CA GLU K 78 -28.62 33.76 42.02
C GLU K 78 -27.69 34.77 42.68
N VAL K 79 -27.22 34.43 43.87
CA VAL K 79 -26.28 35.25 44.63
C VAL K 79 -25.06 34.39 44.96
N PHE K 80 -23.95 35.06 45.21
CA PHE K 80 -22.72 34.34 45.58
C PHE K 80 -21.93 35.16 46.59
N LEU K 81 -21.17 34.44 47.41
CA LEU K 81 -20.34 35.03 48.44
C LEU K 81 -18.98 34.36 48.43
N GLU K 82 -17.96 35.10 48.86
CA GLU K 82 -16.57 34.65 48.81
C GLU K 82 -16.01 34.54 50.22
N ASN K 83 -15.06 33.61 50.38
CA ASN K 83 -14.36 33.30 51.63
C ASN K 83 -15.31 33.01 52.78
N PRO K 84 -16.01 31.86 52.79
CA PRO K 84 -15.98 30.75 51.82
C PRO K 84 -16.84 31.01 50.59
N LEU K 85 -16.64 30.25 49.53
CA LEU K 85 -17.29 30.50 48.25
C LEU K 85 -18.59 29.69 48.18
N GLU K 86 -19.71 30.38 48.05
CA GLU K 86 -21.01 29.71 48.08
C GLU K 86 -22.05 30.52 47.33
N LEU K 87 -22.85 29.84 46.50
CA LEU K 87 -23.96 30.48 45.81
C LEU K 87 -25.29 30.00 46.37
N PHE K 88 -26.32 30.83 46.16
CA PHE K 88 -27.68 30.52 46.59
C PHE K 88 -28.65 30.99 45.51
N GLN K 89 -29.85 30.40 45.52
CA GLN K 89 -30.84 30.59 44.48
C GLN K 89 -32.15 31.11 45.07
N VAL K 90 -32.78 32.06 44.37
CA VAL K 90 -34.04 32.64 44.78
C VAL K 90 -35.01 32.53 43.61
N GLU K 91 -36.19 31.97 43.86
CA GLU K 91 -37.28 31.88 42.91
C GLU K 91 -38.41 32.77 43.38
N ILE K 92 -38.84 33.70 42.53
CA ILE K 92 -39.82 34.71 42.89
C ILE K 92 -41.06 34.53 42.01
N GLU K 93 -42.20 34.30 42.67
CA GLU K 93 -43.50 34.20 42.02
C GLU K 93 -44.13 35.58 41.90
N VAL K 94 -44.85 35.79 40.79
CA VAL K 94 -45.62 37.01 40.58
C VAL K 94 -47.10 36.63 40.57
N LEU K 95 -47.88 37.27 41.44
CA LEU K 95 -49.32 37.02 41.50
C LEU K 95 -50.04 37.81 40.40
N ASP K 96 -51.30 37.45 40.20
CA ASP K 96 -52.14 38.10 39.20
C ASP K 96 -53.34 38.77 39.86
N GLN L 1 -49.69 -5.67 7.20
CA GLN L 1 -49.90 -6.03 5.81
C GLN L 1 -51.36 -6.43 5.57
N LEU L 2 -52.12 -6.52 6.65
CA LEU L 2 -53.56 -6.71 6.60
C LEU L 2 -54.24 -5.37 6.79
N HIS L 3 -55.40 -5.20 6.14
CA HIS L 3 -56.15 -3.96 6.20
C HIS L 3 -57.56 -4.25 6.68
N TYR L 4 -57.91 -3.72 7.85
CA TYR L 4 -59.25 -3.85 8.42
C TYR L 4 -59.86 -2.47 8.62
N THR L 5 -61.16 -2.45 8.85
CA THR L 5 -61.89 -1.20 9.00
C THR L 5 -62.93 -1.33 10.11
N VAL L 6 -63.19 -0.21 10.77
CA VAL L 6 -64.22 -0.13 11.81
C VAL L 6 -65.07 1.11 11.56
N GLN L 7 -66.31 1.08 12.02
CA GLN L 7 -67.16 2.25 11.97
C GLN L 7 -66.94 3.12 13.20
N GLU L 8 -67.59 4.29 13.20
CA GLU L 8 -67.42 5.23 14.30
C GLU L 8 -68.43 4.94 15.41
N GLU L 9 -67.99 5.20 16.66
CA GLU L 9 -68.70 4.80 17.89
C GLU L 9 -69.14 3.34 17.86
N GLN L 10 -68.20 2.43 17.63
CA GLN L 10 -68.51 1.02 17.84
C GLN L 10 -68.38 0.65 19.31
N GLU L 11 -69.21 -0.30 19.74
CA GLU L 11 -69.24 -0.70 21.13
C GLU L 11 -68.12 -1.72 21.41
N HIS L 12 -68.07 -2.18 22.66
CA HIS L 12 -67.05 -3.14 23.05
C HIS L 12 -67.38 -4.53 22.51
N GLY L 13 -66.36 -5.22 22.02
CA GLY L 13 -66.50 -6.59 21.57
C GLY L 13 -66.98 -6.78 20.15
N THR L 14 -67.18 -5.70 19.39
CA THR L 14 -67.64 -5.84 18.02
C THR L 14 -66.53 -6.39 17.12
N PHE L 15 -66.94 -7.07 16.06
CA PHE L 15 -66.01 -7.76 15.18
C PHE L 15 -65.22 -6.76 14.33
N VAL L 16 -63.92 -6.98 14.24
CA VAL L 16 -63.05 -6.26 13.31
C VAL L 16 -62.48 -7.19 12.25
N GLY L 17 -61.83 -8.27 12.67
CA GLY L 17 -61.27 -9.17 11.66
C GLY L 17 -60.82 -10.49 12.25
N ASN L 18 -60.45 -11.40 11.36
CA ASN L 18 -59.90 -12.70 11.70
C ASN L 18 -58.48 -12.76 11.16
N ILE L 19 -57.49 -12.65 12.05
CA ILE L 19 -56.10 -12.61 11.63
C ILE L 19 -55.65 -13.96 11.09
N ALA L 20 -55.98 -15.03 11.82
CA ALA L 20 -55.49 -16.36 11.45
C ALA L 20 -56.15 -16.87 10.17
N GLU L 21 -57.45 -16.59 9.98
CA GLU L 21 -58.13 -17.03 8.77
C GLU L 21 -57.63 -16.26 7.55
N ASP L 22 -57.32 -14.98 7.72
CA ASP L 22 -56.82 -14.18 6.60
C ASP L 22 -55.38 -14.56 6.26
N LEU L 23 -54.58 -14.90 7.27
CA LEU L 23 -53.20 -15.30 7.03
C LEU L 23 -53.04 -16.77 6.69
N GLY L 24 -54.11 -17.55 6.76
CA GLY L 24 -54.05 -18.97 6.45
C GLY L 24 -53.54 -19.84 7.58
N LEU L 25 -53.23 -19.28 8.74
CA LEU L 25 -52.75 -20.06 9.86
C LEU L 25 -53.89 -20.84 10.50
N ASP L 26 -53.64 -22.10 10.83
CA ASP L 26 -54.67 -22.94 11.42
C ASP L 26 -54.90 -22.55 12.87
N ILE L 27 -56.18 -22.58 13.27
CA ILE L 27 -56.57 -22.11 14.60
C ILE L 27 -56.10 -23.08 15.68
N THR L 28 -56.18 -24.39 15.42
CA THR L 28 -56.02 -25.39 16.46
C THR L 28 -54.59 -25.53 16.98
N LYS L 29 -53.59 -24.97 16.28
CA LYS L 29 -52.23 -24.94 16.80
C LYS L 29 -51.77 -23.53 17.15
N LEU L 30 -52.70 -22.60 17.39
CA LEU L 30 -52.30 -21.24 17.76
C LEU L 30 -51.66 -21.21 19.15
N SER L 31 -52.12 -22.07 20.05
CA SER L 31 -51.50 -22.15 21.38
C SER L 31 -50.09 -22.72 21.30
N ALA L 32 -49.88 -23.73 20.45
CA ALA L 32 -48.53 -24.28 20.28
C ALA L 32 -47.63 -23.32 19.51
N ARG L 33 -48.20 -22.51 18.61
CA ARG L 33 -47.44 -21.53 17.86
C ARG L 33 -47.01 -20.33 18.70
N GLY L 34 -47.51 -20.21 19.93
CA GLY L 34 -47.21 -19.04 20.74
C GLY L 34 -47.79 -17.76 20.17
N PHE L 35 -49.03 -17.82 19.68
CA PHE L 35 -49.68 -16.63 19.14
C PHE L 35 -49.87 -15.58 20.24
N GLN L 36 -49.50 -14.35 19.92
CA GLN L 36 -49.56 -13.23 20.86
C GLN L 36 -49.35 -11.96 20.07
N THR L 37 -49.96 -10.87 20.53
CA THR L 37 -49.67 -9.56 19.96
C THR L 37 -48.28 -9.11 20.39
N VAL L 38 -47.63 -8.35 19.52
CA VAL L 38 -46.28 -7.84 19.82
C VAL L 38 -46.38 -6.79 20.93
N PRO L 39 -45.52 -6.85 21.94
CA PRO L 39 -45.59 -5.86 23.03
C PRO L 39 -45.34 -4.42 22.60
N ASN L 40 -44.71 -4.20 21.45
CA ASN L 40 -44.51 -2.83 20.98
C ASN L 40 -45.78 -2.26 20.37
N SER L 41 -46.28 -2.88 19.30
CA SER L 41 -47.48 -2.39 18.64
C SER L 41 -48.71 -2.84 19.43
N ARG L 42 -49.14 -1.98 20.36
CA ARG L 42 -50.36 -2.19 21.12
C ARG L 42 -51.20 -0.92 21.06
N THR L 43 -52.51 -1.09 20.96
CA THR L 43 -53.44 0.02 20.99
C THR L 43 -54.45 -0.16 22.12
N PRO L 44 -54.88 0.93 22.78
CA PRO L 44 -55.83 0.80 23.88
C PRO L 44 -57.27 0.59 23.43
N TYR L 45 -57.54 0.54 22.14
CA TYR L 45 -58.90 0.45 21.62
C TYR L 45 -59.23 -0.91 21.03
N LEU L 46 -58.22 -1.66 20.58
CA LEU L 46 -58.43 -2.94 19.91
C LEU L 46 -57.60 -4.02 20.58
N ASP L 47 -58.21 -5.19 20.81
CA ASP L 47 -57.50 -6.35 21.32
C ASP L 47 -57.81 -7.55 20.42
N LEU L 48 -57.39 -8.73 20.89
CA LEU L 48 -57.56 -9.95 20.11
C LEU L 48 -57.85 -11.11 21.06
N ASN L 49 -58.69 -12.02 20.58
CA ASN L 49 -58.95 -13.29 21.25
C ASN L 49 -57.95 -14.30 20.70
N LEU L 50 -57.17 -14.88 21.59
CA LEU L 50 -56.00 -15.66 21.17
C LEU L 50 -56.39 -17.08 20.77
N GLU L 51 -57.40 -17.64 21.46
CA GLU L 51 -57.85 -19.00 21.13
C GLU L 51 -58.50 -19.05 19.76
N THR L 52 -59.35 -18.07 19.44
CA THR L 52 -59.94 -17.96 18.12
C THR L 52 -59.11 -17.13 17.17
N GLY L 53 -58.15 -16.36 17.67
CA GLY L 53 -57.34 -15.50 16.83
C GLY L 53 -58.13 -14.41 16.14
N VAL L 54 -59.04 -13.77 16.85
CA VAL L 54 -59.99 -12.82 16.25
C VAL L 54 -59.72 -11.44 16.85
N LEU L 55 -59.44 -10.47 15.99
CA LEU L 55 -59.15 -9.11 16.44
C LEU L 55 -60.48 -8.35 16.55
N TYR L 56 -60.74 -7.80 17.73
CA TYR L 56 -61.98 -7.09 18.00
C TYR L 56 -61.75 -5.79 18.78
N VAL L 57 -62.84 -5.13 19.16
CA VAL L 57 -62.81 -3.83 19.81
C VAL L 57 -62.85 -4.05 21.32
N ASN L 58 -61.91 -3.42 22.03
CA ASN L 58 -61.93 -3.40 23.50
C ASN L 58 -62.60 -2.15 24.05
N GLU L 59 -62.06 -0.97 23.72
CA GLU L 59 -62.58 0.30 24.20
C GLU L 59 -63.33 1.01 23.09
N LYS L 60 -64.34 1.79 23.45
CA LYS L 60 -65.11 2.55 22.48
C LYS L 60 -64.21 3.55 21.77
N ILE L 61 -64.26 3.56 20.45
CA ILE L 61 -63.28 4.25 19.63
C ILE L 61 -63.67 5.72 19.53
N ASP L 62 -62.86 6.59 20.15
CA ASP L 62 -63.08 8.03 20.09
C ASP L 62 -62.37 8.57 18.85
N ARG L 63 -63.17 9.00 17.86
CA ARG L 63 -62.62 9.46 16.59
C ARG L 63 -61.86 10.77 16.76
N GLU L 64 -62.29 11.63 17.68
CA GLU L 64 -61.60 12.90 17.91
C GLU L 64 -60.30 12.71 18.66
N GLN L 65 -60.24 11.78 19.61
CA GLN L 65 -59.05 11.62 20.44
C GLN L 65 -57.90 10.98 19.68
N ILE L 66 -58.20 10.01 18.81
CA ILE L 66 -57.15 9.26 18.13
C ILE L 66 -56.57 9.98 16.92
N CYS L 67 -57.01 11.20 16.65
CA CYS L 67 -56.63 11.87 15.41
C CYS L 67 -56.74 13.38 15.53
N CYS L 73 -54.61 8.97 9.65
CA CYS L 73 -54.69 8.60 11.05
C CYS L 73 -55.48 7.29 11.26
N VAL L 74 -54.73 6.23 11.55
CA VAL L 74 -55.25 4.87 11.68
C VAL L 74 -54.63 4.24 12.91
N LEU L 75 -54.94 2.96 13.13
CA LEU L 75 -54.39 2.20 14.24
C LEU L 75 -53.51 1.07 13.71
N HIS L 76 -52.35 0.86 14.32
CA HIS L 76 -51.41 -0.16 13.91
C HIS L 76 -51.29 -1.23 14.99
N LEU L 77 -51.26 -2.49 14.58
CA LEU L 77 -51.09 -3.61 15.49
C LEU L 77 -50.14 -4.62 14.87
N GLU L 78 -49.44 -5.37 15.71
CA GLU L 78 -48.53 -6.41 15.26
C GLU L 78 -48.74 -7.67 16.09
N VAL L 79 -48.67 -8.82 15.43
CA VAL L 79 -48.80 -10.12 16.08
C VAL L 79 -47.60 -10.96 15.71
N PHE L 80 -47.27 -11.94 16.56
CA PHE L 80 -46.10 -12.77 16.33
C PHE L 80 -46.36 -14.19 16.83
N LEU L 81 -45.69 -15.15 16.17
CA LEU L 81 -45.80 -16.56 16.49
C LEU L 81 -44.43 -17.20 16.50
N GLU L 82 -44.30 -18.28 17.26
CA GLU L 82 -43.03 -18.97 17.45
C GLU L 82 -43.13 -20.40 16.93
N ASN L 83 -42.00 -20.89 16.39
CA ASN L 83 -41.85 -22.22 15.80
C ASN L 83 -42.91 -22.49 14.72
N PRO L 84 -42.81 -21.87 13.54
CA PRO L 84 -41.77 -20.96 13.06
C PRO L 84 -41.92 -19.52 13.56
N LEU L 85 -40.83 -18.76 13.58
CA LEU L 85 -40.84 -17.39 14.05
C LEU L 85 -41.40 -16.50 12.94
N GLU L 86 -42.62 -16.01 13.14
CA GLU L 86 -43.29 -15.19 12.14
C GLU L 86 -43.87 -13.94 12.79
N LEU L 87 -43.87 -12.84 12.02
CA LEU L 87 -44.36 -11.55 12.46
C LEU L 87 -45.31 -10.99 11.41
N PHE L 88 -46.46 -10.47 11.84
CA PHE L 88 -47.47 -9.98 10.92
C PHE L 88 -48.01 -8.65 11.44
N GLN L 89 -48.50 -7.83 10.50
CA GLN L 89 -48.89 -6.46 10.77
C GLN L 89 -50.29 -6.20 10.27
N VAL L 90 -51.08 -5.45 11.05
CA VAL L 90 -52.48 -5.18 10.74
C VAL L 90 -52.73 -3.69 10.93
N GLU L 91 -53.36 -3.06 9.94
CA GLU L 91 -53.70 -1.64 9.97
C GLU L 91 -55.21 -1.49 9.93
N ILE L 92 -55.76 -0.70 10.86
CA ILE L 92 -57.20 -0.57 11.02
C ILE L 92 -57.58 0.89 10.76
N GLU L 93 -58.47 1.10 9.79
CA GLU L 93 -59.07 2.40 9.52
C GLU L 93 -60.25 2.64 10.44
N VAL L 94 -60.41 3.89 10.87
CA VAL L 94 -61.57 4.34 11.62
C VAL L 94 -62.33 5.35 10.79
N LEU L 95 -63.61 5.09 10.55
CA LEU L 95 -64.44 6.00 9.76
C LEU L 95 -64.91 7.19 10.60
N ASP L 96 -65.57 8.12 9.92
CA ASP L 96 -66.14 9.31 10.55
C ASP L 96 -67.63 9.40 10.25
N PHE M 1 -15.99 -28.90 -13.54
CA PHE M 1 -14.70 -29.33 -14.05
C PHE M 1 -14.15 -28.35 -15.07
N GLU M 2 -12.86 -28.05 -14.97
CA GLU M 2 -12.18 -27.15 -15.89
C GLU M 2 -11.18 -27.96 -16.70
N HIS M 3 -11.33 -27.91 -18.02
CA HIS M 3 -10.44 -28.58 -18.95
C HIS M 3 -9.66 -27.53 -19.73
N ALA M 4 -8.33 -27.60 -19.67
CA ALA M 4 -7.46 -26.67 -20.38
C ALA M 4 -6.79 -27.41 -21.53
N THR M 5 -6.95 -26.90 -22.74
CA THR M 5 -6.42 -27.56 -23.92
C THR M 5 -5.99 -26.51 -24.93
N THR M 6 -5.55 -26.98 -26.10
CA THR M 6 -4.94 -26.13 -27.12
C THR M 6 -5.52 -26.48 -28.48
N VAL M 7 -6.08 -25.48 -29.16
CA VAL M 7 -6.78 -25.70 -30.43
C VAL M 7 -6.11 -24.93 -31.55
N PRO M 8 -5.89 -25.53 -32.72
CA PRO M 8 -5.38 -24.76 -33.86
C PRO M 8 -6.36 -23.70 -34.34
N ASN M 9 -5.80 -22.63 -34.89
CA ASN M 9 -6.56 -21.47 -35.35
C ASN M 9 -7.15 -21.64 -36.75
N VAL M 10 -7.17 -22.85 -37.28
CA VAL M 10 -7.73 -23.10 -38.61
C VAL M 10 -9.25 -22.98 -38.55
N PRO M 11 -9.86 -22.22 -39.47
CA PRO M 11 -11.32 -22.19 -39.54
C PRO M 11 -11.88 -23.55 -39.95
N GLY M 12 -13.04 -23.87 -39.39
CA GLY M 12 -13.53 -25.23 -39.54
C GLY M 12 -12.61 -26.20 -38.85
N ILE M 13 -12.50 -27.41 -39.42
CA ILE M 13 -11.59 -28.48 -39.00
C ILE M 13 -11.81 -28.79 -37.52
N PRO M 14 -12.85 -29.55 -37.18
CA PRO M 14 -13.18 -29.80 -35.77
C PRO M 14 -12.04 -30.44 -34.99
N TYR M 15 -11.90 -29.99 -33.73
CA TYR M 15 -10.84 -30.46 -32.85
C TYR M 15 -11.44 -31.34 -31.77
N LYS M 16 -10.89 -32.55 -31.63
CA LYS M 16 -11.36 -33.54 -30.68
C LYS M 16 -10.59 -33.46 -29.37
N ALA M 17 -11.27 -33.82 -28.28
CA ALA M 17 -10.63 -33.95 -26.98
C ALA M 17 -11.46 -34.90 -26.13
N LEU M 18 -10.82 -35.44 -25.09
CA LEU M 18 -11.48 -36.31 -24.13
C LEU M 18 -11.42 -35.68 -22.75
N VAL M 19 -12.55 -35.66 -22.06
CA VAL M 19 -12.66 -35.10 -20.73
C VAL M 19 -12.77 -36.28 -19.77
N GLU M 20 -11.67 -36.61 -19.10
CA GLU M 20 -11.62 -37.73 -18.17
C GLU M 20 -11.70 -37.18 -16.75
N ARG M 21 -12.76 -37.56 -16.04
CA ARG M 21 -12.92 -37.22 -14.63
C ARG M 21 -12.84 -38.49 -13.79
N ALA M 22 -12.25 -38.38 -12.62
CA ALA M 22 -12.12 -39.53 -11.73
C ALA M 22 -13.46 -39.95 -11.14
N GLY M 23 -14.42 -39.03 -11.04
CA GLY M 23 -15.72 -39.33 -10.51
C GLY M 23 -16.84 -39.46 -11.52
N TYR M 24 -16.54 -39.36 -12.81
CA TYR M 24 -17.56 -39.43 -13.85
C TYR M 24 -16.99 -40.14 -15.06
N ALA M 25 -17.82 -40.27 -16.09
CA ALA M 25 -17.41 -40.93 -17.32
C ALA M 25 -16.63 -39.98 -18.22
N PRO M 26 -15.74 -40.51 -19.07
CA PRO M 26 -15.11 -39.65 -20.08
C PRO M 26 -16.13 -39.08 -21.05
N LEU M 27 -15.89 -37.84 -21.46
CA LEU M 27 -16.81 -37.08 -22.28
C LEU M 27 -16.14 -36.63 -23.56
N ASN M 28 -16.86 -36.71 -24.67
CA ASN M 28 -16.38 -36.14 -25.92
C ASN M 28 -16.36 -34.62 -25.84
N LEU M 29 -15.29 -34.01 -26.36
CA LEU M 29 -15.16 -32.57 -26.42
C LEU M 29 -14.88 -32.17 -27.86
N GLU M 30 -15.75 -31.33 -28.41
CA GLU M 30 -15.59 -30.78 -29.74
C GLU M 30 -15.32 -29.28 -29.62
N ILE M 31 -14.29 -28.80 -30.32
CA ILE M 31 -14.04 -27.36 -30.41
C ILE M 31 -13.84 -27.04 -31.88
N THR M 32 -14.72 -26.20 -32.43
CA THR M 32 -14.60 -25.75 -33.81
C THR M 32 -14.49 -24.24 -33.85
N VAL M 33 -13.48 -23.75 -34.57
CA VAL M 33 -13.33 -22.33 -34.83
C VAL M 33 -14.17 -22.04 -36.07
N VAL M 34 -15.41 -21.59 -35.86
CA VAL M 34 -16.28 -21.32 -37.00
C VAL M 34 -15.86 -20.04 -37.72
N SER M 35 -15.33 -19.07 -36.98
CA SER M 35 -14.85 -17.83 -37.55
C SER M 35 -13.91 -17.15 -36.56
N SER M 36 -13.09 -16.26 -37.09
CA SER M 36 -12.21 -15.42 -36.29
C SER M 36 -12.16 -14.04 -36.94
N GLU M 37 -11.68 -13.06 -36.17
CA GLU M 37 -11.48 -11.72 -36.72
C GLU M 37 -10.32 -11.07 -35.97
N LEU M 38 -9.41 -10.46 -36.73
CA LEU M 38 -8.26 -9.77 -36.15
C LEU M 38 -8.47 -8.28 -36.37
N THR M 39 -9.09 -7.61 -35.40
CA THR M 39 -9.47 -6.21 -35.55
C THR M 39 -8.41 -5.33 -34.93
N PRO M 40 -7.69 -4.53 -35.71
CA PRO M 40 -6.71 -3.61 -35.13
C PRO M 40 -7.37 -2.35 -34.59
N SER M 41 -6.66 -1.71 -33.66
CA SER M 41 -7.07 -0.42 -33.13
C SER M 41 -6.43 0.65 -34.01
N THR M 42 -7.26 1.35 -34.78
CA THR M 42 -6.79 2.27 -35.80
C THR M 42 -7.23 3.69 -35.51
N ASN M 43 -6.48 4.65 -36.03
CA ASN M 43 -6.79 6.06 -35.94
C ASN M 43 -6.64 6.70 -37.31
N LYS M 44 -7.43 7.75 -37.57
CA LYS M 44 -7.41 8.43 -38.85
C LYS M 44 -6.34 9.51 -38.85
N GLU M 45 -5.31 9.33 -39.67
CA GLU M 45 -4.26 10.35 -39.77
C GLU M 45 -4.72 11.52 -40.63
N TYR M 46 -5.15 11.24 -41.86
CA TYR M 46 -5.80 12.22 -42.72
C TYR M 46 -6.60 11.50 -43.79
N VAL M 47 -7.20 12.29 -44.68
CA VAL M 47 -7.91 11.79 -45.85
C VAL M 47 -7.45 12.60 -47.06
N THR M 48 -7.25 11.92 -48.18
CA THR M 48 -6.74 12.56 -49.39
C THR M 48 -7.55 12.10 -50.60
N CYS M 49 -7.50 12.90 -51.66
CA CYS M 49 -8.16 12.60 -52.92
C CYS M 49 -7.57 13.52 -53.99
N LYS M 50 -8.15 13.48 -55.19
CA LYS M 50 -7.70 14.38 -56.25
C LYS M 50 -8.13 15.80 -55.95
N PHE M 51 -7.24 16.75 -56.22
CA PHE M 51 -7.54 18.14 -55.95
C PHE M 51 -8.31 18.77 -57.11
N HIS M 52 -8.64 20.06 -56.96
CA HIS M 52 -9.46 20.78 -57.93
C HIS M 52 -8.70 21.88 -58.64
N THR M 53 -7.61 22.39 -58.04
CA THR M 53 -6.78 23.51 -58.49
C THR M 53 -7.62 24.65 -59.10
N VAL M 54 -8.64 25.05 -58.35
CA VAL M 54 -9.50 26.16 -58.76
C VAL M 54 -8.68 27.45 -58.77
N VAL M 55 -8.95 28.30 -59.76
CA VAL M 55 -8.21 29.53 -59.96
C VAL M 55 -9.21 30.68 -59.96
N PRO M 56 -9.09 31.65 -59.06
CA PRO M 56 -10.02 32.79 -59.06
C PRO M 56 -9.70 33.76 -60.20
N SER M 57 -10.58 34.74 -60.34
CA SER M 57 -10.42 35.75 -61.38
C SER M 57 -9.23 36.65 -61.06
N PRO M 58 -8.42 37.02 -62.07
CA PRO M 58 -7.28 37.88 -61.82
C PRO M 58 -7.70 39.30 -61.45
N GLN M 59 -6.86 39.95 -60.65
CA GLN M 59 -7.16 41.30 -60.14
C GLN M 59 -6.27 42.30 -60.85
N VAL M 60 -6.87 43.19 -61.65
CA VAL M 60 -6.11 44.08 -62.52
C VAL M 60 -6.30 45.51 -62.04
N LYS M 61 -5.18 46.21 -61.82
CA LYS M 61 -5.19 47.63 -61.46
C LYS M 61 -4.16 48.37 -62.31
N CYS M 62 -4.53 49.56 -62.77
CA CYS M 62 -3.85 50.21 -63.89
C CYS M 62 -3.36 51.59 -63.47
N CYS M 63 -2.08 51.86 -63.76
CA CYS M 63 -1.25 52.76 -62.93
C CYS M 63 -1.47 52.51 -61.44
N GLY M 64 -1.16 51.30 -61.02
CA GLY M 64 -1.10 50.98 -59.61
C GLY M 64 -0.49 49.60 -59.43
N SER M 65 0.40 49.51 -58.45
CA SER M 65 1.08 48.26 -58.14
C SER M 65 0.55 47.73 -56.81
N LEU M 66 0.07 46.49 -56.83
CA LEU M 66 -0.55 45.89 -55.67
C LEU M 66 0.12 44.57 -55.33
N GLU M 67 0.25 44.31 -54.03
CA GLU M 67 0.77 43.06 -53.52
C GLU M 67 -0.35 42.28 -52.85
N CYS M 68 -0.16 40.96 -52.74
CA CYS M 68 -1.15 40.09 -52.14
C CYS M 68 -0.62 39.55 -50.82
N LYS M 69 -1.49 39.50 -49.82
CA LYS M 69 -1.14 39.02 -48.50
C LYS M 69 -1.27 37.50 -48.42
N ALA M 70 -0.92 36.95 -47.27
CA ALA M 70 -0.98 35.51 -47.07
C ALA M 70 -2.43 35.05 -46.94
N SER M 71 -2.64 33.75 -47.16
CA SER M 71 -3.96 33.16 -47.03
C SER M 71 -3.82 31.76 -46.43
N SER M 72 -4.90 31.30 -45.80
CA SER M 72 -4.91 30.00 -45.15
C SER M 72 -5.33 28.86 -46.08
N LYS M 73 -5.60 29.16 -47.35
CA LYS M 73 -6.01 28.14 -48.30
C LYS M 73 -4.83 27.27 -48.71
N ALA M 74 -5.12 26.03 -49.07
CA ALA M 74 -4.08 25.09 -49.47
C ALA M 74 -3.49 25.49 -50.81
N ASP M 75 -2.15 25.41 -50.91
CA ASP M 75 -1.41 25.81 -52.10
C ASP M 75 -1.73 27.25 -52.53
N TYR M 76 -1.66 28.18 -51.59
CA TYR M 76 -1.92 29.57 -51.92
C TYR M 76 -0.72 30.12 -52.68
N THR M 77 -0.73 29.95 -54.01
CA THR M 77 0.32 30.45 -54.87
C THR M 77 -0.18 31.73 -55.53
N CYS M 78 0.56 32.81 -55.33
CA CYS M 78 0.11 34.13 -55.74
C CYS M 78 1.23 34.85 -56.47
N ARG M 79 0.93 35.42 -57.63
CA ARG M 79 1.95 36.08 -58.42
C ARG M 79 1.47 37.44 -58.91
N VAL M 80 2.43 38.35 -59.08
CA VAL M 80 2.17 39.72 -59.49
C VAL M 80 2.90 39.95 -60.81
N PHE M 81 2.16 40.41 -61.83
CA PHE M 81 2.74 40.70 -63.14
C PHE M 81 2.55 42.17 -63.45
N GLY M 82 3.64 42.84 -63.84
CA GLY M 82 3.59 44.22 -64.26
C GLY M 82 3.80 44.37 -65.75
N GLY M 83 3.40 45.51 -66.31
CA GLY M 83 3.55 45.74 -67.73
C GLY M 83 2.61 44.94 -68.60
N VAL M 84 1.50 44.46 -68.04
CA VAL M 84 0.53 43.67 -68.76
C VAL M 84 -0.46 44.62 -69.42
N TYR M 85 -1.08 44.17 -70.51
CA TYR M 85 -2.12 44.94 -71.20
C TYR M 85 -3.32 44.02 -71.39
N PRO M 86 -4.16 43.88 -70.36
CA PRO M 86 -5.28 42.93 -70.43
C PRO M 86 -6.31 43.33 -71.47
N PHE M 87 -6.94 42.32 -72.08
CA PHE M 87 -7.77 42.53 -73.27
C PHE M 87 -8.84 41.43 -73.32
N MET M 88 -10.05 41.76 -72.88
CA MET M 88 -11.19 40.89 -73.07
C MET M 88 -11.90 41.24 -74.37
N TRP M 89 -13.13 40.76 -74.52
CA TRP M 89 -13.92 41.08 -75.69
C TRP M 89 -14.35 42.55 -75.67
N GLY M 90 -14.54 43.12 -76.85
CA GLY M 90 -14.90 44.52 -76.97
C GLY M 90 -13.71 45.44 -77.16
N GLY M 91 -12.77 45.43 -76.22
CA GLY M 91 -11.63 46.32 -76.32
C GLY M 91 -10.66 46.09 -75.18
N ALA M 92 -9.70 47.01 -75.07
CA ALA M 92 -8.72 46.95 -74.00
C ALA M 92 -9.38 47.16 -72.65
N GLN M 93 -8.93 46.40 -71.66
CA GLN M 93 -9.63 46.39 -70.37
C GLN M 93 -9.37 47.65 -69.55
N CYS M 94 -8.22 48.29 -69.72
CA CYS M 94 -8.01 49.53 -68.97
C CYS M 94 -7.08 50.44 -69.76
N PHE M 95 -6.62 51.46 -69.04
CA PHE M 95 -5.73 52.52 -69.48
C PHE M 95 -4.34 52.31 -68.88
N CYS M 96 -3.44 53.28 -69.07
CA CYS M 96 -2.03 53.21 -68.67
C CYS M 96 -1.33 52.01 -69.33
N ASP M 97 -1.17 52.11 -70.66
CA ASP M 97 -0.75 50.98 -71.48
C ASP M 97 0.59 50.37 -71.04
N SER M 98 1.49 51.18 -70.49
CA SER M 98 2.80 50.67 -70.10
C SER M 98 2.85 50.18 -68.66
N GLU M 99 1.99 50.69 -67.79
CA GLU M 99 2.04 50.42 -66.36
C GLU M 99 0.71 49.82 -65.91
N ASN M 100 0.71 48.52 -65.63
CA ASN M 100 -0.45 47.83 -65.08
C ASN M 100 0.02 46.88 -63.99
N THR M 101 -0.93 46.14 -63.42
CA THR M 101 -0.64 45.07 -62.48
C THR M 101 -1.76 44.06 -62.55
N GLN M 102 -1.42 42.83 -62.94
CA GLN M 102 -2.34 41.70 -62.87
C GLN M 102 -1.92 40.80 -61.72
N LEU M 103 -2.87 40.49 -60.85
CA LEU M 103 -2.66 39.62 -59.70
C LEU M 103 -3.30 38.27 -60.02
N SER M 104 -2.48 37.22 -60.04
CA SER M 104 -2.95 35.88 -60.33
C SER M 104 -2.92 35.04 -59.05
N GLU M 105 -4.01 34.32 -58.82
CA GLU M 105 -4.25 33.59 -57.60
C GLU M 105 -4.47 32.12 -57.93
N ALA M 106 -3.94 31.23 -57.08
CA ALA M 106 -4.14 29.80 -57.26
C ALA M 106 -4.21 29.17 -55.89
N TYR M 107 -5.15 28.24 -55.71
CA TYR M 107 -5.26 27.46 -54.48
C TYR M 107 -6.06 26.21 -54.79
N VAL M 108 -5.68 25.10 -54.18
CA VAL M 108 -6.31 23.82 -54.47
C VAL M 108 -7.45 23.57 -53.49
N GLU M 109 -8.33 22.64 -53.87
CA GLU M 109 -9.48 22.27 -53.08
C GLU M 109 -9.83 20.84 -53.47
N PHE M 110 -10.59 20.15 -52.61
CA PHE M 110 -11.03 18.80 -52.95
C PHE M 110 -11.95 18.81 -54.16
N ALA M 111 -11.80 17.79 -55.00
CA ALA M 111 -12.65 17.64 -56.17
C ALA M 111 -14.09 17.36 -55.73
N PRO M 112 -15.09 17.75 -56.53
CA PRO M 112 -16.48 17.51 -56.12
C PRO M 112 -16.82 16.04 -55.94
N ASP M 113 -16.25 15.15 -56.75
CA ASP M 113 -16.49 13.72 -56.60
C ASP M 113 -15.42 13.07 -55.74
N CYS M 114 -15.17 13.64 -54.55
CA CYS M 114 -14.27 13.06 -53.58
C CYS M 114 -14.98 12.38 -52.43
N THR M 115 -16.32 12.47 -52.39
CA THR M 115 -17.08 11.75 -51.37
C THR M 115 -17.00 10.24 -51.58
N ILE M 116 -16.87 9.80 -52.82
CA ILE M 116 -16.73 8.38 -53.12
C ILE M 116 -15.26 7.99 -53.25
N ASP M 117 -14.54 8.65 -54.15
CA ASP M 117 -13.15 8.31 -54.47
C ASP M 117 -12.26 9.10 -53.51
N HIS M 118 -11.92 8.48 -52.39
CA HIS M 118 -11.02 9.10 -51.44
C HIS M 118 -10.29 8.01 -50.67
N ALA M 119 -9.04 8.30 -50.31
CA ALA M 119 -8.19 7.37 -49.58
C ALA M 119 -7.95 7.91 -48.18
N VAL M 120 -8.24 7.08 -47.18
CA VAL M 120 -8.09 7.45 -45.78
C VAL M 120 -6.83 6.77 -45.26
N ALA M 121 -5.95 7.55 -44.62
CA ALA M 121 -4.68 7.04 -44.11
C ALA M 121 -4.84 6.70 -42.64
N LEU M 122 -4.55 5.44 -42.30
CA LEU M 122 -4.77 4.92 -40.96
C LEU M 122 -3.43 4.47 -40.37
N LYS M 123 -3.29 4.68 -39.06
CA LYS M 123 -2.17 4.12 -38.30
C LYS M 123 -2.65 2.91 -37.52
N VAL M 124 -1.99 1.77 -37.72
CA VAL M 124 -2.41 0.49 -37.17
C VAL M 124 -1.58 0.18 -35.94
N HIS M 125 -2.26 -0.12 -34.84
CA HIS M 125 -1.66 -0.56 -33.59
C HIS M 125 -1.93 -2.05 -33.42
N THR M 126 -1.61 -2.57 -32.24
CA THR M 126 -1.74 -4.00 -31.98
C THR M 126 -3.19 -4.46 -32.09
N ALA M 127 -3.38 -5.70 -32.56
CA ALA M 127 -4.68 -6.25 -32.85
C ALA M 127 -4.97 -7.43 -31.93
N ALA M 128 -6.20 -7.48 -31.42
CA ALA M 128 -6.66 -8.56 -30.56
C ALA M 128 -7.69 -9.39 -31.31
N LEU M 129 -7.45 -10.70 -31.39
CA LEU M 129 -8.33 -11.57 -32.14
C LEU M 129 -9.59 -11.88 -31.33
N LYS M 130 -10.73 -11.92 -32.02
CA LYS M 130 -11.99 -12.37 -31.45
C LYS M 130 -12.42 -13.62 -32.21
N VAL M 131 -12.59 -14.72 -31.48
CA VAL M 131 -12.79 -16.03 -32.08
C VAL M 131 -14.24 -16.46 -31.87
N GLY M 132 -14.84 -17.03 -32.93
CA GLY M 132 -16.14 -17.66 -32.82
C GLY M 132 -15.98 -19.16 -32.67
N LEU M 133 -16.47 -19.68 -31.54
CA LEU M 133 -16.28 -21.07 -31.17
C LEU M 133 -17.61 -21.79 -31.10
N ARG M 134 -17.58 -23.08 -31.44
CA ARG M 134 -18.72 -23.96 -31.27
C ARG M 134 -18.26 -25.23 -30.55
N ILE M 135 -19.00 -25.62 -29.52
CA ILE M 135 -18.66 -26.75 -28.67
C ILE M 135 -19.82 -27.73 -28.67
N VAL M 136 -19.52 -29.01 -28.96
CA VAL M 136 -20.56 -30.01 -29.15
C VAL M 136 -20.35 -31.05 -28.05
N TYR M 137 -19.98 -30.58 -26.86
CA TYR M 137 -19.80 -31.48 -25.73
C TYR M 137 -21.13 -32.10 -25.29
N GLY M 138 -21.14 -33.41 -25.12
CA GLY M 138 -22.24 -34.17 -24.52
C GLY M 138 -23.64 -33.90 -25.05
N ASN M 139 -23.80 -33.90 -26.38
CA ASN M 139 -24.98 -33.48 -27.11
C ASN M 139 -25.44 -32.06 -26.79
N THR M 140 -24.56 -31.20 -26.28
CA THR M 140 -24.90 -29.80 -26.03
C THR M 140 -24.02 -28.93 -26.91
N THR M 141 -24.63 -28.26 -27.88
CA THR M 141 -23.92 -27.45 -28.86
C THR M 141 -24.10 -25.99 -28.50
N ALA M 142 -23.01 -25.36 -28.06
CA ALA M 142 -22.99 -23.96 -27.68
C ALA M 142 -22.15 -23.18 -28.68
N ARG M 143 -22.73 -22.10 -29.20
CA ARG M 143 -22.06 -21.18 -30.10
C ARG M 143 -21.76 -19.89 -29.33
N LEU M 144 -20.52 -19.42 -29.42
CA LEU M 144 -20.10 -18.28 -28.62
C LEU M 144 -19.06 -17.47 -29.38
N ASP M 145 -18.89 -16.22 -28.95
CA ASP M 145 -17.83 -15.35 -29.45
C ASP M 145 -17.05 -14.85 -28.25
N THR M 146 -15.73 -15.07 -28.26
CA THR M 146 -14.91 -14.68 -27.11
C THR M 146 -13.62 -14.05 -27.58
N PHE M 147 -13.07 -13.17 -26.74
CA PHE M 147 -11.85 -12.45 -27.05
C PHE M 147 -10.63 -13.26 -26.61
N VAL M 148 -9.60 -13.25 -27.45
CA VAL M 148 -8.36 -13.96 -27.17
C VAL M 148 -7.48 -12.99 -26.37
N ASN M 149 -7.69 -12.99 -25.05
CA ASN M 149 -6.89 -12.17 -24.15
C ASN M 149 -6.51 -12.87 -22.85
N GLY M 150 -7.17 -13.97 -22.49
CA GLY M 150 -6.86 -14.70 -21.28
C GLY M 150 -7.54 -14.21 -20.02
N VAL M 151 -8.34 -13.16 -20.10
CA VAL M 151 -8.94 -12.58 -18.90
C VAL M 151 -10.46 -12.48 -19.05
N THR M 152 -10.97 -12.63 -20.27
CA THR M 152 -12.39 -12.40 -20.55
C THR M 152 -13.15 -13.72 -20.43
N PRO M 153 -14.09 -13.84 -19.49
CA PRO M 153 -14.93 -15.05 -19.41
C PRO M 153 -16.22 -14.90 -20.22
N GLY M 154 -16.10 -14.94 -21.54
CA GLY M 154 -17.24 -14.76 -22.41
C GLY M 154 -17.74 -16.04 -23.06
N SER M 155 -18.89 -16.52 -22.62
CA SER M 155 -19.47 -17.75 -23.16
C SER M 155 -20.98 -17.75 -22.91
N SER M 156 -21.67 -18.60 -23.65
CA SER M 156 -23.12 -18.70 -23.56
C SER M 156 -23.53 -19.87 -22.67
N ARG M 157 -24.80 -19.86 -22.29
CA ARG M 157 -25.45 -20.85 -21.41
C ARG M 157 -24.69 -20.89 -20.08
N ASP M 158 -24.64 -22.06 -19.43
CA ASP M 158 -23.86 -22.21 -18.21
C ASP M 158 -22.39 -22.48 -18.50
N LEU M 159 -22.05 -22.79 -19.76
CA LEU M 159 -20.68 -22.99 -20.17
C LEU M 159 -19.87 -21.71 -20.00
N LYS M 160 -18.60 -21.87 -19.66
CA LYS M 160 -17.68 -20.76 -19.48
C LYS M 160 -16.40 -21.07 -20.24
N VAL M 161 -15.97 -20.14 -21.09
CA VAL M 161 -14.81 -20.33 -21.95
C VAL M 161 -13.88 -19.14 -21.80
N ILE M 162 -12.62 -19.40 -21.49
CA ILE M 162 -11.58 -18.38 -21.45
C ILE M 162 -10.50 -18.75 -22.45
N ALA M 163 -10.32 -17.93 -23.46
CA ALA M 163 -9.28 -18.14 -24.47
C ALA M 163 -8.03 -17.40 -24.01
N GLY M 164 -6.97 -18.16 -23.71
CA GLY M 164 -5.73 -17.59 -23.25
C GLY M 164 -5.02 -16.83 -24.35
N PRO M 165 -3.93 -16.14 -24.00
CA PRO M 165 -3.21 -15.33 -25.00
C PRO M 165 -2.65 -16.18 -26.13
N ILE M 166 -2.67 -15.61 -27.33
CA ILE M 166 -2.29 -16.34 -28.53
C ILE M 166 -0.79 -16.67 -28.50
N SER M 167 -0.42 -17.77 -29.16
CA SER M 167 0.97 -18.20 -29.17
C SER M 167 1.88 -17.18 -29.84
N ALA M 168 1.44 -16.61 -30.96
CA ALA M 168 2.19 -15.56 -31.64
C ALA M 168 1.23 -14.80 -32.55
N ALA M 169 1.39 -13.48 -32.60
CA ALA M 169 0.61 -12.62 -33.46
C ALA M 169 1.52 -12.00 -34.51
N PHE M 170 1.03 -11.86 -35.74
CA PHE M 170 1.88 -11.43 -36.84
C PHE M 170 1.53 -10.06 -37.39
N SER M 171 0.31 -9.55 -37.10
CA SER M 171 -0.16 -8.23 -37.49
C SER M 171 -0.07 -8.00 -39.00
N PRO M 172 -1.01 -8.54 -39.78
CA PRO M 172 -0.94 -8.42 -41.25
C PRO M 172 -0.91 -6.98 -41.74
N PHE M 173 -1.56 -6.07 -41.04
CA PHE M 173 -1.48 -4.66 -41.37
C PHE M 173 -0.15 -4.09 -40.88
N ASP M 174 0.51 -3.33 -41.75
CA ASP M 174 1.70 -2.60 -41.34
C ASP M 174 1.24 -1.42 -40.48
N HIS M 175 2.20 -0.75 -39.84
CA HIS M 175 1.88 0.37 -38.94
C HIS M 175 1.17 1.51 -39.67
N LYS M 176 1.33 1.62 -40.99
CA LYS M 176 0.63 2.60 -41.80
C LYS M 176 -0.10 1.89 -42.93
N VAL M 177 -1.41 2.13 -43.04
CA VAL M 177 -2.21 1.56 -44.12
C VAL M 177 -3.03 2.65 -44.77
N VAL M 178 -3.50 2.37 -45.99
CA VAL M 178 -4.33 3.27 -46.77
C VAL M 178 -5.56 2.51 -47.23
N ILE M 179 -6.74 3.08 -46.98
CA ILE M 179 -8.02 2.44 -47.31
C ILE M 179 -8.71 3.28 -48.38
N ARG M 180 -9.03 2.65 -49.51
CA ARG M 180 -9.73 3.32 -50.60
C ARG M 180 -10.75 2.37 -51.21
N LYS M 181 -12.03 2.73 -51.11
CA LYS M 181 -13.14 2.01 -51.75
C LYS M 181 -13.17 0.54 -51.35
N GLY M 182 -12.90 0.26 -50.09
CA GLY M 182 -12.89 -1.10 -49.60
C GLY M 182 -11.60 -1.86 -49.84
N LEU M 183 -10.55 -1.20 -50.34
CA LEU M 183 -9.27 -1.83 -50.62
C LEU M 183 -8.23 -1.31 -49.63
N VAL M 184 -7.42 -2.22 -49.11
CA VAL M 184 -6.46 -1.92 -48.06
C VAL M 184 -5.05 -2.12 -48.60
N TYR M 185 -4.19 -1.13 -48.37
CA TYR M 185 -2.82 -1.16 -48.86
C TYR M 185 -1.87 -0.90 -47.70
N ASN M 186 -0.78 -1.67 -47.63
CA ASN M 186 0.27 -1.44 -46.64
C ASN M 186 1.26 -0.43 -47.22
N TYR M 187 0.84 0.83 -47.23
CA TYR M 187 1.60 1.91 -47.84
C TYR M 187 2.10 2.86 -46.76
N ASP M 188 3.39 3.16 -46.81
CA ASP M 188 4.02 4.10 -45.88
C ASP M 188 3.71 5.51 -46.35
N PHE M 189 2.51 6.00 -45.99
CA PHE M 189 2.14 7.34 -46.41
C PHE M 189 2.93 8.39 -45.61
N PRO M 190 3.18 9.56 -46.18
CA PRO M 190 3.83 10.63 -45.42
C PRO M 190 2.95 11.17 -44.31
N GLU M 191 3.60 11.72 -43.30
CA GLU M 191 2.91 12.23 -42.12
C GLU M 191 2.12 13.50 -42.46
N TYR M 192 1.35 13.97 -41.48
CA TYR M 192 0.62 15.21 -41.65
C TYR M 192 1.60 16.38 -41.67
N GLY M 193 1.48 17.23 -42.68
CA GLY M 193 2.46 18.26 -42.94
C GLY M 193 3.55 17.86 -43.90
N ALA M 194 4.13 16.67 -43.71
CA ALA M 194 5.10 16.11 -44.65
C ALA M 194 4.36 15.79 -45.94
N MET M 195 4.67 16.53 -47.00
CA MET M 195 3.82 16.52 -48.20
C MET M 195 4.70 16.62 -49.44
N ASN M 196 5.07 15.48 -50.00
CA ASN M 196 5.82 15.53 -51.25
C ASN M 196 4.90 15.89 -52.42
N PRO M 197 5.39 16.68 -53.38
CA PRO M 197 4.55 17.02 -54.54
C PRO M 197 4.57 15.90 -55.57
N GLY M 198 3.42 15.69 -56.21
CA GLY M 198 3.33 14.69 -57.26
C GLY M 198 3.26 13.26 -56.78
N ALA M 199 3.04 13.04 -55.48
CA ALA M 199 2.94 11.71 -54.93
C ALA M 199 1.84 11.71 -53.87
N PHE M 200 1.72 10.58 -53.15
CA PHE M 200 0.59 10.38 -52.26
C PHE M 200 0.63 11.36 -51.09
N GLY M 201 -0.56 11.78 -50.66
CA GLY M 201 -0.65 12.76 -49.60
C GLY M 201 -0.28 14.17 -50.01
N ASP M 202 -0.43 14.49 -51.31
CA ASP M 202 -0.13 15.83 -51.80
C ASP M 202 -1.10 16.87 -51.24
N ILE M 203 -2.38 16.50 -51.08
CA ILE M 203 -3.37 17.31 -50.40
C ILE M 203 -3.91 16.49 -49.23
N GLN M 204 -4.08 17.13 -48.07
CA GLN M 204 -4.50 16.47 -46.86
C GLN M 204 -5.50 17.32 -46.09
N ALA M 205 -6.33 16.66 -45.29
CA ALA M 205 -7.21 17.29 -44.33
C ALA M 205 -7.60 16.27 -43.28
N SER M 206 -8.03 16.75 -42.12
CA SER M 206 -8.46 15.85 -41.05
C SER M 206 -9.75 15.13 -41.41
N SER M 207 -10.65 15.80 -42.13
CA SER M 207 -11.88 15.19 -42.58
C SER M 207 -12.18 15.68 -44.00
N LEU M 208 -13.17 15.03 -44.62
CA LEU M 208 -13.55 15.39 -45.98
C LEU M 208 -14.14 16.79 -46.07
N ASP M 209 -15.00 17.15 -45.13
CA ASP M 209 -15.66 18.45 -45.12
C ASP M 209 -14.92 19.49 -44.28
N ALA M 210 -13.76 19.14 -43.74
CA ALA M 210 -13.00 20.07 -42.91
C ALA M 210 -12.45 21.22 -43.75
N THR M 211 -12.55 22.44 -43.22
CA THR M 211 -12.03 23.61 -43.90
C THR M 211 -10.54 23.77 -43.74
N ASP M 212 -9.90 23.04 -42.82
CA ASP M 212 -8.45 23.08 -42.65
C ASP M 212 -7.87 22.11 -43.66
N ILE M 213 -7.71 22.58 -44.89
CA ILE M 213 -7.15 21.79 -45.97
C ILE M 213 -5.74 22.30 -46.24
N VAL M 214 -4.77 21.38 -46.28
CA VAL M 214 -3.36 21.72 -46.44
C VAL M 214 -2.83 20.98 -47.66
N ALA M 215 -1.89 21.60 -48.38
CA ALA M 215 -1.31 20.99 -49.56
C ALA M 215 0.02 21.67 -49.88
N ARG M 216 0.91 20.93 -50.54
CA ARG M 216 2.14 21.51 -51.07
C ARG M 216 2.36 20.91 -52.47
N THR M 217 1.36 21.05 -53.34
CA THR M 217 1.56 20.75 -54.75
C THR M 217 2.20 21.95 -55.44
N ASP M 218 3.16 21.66 -56.32
CA ASP M 218 3.98 22.71 -56.94
C ASP M 218 3.16 23.40 -58.01
N ILE M 219 2.59 24.56 -57.66
CA ILE M 219 1.91 25.42 -58.62
C ILE M 219 2.83 26.59 -58.93
N ARG M 220 3.09 26.83 -60.21
CA ARG M 220 3.91 27.94 -60.67
C ARG M 220 3.08 28.79 -61.62
N LEU M 221 2.84 30.04 -61.25
CA LEU M 221 2.09 30.96 -62.10
C LEU M 221 3.04 31.67 -63.04
N LEU M 222 2.64 31.79 -64.30
CA LEU M 222 3.49 32.33 -65.35
C LEU M 222 2.91 33.63 -65.89
N LYS M 223 3.79 34.45 -66.44
CA LYS M 223 3.38 35.69 -67.07
C LYS M 223 2.58 35.37 -68.33
N PRO M 224 1.43 36.02 -68.54
CA PRO M 224 0.62 35.73 -69.74
C PRO M 224 1.32 36.23 -71.00
N SER M 225 1.55 35.30 -71.94
CA SER M 225 2.22 35.62 -73.19
C SER M 225 1.28 36.07 -74.29
N VAL M 226 -0.03 36.00 -74.08
CA VAL M 226 -1.01 36.40 -75.07
C VAL M 226 -1.78 37.60 -74.51
N LYS M 227 -2.18 38.49 -75.42
CA LYS M 227 -2.87 39.73 -75.02
C LYS M 227 -4.36 39.45 -74.81
N ASN M 228 -4.62 38.66 -73.76
CA ASN M 228 -5.94 38.37 -73.25
C ASN M 228 -5.83 38.22 -71.74
N ILE M 229 -6.94 37.89 -71.08
CA ILE M 229 -6.93 37.63 -69.65
C ILE M 229 -7.10 36.14 -69.42
N HIS M 230 -6.28 35.58 -68.53
CA HIS M 230 -6.28 34.19 -68.10
C HIS M 230 -5.20 34.08 -67.05
N VAL M 231 -5.19 32.95 -66.34
CA VAL M 231 -4.12 32.67 -65.39
C VAL M 231 -3.38 31.43 -65.85
N PRO M 232 -2.28 31.58 -66.59
CA PRO M 232 -1.50 30.40 -66.97
C PRO M 232 -0.72 29.86 -65.77
N TYR M 233 -0.77 28.54 -65.59
CA TYR M 233 -0.12 27.94 -64.44
C TYR M 233 0.33 26.53 -64.81
N THR M 234 1.48 26.15 -64.29
CA THR M 234 1.99 24.80 -64.37
C THR M 234 1.88 24.13 -63.01
N GLN M 235 1.37 22.91 -62.99
CA GLN M 235 1.14 22.22 -61.73
C GLN M 235 1.70 20.81 -61.81
N ALA M 236 2.11 20.29 -60.66
CA ALA M 236 2.52 18.91 -60.57
C ALA M 236 1.31 18.00 -60.79
N VAL M 237 1.59 16.81 -61.33
CA VAL M 237 0.54 15.82 -61.55
C VAL M 237 -0.04 15.39 -60.21
N SER M 238 -1.35 15.10 -60.21
CA SER M 238 -2.04 14.74 -58.98
C SER M 238 -1.48 13.44 -58.41
N GLY M 239 -0.93 13.52 -57.20
CA GLY M 239 -0.30 12.37 -56.57
C GLY M 239 -1.26 11.26 -56.22
N TYR M 240 -2.54 11.59 -56.00
CA TYR M 240 -3.55 10.55 -55.84
C TYR M 240 -3.70 9.73 -57.11
N GLU M 241 -3.68 10.40 -58.27
CA GLU M 241 -3.77 9.68 -59.54
C GLU M 241 -2.53 8.83 -59.79
N MET M 242 -1.35 9.35 -59.43
CA MET M 242 -0.13 8.57 -59.58
C MET M 242 -0.10 7.38 -58.64
N TRP M 243 -0.65 7.53 -57.43
CA TRP M 243 -0.73 6.39 -56.51
C TRP M 243 -1.74 5.36 -57.01
N LYS M 244 -2.87 5.82 -57.57
CA LYS M 244 -3.84 4.90 -58.15
C LYS M 244 -3.27 4.18 -59.36
N ASN M 245 -2.38 4.84 -60.11
CA ASN M 245 -1.71 4.18 -61.22
C ASN M 245 -0.79 3.06 -60.73
N ASN M 246 -0.11 3.29 -59.61
CA ASN M 246 0.88 2.34 -59.11
C ASN M 246 0.55 1.88 -57.69
N SER M 247 -0.71 1.51 -57.46
CA SER M 247 -1.14 1.07 -56.13
C SER M 247 -0.70 -0.34 -55.81
N GLY M 248 -0.18 -1.09 -56.78
CA GLY M 248 0.14 -2.48 -56.51
C GLY M 248 -1.13 -3.29 -56.35
N ARG M 249 -1.06 -4.30 -55.49
CA ARG M 249 -2.26 -5.08 -55.23
C ARG M 249 -2.77 -4.81 -53.82
N PRO M 250 -4.08 -4.87 -53.61
CA PRO M 250 -4.63 -4.68 -52.26
C PRO M 250 -4.24 -5.83 -51.34
N LEU M 251 -4.42 -5.59 -50.05
CA LEU M 251 -4.06 -6.58 -49.03
C LEU M 251 -4.95 -7.82 -49.09
N GLN M 252 -6.12 -7.73 -49.73
CA GLN M 252 -6.98 -8.89 -49.92
C GLN M 252 -6.34 -9.97 -50.78
N GLU M 253 -5.33 -9.61 -51.59
CA GLU M 253 -4.64 -10.56 -52.45
C GLU M 253 -3.20 -10.82 -52.04
N THR M 254 -2.76 -10.28 -50.90
CA THR M 254 -1.39 -10.52 -50.44
C THR M 254 -1.30 -10.75 -48.94
N ALA M 255 -2.42 -10.95 -48.27
CA ALA M 255 -2.40 -11.17 -46.82
C ALA M 255 -1.88 -12.57 -46.50
N PRO M 256 -0.93 -12.70 -45.59
CA PRO M 256 -0.47 -14.03 -45.18
C PRO M 256 -1.53 -14.76 -44.37
N PHE M 257 -1.35 -16.08 -44.27
CA PHE M 257 -2.20 -16.98 -43.49
C PHE M 257 -3.65 -17.00 -43.96
N GLY M 258 -3.91 -16.59 -45.21
CA GLY M 258 -5.24 -16.61 -45.77
C GLY M 258 -6.24 -15.70 -45.08
N CYS M 259 -5.81 -14.50 -44.69
CA CYS M 259 -6.67 -13.55 -44.01
C CYS M 259 -7.53 -12.81 -45.03
N LYS M 260 -8.85 -12.83 -44.81
CA LYS M 260 -9.80 -12.16 -45.68
C LYS M 260 -10.11 -10.79 -45.09
N ILE M 261 -9.82 -9.73 -45.84
CA ILE M 261 -9.77 -8.38 -45.30
C ILE M 261 -11.09 -7.68 -45.57
N GLU M 262 -11.67 -7.06 -44.53
CA GLU M 262 -12.84 -6.22 -44.69
C GLU M 262 -12.65 -4.88 -43.98
N VAL M 263 -13.52 -3.93 -44.33
CA VAL M 263 -13.50 -2.58 -43.77
C VAL M 263 -14.89 -2.22 -43.25
N GLU M 264 -14.99 -1.03 -42.59
CA GLU M 264 -16.08 -0.60 -41.70
C GLU M 264 -16.59 -1.75 -40.81
N PRO M 265 -15.81 -2.20 -39.82
CA PRO M 265 -14.47 -1.74 -39.43
C PRO M 265 -13.37 -2.55 -40.11
N LEU M 266 -12.13 -2.09 -40.07
CA LEU M 266 -11.03 -2.82 -40.65
C LEU M 266 -10.75 -4.08 -39.83
N ARG M 267 -10.74 -5.23 -40.50
CA ARG M 267 -10.58 -6.50 -39.80
C ARG M 267 -10.07 -7.55 -40.78
N ALA M 268 -9.43 -8.57 -40.21
CA ALA M 268 -8.92 -9.73 -40.94
C ALA M 268 -9.64 -10.96 -40.42
N THR M 269 -10.54 -11.51 -41.21
CA THR M 269 -11.36 -12.64 -40.81
C THR M 269 -10.83 -13.94 -41.41
N ASN M 270 -11.14 -15.04 -40.71
CA ASN M 270 -10.80 -16.41 -41.12
C ASN M 270 -9.28 -16.59 -41.30
N CYS M 271 -8.50 -16.12 -40.34
CA CYS M 271 -7.07 -16.36 -40.35
C CYS M 271 -6.75 -17.66 -39.61
N ALA M 272 -5.54 -18.17 -39.85
CA ALA M 272 -5.08 -19.40 -39.23
C ALA M 272 -3.57 -19.28 -39.04
N TYR M 273 -3.14 -18.91 -37.83
CA TYR M 273 -1.73 -18.58 -37.64
C TYR M 273 -1.19 -19.04 -36.30
N GLY M 274 -1.84 -19.98 -35.63
CA GLY M 274 -1.30 -20.41 -34.35
C GLY M 274 -2.26 -21.27 -33.58
N HIS M 275 -2.12 -21.23 -32.25
CA HIS M 275 -2.84 -22.10 -31.34
C HIS M 275 -3.45 -21.28 -30.22
N ILE M 276 -4.74 -21.52 -29.95
CA ILE M 276 -5.45 -20.85 -28.87
C ILE M 276 -5.40 -21.76 -27.64
N PRO M 277 -4.87 -21.28 -26.51
CA PRO M 277 -5.05 -22.00 -25.24
C PRO M 277 -6.42 -21.66 -24.65
N ILE M 278 -7.26 -22.68 -24.53
CA ILE M 278 -8.66 -22.49 -24.12
C ILE M 278 -8.92 -23.28 -22.85
N SER M 279 -9.53 -22.63 -21.87
CA SER M 279 -10.00 -23.28 -20.64
C SER M 279 -11.51 -23.26 -20.62
N ILE M 280 -12.11 -24.43 -20.44
CA ILE M 280 -13.56 -24.60 -20.49
C ILE M 280 -14.04 -25.14 -19.16
N ASP M 281 -15.00 -24.45 -18.56
CA ASP M 281 -15.64 -24.87 -17.30
C ASP M 281 -16.91 -25.63 -17.68
N ILE M 282 -16.77 -26.93 -17.85
CA ILE M 282 -17.90 -27.78 -18.24
C ILE M 282 -18.86 -27.93 -17.07
N PRO M 283 -20.17 -27.75 -17.27
CA PRO M 283 -21.12 -27.96 -16.18
C PRO M 283 -21.22 -29.43 -15.79
N ASP M 284 -21.58 -29.64 -14.53
CA ASP M 284 -21.72 -30.99 -14.00
C ASP M 284 -22.98 -31.69 -14.48
N ALA M 285 -23.94 -30.95 -15.06
CA ALA M 285 -25.17 -31.54 -15.54
C ALA M 285 -24.91 -32.45 -16.74
N ALA M 286 -24.04 -32.03 -17.66
CA ALA M 286 -23.74 -32.84 -18.82
C ALA M 286 -22.89 -34.07 -18.48
N PHE M 287 -22.20 -34.04 -17.35
CA PHE M 287 -21.41 -35.19 -16.93
C PHE M 287 -22.32 -36.34 -16.48
N VAL M 288 -21.95 -37.55 -16.86
CA VAL M 288 -22.71 -38.75 -16.54
C VAL M 288 -21.84 -39.64 -15.65
N ARG M 289 -22.48 -40.31 -14.69
CA ARG M 289 -21.76 -41.13 -13.72
C ARG M 289 -21.14 -42.35 -14.41
N SER M 290 -20.01 -42.81 -13.86
CA SER M 290 -19.33 -43.98 -14.40
C SER M 290 -20.15 -45.25 -14.19
N SER M 291 -20.98 -45.28 -13.14
CA SER M 291 -21.85 -46.44 -12.92
C SER M 291 -22.89 -46.57 -14.03
N GLU M 292 -23.48 -45.46 -14.45
CA GLU M 292 -24.42 -45.49 -15.57
C GLU M 292 -23.73 -45.65 -16.91
N SER M 293 -22.46 -45.30 -17.01
CA SER M 293 -21.72 -45.49 -18.25
C SER M 293 -21.37 -46.96 -18.42
N PRO M 294 -21.56 -47.53 -19.61
CA PRO M 294 -21.15 -48.93 -19.83
C PRO M 294 -19.65 -49.11 -19.76
N THR M 295 -19.17 -49.83 -18.75
CA THR M 295 -17.74 -50.11 -18.60
C THR M 295 -17.40 -51.29 -19.50
N ILE M 296 -16.60 -51.03 -20.54
CA ILE M 296 -16.37 -52.04 -21.57
C ILE M 296 -15.21 -52.93 -21.15
N LEU M 297 -15.21 -54.16 -21.66
CA LEU M 297 -14.26 -55.18 -21.22
C LEU M 297 -13.00 -55.22 -22.08
N GLU M 298 -13.12 -55.49 -23.38
CA GLU M 298 -11.94 -55.68 -24.21
C GLU M 298 -12.24 -55.23 -25.63
N VAL M 299 -11.31 -54.49 -26.24
CA VAL M 299 -11.44 -54.02 -27.62
C VAL M 299 -10.15 -54.34 -28.36
N SER M 300 -10.21 -54.27 -29.68
CA SER M 300 -9.04 -54.46 -30.53
C SER M 300 -9.25 -53.74 -31.85
N CYS M 301 -8.16 -53.19 -32.38
CA CYS M 301 -8.18 -52.48 -33.65
C CYS M 301 -7.78 -53.42 -34.79
N THR M 302 -8.54 -53.38 -35.88
CA THR M 302 -8.12 -53.98 -37.14
C THR M 302 -8.35 -52.97 -38.24
N VAL M 303 -7.28 -52.56 -38.91
CA VAL M 303 -7.29 -51.45 -39.86
C VAL M 303 -7.40 -52.02 -41.28
N ALA M 304 -8.20 -51.33 -42.11
CA ALA M 304 -8.44 -51.76 -43.49
C ALA M 304 -8.09 -50.62 -44.43
N ASP M 305 -6.91 -50.74 -45.07
CA ASP M 305 -6.48 -49.90 -46.20
C ASP M 305 -6.44 -48.41 -45.83
N CYS M 306 -5.54 -48.10 -44.89
CA CYS M 306 -5.36 -46.71 -44.48
C CYS M 306 -4.47 -45.97 -45.47
N ILE M 307 -4.85 -44.73 -45.76
CA ILE M 307 -4.08 -43.85 -46.63
C ILE M 307 -3.90 -42.53 -45.88
N TYR M 308 -2.65 -42.13 -45.65
CA TYR M 308 -2.40 -40.90 -44.91
C TYR M 308 -2.56 -39.73 -45.88
N SER M 309 -3.54 -38.88 -45.61
CA SER M 309 -3.88 -37.79 -46.51
C SER M 309 -4.68 -36.75 -45.74
N ALA M 310 -4.97 -35.62 -46.41
CA ALA M 310 -5.82 -34.60 -45.82
C ALA M 310 -7.25 -35.07 -45.68
N ASP M 311 -7.70 -35.97 -46.56
CA ASP M 311 -9.02 -36.56 -46.45
C ASP M 311 -9.06 -37.56 -45.29
N PHE M 312 -10.28 -37.98 -44.94
CA PHE M 312 -10.46 -39.05 -43.94
C PHE M 312 -10.14 -40.39 -44.59
N GLY M 313 -8.85 -40.60 -44.85
CA GLY M 313 -8.39 -41.80 -45.50
C GLY M 313 -7.99 -42.88 -44.51
N GLY M 314 -8.74 -43.98 -44.51
CA GLY M 314 -8.50 -45.05 -43.57
C GLY M 314 -9.71 -45.35 -42.72
N SER M 315 -10.16 -46.61 -42.75
CA SER M 315 -11.31 -47.06 -41.98
C SER M 315 -10.90 -48.28 -41.18
N LEU M 316 -10.87 -48.15 -39.86
CA LEU M 316 -10.53 -49.27 -38.99
C LEU M 316 -11.77 -49.71 -38.23
N THR M 317 -11.89 -51.01 -37.98
CA THR M 317 -12.99 -51.52 -37.18
C THR M 317 -12.50 -52.02 -35.83
N LEU M 318 -13.30 -51.73 -34.81
CA LEU M 318 -13.04 -52.10 -33.43
C LEU M 318 -13.86 -53.34 -33.10
N GLN M 319 -13.18 -54.37 -32.61
CA GLN M 319 -13.84 -55.54 -32.04
C GLN M 319 -13.96 -55.33 -30.54
N TYR M 320 -15.20 -55.23 -30.06
CA TYR M 320 -15.45 -54.90 -28.67
C TYR M 320 -16.36 -55.94 -28.04
N LYS M 321 -16.48 -55.87 -26.71
CA LYS M 321 -17.47 -56.60 -25.95
C LYS M 321 -17.77 -55.83 -24.68
N ALA M 322 -19.04 -55.54 -24.45
CA ALA M 322 -19.46 -54.62 -23.39
C ALA M 322 -20.46 -55.30 -22.46
N ASN M 323 -20.52 -54.78 -21.23
CA ASN M 323 -21.38 -55.37 -20.20
C ASN M 323 -22.86 -55.09 -20.45
N ARG M 324 -23.21 -53.84 -20.78
CA ARG M 324 -24.61 -53.47 -20.91
C ARG M 324 -24.79 -52.57 -22.14
N GLU M 325 -26.02 -52.09 -22.29
CA GLU M 325 -26.37 -51.17 -23.37
C GLU M 325 -25.91 -49.76 -23.05
N GLY M 326 -25.73 -48.95 -24.10
CA GLY M 326 -25.40 -47.55 -23.92
C GLY M 326 -24.26 -47.05 -24.77
N HIS M 327 -24.27 -45.74 -25.03
CA HIS M 327 -23.23 -45.10 -25.84
C HIS M 327 -22.04 -44.67 -24.99
N CYS M 328 -20.89 -44.54 -25.64
CA CYS M 328 -19.70 -44.01 -25.01
C CYS M 328 -18.81 -43.40 -26.10
N PRO M 329 -18.00 -42.40 -25.77
CA PRO M 329 -17.23 -41.70 -26.80
C PRO M 329 -16.06 -42.52 -27.33
N VAL M 330 -15.56 -42.06 -28.48
CA VAL M 330 -14.33 -42.58 -29.07
C VAL M 330 -13.37 -41.41 -29.24
N HIS M 331 -12.07 -41.71 -29.16
CA HIS M 331 -11.05 -40.67 -29.24
C HIS M 331 -9.71 -41.29 -29.60
N SER M 332 -8.91 -40.55 -30.37
CA SER M 332 -7.55 -40.94 -30.72
C SER M 332 -6.59 -40.05 -29.93
N HIS M 333 -5.89 -40.64 -28.96
CA HIS M 333 -5.08 -39.86 -28.02
C HIS M 333 -3.82 -39.30 -28.66
N SER M 334 -3.31 -39.91 -29.72
CA SER M 334 -2.11 -39.38 -30.35
C SER M 334 -2.43 -38.09 -31.11
N THR M 335 -1.44 -37.21 -31.18
CA THR M 335 -1.55 -35.97 -31.94
C THR M 335 -1.17 -36.16 -33.40
N THR M 336 -1.25 -37.39 -33.90
CA THR M 336 -0.91 -37.73 -35.28
C THR M 336 -2.12 -38.15 -36.10
N ALA M 337 -3.03 -38.93 -35.52
CA ALA M 337 -4.23 -39.38 -36.20
C ALA M 337 -5.46 -38.81 -35.52
N VAL M 338 -6.47 -38.49 -36.34
CA VAL M 338 -7.74 -37.96 -35.86
C VAL M 338 -8.85 -38.90 -36.29
N LEU M 339 -9.92 -38.93 -35.51
CA LEU M 339 -11.06 -39.80 -35.73
C LEU M 339 -12.29 -38.97 -36.06
N LYS M 340 -13.05 -39.41 -37.08
CA LYS M 340 -14.22 -38.66 -37.51
C LYS M 340 -15.34 -38.72 -36.48
N GLU M 341 -15.65 -39.92 -35.98
CA GLU M 341 -16.78 -40.09 -35.08
C GLU M 341 -16.40 -39.65 -33.66
N ALA M 342 -17.43 -39.41 -32.86
CA ALA M 342 -17.25 -38.97 -31.47
C ALA M 342 -18.08 -39.75 -30.46
N THR M 343 -19.12 -40.47 -30.89
CA THR M 343 -19.96 -41.25 -29.97
C THR M 343 -20.65 -42.34 -30.76
N THR M 344 -20.54 -43.58 -30.28
CA THR M 344 -21.19 -44.73 -30.91
C THR M 344 -22.03 -45.48 -29.87
N HIS M 345 -23.20 -45.92 -30.29
CA HIS M 345 -24.12 -46.68 -29.42
C HIS M 345 -23.73 -48.15 -29.46
N VAL M 346 -22.66 -48.47 -28.73
CA VAL M 346 -22.20 -49.85 -28.64
C VAL M 346 -23.18 -50.67 -27.80
N THR M 347 -23.39 -51.93 -28.19
CA THR M 347 -24.35 -52.78 -27.51
C THR M 347 -23.68 -53.95 -26.80
N ALA M 348 -23.03 -54.85 -27.55
CA ALA M 348 -22.36 -56.04 -27.02
C ALA M 348 -21.66 -56.80 -28.13
N THR M 349 -20.51 -57.41 -27.81
CA THR M 349 -19.76 -58.42 -28.56
C THR M 349 -19.79 -58.26 -30.09
N GLY M 350 -19.58 -57.05 -30.58
CA GLY M 350 -19.65 -56.80 -32.00
C GLY M 350 -18.43 -56.13 -32.57
N SER M 351 -18.60 -55.45 -33.71
CA SER M 351 -17.52 -54.69 -34.33
C SER M 351 -18.10 -53.43 -34.97
N ILE M 352 -17.44 -52.30 -34.74
CA ILE M 352 -17.89 -51.01 -35.27
C ILE M 352 -16.79 -50.40 -36.11
N THR M 353 -17.15 -49.89 -37.29
CA THR M 353 -16.17 -49.28 -38.18
C THR M 353 -16.14 -47.77 -37.99
N LEU M 354 -14.94 -47.19 -38.09
CA LEU M 354 -14.73 -45.77 -37.91
C LEU M 354 -13.70 -45.28 -38.93
N HIS M 355 -14.00 -44.16 -39.56
CA HIS M 355 -13.08 -43.54 -40.51
C HIS M 355 -12.12 -42.61 -39.78
N PHE M 356 -10.85 -42.67 -40.14
CA PHE M 356 -9.83 -41.86 -39.49
C PHE M 356 -8.93 -41.22 -40.54
N SER M 357 -8.22 -40.18 -40.14
CA SER M 357 -7.25 -39.51 -40.98
C SER M 357 -5.93 -39.42 -40.22
N THR M 358 -4.83 -39.38 -40.97
CA THR M 358 -3.50 -39.32 -40.37
C THR M 358 -2.53 -38.72 -41.37
N SER M 359 -1.35 -38.34 -40.86
CA SER M 359 -0.28 -37.79 -41.68
C SER M 359 0.95 -38.68 -41.73
N SER M 360 1.25 -39.40 -40.65
CA SER M 360 2.42 -40.26 -40.62
C SER M 360 2.21 -41.48 -41.51
N PRO M 361 3.29 -42.01 -42.11
CA PRO M 361 3.17 -43.27 -42.85
C PRO M 361 2.73 -44.45 -42.00
N GLN M 362 3.07 -44.45 -40.71
CA GLN M 362 2.68 -45.53 -39.81
C GLN M 362 1.62 -45.02 -38.84
N ALA M 363 0.65 -45.87 -38.52
CA ALA M 363 -0.47 -45.49 -37.68
C ALA M 363 -0.40 -46.27 -36.36
N ASN M 364 0.36 -45.75 -35.41
CA ASN M 364 0.36 -46.22 -34.03
C ASN M 364 -0.33 -45.16 -33.19
N PHE M 365 -1.49 -45.49 -32.64
CA PHE M 365 -2.17 -44.53 -31.77
C PHE M 365 -3.07 -45.28 -30.79
N ILE M 366 -3.87 -44.54 -30.02
CA ILE M 366 -4.63 -45.11 -28.92
C ILE M 366 -6.11 -44.80 -29.12
N VAL M 367 -6.92 -45.85 -29.23
CA VAL M 367 -8.36 -45.72 -29.30
C VAL M 367 -8.92 -45.92 -27.89
N SER M 368 -9.91 -45.11 -27.53
CA SER M 368 -10.44 -45.04 -26.17
C SER M 368 -11.95 -45.27 -26.17
N LEU M 369 -12.39 -46.34 -26.83
CA LEU M 369 -13.79 -46.75 -26.78
C LEU M 369 -14.21 -47.04 -25.35
N CYS M 370 -15.19 -46.27 -24.86
CA CYS M 370 -15.64 -46.27 -23.46
C CYS M 370 -14.48 -46.03 -22.50
N GLY M 371 -13.46 -45.29 -22.95
CA GLY M 371 -12.29 -45.04 -22.14
C GLY M 371 -11.27 -46.16 -22.10
N LYS M 372 -11.48 -47.25 -22.82
CA LYS M 372 -10.55 -48.36 -22.83
C LYS M 372 -9.40 -48.04 -23.77
N LYS M 373 -8.27 -47.61 -23.21
CA LYS M 373 -7.12 -47.18 -24.00
C LYS M 373 -6.45 -48.41 -24.62
N THR M 374 -6.42 -48.46 -25.94
CA THR M 374 -5.86 -49.59 -26.68
C THR M 374 -4.95 -49.09 -27.79
N THR M 375 -3.73 -49.63 -27.84
CA THR M 375 -2.75 -49.27 -28.85
C THR M 375 -3.02 -50.02 -30.15
N CYS M 376 -3.04 -49.28 -31.26
CA CYS M 376 -3.39 -49.80 -32.56
C CYS M 376 -2.28 -49.46 -33.56
N ASN M 377 -1.94 -50.45 -34.38
CA ASN M 377 -0.81 -50.41 -35.30
C ASN M 377 -1.29 -50.70 -36.71
N ALA M 378 -0.75 -49.97 -37.69
CA ALA M 378 -1.15 -50.13 -39.08
C ALA M 378 -0.03 -49.66 -39.99
N GLU M 379 -0.11 -50.09 -41.25
CA GLU M 379 0.79 -49.65 -42.31
C GLU M 379 -0.04 -48.96 -43.38
N CYS M 380 0.28 -47.69 -43.65
CA CYS M 380 -0.50 -46.88 -44.59
C CYS M 380 0.35 -46.51 -45.80
N LYS M 381 -0.26 -46.63 -46.98
CA LYS M 381 0.35 -46.32 -48.27
C LYS M 381 0.26 -44.83 -48.56
N PRO M 382 1.17 -44.30 -49.39
CA PRO M 382 1.06 -42.89 -49.78
C PRO M 382 -0.17 -42.64 -50.62
N PRO M 383 -0.75 -41.45 -50.56
CA PRO M 383 -1.94 -41.16 -51.36
C PRO M 383 -1.61 -41.01 -52.84
N ALA M 384 -2.50 -41.52 -53.68
CA ALA M 384 -2.33 -41.40 -55.12
C ALA M 384 -2.65 -40.00 -55.63
N ASP M 385 -3.61 -39.33 -54.99
CA ASP M 385 -3.98 -37.98 -55.41
C ASP M 385 -2.87 -37.00 -55.02
N HIS M 386 -2.68 -35.97 -55.85
CA HIS M 386 -1.62 -34.99 -55.63
C HIS M 386 -2.11 -33.77 -54.86
N ILE M 387 -3.20 -33.16 -55.32
CA ILE M 387 -3.72 -31.92 -54.76
C ILE M 387 -5.17 -32.18 -54.33
N ILE M 388 -5.51 -31.75 -53.12
CA ILE M 388 -6.83 -31.96 -52.55
C ILE M 388 -7.44 -30.60 -52.21
N GLY M 389 -8.76 -30.50 -52.34
CA GLY M 389 -9.47 -29.25 -52.11
C GLY M 389 -9.81 -28.95 -50.66
N GLU M 390 -9.49 -29.85 -49.74
CA GLU M 390 -9.77 -29.62 -48.34
C GLU M 390 -8.48 -29.68 -47.52
N PRO M 391 -8.37 -28.88 -46.45
CA PRO M 391 -7.09 -28.77 -45.73
C PRO M 391 -6.82 -29.99 -44.87
N HIS M 392 -5.55 -30.09 -44.46
CA HIS M 392 -5.12 -31.21 -43.64
C HIS M 392 -5.67 -31.09 -42.22
N LYS M 393 -5.99 -32.23 -41.63
CA LYS M 393 -6.60 -32.29 -40.31
C LYS M 393 -5.58 -32.46 -39.19
N VAL M 394 -4.29 -32.57 -39.51
CA VAL M 394 -3.26 -32.78 -38.51
C VAL M 394 -1.94 -32.29 -39.09
N ASP M 395 -1.08 -31.75 -38.22
CA ASP M 395 0.23 -31.25 -38.60
C ASP M 395 1.29 -32.30 -38.34
N GLN M 396 2.28 -32.37 -39.23
CA GLN M 396 3.38 -33.29 -39.07
C GLN M 396 4.25 -32.88 -37.89
N GLU M 397 4.84 -33.87 -37.22
CA GLU M 397 5.62 -33.62 -36.01
C GLU M 397 7.03 -34.22 -36.08
N PHE M 398 7.39 -34.88 -37.17
CA PHE M 398 8.76 -35.26 -37.53
C PHE M 398 9.38 -36.28 -36.58
N GLN M 399 8.58 -37.02 -35.83
CA GLN M 399 9.06 -38.19 -35.10
C GLN M 399 8.38 -39.47 -35.54
N ALA M 400 7.08 -39.44 -35.76
CA ALA M 400 6.37 -40.55 -36.38
C ALA M 400 6.28 -40.44 -37.89
N ALA M 401 6.72 -39.31 -38.45
CA ALA M 401 6.74 -39.15 -39.91
C ALA M 401 7.77 -40.04 -40.58
N VAL M 402 8.76 -40.51 -39.84
CA VAL M 402 9.69 -41.52 -40.34
C VAL M 402 9.01 -42.88 -40.26
N SER M 403 9.06 -43.63 -41.35
CA SER M 403 8.32 -44.89 -41.45
C SER M 403 9.00 -46.00 -40.66
N LYS M 404 8.24 -47.08 -40.41
CA LYS M 404 8.75 -48.18 -39.60
C LYS M 404 9.90 -48.90 -40.29
N THR M 405 9.79 -49.15 -41.60
CA THR M 405 10.87 -49.79 -42.33
C THR M 405 12.11 -48.91 -42.32
N SER M 406 11.93 -47.61 -42.55
CA SER M 406 13.05 -46.68 -42.51
C SER M 406 13.60 -46.51 -41.10
N TRP M 407 12.72 -46.47 -40.08
CA TRP M 407 13.20 -46.40 -38.70
C TRP M 407 14.05 -47.61 -38.36
N ASN M 408 13.57 -48.81 -38.73
CA ASN M 408 14.30 -50.04 -38.47
C ASN M 408 15.63 -50.06 -39.21
N TRP M 409 15.66 -49.54 -40.44
CA TRP M 409 16.90 -49.52 -41.20
C TRP M 409 17.92 -48.56 -40.60
N LEU M 410 17.47 -47.36 -40.18
CA LEU M 410 18.38 -46.43 -39.51
C LEU M 410 18.91 -46.99 -38.20
N LEU M 411 18.04 -47.52 -37.33
CA LEU M 411 18.55 -48.14 -36.11
C LEU M 411 19.41 -49.37 -36.39
N ALA M 412 19.16 -50.08 -37.49
CA ALA M 412 20.03 -51.21 -37.85
C ALA M 412 21.43 -50.74 -38.19
N LEU M 413 21.55 -49.69 -39.02
CA LEU M 413 22.87 -49.20 -39.39
C LEU M 413 23.61 -48.56 -38.21
N PHE M 414 22.92 -47.72 -37.42
CA PHE M 414 23.61 -47.14 -36.25
C PHE M 414 23.93 -48.21 -35.21
N GLY M 415 23.07 -49.21 -35.03
CA GLY M 415 23.38 -50.28 -34.11
C GLY M 415 24.56 -51.13 -34.57
N GLY M 416 24.65 -51.41 -35.87
CA GLY M 416 25.79 -52.13 -36.37
C GLY M 416 27.09 -51.36 -36.25
N ALA M 417 27.04 -50.05 -36.58
CA ALA M 417 28.23 -49.22 -36.44
C ALA M 417 28.67 -49.09 -34.99
N SER M 418 27.72 -48.88 -34.07
CA SER M 418 28.05 -48.82 -32.65
C SER M 418 28.57 -50.16 -32.15
N SER M 419 27.99 -51.28 -32.62
CA SER M 419 28.45 -52.59 -32.19
C SER M 419 29.88 -52.86 -32.65
N LEU M 420 30.22 -52.51 -33.89
CA LEU M 420 31.59 -52.73 -34.35
C LEU M 420 32.56 -51.79 -33.65
N ILE M 421 32.13 -50.57 -33.32
CA ILE M 421 32.98 -49.67 -32.56
C ILE M 421 33.23 -50.22 -31.15
N VAL M 422 32.18 -50.71 -30.48
CA VAL M 422 32.34 -51.21 -29.12
C VAL M 422 33.16 -52.49 -29.10
N VAL M 423 33.01 -53.36 -30.10
CA VAL M 423 33.85 -54.55 -30.10
C VAL M 423 35.29 -54.20 -30.42
N GLY M 424 35.53 -53.15 -31.23
CA GLY M 424 36.90 -52.69 -31.42
C GLY M 424 37.52 -52.16 -30.13
N LEU M 425 36.75 -51.39 -29.36
CA LEU M 425 37.25 -50.90 -28.08
C LEU M 425 37.50 -52.03 -27.08
N ILE M 426 36.64 -53.05 -27.06
CA ILE M 426 36.89 -54.11 -26.07
C ILE M 426 38.04 -55.01 -26.52
N VAL M 427 38.27 -55.14 -27.83
CA VAL M 427 39.49 -55.81 -28.28
C VAL M 427 40.72 -55.01 -27.87
N LEU M 428 40.65 -53.67 -27.97
CA LEU M 428 41.73 -52.84 -27.44
C LEU M 428 41.93 -53.06 -25.95
N VAL M 429 40.84 -53.16 -25.20
CA VAL M 429 40.94 -53.32 -23.74
C VAL M 429 41.59 -54.65 -23.39
N CYS M 430 41.12 -55.74 -24.00
CA CYS M 430 41.68 -57.05 -23.65
C CYS M 430 43.09 -57.23 -24.18
N SER M 431 43.46 -56.50 -25.25
CA SER M 431 44.86 -56.49 -25.66
C SER M 431 45.70 -55.63 -24.72
N SER M 432 45.10 -54.62 -24.09
CA SER M 432 45.85 -53.77 -23.17
C SER M 432 46.12 -54.48 -21.85
N MET M 433 45.15 -55.24 -21.34
CA MET M 433 45.39 -56.00 -20.12
C MET M 433 46.34 -57.18 -20.35
N LEU M 434 46.53 -57.62 -21.59
CA LEU M 434 47.46 -58.69 -21.89
C LEU M 434 48.89 -58.16 -21.81
N SER N 1 -25.53 28.47 -48.22
CA SER N 1 -26.75 28.96 -48.84
C SER N 1 -26.76 28.69 -50.34
N ILE N 2 -26.82 27.40 -50.69
CA ILE N 2 -26.84 27.01 -52.10
C ILE N 2 -28.24 27.30 -52.67
N THR N 3 -28.29 28.06 -53.75
CA THR N 3 -29.54 28.51 -54.34
C THR N 3 -29.79 27.83 -55.68
N ASP N 4 -31.04 27.90 -56.12
CA ASP N 4 -31.42 27.51 -57.47
C ASP N 4 -32.04 28.66 -58.24
N ASP N 5 -31.97 29.88 -57.71
CA ASP N 5 -32.54 31.06 -58.37
C ASP N 5 -31.58 31.48 -59.47
N PHE N 6 -31.69 30.81 -60.61
CA PHE N 6 -30.85 31.02 -61.79
C PHE N 6 -31.24 32.24 -62.60
N THR N 7 -32.36 32.89 -62.29
CA THR N 7 -32.78 34.07 -63.04
C THR N 7 -31.85 35.26 -62.82
N LEU N 8 -31.17 35.32 -61.68
CA LEU N 8 -30.26 36.41 -61.36
C LEU N 8 -28.79 36.04 -61.55
N THR N 9 -28.52 34.88 -62.16
CA THR N 9 -27.17 34.50 -62.56
C THR N 9 -27.03 34.64 -64.08
N SER N 10 -25.79 34.80 -64.52
CA SER N 10 -25.52 35.19 -65.91
C SER N 10 -24.48 34.30 -66.60
N PRO N 11 -24.77 33.82 -67.81
CA PRO N 11 -23.72 33.20 -68.63
C PRO N 11 -22.72 34.25 -69.08
N TYR N 12 -21.50 33.81 -69.36
CA TYR N 12 -20.40 34.70 -69.64
C TYR N 12 -19.61 34.20 -70.84
N LEU N 13 -18.87 35.13 -71.46
CA LEU N 13 -17.94 34.80 -72.52
C LEU N 13 -16.65 34.23 -71.92
N GLY N 14 -16.29 33.02 -72.31
CA GLY N 14 -15.05 32.41 -71.87
C GLY N 14 -13.97 32.53 -72.93
N PHE N 15 -12.73 32.33 -72.51
CA PHE N 15 -11.58 32.36 -73.41
C PHE N 15 -10.97 30.96 -73.45
N CYS N 16 -10.99 30.33 -74.62
CA CYS N 16 -10.46 28.99 -74.67
C CYS N 16 -9.51 28.81 -75.85
N PRO N 17 -8.50 27.90 -75.71
CA PRO N 17 -7.40 27.86 -76.69
C PRO N 17 -7.73 27.23 -78.03
N TYR N 18 -8.76 26.39 -78.11
CA TYR N 18 -9.13 25.78 -79.38
C TYR N 18 -10.57 26.16 -79.72
N CYS N 19 -10.76 26.64 -80.94
CA CYS N 19 -12.06 27.10 -81.41
C CYS N 19 -12.42 26.44 -82.73
N ARG N 20 -13.46 26.96 -83.39
CA ARG N 20 -13.81 26.47 -84.71
C ARG N 20 -12.70 26.73 -85.72
N HIS N 21 -12.07 27.90 -85.65
CA HIS N 21 -11.04 28.31 -86.59
C HIS N 21 -9.62 27.96 -86.12
N SER N 22 -9.50 27.02 -85.17
CA SER N 22 -8.22 26.46 -84.70
C SER N 22 -7.28 27.54 -84.18
N ALA N 23 -7.81 28.42 -83.34
CA ALA N 23 -7.06 29.46 -82.66
C ALA N 23 -7.84 29.83 -81.41
N PRO N 24 -7.17 30.29 -80.34
CA PRO N 24 -7.89 30.67 -79.12
C PRO N 24 -8.86 31.82 -79.36
N CYS N 25 -10.08 31.69 -78.84
CA CYS N 25 -11.02 32.81 -78.99
C CYS N 25 -11.87 32.95 -77.74
N PHE N 26 -12.70 33.99 -77.75
CA PHE N 26 -13.74 34.20 -76.76
C PHE N 26 -15.02 33.53 -77.28
N SER N 27 -15.39 32.41 -76.67
CA SER N 27 -16.57 31.68 -77.05
C SER N 27 -17.64 31.77 -75.97
N PRO N 28 -18.92 31.84 -76.35
CA PRO N 28 -19.99 31.77 -75.34
C PRO N 28 -19.99 30.46 -74.57
N ILE N 29 -19.60 29.37 -75.22
CA ILE N 29 -19.47 28.06 -74.59
C ILE N 29 -17.99 27.78 -74.38
N LYS N 30 -17.60 27.60 -73.11
CA LYS N 30 -16.20 27.41 -72.72
C LYS N 30 -16.14 26.33 -71.65
N ILE N 31 -15.39 25.28 -71.93
CA ILE N 31 -15.25 24.17 -70.99
C ILE N 31 -14.24 24.58 -69.93
N GLU N 32 -14.71 24.72 -68.69
CA GLU N 32 -13.82 25.01 -67.57
C GLU N 32 -13.17 23.73 -67.06
N ASN N 33 -13.97 22.79 -66.56
CA ASN N 33 -13.50 21.50 -66.08
C ASN N 33 -14.29 20.37 -66.74
N VAL N 34 -13.66 19.21 -66.82
CA VAL N 34 -14.30 17.96 -67.20
C VAL N 34 -13.98 16.92 -66.13
N TRP N 35 -15.02 16.32 -65.56
CA TRP N 35 -14.88 15.33 -64.51
C TRP N 35 -15.22 13.95 -65.05
N ASP N 36 -14.28 13.01 -64.93
CA ASP N 36 -14.47 11.64 -65.40
C ASP N 36 -14.09 10.61 -64.32
N GLU N 37 -15.02 10.39 -63.39
CA GLU N 37 -14.81 9.39 -62.34
C GLU N 37 -16.00 8.44 -62.20
N SER N 38 -16.99 8.52 -63.09
CA SER N 38 -18.06 7.53 -63.11
C SER N 38 -17.52 6.20 -63.64
N ASP N 39 -18.20 5.12 -63.26
CA ASP N 39 -17.76 3.79 -63.64
C ASP N 39 -18.40 3.29 -64.93
N ASP N 40 -19.19 4.12 -65.60
CA ASP N 40 -19.82 3.73 -66.86
C ASP N 40 -19.27 4.50 -68.06
N GLY N 41 -18.42 5.49 -67.83
CA GLY N 41 -17.89 6.31 -68.90
C GLY N 41 -18.50 7.69 -69.03
N SER N 42 -19.53 8.00 -68.25
CA SER N 42 -20.15 9.31 -68.32
C SER N 42 -19.22 10.37 -67.72
N ILE N 43 -19.14 11.51 -68.39
CA ILE N 43 -18.33 12.63 -67.95
C ILE N 43 -19.22 13.82 -67.66
N ARG N 44 -18.77 14.67 -66.74
CA ARG N 44 -19.48 15.89 -66.37
C ARG N 44 -18.65 17.08 -66.84
N ILE N 45 -19.26 17.92 -67.67
CA ILE N 45 -18.58 19.04 -68.30
C ILE N 45 -19.16 20.33 -67.74
N GLN N 46 -18.30 21.20 -67.21
CA GLN N 46 -18.72 22.52 -66.79
C GLN N 46 -18.47 23.49 -67.94
N VAL N 47 -19.54 24.15 -68.39
CA VAL N 47 -19.49 25.03 -69.55
C VAL N 47 -19.84 26.44 -69.10
N SER N 48 -19.22 27.44 -69.74
CA SER N 48 -19.42 28.83 -69.37
C SER N 48 -20.81 29.37 -69.73
N ALA N 49 -21.62 28.60 -70.45
CA ALA N 49 -22.98 28.98 -70.76
C ALA N 49 -23.95 28.20 -69.89
N GLN N 50 -25.02 28.86 -69.45
CA GLN N 50 -26.06 28.18 -68.69
C GLN N 50 -26.94 27.38 -69.63
N PHE N 51 -27.22 26.13 -69.23
CA PHE N 51 -27.89 25.18 -70.11
C PHE N 51 -29.19 24.71 -69.48
N GLY N 52 -30.21 24.54 -70.32
CA GLY N 52 -31.49 24.03 -69.88
C GLY N 52 -32.53 25.08 -69.51
N TYR N 53 -32.18 26.37 -69.52
CA TYR N 53 -33.02 27.44 -69.01
C TYR N 53 -33.21 28.51 -70.08
N ASN N 54 -34.37 29.17 -70.08
CA ASN N 54 -34.68 30.17 -71.08
C ASN N 54 -34.03 31.52 -70.73
N GLN N 55 -34.38 32.55 -71.52
CA GLN N 55 -33.70 33.84 -71.45
C GLN N 55 -33.84 34.47 -70.06
N ALA N 56 -35.08 34.56 -69.57
CA ALA N 56 -35.32 35.20 -68.27
C ALA N 56 -34.78 34.38 -67.09
N GLY N 57 -34.48 33.11 -67.30
CA GLY N 57 -33.99 32.25 -66.24
C GLY N 57 -34.99 31.26 -65.68
N THR N 58 -36.19 31.18 -66.25
CA THR N 58 -37.19 30.22 -65.81
C THR N 58 -36.75 28.80 -66.18
N ALA N 59 -37.02 27.85 -65.29
CA ALA N 59 -36.66 26.46 -65.54
C ALA N 59 -37.52 25.87 -66.66
N ASP N 60 -37.02 25.94 -67.89
CA ASP N 60 -37.75 25.46 -69.06
C ASP N 60 -36.77 24.80 -70.01
N VAL N 61 -36.85 23.47 -70.11
CA VAL N 61 -35.93 22.67 -70.93
C VAL N 61 -36.17 22.93 -72.42
N THR N 62 -35.27 22.39 -73.25
CA THR N 62 -35.14 22.58 -74.70
C THR N 62 -34.74 24.00 -75.07
N LYS N 63 -34.27 24.80 -74.12
CA LYS N 63 -33.71 26.12 -74.36
C LYS N 63 -32.46 26.27 -73.51
N PHE N 64 -31.55 27.16 -73.92
CA PHE N 64 -30.36 27.43 -73.12
C PHE N 64 -29.90 28.85 -73.36
N ARG N 65 -29.12 29.37 -72.42
CA ARG N 65 -28.62 30.74 -72.47
C ARG N 65 -27.15 30.76 -72.85
N TYR N 66 -26.71 31.91 -73.37
CA TYR N 66 -25.31 32.19 -73.56
C TYR N 66 -25.10 33.69 -73.55
N MET N 67 -23.83 34.10 -73.47
CA MET N 67 -23.45 35.49 -73.64
C MET N 67 -22.99 35.65 -75.08
N SER N 68 -23.79 36.35 -75.89
CA SER N 68 -23.50 36.47 -77.31
C SER N 68 -22.28 37.36 -77.54
N TYR N 69 -21.43 36.93 -78.48
CA TYR N 69 -20.18 37.61 -78.77
C TYR N 69 -20.26 38.47 -80.02
N ASP N 70 -21.47 38.79 -80.48
CA ASP N 70 -21.66 39.74 -81.56
C ASP N 70 -21.71 41.16 -80.99
N HIS N 71 -22.19 42.13 -81.78
CA HIS N 71 -22.10 43.53 -81.39
C HIS N 71 -22.95 43.84 -80.16
N ASP N 72 -24.17 43.33 -80.10
CA ASP N 72 -25.03 43.55 -78.94
C ASP N 72 -24.73 42.52 -77.84
N HIS N 73 -23.77 42.88 -76.99
CA HIS N 73 -23.25 42.01 -75.94
C HIS N 73 -24.29 41.88 -74.82
N ASP N 74 -25.19 40.92 -74.98
CA ASP N 74 -26.22 40.64 -74.00
C ASP N 74 -26.54 39.15 -74.00
N ILE N 75 -27.26 38.73 -72.95
CA ILE N 75 -27.64 37.33 -72.79
C ILE N 75 -28.66 36.96 -73.85
N LYS N 76 -28.42 35.86 -74.56
CA LYS N 76 -29.31 35.41 -75.62
C LYS N 76 -29.64 33.93 -75.45
N GLU N 77 -30.88 33.59 -75.80
CA GLU N 77 -31.40 32.23 -75.74
C GLU N 77 -31.21 31.53 -77.07
N ASP N 78 -31.23 30.19 -77.02
CA ASP N 78 -31.07 29.37 -78.21
C ASP N 78 -31.60 27.98 -77.87
N SER N 79 -31.73 27.13 -78.90
CA SER N 79 -32.36 25.84 -78.75
C SER N 79 -31.38 24.76 -78.29
N MET N 80 -31.89 23.80 -77.52
CA MET N 80 -31.08 22.68 -77.05
C MET N 80 -30.71 21.72 -78.16
N GLU N 81 -31.62 21.50 -79.13
CA GLU N 81 -31.43 20.46 -80.13
C GLU N 81 -30.26 20.71 -81.07
N LYS N 82 -29.73 21.93 -81.10
CA LYS N 82 -28.58 22.26 -81.92
C LYS N 82 -27.27 22.26 -81.13
N LEU N 83 -27.30 21.80 -79.88
CA LEU N 83 -26.09 21.62 -79.09
C LEU N 83 -25.54 20.23 -79.35
N ALA N 84 -24.30 20.16 -79.83
CA ALA N 84 -23.64 18.89 -80.09
C ALA N 84 -22.32 18.84 -79.35
N ILE N 85 -22.14 17.82 -78.53
CA ILE N 85 -20.94 17.64 -77.73
C ILE N 85 -20.31 16.31 -78.12
N SER N 86 -18.98 16.29 -78.25
CA SER N 86 -18.31 15.12 -78.79
C SER N 86 -16.91 15.01 -78.19
N THR N 87 -16.35 13.79 -78.25
CA THR N 87 -14.96 13.57 -77.89
C THR N 87 -14.15 13.06 -79.08
N SER N 88 -14.51 11.92 -79.65
CA SER N 88 -14.02 11.48 -80.94
C SER N 88 -15.14 11.34 -81.94
N GLY N 89 -16.19 10.60 -81.59
CA GLY N 89 -17.45 10.66 -82.28
C GLY N 89 -18.46 11.40 -81.43
N PRO N 90 -19.71 11.45 -81.87
CA PRO N 90 -20.74 12.17 -81.11
C PRO N 90 -21.03 11.51 -79.77
N CYS N 91 -21.41 12.35 -78.80
CA CYS N 91 -21.75 11.90 -77.46
C CYS N 91 -23.25 12.04 -77.24
N ARG N 92 -23.76 11.28 -76.28
CA ARG N 92 -25.16 11.36 -75.89
C ARG N 92 -25.29 12.20 -74.63
N ARG N 93 -26.14 13.23 -74.69
CA ARG N 93 -26.34 14.12 -73.55
C ARG N 93 -27.30 13.46 -72.57
N LEU N 94 -26.79 13.15 -71.37
CA LEU N 94 -27.57 12.46 -70.36
C LEU N 94 -28.21 13.41 -69.33
N GLY N 95 -28.05 14.70 -69.50
CA GLY N 95 -28.64 15.66 -68.58
C GLY N 95 -27.92 16.99 -68.66
N HIS N 96 -28.64 18.03 -68.22
CA HIS N 96 -28.10 19.39 -68.32
C HIS N 96 -28.70 20.28 -67.25
N LYS N 97 -27.84 21.06 -66.59
CA LYS N 97 -28.21 22.14 -65.70
C LYS N 97 -27.43 23.38 -66.06
N GLY N 98 -27.72 24.46 -65.34
CA GLY N 98 -26.99 25.70 -65.49
C GLY N 98 -25.51 25.49 -65.25
N TYR N 99 -24.72 25.76 -66.30
CA TYR N 99 -23.27 25.63 -66.39
C TYR N 99 -22.79 24.18 -66.42
N PHE N 100 -23.67 23.18 -66.54
CA PHE N 100 -23.24 21.80 -66.42
C PHE N 100 -23.95 20.88 -67.41
N LEU N 101 -23.19 19.93 -67.93
CA LEU N 101 -23.71 18.92 -68.86
C LEU N 101 -23.18 17.55 -68.46
N LEU N 102 -23.92 16.51 -68.83
CA LEU N 102 -23.50 15.13 -68.66
C LEU N 102 -23.44 14.45 -70.01
N ALA N 103 -22.37 13.69 -70.25
CA ALA N 103 -22.10 13.13 -71.57
C ALA N 103 -21.73 11.65 -71.47
N GLN N 104 -22.12 10.90 -72.48
CA GLN N 104 -21.69 9.52 -72.68
C GLN N 104 -20.84 9.51 -73.95
N CYS N 105 -19.52 9.36 -73.77
CA CYS N 105 -18.61 9.58 -74.88
C CYS N 105 -17.73 8.36 -75.14
N PRO N 106 -17.35 8.14 -76.40
CA PRO N 106 -16.32 7.14 -76.71
C PRO N 106 -14.96 7.63 -76.26
N PRO N 107 -13.98 6.73 -76.13
CA PRO N 107 -12.64 7.16 -75.73
C PRO N 107 -11.99 8.09 -76.75
N GLY N 108 -11.19 9.02 -76.23
CA GLY N 108 -10.54 10.00 -77.09
C GLY N 108 -9.55 10.82 -76.30
N ASP N 109 -9.05 11.87 -76.95
CA ASP N 109 -8.01 12.71 -76.36
C ASP N 109 -8.48 14.12 -76.01
N SER N 110 -9.60 14.58 -76.56
CA SER N 110 -10.07 15.93 -76.30
C SER N 110 -11.58 15.96 -76.37
N VAL N 111 -12.19 16.82 -75.55
CA VAL N 111 -13.63 16.98 -75.48
C VAL N 111 -13.99 18.35 -76.04
N THR N 112 -14.91 18.38 -76.99
CA THR N 112 -15.36 19.63 -77.59
C THR N 112 -16.87 19.76 -77.50
N VAL N 113 -17.32 21.01 -77.40
CA VAL N 113 -18.74 21.36 -77.36
C VAL N 113 -19.01 22.36 -78.47
N SER N 114 -20.21 22.29 -79.05
CA SER N 114 -20.51 23.11 -80.23
C SER N 114 -22.00 23.42 -80.27
N ILE N 115 -22.31 24.56 -80.88
CA ILE N 115 -23.68 24.97 -81.18
C ILE N 115 -23.84 24.91 -82.69
N THR N 116 -24.46 23.84 -83.18
CA THR N 116 -24.61 23.65 -84.62
C THR N 116 -25.59 24.66 -85.20
N SER N 117 -25.23 25.22 -86.36
CA SER N 117 -26.05 26.20 -87.08
C SER N 117 -26.40 27.40 -86.21
N GLY N 118 -25.42 27.88 -85.45
CA GLY N 118 -25.63 29.01 -84.56
C GLY N 118 -25.73 30.35 -85.30
N GLU N 121 -20.40 27.81 -85.87
CA GLU N 121 -20.47 26.69 -84.94
C GLU N 121 -20.13 27.13 -83.52
N ASN N 122 -19.11 27.99 -83.41
CA ASN N 122 -18.60 28.50 -82.13
C ASN N 122 -18.20 27.35 -81.20
N SER N 123 -17.57 26.32 -81.76
CA SER N 123 -17.14 25.18 -80.98
C SER N 123 -15.91 25.54 -80.13
N CYS N 124 -15.76 24.81 -79.03
CA CYS N 124 -14.60 24.95 -78.15
C CYS N 124 -14.15 23.57 -77.72
N THR N 125 -12.83 23.34 -77.76
CA THR N 125 -12.22 22.06 -77.47
C THR N 125 -11.20 22.21 -76.35
N VAL N 126 -11.24 21.27 -75.39
CA VAL N 126 -10.27 21.21 -74.31
C VAL N 126 -9.70 19.80 -74.26
N GLU N 127 -8.37 19.70 -74.16
CA GLU N 127 -7.71 18.40 -74.11
C GLU N 127 -8.05 17.69 -72.80
N LYS N 128 -8.63 16.49 -72.92
CA LYS N 128 -8.95 15.68 -71.75
C LYS N 128 -8.96 14.21 -72.19
N LYS N 129 -8.11 13.41 -71.58
CA LYS N 129 -7.94 12.01 -71.95
C LYS N 129 -8.98 11.17 -71.21
N ILE N 130 -9.97 10.68 -71.94
CA ILE N 130 -10.97 9.76 -71.39
C ILE N 130 -10.83 8.44 -72.12
N ARG N 131 -10.94 7.35 -71.35
CA ARG N 131 -10.78 6.00 -71.88
C ARG N 131 -11.90 5.12 -71.35
N ARG N 132 -11.95 3.90 -71.88
CA ARG N 132 -12.90 2.91 -71.38
C ARG N 132 -12.48 2.47 -69.98
N LYS N 133 -13.49 2.16 -69.16
CA LYS N 133 -13.28 1.98 -67.73
C LYS N 133 -13.76 0.60 -67.29
N PHE N 134 -13.30 0.20 -66.11
CA PHE N 134 -13.57 -1.11 -65.54
C PHE N 134 -14.61 -1.00 -64.43
N VAL N 135 -15.05 -2.15 -63.95
CA VAL N 135 -15.79 -2.22 -62.69
C VAL N 135 -15.18 -3.31 -61.83
N GLY N 136 -14.48 -4.25 -62.46
CA GLY N 136 -13.96 -5.41 -61.78
C GLY N 136 -12.59 -5.80 -62.33
N ARG N 137 -12.43 -7.11 -62.55
CA ARG N 137 -11.16 -7.71 -62.90
C ARG N 137 -11.14 -8.34 -64.29
N GLU N 138 -12.03 -7.88 -65.18
CA GLU N 138 -12.00 -8.28 -66.58
C GLU N 138 -12.34 -7.10 -67.47
N GLU N 139 -11.81 -7.12 -68.69
CA GLU N 139 -12.23 -6.17 -69.70
C GLU N 139 -13.58 -6.56 -70.28
N TYR N 140 -14.41 -5.55 -70.55
CA TYR N 140 -15.60 -5.75 -71.36
C TYR N 140 -15.73 -4.55 -72.27
N LEU N 141 -16.18 -4.78 -73.51
CA LEU N 141 -16.54 -3.65 -74.36
C LEU N 141 -17.86 -3.04 -73.89
N PHE N 142 -18.81 -3.89 -73.54
CA PHE N 142 -20.10 -3.56 -72.95
C PHE N 142 -20.42 -4.58 -71.87
N PRO N 143 -21.19 -4.19 -70.85
CA PRO N 143 -21.54 -5.15 -69.78
C PRO N 143 -22.33 -6.33 -70.31
N PRO N 144 -22.06 -7.53 -69.82
CA PRO N 144 -22.70 -8.72 -70.39
C PRO N 144 -24.03 -9.06 -69.73
N VAL N 145 -24.66 -10.15 -70.17
CA VAL N 145 -25.94 -10.57 -69.61
C VAL N 145 -25.79 -11.59 -68.48
N HIS N 146 -24.59 -12.11 -68.26
CA HIS N 146 -24.33 -13.09 -67.21
C HIS N 146 -23.10 -12.66 -66.43
N GLY N 147 -23.23 -12.54 -65.11
CA GLY N 147 -22.11 -12.12 -64.31
C GLY N 147 -22.40 -12.09 -62.82
N LYS N 148 -21.49 -11.44 -62.09
CA LYS N 148 -21.54 -11.35 -60.64
C LYS N 148 -22.19 -10.07 -60.12
N LEU N 149 -22.21 -9.00 -60.92
CA LEU N 149 -22.96 -7.77 -60.63
C LEU N 149 -22.49 -7.12 -59.32
N VAL N 150 -21.26 -6.59 -59.38
CA VAL N 150 -20.65 -5.98 -58.20
C VAL N 150 -21.19 -4.56 -58.00
N LYS N 151 -20.85 -3.97 -56.86
CA LYS N 151 -21.19 -2.58 -56.58
C LYS N 151 -20.31 -1.64 -57.39
N CYS N 152 -20.88 -0.52 -57.80
CA CYS N 152 -20.23 0.44 -58.68
C CYS N 152 -20.80 1.82 -58.40
N HIS N 153 -20.21 2.84 -59.03
CA HIS N 153 -20.61 4.21 -58.79
C HIS N 153 -20.85 4.93 -60.11
N VAL N 154 -22.00 5.57 -60.24
CA VAL N 154 -22.46 6.17 -61.49
C VAL N 154 -22.88 7.60 -61.24
N TYR N 155 -22.50 8.51 -62.14
CA TYR N 155 -23.05 9.86 -62.13
C TYR N 155 -24.56 9.82 -62.27
N ASP N 156 -25.25 10.37 -61.29
CA ASP N 156 -26.71 10.31 -61.24
C ASP N 156 -27.32 11.12 -62.38
N HIS N 157 -28.26 10.52 -63.10
CA HIS N 157 -28.93 11.24 -64.18
C HIS N 157 -29.94 12.25 -63.63
N LEU N 158 -30.37 12.08 -62.38
CA LEU N 158 -31.30 13.01 -61.78
C LEU N 158 -30.61 14.36 -61.57
N LYS N 159 -31.15 15.40 -62.18
CA LYS N 159 -30.53 16.72 -62.18
C LYS N 159 -30.67 17.44 -60.85
N GLU N 160 -31.46 16.92 -59.91
CA GLU N 160 -31.61 17.54 -58.60
C GLU N 160 -30.52 17.12 -57.62
N THR N 161 -29.62 16.24 -58.01
CA THR N 161 -28.56 15.79 -57.12
C THR N 161 -27.51 16.88 -56.93
N SER N 162 -26.69 16.73 -55.89
CA SER N 162 -25.72 17.75 -55.50
C SER N 162 -24.39 17.07 -55.16
N ALA N 163 -23.46 17.08 -56.10
CA ALA N 163 -22.12 16.57 -55.87
C ALA N 163 -21.17 17.62 -55.31
N GLY N 164 -21.64 18.86 -55.13
CA GLY N 164 -20.79 19.93 -54.66
C GLY N 164 -21.44 21.26 -54.95
N TYR N 165 -20.63 22.31 -54.80
CA TYR N 165 -21.08 23.67 -55.06
C TYR N 165 -19.97 24.47 -55.70
N ILE N 166 -20.38 25.48 -56.47
CA ILE N 166 -19.46 26.44 -57.07
C ILE N 166 -19.86 27.83 -56.59
N THR N 167 -18.88 28.73 -56.52
CA THR N 167 -19.11 30.07 -56.00
C THR N 167 -19.38 31.06 -57.13
N MET N 168 -20.36 31.93 -56.92
CA MET N 168 -20.72 32.97 -57.86
C MET N 168 -20.53 34.34 -57.21
N HIS N 169 -19.88 35.23 -57.95
CA HIS N 169 -19.43 36.52 -57.47
C HIS N 169 -20.01 37.62 -58.36
N ARG N 170 -19.81 38.86 -57.95
CA ARG N 170 -20.20 39.98 -58.80
C ARG N 170 -19.24 40.10 -59.97
N PRO N 171 -19.73 40.53 -61.14
CA PRO N 171 -18.84 40.68 -62.30
C PRO N 171 -18.07 42.00 -62.24
N GLY N 172 -16.84 41.96 -62.75
CA GLY N 172 -15.99 43.13 -62.78
C GLY N 172 -16.30 44.02 -63.97
N PRO N 173 -15.48 45.05 -64.16
CA PRO N 173 -15.67 45.92 -65.32
C PRO N 173 -15.40 45.19 -66.64
N HIS N 174 -16.17 45.55 -67.66
CA HIS N 174 -16.01 45.02 -69.01
C HIS N 174 -15.98 46.22 -69.94
N ALA N 175 -14.79 46.77 -70.16
CA ALA N 175 -14.64 47.95 -71.01
C ALA N 175 -14.86 47.58 -72.47
N TYR N 176 -15.69 48.38 -73.15
CA TYR N 176 -15.98 48.19 -74.56
C TYR N 176 -15.41 49.34 -75.36
N LYS N 177 -14.72 49.02 -76.45
CA LYS N 177 -14.15 50.02 -77.34
C LYS N 177 -15.21 50.76 -78.14
N SER N 178 -16.39 50.16 -78.32
CA SER N 178 -17.47 50.80 -79.07
C SER N 178 -18.04 52.03 -78.38
N TYR N 179 -17.79 52.20 -77.08
CA TYR N 179 -18.21 53.40 -76.38
C TYR N 179 -17.35 54.61 -76.73
N LEU N 180 -16.06 54.40 -76.92
CA LEU N 180 -15.13 55.50 -77.15
C LEU N 180 -15.09 55.83 -78.64
N GLU N 181 -14.98 57.12 -78.95
CA GLU N 181 -14.96 57.58 -80.34
C GLU N 181 -14.09 58.83 -80.42
N GLU N 182 -12.93 58.71 -81.04
CA GLU N 182 -12.05 59.85 -81.24
C GLU N 182 -12.55 60.69 -82.42
N ALA N 183 -12.51 62.02 -82.26
CA ALA N 183 -12.98 62.93 -83.30
C ALA N 183 -12.15 64.20 -83.25
N SER N 184 -11.39 64.46 -84.32
CA SER N 184 -10.57 65.66 -84.48
C SER N 184 -9.58 65.84 -83.33
N GLY N 185 -8.96 64.74 -82.92
CA GLY N 185 -8.04 64.78 -81.79
C GLY N 185 -8.70 64.84 -80.44
N GLU N 186 -10.02 64.66 -80.37
CA GLU N 186 -10.77 64.66 -79.12
C GLU N 186 -11.60 63.39 -79.06
N VAL N 187 -11.53 62.68 -77.94
CA VAL N 187 -12.22 61.40 -77.79
C VAL N 187 -13.50 61.62 -76.98
N TYR N 188 -14.55 60.89 -77.34
CA TYR N 188 -15.87 61.06 -76.76
C TYR N 188 -16.37 59.71 -76.24
N ILE N 189 -17.54 59.76 -75.59
CA ILE N 189 -18.18 58.58 -75.02
C ILE N 189 -19.52 58.42 -75.72
N LYS N 190 -19.82 57.21 -76.19
CA LYS N 190 -21.08 56.92 -76.88
C LYS N 190 -21.79 55.78 -76.17
N PRO N 191 -22.56 56.06 -75.11
CA PRO N 191 -23.35 55.00 -74.48
C PRO N 191 -24.45 54.52 -75.41
N PRO N 192 -24.84 53.25 -75.31
CA PRO N 192 -25.88 52.73 -76.21
C PRO N 192 -27.27 53.10 -75.70
N SER N 193 -27.98 53.93 -76.47
CA SER N 193 -29.34 54.38 -76.17
C SER N 193 -29.43 55.08 -74.81
N GLY N 194 -28.39 55.83 -74.46
CA GLY N 194 -28.42 56.67 -73.27
C GLY N 194 -28.48 55.95 -71.94
N LYS N 195 -27.69 54.90 -71.76
CA LYS N 195 -27.61 54.22 -70.47
C LYS N 195 -26.66 54.99 -69.54
N ASN N 196 -26.36 54.41 -68.38
CA ASN N 196 -25.52 55.04 -67.36
C ASN N 196 -24.11 54.48 -67.36
N VAL N 197 -23.55 54.22 -68.54
CA VAL N 197 -22.21 53.68 -68.71
C VAL N 197 -21.18 54.59 -68.05
N THR N 198 -20.45 54.05 -67.07
CA THR N 198 -19.47 54.82 -66.33
C THR N 198 -18.13 54.82 -67.05
N TYR N 199 -17.27 55.76 -66.67
CA TYR N 199 -15.97 55.91 -67.31
C TYR N 199 -14.89 56.03 -66.24
N GLU N 200 -13.70 55.54 -66.58
CA GLU N 200 -12.47 55.83 -65.85
C GLU N 200 -11.41 56.19 -66.89
N CYS N 201 -10.67 57.28 -66.68
CA CYS N 201 -9.76 57.69 -67.73
C CYS N 201 -8.63 58.51 -67.13
N LYS N 202 -7.53 58.62 -67.89
CA LYS N 202 -6.25 59.17 -67.43
C LYS N 202 -5.67 60.14 -68.45
N CYS N 203 -6.46 61.13 -68.87
CA CYS N 203 -5.99 62.18 -69.77
C CYS N 203 -4.77 62.90 -69.20
N GLY N 204 -4.92 63.54 -68.05
CA GLY N 204 -3.81 64.13 -67.34
C GLY N 204 -3.75 63.63 -65.92
N ASP N 205 -4.91 63.19 -65.42
CA ASP N 205 -5.04 62.66 -64.07
C ASP N 205 -6.24 61.74 -64.04
N TYR N 206 -6.39 61.02 -62.93
CA TYR N 206 -7.48 60.06 -62.78
C TYR N 206 -8.83 60.77 -62.73
N SER N 207 -9.73 60.41 -63.63
CA SER N 207 -11.06 60.99 -63.69
C SER N 207 -12.07 59.89 -63.96
N THR N 208 -13.03 59.74 -63.06
CA THR N 208 -14.07 58.72 -63.18
C THR N 208 -15.44 59.36 -62.99
N GLY N 209 -16.46 58.69 -63.50
CA GLY N 209 -17.80 59.20 -63.32
C GLY N 209 -18.81 58.45 -64.16
N ILE N 210 -20.01 59.02 -64.27
CA ILE N 210 -21.13 58.43 -64.97
C ILE N 210 -21.63 59.42 -66.03
N VAL N 211 -21.78 58.95 -67.27
CA VAL N 211 -22.21 59.76 -68.40
C VAL N 211 -23.35 59.04 -69.12
N SER N 212 -24.40 59.80 -69.47
CA SER N 212 -25.54 59.25 -70.19
C SER N 212 -25.72 59.85 -71.59
N THR N 213 -24.70 60.51 -72.15
CA THR N 213 -24.80 61.12 -73.46
C THR N 213 -23.40 61.19 -74.08
N ARG N 214 -23.27 61.97 -75.14
CA ARG N 214 -21.97 62.14 -75.80
C ARG N 214 -21.26 63.34 -75.18
N THR N 215 -20.21 63.07 -74.41
CA THR N 215 -19.46 64.12 -73.71
C THR N 215 -17.98 64.05 -74.04
N LYS N 216 -17.29 65.15 -73.77
CA LYS N 216 -15.91 65.35 -74.18
C LYS N 216 -14.97 65.24 -72.97
N MET N 217 -13.78 64.68 -73.22
CA MET N 217 -12.68 64.70 -72.26
C MET N 217 -11.95 66.04 -72.30
N ASN N 218 -11.14 66.28 -71.28
CA ASN N 218 -10.51 67.58 -71.10
C ASN N 218 -9.24 67.72 -71.94
N GLY N 219 -8.43 66.66 -72.03
CA GLY N 219 -7.16 66.76 -72.70
C GLY N 219 -6.64 65.51 -73.38
N CYS N 220 -7.53 64.57 -73.73
CA CYS N 220 -7.12 63.34 -74.38
C CYS N 220 -7.13 63.49 -75.89
N THR N 221 -6.14 62.87 -76.53
CA THR N 221 -6.01 62.92 -77.98
C THR N 221 -6.40 61.61 -78.66
N LYS N 222 -5.78 60.51 -78.26
CA LYS N 222 -6.06 59.21 -78.87
C LYS N 222 -7.28 58.55 -78.21
N ALA N 223 -7.82 57.54 -78.91
CA ALA N 223 -8.99 56.84 -78.42
C ALA N 223 -8.70 56.01 -77.17
N LYS N 224 -7.44 55.67 -76.93
CA LYS N 224 -7.06 54.94 -75.73
C LYS N 224 -6.94 55.89 -74.54
N GLN N 225 -6.42 55.36 -73.43
CA GLN N 225 -6.21 56.02 -72.13
C GLN N 225 -7.53 56.35 -71.42
N CYS N 226 -8.65 56.05 -72.06
CA CYS N 226 -9.97 56.29 -71.49
C CYS N 226 -10.80 55.03 -71.70
N ILE N 227 -11.45 54.54 -70.65
CA ILE N 227 -12.30 53.36 -70.77
C ILE N 227 -13.68 53.67 -70.21
N ALA N 228 -14.68 52.99 -70.78
CA ALA N 228 -16.06 53.09 -70.35
C ALA N 228 -16.66 51.69 -70.30
N TYR N 229 -17.51 51.46 -69.30
CA TYR N 229 -18.13 50.15 -69.13
C TYR N 229 -19.47 50.32 -68.45
N LYS N 230 -20.31 49.28 -68.57
CA LYS N 230 -21.64 49.30 -67.98
C LYS N 230 -21.55 49.25 -66.46
N ARG N 231 -22.63 49.70 -65.82
CA ARG N 231 -22.70 49.78 -64.36
C ARG N 231 -23.84 48.96 -63.77
N ASP N 232 -25.00 48.93 -64.43
CA ASP N 232 -26.14 48.17 -63.95
C ASP N 232 -26.04 46.72 -64.43
N GLN N 233 -25.08 46.00 -63.86
CA GLN N 233 -24.78 44.62 -64.21
C GLN N 233 -24.74 43.74 -62.97
N THR N 234 -25.77 43.85 -62.13
CA THR N 234 -25.84 43.08 -60.89
C THR N 234 -26.39 41.69 -61.17
N LYS N 235 -25.54 40.88 -61.84
CA LYS N 235 -25.85 39.50 -62.15
C LYS N 235 -24.66 38.64 -61.77
N TRP N 236 -24.90 37.61 -60.96
CA TRP N 236 -23.81 36.77 -60.47
C TRP N 236 -23.20 35.96 -61.60
N VAL N 237 -21.91 35.65 -61.45
CA VAL N 237 -21.15 34.96 -62.48
C VAL N 237 -20.10 34.10 -61.81
N PHE N 238 -19.70 33.02 -62.47
CA PHE N 238 -18.66 32.14 -61.96
C PHE N 238 -17.32 32.87 -61.93
N ASN N 239 -16.49 32.50 -60.95
CA ASN N 239 -15.18 33.13 -60.82
C ASN N 239 -14.15 32.49 -61.74
N SER N 240 -14.47 32.43 -63.04
CA SER N 240 -13.56 31.86 -64.02
C SER N 240 -12.36 32.78 -64.24
N PRO N 241 -11.21 32.22 -64.61
CA PRO N 241 -10.01 33.05 -64.83
C PRO N 241 -10.09 33.96 -66.05
N ASP N 242 -11.16 33.87 -66.83
CA ASP N 242 -11.32 34.64 -68.06
C ASP N 242 -12.04 35.96 -67.84
N LEU N 243 -12.29 36.36 -66.60
CA LEU N 243 -13.00 37.58 -66.28
C LEU N 243 -12.18 38.44 -65.35
N ILE N 244 -12.27 39.75 -65.52
CA ILE N 244 -11.64 40.70 -64.59
C ILE N 244 -12.41 40.69 -63.28
N ARG N 245 -11.68 40.56 -62.18
CA ARG N 245 -12.29 40.49 -60.86
C ARG N 245 -12.81 41.85 -60.42
N HIS N 246 -14.02 41.87 -59.88
CA HIS N 246 -14.57 43.07 -59.28
C HIS N 246 -13.84 43.37 -57.97
N THR N 247 -13.93 44.63 -57.53
CA THR N 247 -13.27 45.04 -56.29
C THR N 247 -13.85 44.36 -55.06
N ASP N 248 -15.08 43.86 -55.14
CA ASP N 248 -15.71 43.11 -54.07
C ASP N 248 -15.93 41.69 -54.56
N HIS N 249 -14.92 40.84 -54.35
CA HIS N 249 -14.97 39.44 -54.76
C HIS N 249 -15.38 38.52 -53.62
N SER N 250 -16.14 39.02 -52.67
CA SER N 250 -16.77 38.16 -51.69
C SER N 250 -17.82 37.30 -52.38
N VAL N 251 -18.06 36.11 -51.80
CA VAL N 251 -18.99 35.17 -52.42
C VAL N 251 -20.40 35.72 -52.34
N GLN N 252 -21.12 35.67 -53.46
CA GLN N 252 -22.51 36.12 -53.52
C GLN N 252 -23.48 34.96 -53.50
N GLY N 253 -23.16 33.86 -54.18
CA GLY N 253 -24.04 32.71 -54.15
C GLY N 253 -23.27 31.42 -54.29
N LYS N 254 -23.95 30.33 -53.93
CA LYS N 254 -23.45 28.98 -54.13
C LYS N 254 -24.41 28.26 -55.06
N LEU N 255 -23.86 27.60 -56.08
CA LEU N 255 -24.67 26.96 -57.10
C LEU N 255 -24.37 25.47 -57.11
N HIS N 256 -25.42 24.65 -57.23
CA HIS N 256 -25.28 23.21 -57.11
C HIS N 256 -24.49 22.62 -58.28
N ILE N 257 -23.62 21.66 -57.97
CA ILE N 257 -22.99 20.82 -58.97
C ILE N 257 -23.86 19.57 -59.12
N PRO N 258 -24.54 19.39 -60.24
CA PRO N 258 -25.48 18.27 -60.38
C PRO N 258 -24.74 16.98 -60.70
N PHE N 259 -25.53 15.92 -60.89
CA PHE N 259 -25.07 14.59 -61.31
C PHE N 259 -24.06 14.02 -60.30
N ARG N 260 -24.58 13.77 -59.10
CA ARG N 260 -23.77 13.21 -58.03
C ARG N 260 -23.30 11.80 -58.38
N LEU N 261 -22.09 11.47 -57.93
CA LEU N 261 -21.55 10.12 -58.07
C LEU N 261 -22.21 9.25 -57.02
N THR N 262 -23.31 8.59 -57.40
CA THR N 262 -24.09 7.80 -56.47
C THR N 262 -23.81 6.31 -56.65
N PRO N 263 -23.85 5.53 -55.57
CA PRO N 263 -23.67 4.08 -55.69
C PRO N 263 -24.86 3.41 -56.37
N THR N 264 -24.55 2.34 -57.10
CA THR N 264 -25.50 1.50 -57.80
C THR N 264 -24.78 0.18 -58.10
N VAL N 265 -25.36 -0.65 -58.97
CA VAL N 265 -24.80 -1.95 -59.28
C VAL N 265 -24.39 -1.99 -60.74
N CYS N 266 -23.24 -2.61 -61.02
CA CYS N 266 -22.80 -2.84 -62.38
C CYS N 266 -22.46 -4.31 -62.60
N PRO N 267 -22.93 -4.89 -63.71
CA PRO N 267 -22.60 -6.30 -63.99
C PRO N 267 -21.21 -6.46 -64.56
N VAL N 268 -20.63 -7.63 -64.25
CA VAL N 268 -19.28 -7.97 -64.67
C VAL N 268 -19.36 -9.19 -65.58
N PRO N 269 -18.30 -9.56 -66.30
CA PRO N 269 -18.24 -10.89 -66.91
C PRO N 269 -17.90 -11.95 -65.87
N LEU N 270 -18.24 -13.19 -66.21
CA LEU N 270 -17.78 -14.36 -65.47
C LEU N 270 -16.84 -15.14 -66.37
N ALA N 271 -15.60 -15.34 -65.91
CA ALA N 271 -14.58 -15.99 -66.71
C ALA N 271 -14.88 -17.48 -66.88
N HIS N 272 -14.31 -18.04 -67.94
CA HIS N 272 -14.33 -19.48 -68.11
C HIS N 272 -13.53 -20.13 -67.00
N THR N 273 -14.08 -21.22 -66.44
CA THR N 273 -13.42 -21.87 -65.31
C THR N 273 -12.14 -22.54 -65.78
N PRO N 274 -11.00 -22.22 -65.18
CA PRO N 274 -9.73 -22.80 -65.62
C PRO N 274 -9.66 -24.30 -65.35
N THR N 275 -8.95 -25.01 -66.20
CA THR N 275 -8.79 -26.46 -66.06
C THR N 275 -7.57 -26.73 -65.20
N VAL N 276 -7.79 -27.31 -64.03
CA VAL N 276 -6.74 -27.49 -63.03
C VAL N 276 -6.21 -28.90 -63.17
N THR N 277 -4.95 -29.03 -63.60
CA THR N 277 -4.28 -30.32 -63.54
C THR N 277 -3.21 -30.29 -62.45
N LYS N 278 -2.83 -31.47 -61.98
CA LYS N 278 -2.17 -31.63 -60.70
C LYS N 278 -0.83 -32.32 -60.87
N TRP N 279 0.20 -31.84 -60.16
CA TRP N 279 1.51 -32.48 -60.24
C TRP N 279 2.23 -32.26 -58.90
N PHE N 280 2.29 -33.32 -58.09
CA PHE N 280 3.04 -33.38 -56.83
C PHE N 280 2.73 -32.20 -55.92
N LYS N 281 3.70 -31.31 -55.73
CA LYS N 281 3.53 -30.07 -54.98
C LYS N 281 3.26 -28.90 -55.91
N GLY N 282 2.22 -28.98 -56.72
CA GLY N 282 1.91 -27.87 -57.61
C GLY N 282 0.71 -28.17 -58.48
N ILE N 283 0.15 -27.10 -59.04
CA ILE N 283 -0.96 -27.18 -59.98
C ILE N 283 -0.58 -26.42 -61.24
N THR N 284 -1.20 -26.81 -62.34
CA THR N 284 -1.13 -26.07 -63.59
C THR N 284 -2.54 -25.69 -63.99
N LEU N 285 -2.78 -24.39 -64.11
CA LEU N 285 -4.05 -23.86 -64.55
C LEU N 285 -4.01 -23.70 -66.06
N HIS N 286 -5.01 -24.24 -66.75
CA HIS N 286 -5.20 -24.03 -68.18
C HIS N 286 -6.27 -22.95 -68.33
N LEU N 287 -5.94 -21.88 -69.03
CA LEU N 287 -6.70 -20.65 -68.95
C LEU N 287 -7.47 -20.41 -70.24
N THR N 288 -8.43 -19.49 -70.17
CA THR N 288 -9.18 -19.06 -71.35
C THR N 288 -9.72 -17.66 -71.09
N ALA N 289 -9.25 -16.68 -71.86
CA ALA N 289 -9.67 -15.30 -71.67
C ALA N 289 -9.49 -14.56 -72.99
N THR N 290 -10.61 -14.22 -73.65
CA THR N 290 -10.54 -13.42 -74.86
C THR N 290 -10.08 -12.00 -74.55
N ARG N 291 -10.67 -11.38 -73.55
CA ARG N 291 -10.25 -10.10 -72.99
C ARG N 291 -9.32 -10.33 -71.81
N PRO N 292 -8.49 -9.34 -71.46
CA PRO N 292 -7.62 -9.48 -70.29
C PRO N 292 -8.39 -9.79 -69.01
N THR N 293 -7.88 -10.74 -68.24
CA THR N 293 -8.50 -11.19 -67.01
C THR N 293 -7.41 -11.35 -65.96
N LEU N 294 -7.66 -10.83 -64.76
CA LEU N 294 -6.64 -10.80 -63.72
C LEU N 294 -6.67 -12.07 -62.89
N LEU N 295 -5.52 -12.72 -62.76
CA LEU N 295 -5.32 -13.89 -61.93
C LEU N 295 -4.41 -13.52 -60.77
N THR N 296 -4.88 -13.74 -59.55
CA THR N 296 -4.07 -13.49 -58.35
C THR N 296 -4.01 -14.74 -57.50
N THR N 297 -2.80 -15.17 -57.17
CA THR N 297 -2.56 -16.34 -56.35
C THR N 297 -1.72 -15.96 -55.14
N ARG N 298 -2.08 -16.51 -53.97
CA ARG N 298 -1.30 -16.31 -52.76
C ARG N 298 -1.29 -17.58 -51.94
N LYS N 299 -0.21 -17.79 -51.19
CA LYS N 299 -0.12 -18.97 -50.34
C LYS N 299 -0.73 -18.68 -48.98
N LEU N 300 -1.41 -19.69 -48.43
CA LEU N 300 -2.08 -19.57 -47.14
C LEU N 300 -1.14 -19.90 -45.98
N GLY N 301 -0.06 -19.15 -45.86
CA GLY N 301 0.91 -19.39 -44.80
C GLY N 301 1.62 -18.13 -44.34
N LEU N 302 2.82 -18.31 -43.78
CA LEU N 302 3.58 -17.17 -43.26
C LEU N 302 4.09 -16.29 -44.39
N ARG N 303 4.68 -16.89 -45.42
CA ARG N 303 5.16 -16.16 -46.58
C ARG N 303 4.18 -16.36 -47.73
N ALA N 304 3.68 -15.26 -48.28
CA ALA N 304 2.71 -15.30 -49.35
C ALA N 304 3.39 -14.88 -50.65
N ASP N 305 3.46 -15.80 -51.61
CA ASP N 305 4.00 -15.50 -52.93
C ASP N 305 2.87 -14.96 -53.81
N ALA N 306 2.48 -13.72 -53.49
CA ALA N 306 1.35 -13.08 -54.16
C ALA N 306 1.73 -12.72 -55.58
N THR N 307 1.17 -13.46 -56.54
CA THR N 307 1.41 -13.23 -57.96
C THR N 307 0.13 -12.73 -58.61
N ALA N 308 0.24 -11.58 -59.28
CA ALA N 308 -0.87 -10.98 -60.01
C ALA N 308 -0.48 -10.85 -61.47
N GLU N 309 -1.35 -11.31 -62.36
CA GLU N 309 -1.03 -11.29 -63.78
C GLU N 309 -2.31 -11.11 -64.60
N TRP N 310 -2.25 -10.19 -65.56
CA TRP N 310 -3.34 -10.02 -66.52
C TRP N 310 -3.11 -10.95 -67.70
N ILE N 311 -4.02 -11.89 -67.90
CA ILE N 311 -3.88 -12.97 -68.87
C ILE N 311 -4.84 -12.71 -70.01
N THR N 312 -4.33 -12.79 -71.24
CA THR N 312 -5.12 -12.71 -72.46
C THR N 312 -4.81 -13.91 -73.34
N GLY N 313 -5.85 -14.60 -73.78
CA GLY N 313 -5.68 -15.77 -74.62
C GLY N 313 -5.63 -17.06 -73.82
N THR N 314 -5.46 -18.16 -74.55
CA THR N 314 -5.43 -19.49 -73.96
C THR N 314 -3.99 -19.84 -73.62
N THR N 315 -3.64 -19.70 -72.33
CA THR N 315 -2.30 -20.00 -71.85
C THR N 315 -2.40 -20.95 -70.66
N SER N 316 -1.24 -21.44 -70.24
CA SER N 316 -1.13 -22.32 -69.08
C SER N 316 -0.13 -21.72 -68.09
N ARG N 317 -0.52 -21.68 -66.81
CA ARG N 317 0.30 -21.09 -65.76
C ARG N 317 0.55 -22.11 -64.66
N ASN N 318 1.81 -22.24 -64.26
CA ASN N 318 2.22 -23.18 -63.22
C ASN N 318 2.34 -22.46 -61.88
N PHE N 319 1.84 -23.09 -60.83
CA PHE N 319 1.98 -22.57 -59.47
C PHE N 319 2.36 -23.69 -58.53
N SER N 320 3.16 -23.36 -57.53
CA SER N 320 3.66 -24.33 -56.57
C SER N 320 2.79 -24.32 -55.32
N VAL N 321 2.19 -25.47 -55.01
CA VAL N 321 1.28 -25.62 -53.88
C VAL N 321 1.99 -26.44 -52.82
N GLY N 322 2.02 -25.92 -51.59
CA GLY N 322 2.58 -26.64 -50.46
C GLY N 322 1.50 -27.20 -49.56
N ARG N 323 1.96 -27.76 -48.43
CA ARG N 323 1.04 -28.29 -47.42
C ARG N 323 0.18 -27.19 -46.82
N GLU N 324 0.72 -25.96 -46.78
CA GLU N 324 -0.02 -24.82 -46.24
C GLU N 324 -1.23 -24.48 -47.09
N GLY N 325 -1.09 -24.51 -48.41
CA GLY N 325 -2.22 -24.26 -49.30
C GLY N 325 -2.03 -23.07 -50.22
N LEU N 326 -2.79 -23.04 -51.32
CA LEU N 326 -2.71 -21.95 -52.28
C LEU N 326 -4.11 -21.51 -52.65
N GLU N 327 -4.33 -20.19 -52.69
CA GLU N 327 -5.60 -19.58 -53.03
C GLU N 327 -5.44 -18.83 -54.34
N TYR N 328 -6.26 -19.16 -55.33
CA TYR N 328 -6.22 -18.43 -56.60
C TYR N 328 -7.59 -17.86 -56.91
N VAL N 329 -7.59 -16.64 -57.44
CA VAL N 329 -8.79 -15.99 -57.93
C VAL N 329 -8.54 -15.67 -59.41
N TRP N 330 -9.45 -16.12 -60.26
CA TRP N 330 -9.36 -15.92 -61.71
C TRP N 330 -10.53 -15.04 -62.14
N GLY N 331 -10.26 -13.73 -62.23
CA GLY N 331 -11.27 -12.78 -62.63
C GLY N 331 -12.23 -12.40 -61.52
N ASN N 332 -13.52 -12.35 -61.85
CA ASN N 332 -14.55 -12.00 -60.89
C ASN N 332 -15.09 -13.22 -60.15
N HIS N 333 -14.51 -14.40 -60.39
CA HIS N 333 -14.94 -15.60 -59.70
C HIS N 333 -14.54 -15.57 -58.24
N GLU N 334 -15.22 -16.40 -57.45
CA GLU N 334 -14.89 -16.55 -56.05
C GLU N 334 -13.53 -17.24 -55.88
N PRO N 335 -12.83 -16.98 -54.78
CA PRO N 335 -11.53 -17.63 -54.56
C PRO N 335 -11.65 -19.14 -54.46
N VAL N 336 -10.65 -19.83 -55.00
CA VAL N 336 -10.57 -21.28 -54.94
C VAL N 336 -9.31 -21.67 -54.20
N ARG N 337 -9.46 -22.51 -53.17
CA ARG N 337 -8.37 -22.97 -52.34
C ARG N 337 -7.98 -24.39 -52.74
N VAL N 338 -6.68 -24.65 -52.80
CA VAL N 338 -6.15 -25.98 -53.05
C VAL N 338 -5.10 -26.29 -51.99
N TRP N 339 -4.89 -27.58 -51.73
CA TRP N 339 -3.92 -28.03 -50.74
C TRP N 339 -3.14 -29.21 -51.29
N ALA N 340 -1.84 -29.21 -50.99
CA ALA N 340 -0.96 -30.28 -51.39
C ALA N 340 -0.81 -31.29 -50.26
N GLN N 341 -0.36 -32.48 -50.62
CA GLN N 341 -0.21 -33.57 -49.66
C GLN N 341 1.00 -34.40 -50.06
N GLU N 342 1.55 -35.11 -49.08
CA GLU N 342 2.78 -35.88 -49.30
C GLU N 342 2.52 -37.10 -50.17
N SER N 343 2.76 -36.96 -51.46
CA SER N 343 2.48 -37.99 -52.43
C SER N 343 3.68 -38.21 -53.35
N ALA N 344 4.86 -38.36 -52.77
CA ALA N 344 6.07 -38.50 -53.56
C ALA N 344 6.07 -39.84 -54.30
N PRO N 345 6.54 -39.87 -55.56
CA PRO N 345 6.56 -41.13 -56.31
C PRO N 345 7.64 -42.08 -55.81
N GLY N 346 7.34 -42.78 -54.71
CA GLY N 346 8.27 -43.74 -54.14
C GLY N 346 7.66 -44.45 -52.94
N ASP N 347 7.93 -45.74 -52.81
CA ASP N 347 7.34 -46.54 -51.74
C ASP N 347 8.10 -46.33 -50.44
N PRO N 348 7.45 -45.86 -49.37
CA PRO N 348 8.13 -45.71 -48.09
C PRO N 348 8.14 -46.99 -47.24
N HIS N 349 7.52 -48.07 -47.71
CA HIS N 349 7.40 -49.30 -46.93
C HIS N 349 7.97 -50.49 -47.68
N GLY N 350 9.02 -50.28 -48.47
CA GLY N 350 9.61 -51.36 -49.23
C GLY N 350 11.11 -51.47 -49.09
N TRP N 351 11.80 -51.66 -50.21
CA TRP N 351 13.25 -51.74 -50.22
C TRP N 351 13.84 -50.34 -49.95
N PRO N 352 15.13 -50.27 -49.58
CA PRO N 352 15.73 -48.96 -49.28
C PRO N 352 15.65 -47.93 -50.39
N HIS N 353 15.69 -48.32 -51.66
CA HIS N 353 15.85 -47.32 -52.73
C HIS N 353 14.56 -46.55 -52.98
N GLU N 354 13.39 -47.20 -52.92
CA GLU N 354 12.14 -46.46 -53.05
C GLU N 354 11.93 -45.51 -51.87
N ILE N 355 12.30 -45.95 -50.66
CA ILE N 355 12.21 -45.06 -49.49
C ILE N 355 13.15 -43.87 -49.66
N ILE N 356 14.35 -44.12 -50.19
CA ILE N 356 15.34 -43.06 -50.38
C ILE N 356 14.82 -42.01 -51.37
N ILE N 357 14.30 -42.47 -52.52
CA ILE N 357 13.82 -41.52 -53.51
C ILE N 357 12.54 -40.83 -53.06
N HIS N 358 11.70 -41.52 -52.29
CA HIS N 358 10.48 -40.92 -51.78
C HIS N 358 10.78 -39.80 -50.78
N TYR N 359 11.70 -40.07 -49.84
CA TYR N 359 12.08 -39.05 -48.89
C TYR N 359 12.87 -37.92 -49.54
N TYR N 360 13.64 -38.23 -50.58
CA TYR N 360 14.35 -37.18 -51.31
C TYR N 360 13.38 -36.27 -52.05
N HIS N 361 12.30 -36.85 -52.60
CA HIS N 361 11.30 -36.04 -53.27
C HIS N 361 10.51 -35.19 -52.27
N ARG N 362 10.15 -35.76 -51.12
CA ARG N 362 9.46 -34.97 -50.10
C ARG N 362 10.35 -33.86 -49.54
N HIS N 363 11.40 -34.24 -48.82
CA HIS N 363 12.34 -33.30 -48.21
C HIS N 363 13.73 -33.55 -48.79
N PRO N 364 14.19 -32.74 -49.74
CA PRO N 364 15.48 -33.00 -50.38
C PRO N 364 16.67 -32.82 -49.44
N VAL N 365 16.73 -31.67 -48.77
CA VAL N 365 17.91 -31.34 -47.96
C VAL N 365 18.01 -32.24 -46.73
N TYR N 366 16.88 -32.54 -46.09
CA TYR N 366 16.90 -33.41 -44.92
C TYR N 366 17.33 -34.82 -45.28
N THR N 367 16.83 -35.33 -46.40
CA THR N 367 17.20 -36.68 -46.84
C THR N 367 18.67 -36.75 -47.24
N VAL N 368 19.16 -35.74 -47.98
CA VAL N 368 20.56 -35.82 -48.40
C VAL N 368 21.48 -35.66 -47.19
N ILE N 369 21.11 -34.83 -46.21
CA ILE N 369 22.00 -34.71 -45.05
C ILE N 369 21.91 -35.95 -44.16
N VAL N 370 20.76 -36.62 -44.08
CA VAL N 370 20.70 -37.81 -43.22
C VAL N 370 21.44 -38.99 -43.87
N LEU N 371 21.35 -39.17 -45.20
CA LEU N 371 22.16 -40.21 -45.83
C LEU N 371 23.65 -39.86 -45.84
N CYS N 372 23.99 -38.57 -45.96
CA CYS N 372 25.39 -38.17 -45.85
C CYS N 372 25.93 -38.46 -44.46
N GLY N 373 25.14 -38.17 -43.42
CA GLY N 373 25.55 -38.50 -42.07
C GLY N 373 25.67 -39.99 -41.83
N VAL N 374 24.76 -40.78 -42.40
CA VAL N 374 24.82 -42.23 -42.25
C VAL N 374 26.07 -42.79 -42.92
N ALA N 375 26.35 -42.34 -44.15
CA ALA N 375 27.55 -42.81 -44.86
C ALA N 375 28.82 -42.39 -44.14
N LEU N 376 28.87 -41.14 -43.66
CA LEU N 376 30.05 -40.68 -42.92
C LEU N 376 30.22 -41.45 -41.62
N ALA N 377 29.11 -41.71 -40.91
CA ALA N 377 29.19 -42.43 -39.65
C ALA N 377 29.68 -43.86 -39.85
N ILE N 378 29.16 -44.56 -40.87
CA ILE N 378 29.62 -45.93 -41.09
C ILE N 378 31.05 -45.96 -41.59
N LEU N 379 31.46 -44.97 -42.39
CA LEU N 379 32.85 -44.93 -42.84
C LEU N 379 33.81 -44.67 -41.69
N VAL N 380 33.49 -43.70 -40.82
CA VAL N 380 34.34 -43.41 -39.67
C VAL N 380 34.36 -44.60 -38.71
N GLY N 381 33.21 -45.25 -38.52
CA GLY N 381 33.18 -46.42 -37.65
C GLY N 381 34.03 -47.57 -38.17
N THR N 382 33.93 -47.87 -39.49
CA THR N 382 34.73 -48.94 -40.06
C THR N 382 36.21 -48.62 -40.01
N ALA N 383 36.59 -47.37 -40.33
CA ALA N 383 38.00 -46.99 -40.27
C ALA N 383 38.54 -47.03 -38.85
N SER N 384 37.76 -46.55 -37.88
CA SER N 384 38.19 -46.57 -36.48
C SER N 384 38.33 -48.00 -35.96
N SER N 385 37.38 -48.87 -36.29
CA SER N 385 37.48 -50.26 -35.84
C SER N 385 38.63 -51.00 -36.52
N ALA N 386 38.90 -50.67 -37.79
CA ALA N 386 40.06 -51.26 -38.46
C ALA N 386 41.36 -50.81 -37.80
N ALA N 387 41.45 -49.52 -37.45
CA ALA N 387 42.63 -49.02 -36.75
C ALA N 387 42.77 -49.66 -35.37
N CYS N 388 41.65 -49.85 -34.67
CA CYS N 388 41.67 -50.49 -33.36
C CYS N 388 42.14 -51.94 -33.47
N ILE N 389 41.64 -52.67 -34.47
CA ILE N 389 42.04 -54.06 -34.67
C ILE N 389 43.52 -54.14 -35.03
N ALA N 390 43.99 -53.22 -35.88
CA ALA N 390 45.42 -53.20 -36.25
C ALA N 390 46.30 -52.91 -35.05
N LYS N 391 45.91 -51.93 -34.22
CA LYS N 391 46.71 -51.60 -33.05
C LYS N 391 46.71 -52.73 -32.02
N ALA N 392 45.57 -53.40 -31.84
CA ALA N 392 45.51 -54.56 -30.97
C ALA N 392 46.38 -55.69 -31.50
N ARG N 393 46.40 -55.88 -32.82
CA ARG N 393 47.26 -56.90 -33.42
C ARG N 393 48.73 -56.59 -33.19
N ARG N 394 49.11 -55.32 -33.34
CA ARG N 394 50.50 -54.92 -33.09
C ARG N 394 50.88 -55.15 -31.64
N ASP N 395 50.03 -54.71 -30.71
CA ASP N 395 50.33 -54.88 -29.29
C ASP N 395 50.26 -56.34 -28.84
N CYS N 396 49.57 -57.20 -29.60
CA CYS N 396 49.49 -58.60 -29.23
C CYS N 396 50.68 -59.39 -29.75
N LEU N 397 51.11 -59.11 -31.00
CA LEU N 397 52.17 -59.90 -31.61
C LEU N 397 53.52 -59.19 -31.66
N THR N 398 53.66 -58.05 -30.97
CA THR N 398 55.02 -57.53 -30.82
C THR N 398 55.92 -58.34 -29.90
N PRO N 399 55.44 -59.12 -28.86
CA PRO N 399 56.40 -60.02 -28.18
C PRO N 399 56.88 -61.18 -29.03
N TYR N 400 55.92 -61.89 -29.65
CA TYR N 400 56.20 -63.20 -30.24
C TYR N 400 57.06 -63.14 -31.49
N ALA N 401 57.21 -61.97 -32.11
CA ALA N 401 58.04 -61.84 -33.29
C ALA N 401 59.52 -61.65 -32.96
N LEU N 402 59.93 -61.91 -31.72
CA LEU N 402 61.30 -61.72 -31.27
C LEU N 402 61.94 -63.03 -30.82
N ALA N 403 61.71 -64.09 -31.57
CA ALA N 403 62.31 -65.38 -31.24
C ALA N 403 62.59 -66.19 -32.51
N MET O 6 87.50 -60.30 -24.70
CA MET O 6 86.68 -61.46 -24.41
C MET O 6 85.28 -61.20 -24.97
N CYS O 7 84.53 -60.35 -24.27
CA CYS O 7 83.24 -59.91 -24.76
C CYS O 7 83.36 -59.06 -26.02
N MET O 8 84.48 -58.33 -26.15
CA MET O 8 84.70 -57.51 -27.33
C MET O 8 84.87 -58.36 -28.58
N LYS O 9 85.53 -59.52 -28.45
CA LYS O 9 85.69 -60.42 -29.58
C LYS O 9 84.34 -60.99 -30.02
N LEU O 10 83.47 -61.33 -29.07
CA LEU O 10 82.14 -61.81 -29.42
C LEU O 10 81.30 -60.71 -30.05
N GLU O 11 81.44 -59.47 -29.57
CA GLU O 11 80.69 -58.35 -30.10
C GLU O 11 81.41 -57.64 -31.25
N SER O 12 82.56 -58.14 -31.68
CA SER O 12 83.28 -57.54 -32.80
C SER O 12 82.48 -57.71 -34.09
N ASP O 13 82.25 -56.59 -34.78
CA ASP O 13 81.36 -56.51 -35.94
C ASP O 13 79.95 -57.01 -35.62
N LYS O 14 79.53 -56.85 -34.37
CA LYS O 14 78.22 -57.26 -33.88
C LYS O 14 77.49 -56.12 -33.18
N THR O 15 78.20 -55.27 -32.46
CA THR O 15 77.63 -54.08 -31.85
C THR O 15 77.97 -52.88 -32.73
N PHE O 16 76.94 -52.22 -33.26
CA PHE O 16 77.11 -51.16 -34.24
C PHE O 16 76.80 -49.80 -33.62
N PRO O 17 77.75 -48.89 -33.59
CA PRO O 17 77.50 -47.57 -32.98
C PRO O 17 76.50 -46.75 -33.79
N ILE O 18 75.79 -45.88 -33.09
CA ILE O 18 74.78 -45.01 -33.69
C ILE O 18 75.29 -43.58 -33.62
N MET O 19 75.59 -42.99 -34.78
CA MET O 19 76.17 -41.66 -34.84
C MET O 19 75.12 -40.60 -34.57
N LEU O 20 75.27 -39.88 -33.45
CA LEU O 20 74.48 -38.68 -33.17
C LEU O 20 75.37 -37.50 -33.56
N ASN O 21 75.29 -37.13 -34.84
CA ASN O 21 76.01 -36.05 -35.54
C ASN O 21 77.41 -35.80 -34.96
N GLY O 22 78.18 -36.88 -34.91
CA GLY O 22 79.41 -36.89 -34.14
C GLY O 22 79.55 -38.11 -33.26
N GLN O 23 79.43 -37.92 -31.95
CA GLN O 23 79.60 -39.00 -30.99
C GLN O 23 78.46 -40.02 -31.09
N VAL O 24 78.58 -41.08 -30.29
CA VAL O 24 77.66 -42.21 -30.34
C VAL O 24 76.64 -42.09 -29.21
N ASN O 25 75.39 -42.44 -29.51
CA ASN O 25 74.33 -42.45 -28.51
C ASN O 25 73.88 -43.85 -28.10
N GLY O 26 74.02 -44.85 -28.96
CA GLY O 26 73.58 -46.19 -28.65
C GLY O 26 74.27 -47.22 -29.53
N TYR O 27 74.07 -48.48 -29.18
CA TYR O 27 74.60 -49.60 -29.95
C TYR O 27 73.45 -50.46 -30.46
N ALA O 28 73.53 -50.84 -31.73
CA ALA O 28 72.59 -51.79 -32.30
C ALA O 28 73.19 -53.19 -32.26
N CYS O 29 72.32 -54.18 -32.05
CA CYS O 29 72.74 -55.55 -31.82
C CYS O 29 72.04 -56.47 -32.81
N VAL O 30 72.82 -57.18 -33.61
CA VAL O 30 72.26 -58.18 -34.52
C VAL O 30 72.28 -59.53 -33.78
N VAL O 31 71.08 -60.01 -33.43
CA VAL O 31 70.92 -61.27 -32.72
C VAL O 31 69.81 -62.07 -33.39
N GLY O 32 70.02 -63.39 -33.47
CA GLY O 32 69.00 -64.34 -33.90
C GLY O 32 68.35 -64.08 -35.24
N GLY O 33 69.06 -63.43 -36.15
CA GLY O 33 68.47 -63.02 -37.40
C GLY O 33 67.55 -61.81 -37.31
N ARG O 34 67.60 -61.08 -36.19
CA ARG O 34 66.78 -59.89 -35.99
C ARG O 34 67.67 -58.71 -35.65
N LEU O 35 67.47 -57.59 -36.34
CA LEU O 35 68.17 -56.37 -35.95
C LEU O 35 67.51 -55.78 -34.71
N MET O 36 68.25 -54.91 -34.02
CA MET O 36 67.73 -54.40 -32.76
C MET O 36 68.27 -52.98 -32.57
N LYS O 37 67.39 -52.05 -32.18
CA LYS O 37 67.83 -50.67 -31.98
C LYS O 37 66.84 -49.94 -31.07
N PRO O 38 67.30 -49.07 -30.14
CA PRO O 38 66.38 -48.42 -29.21
C PRO O 38 65.77 -47.12 -29.71
N LEU O 39 64.49 -46.90 -29.38
CA LEU O 39 63.76 -45.73 -29.88
C LEU O 39 64.18 -44.45 -29.18
N HIS O 40 64.40 -44.51 -27.86
CA HIS O 40 64.54 -43.30 -27.06
C HIS O 40 65.78 -42.49 -27.39
N VAL O 41 66.80 -43.11 -27.98
CA VAL O 41 67.98 -42.40 -28.47
C VAL O 41 67.99 -42.52 -30.00
N GLU O 42 68.23 -41.40 -30.67
CA GLU O 42 68.20 -41.34 -32.13
C GLU O 42 69.57 -40.95 -32.66
N GLY O 43 69.77 -41.24 -33.95
CA GLY O 43 71.03 -40.91 -34.59
C GLY O 43 71.15 -41.63 -35.92
N LYS O 44 72.39 -41.76 -36.37
CA LYS O 44 72.71 -42.37 -37.65
C LYS O 44 73.42 -43.69 -37.40
N ILE O 45 72.77 -44.79 -37.78
CA ILE O 45 73.41 -46.10 -37.70
C ILE O 45 74.49 -46.21 -38.76
N ASP O 46 75.56 -46.94 -38.43
CA ASP O 46 76.64 -47.20 -39.36
C ASP O 46 76.21 -48.33 -40.31
N ASN O 47 77.19 -48.88 -41.06
CA ASN O 47 77.08 -50.07 -41.91
C ASN O 47 75.81 -50.11 -42.75
N GLU O 48 75.73 -49.22 -43.75
CA GLU O 48 74.53 -48.80 -44.45
C GLU O 48 73.60 -49.90 -44.96
N GLN O 49 74.06 -51.15 -44.99
CA GLN O 49 73.16 -52.27 -45.26
C GLN O 49 72.05 -52.36 -44.22
N LEU O 50 72.29 -51.87 -42.99
CA LEU O 50 71.25 -51.70 -42.00
C LEU O 50 70.52 -50.37 -42.11
N ALA O 51 71.21 -49.32 -42.58
CA ALA O 51 70.57 -48.01 -42.69
C ALA O 51 69.55 -47.97 -43.83
N ALA O 52 69.72 -48.82 -44.85
CA ALA O 52 68.82 -48.80 -45.99
C ALA O 52 67.46 -49.41 -45.65
N VAL O 53 67.40 -50.26 -44.62
CA VAL O 53 66.16 -50.93 -44.22
C VAL O 53 65.60 -50.23 -42.99
N LYS O 54 64.28 -50.02 -43.00
CA LYS O 54 63.60 -49.45 -41.84
C LYS O 54 63.15 -50.57 -40.90
N LEU O 55 62.95 -50.20 -39.64
CA LEU O 55 62.76 -51.17 -38.57
C LEU O 55 61.43 -50.89 -37.90
N LYS O 56 60.55 -51.89 -37.85
CA LYS O 56 59.20 -51.68 -37.33
C LYS O 56 59.22 -51.54 -35.81
N LYS O 57 58.37 -50.65 -35.31
CA LYS O 57 58.54 -50.07 -33.97
C LYS O 57 57.68 -50.74 -32.91
N ALA O 58 58.07 -50.51 -31.66
CA ALA O 58 57.30 -50.89 -30.47
C ALA O 58 57.72 -49.91 -29.38
N SER O 59 56.88 -48.89 -29.16
CA SER O 59 57.23 -47.84 -28.21
C SER O 59 57.08 -48.29 -26.77
N MET O 60 56.24 -49.31 -26.52
CA MET O 60 56.06 -49.82 -25.16
C MET O 60 57.31 -50.50 -24.64
N TYR O 61 58.10 -51.12 -25.53
CA TYR O 61 59.41 -51.64 -25.17
C TYR O 61 60.53 -50.66 -25.50
N ASP O 62 60.19 -49.48 -26.02
CA ASP O 62 61.15 -48.42 -26.38
C ASP O 62 62.18 -48.94 -27.39
N LEU O 63 61.72 -49.69 -28.38
CA LEU O 63 62.61 -50.45 -29.25
C LEU O 63 62.00 -50.60 -30.63
N GLU O 64 62.81 -51.00 -31.61
CA GLU O 64 62.28 -51.39 -32.91
C GLU O 64 63.12 -52.46 -33.56
N TYR O 65 62.46 -53.42 -34.21
CA TYR O 65 63.03 -54.68 -34.64
C TYR O 65 62.74 -54.91 -36.13
N GLY O 66 63.34 -55.97 -36.68
CA GLY O 66 63.17 -56.31 -38.08
C GLY O 66 63.95 -57.54 -38.51
N ASP O 67 64.36 -57.58 -39.77
CA ASP O 67 65.06 -58.72 -40.36
C ASP O 67 66.49 -58.32 -40.72
N VAL O 68 67.26 -59.29 -41.20
CA VAL O 68 68.71 -59.11 -41.41
C VAL O 68 69.09 -59.44 -42.85
N PRO O 69 69.77 -58.54 -43.55
CA PRO O 69 70.26 -58.80 -44.92
C PRO O 69 71.67 -59.37 -44.94
N GLN O 70 71.81 -60.64 -44.54
CA GLN O 70 73.09 -61.33 -44.54
C GLN O 70 72.98 -62.57 -45.42
N ASN O 71 74.05 -62.85 -46.18
CA ASN O 71 74.12 -64.00 -47.07
C ASN O 71 73.92 -65.33 -46.32
N ASP O 75 76.02 -63.09 -36.41
CA ASP O 75 74.77 -62.39 -36.68
C ASP O 75 73.59 -63.16 -36.08
N THR O 76 73.89 -64.25 -35.41
CA THR O 76 72.90 -65.21 -34.92
C THR O 76 73.14 -65.55 -33.45
N LEU O 77 73.27 -64.53 -32.60
CA LEU O 77 73.38 -64.77 -31.17
C LEU O 77 72.11 -65.42 -30.64
N GLN O 78 72.27 -66.47 -29.85
CA GLN O 78 71.17 -67.32 -29.45
C GLN O 78 70.36 -66.67 -28.32
N TYR O 79 69.19 -67.24 -28.06
CA TYR O 79 68.28 -66.77 -27.01
C TYR O 79 68.45 -67.61 -25.76
N THR O 80 68.31 -66.95 -24.61
CA THR O 80 68.33 -67.61 -23.30
C THR O 80 66.99 -67.36 -22.61
N SER O 81 66.11 -68.35 -22.66
CA SER O 81 64.85 -68.25 -21.92
C SER O 81 65.05 -68.50 -20.43
N ASP O 82 66.16 -69.11 -20.04
CA ASP O 82 66.47 -69.38 -18.64
C ASP O 82 67.82 -68.77 -18.30
N LYS O 83 67.84 -67.90 -17.30
CA LYS O 83 69.06 -67.27 -16.83
C LYS O 83 69.25 -67.56 -15.34
N PRO O 84 70.19 -68.43 -14.98
CA PRO O 84 70.55 -68.56 -13.56
C PRO O 84 71.08 -67.25 -13.03
N PRO O 85 70.83 -66.94 -11.73
CA PRO O 85 71.17 -65.61 -11.20
C PRO O 85 72.65 -65.26 -11.29
N GLY O 86 73.51 -66.06 -10.65
CA GLY O 86 74.96 -66.01 -10.77
C GLY O 86 75.63 -64.66 -10.95
N PHE O 87 76.46 -64.56 -11.98
CA PHE O 87 76.92 -63.28 -12.49
C PHE O 87 77.24 -63.44 -13.96
N TYR O 88 77.00 -62.38 -14.73
CA TYR O 88 77.26 -62.35 -16.16
C TYR O 88 78.18 -61.18 -16.50
N ASN O 89 78.59 -61.14 -17.76
CA ASN O 89 79.60 -60.20 -18.23
C ASN O 89 79.00 -59.20 -19.21
N TRP O 90 79.59 -58.01 -19.26
CA TRP O 90 79.26 -56.99 -20.24
C TRP O 90 80.48 -56.09 -20.36
N HIS O 91 80.61 -55.41 -21.50
CA HIS O 91 81.91 -54.87 -21.85
C HIS O 91 82.27 -53.59 -21.09
N HIS O 92 81.58 -53.29 -19.99
CA HIS O 92 82.06 -52.35 -18.99
C HIS O 92 82.32 -53.00 -17.63
N GLY O 93 81.67 -54.11 -17.34
CA GLY O 93 81.94 -54.82 -16.10
C GLY O 93 81.05 -56.02 -15.91
N ALA O 94 81.03 -56.49 -14.66
CA ALA O 94 80.22 -57.65 -14.29
C ALA O 94 78.86 -57.20 -13.77
N VAL O 95 77.88 -58.09 -13.93
CA VAL O 95 76.51 -57.84 -13.53
C VAL O 95 76.01 -59.07 -12.77
N GLN O 96 75.09 -58.86 -11.84
CA GLN O 96 74.46 -59.96 -11.13
C GLN O 96 72.95 -59.84 -11.22
N TYR O 97 72.29 -60.99 -11.32
CA TYR O 97 70.84 -61.07 -11.45
C TYR O 97 70.28 -61.37 -10.07
N GLU O 98 69.63 -60.37 -9.47
CA GLU O 98 69.12 -60.46 -8.10
C GLU O 98 67.60 -60.43 -8.12
N ASN O 99 66.99 -61.62 -8.29
CA ASN O 99 65.56 -61.90 -8.31
C ASN O 99 64.71 -60.84 -9.03
N GLY O 100 65.20 -60.37 -10.17
CA GLY O 100 64.45 -59.40 -10.96
C GLY O 100 65.18 -58.11 -11.22
N ARG O 101 66.46 -58.06 -10.86
CA ARG O 101 67.26 -56.85 -11.02
C ARG O 101 68.64 -57.21 -11.53
N PHE O 102 69.19 -56.35 -12.38
CA PHE O 102 70.57 -56.43 -12.86
C PHE O 102 71.36 -55.34 -12.17
N THR O 103 72.61 -55.64 -11.80
CA THR O 103 73.34 -54.85 -10.81
C THR O 103 74.67 -54.35 -11.37
N VAL O 104 74.91 -53.05 -11.30
CA VAL O 104 76.22 -52.47 -11.64
C VAL O 104 76.61 -51.47 -10.55
N PRO O 105 77.93 -51.24 -10.36
CA PRO O 105 78.38 -50.29 -9.32
C PRO O 105 78.14 -48.82 -9.65
N ARG O 106 78.72 -47.94 -8.82
CA ARG O 106 78.52 -46.48 -8.84
C ARG O 106 78.77 -45.82 -10.19
N GLY O 107 80.02 -45.81 -10.65
CA GLY O 107 80.42 -44.95 -11.74
C GLY O 107 80.19 -45.50 -13.13
N VAL O 108 79.93 -46.79 -13.25
CA VAL O 108 79.73 -47.42 -14.55
C VAL O 108 78.35 -47.07 -15.08
N GLY O 109 78.28 -46.71 -16.36
CA GLY O 109 77.04 -46.28 -16.97
C GLY O 109 77.21 -45.05 -17.83
N GLY O 110 76.53 -43.97 -17.46
CA GLY O 110 76.62 -42.72 -18.19
C GLY O 110 75.65 -42.65 -19.34
N LYS O 111 75.34 -41.43 -19.75
CA LYS O 111 74.45 -41.21 -20.88
C LYS O 111 75.11 -41.69 -22.17
N GLY O 112 74.36 -42.43 -22.98
CA GLY O 112 74.91 -43.10 -24.13
C GLY O 112 75.21 -44.58 -23.91
N ASP O 113 74.87 -45.11 -22.74
CA ASP O 113 75.06 -46.53 -22.43
C ASP O 113 73.87 -47.37 -22.87
N SER O 114 72.85 -46.78 -23.48
CA SER O 114 71.69 -47.52 -23.93
C SER O 114 72.01 -48.37 -25.15
N GLY O 115 71.24 -49.44 -25.31
CA GLY O 115 71.40 -50.34 -26.44
C GLY O 115 72.49 -51.36 -26.31
N ARG O 116 73.25 -51.33 -25.22
CA ARG O 116 74.33 -52.30 -25.04
C ARG O 116 73.76 -53.67 -24.73
N PRO O 117 74.33 -54.73 -25.28
CA PRO O 117 73.88 -56.08 -24.95
C PRO O 117 74.63 -56.63 -23.74
N ILE O 118 73.97 -57.56 -23.05
CA ILE O 118 74.62 -58.34 -22.00
C ILE O 118 74.54 -59.81 -22.40
N LEU O 119 75.69 -60.47 -22.38
CA LEU O 119 75.80 -61.86 -22.80
C LEU O 119 75.75 -62.75 -21.57
N ASP O 120 75.91 -64.05 -21.77
CA ASP O 120 76.12 -64.97 -20.67
C ASP O 120 77.63 -65.16 -20.49
N ASN O 121 78.01 -66.15 -19.68
CA ASN O 121 79.42 -66.32 -19.36
C ASN O 121 80.22 -66.92 -20.51
N ARG O 122 79.59 -67.36 -21.59
CA ARG O 122 80.31 -67.94 -22.72
C ARG O 122 79.92 -67.38 -24.08
N GLY O 123 78.86 -66.58 -24.18
CA GLY O 123 78.56 -65.95 -25.46
C GLY O 123 77.11 -65.67 -25.81
N ARG O 124 76.16 -66.44 -25.30
CA ARG O 124 74.76 -66.19 -25.65
C ARG O 124 74.26 -64.91 -25.00
N VAL O 125 73.60 -64.06 -25.78
CA VAL O 125 73.00 -62.84 -25.26
C VAL O 125 71.79 -63.21 -24.41
N VAL O 126 71.66 -62.57 -23.25
CA VAL O 126 70.54 -62.82 -22.38
C VAL O 126 69.55 -61.65 -22.32
N ALA O 127 70.00 -60.43 -22.60
CA ALA O 127 69.19 -59.23 -22.47
C ALA O 127 69.94 -58.06 -23.08
N ILE O 128 69.24 -56.93 -23.21
CA ILE O 128 69.81 -55.69 -23.72
C ILE O 128 69.40 -54.56 -22.79
N VAL O 129 70.36 -53.74 -22.37
CA VAL O 129 70.11 -52.66 -21.43
C VAL O 129 69.76 -51.39 -22.20
N LEU O 130 68.81 -50.61 -21.66
CA LEU O 130 68.44 -49.32 -22.22
C LEU O 130 68.56 -48.18 -21.23
N GLY O 131 68.82 -48.46 -19.96
CA GLY O 131 69.00 -47.40 -18.98
C GLY O 131 69.33 -47.94 -17.61
N GLY O 132 69.17 -47.14 -16.56
CA GLY O 132 69.48 -47.62 -15.23
C GLY O 132 68.72 -46.86 -14.18
N ALA O 133 69.02 -47.19 -12.92
CA ALA O 133 68.49 -46.46 -11.79
C ALA O 133 69.51 -45.43 -11.30
N ASN O 134 69.03 -44.44 -10.57
CA ASN O 134 69.88 -43.32 -10.16
C ASN O 134 70.77 -43.65 -8.97
N GLU O 135 70.62 -44.83 -8.38
CA GLU O 135 71.37 -45.20 -7.19
C GLU O 135 72.65 -45.93 -7.61
N GLY O 136 73.31 -46.59 -6.67
CA GLY O 136 74.50 -47.37 -6.94
C GLY O 136 74.59 -48.54 -5.99
N THR O 137 75.83 -48.98 -5.73
CA THR O 137 76.14 -50.19 -4.97
C THR O 137 75.33 -51.38 -5.49
N ARG O 138 75.61 -51.72 -6.75
CA ARG O 138 74.96 -52.82 -7.47
C ARG O 138 73.46 -52.57 -7.61
N THR O 139 73.13 -51.43 -8.19
CA THR O 139 71.75 -50.96 -8.33
C THR O 139 71.11 -51.51 -9.60
N ALA O 140 69.79 -51.32 -9.70
CA ALA O 140 69.00 -51.89 -10.78
C ALA O 140 69.17 -51.10 -12.08
N LEU O 141 68.78 -51.74 -13.19
CA LEU O 141 68.98 -51.21 -14.55
C LEU O 141 67.70 -51.34 -15.35
N SER O 142 67.47 -50.41 -16.27
CA SER O 142 66.37 -50.50 -17.24
C SER O 142 66.82 -51.42 -18.36
N VAL O 143 66.31 -52.66 -18.33
CA VAL O 143 66.76 -53.74 -19.20
C VAL O 143 65.53 -54.37 -19.85
N VAL O 144 65.70 -54.85 -21.07
CA VAL O 144 64.69 -55.64 -21.78
C VAL O 144 65.13 -57.10 -21.76
N THR O 145 64.30 -57.96 -21.17
CA THR O 145 64.63 -59.36 -20.97
C THR O 145 63.59 -60.26 -21.64
N TRP O 146 63.88 -61.55 -21.65
CA TRP O 146 62.99 -62.58 -22.17
C TRP O 146 62.73 -63.61 -21.08
N ASN O 147 61.47 -64.06 -20.98
CA ASN O 147 61.10 -65.02 -19.96
C ASN O 147 61.33 -66.45 -20.44
N GLN O 148 60.79 -67.42 -19.69
CA GLN O 148 60.95 -68.82 -20.03
C GLN O 148 60.15 -69.23 -21.27
N LYS O 149 59.17 -68.42 -21.68
CA LYS O 149 58.39 -68.70 -22.89
C LYS O 149 58.85 -67.86 -24.08
N GLY O 150 59.98 -67.17 -23.96
CA GLY O 150 60.46 -66.31 -25.03
C GLY O 150 59.59 -65.09 -25.28
N VAL O 151 59.10 -64.46 -24.21
CA VAL O 151 58.24 -63.29 -24.30
C VAL O 151 59.03 -62.09 -23.79
N THR O 152 58.86 -60.95 -24.45
CA THR O 152 59.58 -59.74 -24.08
C THR O 152 58.97 -59.08 -22.84
N ILE O 153 59.84 -58.74 -21.88
CA ILE O 153 59.45 -57.94 -20.72
C ILE O 153 60.43 -56.80 -20.55
N LYS O 154 59.90 -55.58 -20.46
CA LYS O 154 60.69 -54.39 -20.11
C LYS O 154 60.73 -54.33 -18.58
N ASP O 155 61.86 -54.74 -17.99
CA ASP O 155 62.01 -54.75 -16.54
C ASP O 155 62.11 -53.31 -16.03
N THR O 156 61.18 -52.92 -15.17
CA THR O 156 61.17 -51.56 -14.65
C THR O 156 62.00 -51.48 -13.38
N PRO O 157 63.10 -50.73 -13.37
CA PRO O 157 63.91 -50.58 -12.15
C PRO O 157 63.54 -49.40 -11.27
N GLU O 158 62.32 -48.84 -11.45
CA GLU O 158 61.85 -47.58 -10.85
C GLU O 158 62.90 -46.45 -10.97
N GLY O 159 63.65 -46.43 -12.06
CA GLY O 159 64.66 -45.42 -12.28
C GLY O 159 64.18 -44.29 -13.16
N SER O 160 63.57 -44.63 -14.29
CA SER O 160 63.03 -43.69 -15.28
C SER O 160 64.09 -42.73 -15.83
N GLU O 161 65.35 -43.15 -15.84
CA GLU O 161 66.45 -42.36 -16.39
C GLU O 161 67.26 -43.26 -17.33
N PRO O 162 67.17 -43.03 -18.64
CA PRO O 162 67.80 -43.96 -19.59
C PRO O 162 69.28 -43.69 -19.85
N TRP O 163 70.17 -44.20 -18.99
CA TRP O 163 71.60 -44.18 -19.33
C TRP O 163 71.91 -45.20 -20.43
N GLN P 1 -36.85 -6.37 -68.37
CA GLN P 1 -37.59 -7.38 -69.11
C GLN P 1 -39.10 -7.19 -68.99
N LEU P 2 -39.52 -6.42 -67.99
CA LEU P 2 -40.94 -6.14 -67.84
C LEU P 2 -41.39 -5.08 -68.83
N HIS P 3 -42.63 -5.20 -69.30
CA HIS P 3 -43.17 -4.31 -70.32
C HIS P 3 -44.49 -3.72 -69.84
N TYR P 4 -44.54 -2.40 -69.77
CA TYR P 4 -45.73 -1.66 -69.35
C TYR P 4 -46.11 -0.65 -70.44
N THR P 5 -47.32 -0.12 -70.34
CA THR P 5 -47.84 0.81 -71.32
C THR P 5 -48.50 2.01 -70.65
N VAL P 6 -48.44 3.16 -71.34
CA VAL P 6 -49.08 4.40 -70.91
C VAL P 6 -49.78 5.03 -72.11
N GLN P 7 -50.70 5.94 -71.81
CA GLN P 7 -51.45 6.68 -72.82
C GLN P 7 -50.93 8.11 -72.93
N GLU P 8 -51.29 8.75 -74.04
CA GLU P 8 -50.85 10.11 -74.29
C GLU P 8 -51.69 11.09 -73.49
N GLU P 9 -51.05 12.14 -72.97
CA GLU P 9 -51.67 13.12 -72.05
C GLU P 9 -52.27 12.44 -70.83
N GLN P 10 -51.49 11.56 -70.20
CA GLN P 10 -51.96 10.89 -68.99
C GLN P 10 -51.58 11.70 -67.74
N GLU P 11 -52.47 11.70 -66.77
CA GLU P 11 -52.36 12.54 -65.58
C GLU P 11 -51.24 12.05 -64.67
N HIS P 12 -50.83 12.94 -63.76
CA HIS P 12 -49.76 12.63 -62.82
C HIS P 12 -50.23 11.64 -61.75
N GLY P 13 -49.34 10.73 -61.37
CA GLY P 13 -49.60 9.80 -60.29
C GLY P 13 -50.46 8.60 -60.66
N THR P 14 -50.83 8.46 -61.93
CA THR P 14 -51.68 7.35 -62.35
C THR P 14 -50.90 6.04 -62.39
N PHE P 15 -51.63 4.95 -62.30
CA PHE P 15 -51.01 3.62 -62.28
C PHE P 15 -50.46 3.24 -63.64
N VAL P 16 -49.27 2.64 -63.64
CA VAL P 16 -48.66 2.07 -64.84
C VAL P 16 -48.43 0.57 -64.68
N GLY P 17 -47.72 0.18 -63.64
CA GLY P 17 -47.46 -1.23 -63.39
C GLY P 17 -46.87 -1.43 -62.02
N ASN P 18 -46.95 -2.68 -61.56
CA ASN P 18 -46.42 -3.08 -60.25
C ASN P 18 -45.19 -3.93 -60.52
N ILE P 19 -44.00 -3.36 -60.28
CA ILE P 19 -42.76 -4.06 -60.53
C ILE P 19 -42.57 -5.21 -59.54
N ALA P 20 -42.82 -4.94 -58.26
CA ALA P 20 -42.62 -5.95 -57.22
C ALA P 20 -43.61 -7.10 -57.37
N GLU P 21 -44.87 -6.80 -57.72
CA GLU P 21 -45.85 -7.85 -57.90
C GLU P 21 -45.58 -8.67 -59.15
N ASP P 22 -45.10 -8.03 -60.22
CA ASP P 22 -44.79 -8.76 -61.44
C ASP P 22 -43.55 -9.63 -61.28
N LEU P 23 -42.60 -9.20 -60.46
CA LEU P 23 -41.36 -9.96 -60.26
C LEU P 23 -41.43 -10.91 -59.08
N GLY P 24 -42.59 -11.02 -58.42
CA GLY P 24 -42.72 -11.84 -57.24
C GLY P 24 -42.11 -11.26 -55.98
N LEU P 25 -41.69 -10.00 -56.02
CA LEU P 25 -41.05 -9.38 -54.87
C LEU P 25 -42.09 -9.04 -53.80
N ASP P 26 -41.76 -9.34 -52.56
CA ASP P 26 -42.63 -9.01 -51.45
C ASP P 26 -42.54 -7.52 -51.12
N ILE P 27 -43.68 -6.94 -50.73
CA ILE P 27 -43.76 -5.51 -50.49
C ILE P 27 -43.00 -5.13 -49.21
N THR P 28 -43.08 -5.98 -48.18
CA THR P 28 -42.60 -5.60 -46.86
C THR P 28 -41.08 -5.54 -46.77
N LYS P 29 -40.37 -6.19 -47.70
CA LYS P 29 -38.91 -6.19 -47.68
C LYS P 29 -38.30 -5.27 -48.72
N LEU P 30 -39.11 -4.46 -49.40
CA LEU P 30 -38.55 -3.54 -50.40
C LEU P 30 -37.72 -2.44 -49.75
N SER P 31 -38.17 -1.92 -48.60
CA SER P 31 -37.41 -0.88 -47.91
C SER P 31 -36.14 -1.44 -47.29
N ALA P 32 -36.20 -2.68 -46.78
CA ALA P 32 -35.03 -3.27 -46.15
C ALA P 32 -33.98 -3.71 -47.17
N ARG P 33 -34.38 -3.94 -48.42
CA ARG P 33 -33.46 -4.38 -49.46
C ARG P 33 -32.95 -3.22 -50.30
N GLY P 34 -33.31 -1.98 -49.97
CA GLY P 34 -32.86 -0.82 -50.71
C GLY P 34 -33.41 -0.72 -52.12
N PHE P 35 -34.73 -0.83 -52.25
CA PHE P 35 -35.37 -0.73 -53.56
C PHE P 35 -35.27 0.71 -54.05
N GLN P 36 -34.37 0.92 -55.01
CA GLN P 36 -34.17 2.23 -55.63
C GLN P 36 -34.02 2.03 -57.12
N THR P 37 -34.46 3.01 -57.89
CA THR P 37 -34.23 2.97 -59.33
C THR P 37 -32.77 3.28 -59.63
N VAL P 38 -32.28 2.75 -60.74
CA VAL P 38 -30.86 2.90 -61.08
C VAL P 38 -30.59 4.32 -61.53
N PRO P 39 -29.60 5.01 -60.96
CA PRO P 39 -29.29 6.39 -61.38
C PRO P 39 -28.84 6.50 -62.83
N ASN P 40 -28.32 5.42 -63.42
CA ASN P 40 -27.95 5.46 -64.83
C ASN P 40 -29.20 5.54 -65.71
N SER P 41 -30.29 4.91 -65.30
CA SER P 41 -31.56 4.93 -66.05
C SER P 41 -32.63 5.59 -65.19
N ARG P 42 -32.72 6.91 -65.26
CA ARG P 42 -33.77 7.70 -64.63
C ARG P 42 -34.47 8.54 -65.70
N THR P 43 -35.63 8.10 -66.15
CA THR P 43 -36.47 8.96 -66.96
C THR P 43 -37.09 10.05 -66.10
N PRO P 44 -37.23 11.27 -66.62
CA PRO P 44 -37.88 12.33 -65.85
C PRO P 44 -39.39 12.34 -65.96
N TYR P 45 -39.97 11.40 -66.71
CA TYR P 45 -41.42 11.35 -66.91
C TYR P 45 -42.10 10.38 -65.95
N LEU P 46 -41.41 9.33 -65.53
CA LEU P 46 -41.98 8.28 -64.70
C LEU P 46 -41.14 8.12 -63.44
N ASP P 47 -41.81 8.11 -62.29
CA ASP P 47 -41.18 7.85 -61.01
C ASP P 47 -41.77 6.57 -60.41
N LEU P 48 -41.30 6.22 -59.21
CA LEU P 48 -41.77 5.01 -58.55
C LEU P 48 -41.71 5.22 -57.04
N ASN P 49 -42.67 4.64 -56.33
CA ASN P 49 -42.74 4.74 -54.88
C ASN P 49 -41.93 3.60 -54.27
N LEU P 50 -40.98 3.95 -53.40
CA LEU P 50 -40.11 2.94 -52.80
C LEU P 50 -40.87 2.07 -51.80
N GLU P 51 -41.86 2.64 -51.10
CA GLU P 51 -42.58 1.90 -50.08
C GLU P 51 -43.50 0.85 -50.69
N THR P 52 -44.15 1.17 -51.81
CA THR P 52 -45.12 0.28 -52.42
C THR P 52 -44.57 -0.50 -53.62
N GLY P 53 -43.51 -0.01 -54.25
CA GLY P 53 -43.00 -0.65 -55.46
C GLY P 53 -43.94 -0.57 -56.64
N VAL P 54 -44.63 0.56 -56.81
CA VAL P 54 -45.57 0.76 -57.90
C VAL P 54 -45.03 1.90 -58.76
N LEU P 55 -44.86 1.63 -60.05
CA LEU P 55 -44.36 2.64 -60.98
C LEU P 55 -45.51 3.52 -61.42
N TYR P 56 -45.37 4.83 -61.24
CA TYR P 56 -46.44 5.76 -61.57
C TYR P 56 -45.95 6.86 -62.50
N VAL P 57 -46.78 7.86 -62.74
CA VAL P 57 -46.48 8.96 -63.66
C VAL P 57 -46.06 10.16 -62.83
N ASN P 58 -44.87 10.68 -63.12
CA ASN P 58 -44.34 11.85 -62.42
C ASN P 58 -44.58 13.15 -63.17
N GLU P 59 -44.44 13.14 -64.49
CA GLU P 59 -44.66 14.32 -65.31
C GLU P 59 -45.57 13.93 -66.47
N LYS P 60 -46.35 14.90 -66.95
CA LYS P 60 -47.31 14.66 -68.04
C LYS P 60 -46.59 14.15 -69.28
N ILE P 61 -47.07 13.03 -69.80
CA ILE P 61 -46.39 12.30 -70.88
C ILE P 61 -46.69 13.01 -72.20
N ASP P 62 -45.75 13.80 -72.67
CA ASP P 62 -45.85 14.46 -73.98
C ASP P 62 -45.18 13.56 -75.01
N ARG P 63 -46.00 12.95 -75.87
CA ARG P 63 -45.47 11.98 -76.84
C ARG P 63 -44.62 12.67 -77.90
N GLU P 64 -44.97 13.89 -78.29
CA GLU P 64 -44.22 14.58 -79.34
C GLU P 64 -42.81 14.94 -78.88
N GLN P 65 -42.64 15.25 -77.60
CA GLN P 65 -41.33 15.63 -77.08
C GLN P 65 -40.41 14.43 -76.91
N ILE P 66 -40.96 13.25 -76.62
CA ILE P 66 -40.16 12.07 -76.32
C ILE P 66 -40.09 11.10 -77.50
N CYS P 67 -40.64 11.48 -78.65
CA CYS P 67 -40.68 10.59 -79.81
C CYS P 67 -40.70 11.37 -81.11
N CYS P 73 -40.71 3.96 -80.08
CA CYS P 73 -40.20 4.90 -79.09
C CYS P 73 -40.77 4.63 -77.70
N VAL P 74 -39.95 4.04 -76.83
CA VAL P 74 -40.35 3.66 -75.49
C VAL P 74 -39.41 4.33 -74.49
N LEU P 75 -39.71 4.16 -73.21
CA LEU P 75 -38.89 4.66 -72.12
C LEU P 75 -38.31 3.48 -71.34
N HIS P 76 -37.02 3.52 -71.07
CA HIS P 76 -36.33 2.47 -70.34
C HIS P 76 -36.03 2.94 -68.92
N LEU P 77 -36.36 2.10 -67.94
CA LEU P 77 -36.07 2.39 -66.55
C LEU P 77 -35.49 1.14 -65.92
N GLU P 78 -34.58 1.31 -64.96
CA GLU P 78 -33.90 0.20 -64.32
C GLU P 78 -33.99 0.32 -62.81
N VAL P 79 -34.18 -0.81 -62.13
CA VAL P 79 -34.26 -0.88 -60.68
C VAL P 79 -33.25 -1.91 -60.19
N PHE P 80 -32.89 -1.80 -58.91
CA PHE P 80 -31.92 -2.73 -58.34
C PHE P 80 -32.20 -2.96 -56.86
N LEU P 81 -31.74 -4.11 -56.37
CA LEU P 81 -31.95 -4.56 -55.01
C LEU P 81 -30.65 -5.10 -54.42
N GLU P 82 -30.57 -5.04 -53.10
CA GLU P 82 -29.41 -5.52 -52.36
C GLU P 82 -29.86 -6.54 -51.31
N ASN P 83 -28.98 -7.53 -51.07
CA ASN P 83 -29.14 -8.60 -50.08
C ASN P 83 -30.45 -9.36 -50.19
N PRO P 84 -30.63 -10.21 -51.22
CA PRO P 84 -29.73 -10.49 -52.36
C PRO P 84 -29.81 -9.39 -53.42
N LEU P 85 -28.77 -9.28 -54.23
CA LEU P 85 -28.53 -8.11 -55.07
C LEU P 85 -28.78 -8.47 -56.53
N GLU P 86 -29.64 -7.68 -57.18
CA GLU P 86 -30.08 -7.97 -58.55
C GLU P 86 -30.51 -6.67 -59.22
N LEU P 87 -30.68 -6.71 -60.54
CA LEU P 87 -31.20 -5.57 -61.27
C LEU P 87 -32.30 -6.05 -62.21
N PHE P 88 -33.21 -5.13 -62.54
CA PHE P 88 -34.31 -5.42 -63.46
C PHE P 88 -34.56 -4.22 -64.35
N GLN P 89 -35.12 -4.49 -65.53
CA GLN P 89 -35.38 -3.46 -66.54
C GLN P 89 -36.87 -3.46 -66.89
N VAL P 90 -37.43 -2.26 -67.03
CA VAL P 90 -38.80 -2.08 -67.48
C VAL P 90 -38.80 -1.15 -68.69
N GLU P 91 -39.61 -1.52 -69.68
CA GLU P 91 -39.81 -0.72 -70.89
C GLU P 91 -41.27 -0.29 -70.94
N ILE P 92 -41.51 1.01 -71.06
CA ILE P 92 -42.84 1.59 -71.03
C ILE P 92 -43.13 2.19 -72.41
N GLU P 93 -44.21 1.74 -73.03
CA GLU P 93 -44.58 2.16 -74.37
C GLU P 93 -45.71 3.19 -74.30
N VAL P 94 -45.51 4.33 -74.97
CA VAL P 94 -46.53 5.38 -75.05
C VAL P 94 -47.41 5.10 -76.26
N LEU P 95 -48.72 5.10 -76.05
CA LEU P 95 -49.68 4.93 -77.14
C LEU P 95 -50.27 6.27 -77.51
N ASP P 96 -50.31 6.56 -78.82
CA ASP P 96 -50.85 7.81 -79.32
C ASP P 96 -52.36 7.86 -79.18
C1 NAG Q . 17.27 46.34 -37.67
C2 NAG Q . 17.80 46.93 -38.99
C3 NAG Q . 18.53 48.28 -38.85
C4 NAG Q . 18.14 49.13 -37.63
C5 NAG Q . 17.88 48.23 -36.41
C6 NAG Q . 17.46 48.97 -35.16
C7 NAG Q . 18.34 44.92 -40.34
C8 NAG Q . 19.50 44.09 -40.85
N2 NAG Q . 18.69 45.99 -39.60
O3 NAG Q . 18.31 48.98 -40.05
O4 NAG Q . 19.21 50.01 -37.39
O5 NAG Q . 16.85 47.36 -36.78
O6 NAG Q . 16.31 48.36 -34.63
O7 NAG Q . 17.19 44.62 -40.58
C1 NAG R . -12.71 4.16 1.71
C2 NAG R . -11.85 5.28 2.31
C3 NAG R . -11.90 5.24 3.84
C4 NAG R . -13.35 5.15 4.35
C5 NAG R . -14.09 4.02 3.62
C6 NAG R . -15.54 3.87 4.02
C7 NAG R . -9.56 4.28 1.95
C8 NAG R . -8.24 4.60 1.29
N2 NAG R . -10.49 5.26 1.82
O3 NAG R . -11.24 6.37 4.33
O4 NAG R . -13.29 4.92 5.74
O5 NAG R . -14.02 4.25 2.22
O6 NAG R . -15.89 2.50 4.02
O7 NAG R . -9.72 3.21 2.53
C1 NAG S . -69.37 -4.08 -17.81
C2 NAG S . -69.68 -2.77 -18.55
C3 NAG S . -70.76 -2.96 -19.61
C4 NAG S . -70.51 -4.19 -20.49
C5 NAG S . -70.28 -5.42 -19.59
C6 NAG S . -69.97 -6.69 -20.35
C7 NAG S . -70.84 -1.27 -16.73
C8 NAG S . -72.02 -2.16 -16.37
N2 NAG S . -69.91 -1.63 -17.66
O3 NAG S . -70.83 -1.78 -20.38
O4 NAG S . -71.63 -4.37 -21.32
O5 NAG S . -69.18 -5.13 -18.75
O6 NAG S . -71.17 -7.39 -20.61
O7 NAG S . -70.74 -0.20 -16.15
C1 NAG T . 13.54 21.28 8.17
C2 NAG T . 13.96 20.51 9.44
C3 NAG T . 14.65 21.44 10.43
C4 NAG T . 15.74 22.27 9.77
C5 NAG T . 15.15 22.99 8.55
C6 NAG T . 16.14 23.85 7.80
C7 NAG T . 12.46 18.59 9.85
C8 NAG T . 11.22 18.17 10.61
N2 NAG T . 12.82 19.87 10.05
O3 NAG T . 15.17 20.64 11.47
O4 NAG T . 16.22 23.19 10.73
O5 NAG T . 14.64 22.00 7.66
O6 NAG T . 17.12 23.04 7.20
O7 NAG T . 13.06 17.82 9.13
C1 NAG U . 5.15 27.26 82.71
C2 NAG U . 6.06 27.38 83.95
C3 NAG U . 5.91 26.21 84.91
C4 NAG U . 4.47 25.76 85.10
C5 NAG U . 3.77 25.67 83.73
C6 NAG U . 2.34 25.19 83.79
C7 NAG U . 8.13 28.68 83.52
C8 NAG U . 9.56 28.57 83.07
N2 NAG U . 7.44 27.52 83.55
O3 NAG U . 6.49 26.59 86.14
O4 NAG U . 4.50 24.52 85.75
O5 NAG U . 3.84 26.95 83.11
O6 NAG U . 1.47 26.29 83.73
O7 NAG U . 7.64 29.76 83.84
C1 NAG V . -5.21 21.11 20.70
C2 NAG V . -6.61 20.56 21.02
C3 NAG V . -6.77 19.15 20.46
C4 NAG V . -6.36 19.08 18.98
C5 NAG V . -4.97 19.71 18.81
C6 NAG V . -4.48 19.74 17.37
C7 NAG V . -6.30 20.00 23.46
C8 NAG V . -6.90 20.30 24.81
N2 NAG V . -6.92 20.62 22.43
O3 NAG V . -8.10 18.75 20.64
O4 NAG V . -6.37 17.73 18.60
O5 NAG V . -4.99 21.03 19.31
O6 NAG V . -4.15 21.07 17.02
O7 NAG V . -5.33 19.26 23.37
C1 NAG W . -31.24 71.99 -0.50
C2 NAG W . -31.74 72.60 0.83
C3 NAG W . -31.99 74.11 0.69
C4 NAG W . -30.84 74.83 -0.01
C5 NAG W . -30.54 74.12 -1.34
C6 NAG W . -29.40 74.73 -2.13
C7 NAG W . -34.14 71.58 1.12
C8 NAG W . -34.79 72.05 -0.16
N2 NAG W . -32.84 71.87 1.43
O3 NAG W . -32.24 74.62 1.97
O4 NAG W . -31.23 76.16 -0.21
O5 NAG W . -30.20 72.78 -1.04
O6 NAG W . -29.62 76.10 -2.30
O7 NAG W . -34.81 70.90 1.88
C1 NAG X . 1.32 -2.33 39.62
C2 NAG X . 1.32 -3.37 38.49
C3 NAG X . 0.90 -4.73 39.04
C4 NAG X . 1.70 -5.11 40.28
C5 NAG X . 1.62 -3.97 41.29
C6 NAG X . 2.38 -4.22 42.57
C7 NAG X . 0.85 -2.48 36.23
C8 NAG X . -0.26 -2.13 35.28
N2 NAG X . 0.45 -2.97 37.42
O3 NAG X . 1.07 -5.68 38.01
O4 NAG X . 1.16 -6.31 40.79
O5 NAG X . 2.10 -2.78 40.69
O6 NAG X . 3.62 -3.54 42.52
O7 NAG X . 2.02 -2.32 35.94
C1 NAG Y . -34.69 -57.26 4.46
C2 NAG Y . -35.71 -57.71 5.53
C3 NAG Y . -36.62 -58.83 5.00
C4 NAG Y . -37.08 -58.65 3.56
C5 NAG Y . -35.85 -58.32 2.69
C6 NAG Y . -36.16 -58.14 1.22
C7 NAG Y . -35.61 -58.34 7.94
C8 NAG Y . -34.67 -58.82 9.02
N2 NAG Y . -35.04 -58.16 6.72
O3 NAG Y . -37.74 -58.94 5.84
O4 NAG Y . -37.70 -59.85 3.15
O5 NAG Y . -35.32 -57.13 3.21
O6 NAG Y . -36.52 -56.81 0.97
O7 NAG Y . -36.79 -58.13 8.19
C1 NAG Z . -15.35 -0.44 27.15
C2 NAG Z . -14.98 -0.81 25.69
C3 NAG Z . -14.44 0.43 24.97
C4 NAG Z . -15.37 1.63 25.13
C5 NAG Z . -15.71 1.84 26.61
C6 NAG Z . -16.67 2.97 26.88
C7 NAG Z . -12.83 -2.05 26.12
C8 NAG Z . -12.19 -3.39 25.84
N2 NAG Z . -14.08 -1.93 25.63
O3 NAG Z . -14.24 0.08 23.62
O4 NAG Z . -14.71 2.74 24.58
O5 NAG Z . -16.25 0.64 27.14
O6 NAG Z . -16.30 3.64 28.05
O7 NAG Z . -12.22 -1.19 26.72
C1 NAG AA . -57.92 21.06 64.60
C2 NAG AA . -59.16 20.27 64.14
C3 NAG AA . -60.23 20.24 65.24
C4 NAG AA . -59.64 19.83 66.60
C5 NAG AA . -58.44 20.74 66.91
C6 NAG AA . -57.75 20.42 68.22
C7 NAG AA . -60.21 21.78 62.27
C8 NAG AA . -60.45 23.06 63.07
N2 NAG AA . -59.67 20.67 62.83
O3 NAG AA . -61.24 19.35 64.84
O4 NAG AA . -60.66 19.98 67.57
O5 NAG AA . -57.50 20.60 65.87
O6 NAG AA . -58.62 20.68 69.30
O7 NAG AA . -60.54 21.78 61.09
C1 NAG BA . -4.47 -15.17 0.87
C2 NAG BA . -3.62 -13.91 0.64
C3 NAG BA . -3.34 -13.75 -0.85
C4 NAG BA . -2.76 -15.02 -1.46
C5 NAG BA . -3.66 -16.22 -1.11
C6 NAG BA . -3.15 -17.54 -1.61
C7 NAG BA . -3.98 -12.15 2.33
C8 NAG BA . -4.81 -10.93 2.65
N2 NAG BA . -4.28 -12.74 1.16
O3 NAG BA . -2.48 -12.66 -1.01
O4 NAG BA . -2.67 -14.83 -2.84
O5 NAG BA . -3.82 -16.28 0.30
O6 NAG BA . -2.07 -17.96 -0.81
O7 NAG BA . -3.11 -12.54 3.09
C1 NAG CA . -26.51 -38.18 -27.32
C2 NAG CA . -27.53 -38.94 -26.45
C3 NAG CA . -27.94 -40.28 -27.05
C4 NAG CA . -28.38 -40.07 -28.49
C5 NAG CA . -27.14 -39.55 -29.23
C6 NAG CA . -27.29 -39.44 -30.73
C7 NAG CA . -27.60 -38.58 -24.00
C8 NAG CA . -26.90 -38.88 -22.71
N2 NAG CA . -27.03 -39.11 -25.11
O3 NAG CA . -28.98 -40.81 -26.27
O4 NAG CA . -28.85 -41.29 -29.01
O5 NAG CA . -26.85 -38.27 -28.70
O6 NAG CA . -28.41 -38.63 -31.03
O7 NAG CA . -28.62 -37.89 -24.05
C1 NAG DA . 1.04 3.76 -64.96
C2 NAG DA . 0.36 2.45 -65.43
C3 NAG DA . 0.91 2.05 -66.80
C4 NAG DA . 0.89 3.22 -67.79
C5 NAG DA . 1.56 4.44 -67.17
C6 NAG DA . 1.57 5.67 -68.05
C7 NAG DA . 1.56 0.78 -63.98
C8 NAG DA . 1.28 -0.31 -62.98
N2 NAG DA . 0.46 1.39 -64.47
O3 NAG DA . 0.16 0.96 -67.26
O4 NAG DA . 1.56 2.79 -68.96
O5 NAG DA . 0.89 4.75 -65.95
O6 NAG DA . 2.33 6.68 -67.44
O7 NAG DA . 2.72 1.06 -64.30
C1 NAG EA . -28.19 57.46 -64.08
C2 NAG EA . -29.43 56.95 -63.32
C3 NAG EA . -30.33 58.12 -62.90
C4 NAG EA . -29.53 59.22 -62.21
C5 NAG EA . -28.32 59.60 -63.07
C6 NAG EA . -27.45 60.68 -62.47
C7 NAG EA . -30.82 55.66 -65.14
C8 NAG EA . -31.03 56.78 -66.14
N2 NAG EA . -30.13 55.85 -63.97
O3 NAG EA . -31.35 57.61 -62.08
O4 NAG EA . -30.40 60.32 -62.02
O5 NAG EA . -27.54 58.45 -63.30
O6 NAG EA . -28.24 61.55 -61.70
O7 NAG EA . -31.29 54.56 -65.39
C1 NAG FA . 4.35 -27.01 -65.46
C2 NAG FA . 5.33 -26.89 -66.64
C3 NAG FA . 5.29 -28.16 -67.49
C4 NAG FA . 5.49 -29.40 -66.62
C5 NAG FA . 4.48 -29.39 -65.47
C6 NAG FA . 4.61 -30.56 -64.52
C7 NAG FA . 5.75 -24.59 -67.42
C8 NAG FA . 5.23 -23.51 -68.34
N2 NAG FA . 5.03 -25.73 -67.44
O3 NAG FA . 6.26 -28.05 -68.49
O4 NAG FA . 5.33 -30.53 -67.45
O5 NAG FA . 4.63 -28.19 -64.73
O6 NAG FA . 5.66 -30.31 -63.61
O7 NAG FA . 6.73 -24.42 -66.72
#